data_2MLW
#
_entry.id   2MLW
#
_cell.length_a   1.000
_cell.length_b   1.000
_cell.length_c   1.000
_cell.angle_alpha   90.00
_cell.angle_beta   90.00
_cell.angle_gamma   90.00
#
_symmetry.space_group_name_H-M   'P 1'
#
_entity_poly.entity_id   1
_entity_poly.type   'polypeptide(L)'
_entity_poly.pdbx_seq_one_letter_code
;MSIEIYPDDGNTLPYQVFLNLENEHYYAQAIQLAQLFAHEVDDNGQLDLAKALKKAQAQPDLAIIATNNMTLKKSFSTLS
ALTTTLSEQLKIEGVLGISQDTYIQNILSHAFCDLETQKDKPWFHINAQPDAGHSVTSYSYSLFIVSQGEETGAMMAAGP
LIITVTPNTAISDIFNTKDWRLTLQKEEITIGVKGFQVVTPLG
;
_entity_poly.pdbx_strand_id   A
#
# COMPACT_ATOMS: atom_id res chain seq x y z
N MET A 1 -12.41 14.08 11.49
CA MET A 1 -11.76 13.66 10.24
C MET A 1 -12.33 14.49 9.09
N SER A 2 -11.67 14.48 7.95
CA SER A 2 -12.12 15.24 6.79
C SER A 2 -12.01 16.74 7.06
N ILE A 3 -12.68 17.51 6.22
CA ILE A 3 -12.59 18.94 6.28
C ILE A 3 -13.50 19.48 7.39
N GLU A 4 -14.72 19.86 7.02
CA GLU A 4 -15.76 20.30 7.97
C GLU A 4 -15.25 21.35 8.95
N ILE A 5 -15.41 22.61 8.59
CA ILE A 5 -14.86 23.69 9.38
C ILE A 5 -15.95 24.67 9.80
N TYR A 6 -15.61 25.94 9.94
CA TYR A 6 -16.56 26.95 10.38
C TYR A 6 -16.34 28.30 9.67
N PRO A 7 -15.13 28.93 9.79
CA PRO A 7 -14.85 30.27 9.23
C PRO A 7 -15.42 30.50 7.83
N ASP A 8 -15.03 29.66 6.89
CA ASP A 8 -15.52 29.77 5.51
C ASP A 8 -17.04 29.67 5.49
N ASP A 9 -17.52 28.49 5.87
CA ASP A 9 -18.94 28.19 5.90
C ASP A 9 -19.18 26.88 6.64
N GLY A 10 -18.21 25.99 6.53
CA GLY A 10 -18.34 24.67 7.09
C GLY A 10 -17.45 23.67 6.38
N ASN A 11 -16.63 24.18 5.45
CA ASN A 11 -15.74 23.33 4.67
C ASN A 11 -14.73 24.21 3.92
N THR A 12 -13.43 24.01 4.16
CA THR A 12 -12.41 24.82 3.51
C THR A 12 -10.96 24.33 3.82
N LEU A 13 -10.85 23.18 4.49
CA LEU A 13 -9.55 22.61 4.90
C LEU A 13 -8.50 22.72 3.81
N PRO A 14 -7.32 23.26 4.13
CA PRO A 14 -6.18 23.25 3.20
C PRO A 14 -5.66 21.82 2.99
N TYR A 15 -6.18 20.90 3.78
CA TYR A 15 -5.81 19.50 3.69
C TYR A 15 -6.73 18.75 2.75
N GLN A 16 -7.90 19.35 2.46
CA GLN A 16 -8.76 18.86 1.38
C GLN A 16 -9.02 17.37 1.53
N VAL A 17 -9.42 16.99 2.74
CA VAL A 17 -9.55 15.59 3.05
C VAL A 17 -10.98 15.29 3.41
N PHE A 18 -11.41 14.10 3.09
CA PHE A 18 -12.78 13.70 3.22
C PHE A 18 -12.89 12.29 2.67
N LEU A 19 -12.25 12.08 1.54
CA LEU A 19 -12.12 10.77 0.94
C LEU A 19 -10.88 10.71 0.07
N ASN A 20 -9.77 11.05 0.67
CA ASN A 20 -8.51 11.20 -0.02
C ASN A 20 -7.77 9.88 -0.06
N LEU A 21 -8.16 8.97 0.82
CA LEU A 21 -7.60 7.63 0.80
C LEU A 21 -8.64 6.59 1.22
N GLU A 22 -8.54 5.42 0.59
CA GLU A 22 -9.48 4.31 0.83
C GLU A 22 -9.25 3.66 2.18
N ASN A 23 -10.23 3.59 3.04
CA ASN A 23 -10.15 2.61 4.09
C ASN A 23 -11.39 1.77 4.22
N GLU A 24 -11.19 0.57 4.73
CA GLU A 24 -12.20 -0.47 4.67
C GLU A 24 -12.87 -0.61 6.02
N HIS A 25 -12.42 0.23 6.94
CA HIS A 25 -12.97 0.22 8.29
C HIS A 25 -13.21 1.65 8.77
N TYR A 26 -13.22 2.57 7.81
CA TYR A 26 -13.53 4.00 8.01
C TYR A 26 -14.71 4.26 8.94
N TYR A 27 -15.56 3.26 9.16
CA TYR A 27 -16.78 3.41 9.95
C TYR A 27 -16.50 4.14 11.26
N ALA A 28 -15.41 3.78 11.91
CA ALA A 28 -14.99 4.48 13.11
C ALA A 28 -13.46 4.56 13.19
N GLN A 29 -12.79 3.77 12.37
CA GLN A 29 -11.34 3.63 12.46
C GLN A 29 -10.62 4.87 11.97
N ALA A 30 -11.17 5.52 10.95
CA ALA A 30 -10.59 6.76 10.46
C ALA A 30 -10.85 7.88 11.46
N ILE A 31 -11.67 7.59 12.47
CA ILE A 31 -12.05 8.58 13.45
C ILE A 31 -11.14 8.52 14.68
N GLN A 32 -10.67 7.32 15.02
CA GLN A 32 -9.81 7.14 16.19
C GLN A 32 -8.58 8.03 16.06
N LEU A 33 -7.97 7.99 14.89
CA LEU A 33 -6.77 8.75 14.62
C LEU A 33 -7.08 10.06 13.89
N ALA A 34 -8.36 10.29 13.59
CA ALA A 34 -8.79 11.45 12.78
C ALA A 34 -8.05 12.74 13.12
N GLN A 35 -8.25 13.22 14.34
CA GLN A 35 -7.66 14.49 14.78
C GLN A 35 -6.14 14.42 14.82
N LEU A 36 -5.60 13.22 14.75
CA LEU A 36 -4.15 13.04 14.68
C LEU A 36 -3.73 13.12 13.23
N PHE A 37 -4.50 12.44 12.41
CA PHE A 37 -4.23 12.31 10.99
C PHE A 37 -4.49 13.64 10.29
N ALA A 38 -5.36 14.44 10.85
CA ALA A 38 -5.66 15.75 10.29
C ALA A 38 -4.55 16.75 10.62
N HIS A 39 -3.47 16.29 11.26
CA HIS A 39 -2.47 17.18 11.79
C HIS A 39 -1.11 17.08 11.07
N GLU A 40 -0.53 15.88 11.03
CA GLU A 40 0.84 15.71 10.52
C GLU A 40 0.90 15.18 9.10
N VAL A 41 -0.16 15.29 8.36
CA VAL A 41 -0.17 14.74 7.03
C VAL A 41 0.29 15.78 6.02
N ASP A 42 0.28 15.40 4.76
CA ASP A 42 0.68 16.32 3.70
C ASP A 42 -0.58 17.00 3.17
N ASP A 43 -0.45 17.97 2.25
CA ASP A 43 -1.62 18.73 1.79
C ASP A 43 -2.73 17.82 1.27
N ASN A 44 -2.36 16.61 0.85
CA ASN A 44 -3.34 15.62 0.42
C ASN A 44 -4.11 15.05 1.61
N GLY A 45 -3.40 14.85 2.70
CA GLY A 45 -4.02 14.30 3.89
C GLY A 45 -3.56 12.87 4.20
N GLN A 46 -2.38 12.49 3.73
CA GLN A 46 -1.86 11.15 4.00
C GLN A 46 -0.69 11.18 4.99
N LEU A 47 -0.51 10.07 5.70
CA LEU A 47 0.56 9.91 6.71
C LEU A 47 1.92 10.37 6.18
N ASP A 48 2.52 11.37 6.83
CA ASP A 48 3.85 11.81 6.44
C ASP A 48 4.87 11.28 7.43
N LEU A 49 5.76 10.40 7.00
CA LEU A 49 6.67 9.74 7.93
C LEU A 49 7.62 10.72 8.61
N ALA A 50 7.67 11.95 8.13
CA ALA A 50 8.50 12.97 8.76
C ALA A 50 7.81 13.52 10.00
N LYS A 51 6.56 13.91 9.86
CA LYS A 51 5.83 14.54 10.94
C LYS A 51 4.83 13.57 11.55
N ALA A 52 4.15 12.82 10.68
CA ALA A 52 3.12 11.91 11.12
C ALA A 52 3.71 10.73 11.85
N LEU A 53 5.02 10.61 11.82
CA LEU A 53 5.71 9.61 12.62
C LEU A 53 5.66 10.04 14.09
N LYS A 54 5.42 11.32 14.28
CA LYS A 54 5.16 11.90 15.60
C LYS A 54 3.68 11.77 15.88
N LYS A 55 2.88 11.96 14.85
CA LYS A 55 1.43 11.81 14.91
C LYS A 55 1.08 10.38 15.31
N ALA A 56 1.87 9.45 14.82
CA ALA A 56 1.69 8.03 15.12
C ALA A 56 1.88 7.76 16.59
N GLN A 57 2.70 8.58 17.22
CA GLN A 57 3.02 8.44 18.62
C GLN A 57 1.80 8.76 19.48
N ALA A 58 0.80 9.37 18.87
CA ALA A 58 -0.41 9.75 19.57
C ALA A 58 -1.60 8.90 19.15
N GLN A 59 -1.34 7.79 18.46
CA GLN A 59 -2.44 6.93 17.97
C GLN A 59 -3.20 6.29 19.11
N PRO A 60 -4.51 6.03 18.89
CA PRO A 60 -5.42 5.42 19.86
C PRO A 60 -4.76 4.40 20.80
N ASP A 61 -4.04 3.42 20.26
CA ASP A 61 -3.48 2.35 21.09
C ASP A 61 -1.94 2.35 21.06
N LEU A 62 -1.35 1.91 19.95
CA LEU A 62 0.12 1.91 19.82
C LEU A 62 0.60 3.00 18.87
N ALA A 63 1.70 2.72 18.16
CA ALA A 63 2.37 3.71 17.33
C ALA A 63 2.97 3.05 16.09
N ILE A 64 3.94 3.70 15.47
CA ILE A 64 4.66 3.15 14.34
C ILE A 64 5.18 1.74 14.63
N ILE A 65 4.65 0.76 13.92
CA ILE A 65 5.10 -0.61 14.11
C ILE A 65 5.76 -1.15 12.85
N ALA A 66 5.26 -0.73 11.71
CA ALA A 66 5.68 -1.33 10.46
C ALA A 66 6.05 -0.29 9.41
N THR A 67 7.28 -0.38 8.92
CA THR A 67 7.70 0.38 7.76
C THR A 67 8.38 -0.60 6.80
N ASN A 68 7.57 -1.45 6.18
CA ASN A 68 8.08 -2.57 5.39
C ASN A 68 7.76 -2.40 3.91
N ASN A 69 8.55 -3.04 3.06
CA ASN A 69 8.34 -2.92 1.62
C ASN A 69 8.39 -4.30 0.96
N MET A 70 8.33 -4.33 -0.38
CA MET A 70 8.40 -5.58 -1.12
C MET A 70 9.29 -5.41 -2.35
N THR A 71 9.95 -6.49 -2.76
CA THR A 71 10.79 -6.47 -3.96
C THR A 71 10.48 -7.67 -4.86
N LEU A 72 9.78 -7.39 -5.94
CA LEU A 72 9.38 -8.41 -6.90
C LEU A 72 9.90 -8.02 -8.27
N LYS A 73 10.57 -8.91 -8.95
CA LYS A 73 11.00 -8.60 -10.29
C LYS A 73 10.94 -9.83 -11.15
N LYS A 74 10.79 -9.60 -12.44
CA LYS A 74 10.76 -10.65 -13.40
C LYS A 74 11.68 -10.33 -14.56
N SER A 75 12.05 -11.36 -15.25
CA SER A 75 13.22 -11.41 -16.05
C SER A 75 13.27 -12.76 -16.74
N PHE A 76 13.99 -12.87 -17.84
CA PHE A 76 14.09 -14.15 -18.55
C PHE A 76 15.02 -15.11 -17.79
N SER A 77 15.03 -14.93 -16.48
CA SER A 77 15.59 -15.87 -15.53
C SER A 77 14.54 -16.93 -15.23
N THR A 78 14.65 -17.62 -14.10
CA THR A 78 13.66 -18.61 -13.74
C THR A 78 12.73 -18.09 -12.65
N LEU A 79 11.49 -18.55 -12.68
CA LEU A 79 10.50 -18.15 -11.69
C LEU A 79 10.82 -18.80 -10.36
N SER A 80 11.90 -19.56 -10.36
CA SER A 80 12.48 -20.12 -9.15
C SER A 80 12.87 -19.00 -8.19
N ALA A 81 13.05 -17.80 -8.72
CA ALA A 81 13.33 -16.64 -7.90
C ALA A 81 12.15 -15.69 -7.91
N LEU A 82 11.55 -15.54 -9.09
CA LEU A 82 10.45 -14.58 -9.29
C LEU A 82 9.28 -14.85 -8.34
N THR A 83 8.76 -16.08 -8.37
CA THR A 83 7.60 -16.40 -7.54
C THR A 83 7.98 -16.56 -6.08
N THR A 84 9.20 -17.04 -5.85
CA THR A 84 9.71 -17.24 -4.49
C THR A 84 9.63 -15.95 -3.69
N THR A 85 10.07 -14.86 -4.28
CA THR A 85 10.08 -13.59 -3.58
C THR A 85 8.65 -13.06 -3.50
N LEU A 86 7.87 -13.30 -4.56
CA LEU A 86 6.47 -12.86 -4.62
C LEU A 86 5.66 -13.49 -3.50
N SER A 87 5.86 -14.77 -3.26
CA SER A 87 5.09 -15.49 -2.25
C SER A 87 5.49 -15.00 -0.84
N GLU A 88 6.79 -14.95 -0.60
CA GLU A 88 7.32 -14.48 0.66
C GLU A 88 6.80 -13.09 0.97
N GLN A 89 6.71 -12.27 -0.05
CA GLN A 89 6.25 -10.90 0.13
C GLN A 89 4.79 -10.75 -0.29
N LEU A 90 4.11 -11.86 -0.47
CA LEU A 90 2.69 -11.81 -0.76
C LEU A 90 1.97 -11.38 0.49
N LYS A 91 2.64 -11.62 1.62
CA LYS A 91 2.13 -11.15 2.90
C LYS A 91 1.83 -9.64 2.84
N ILE A 92 2.73 -8.83 2.28
CA ILE A 92 2.49 -7.40 2.24
C ILE A 92 1.65 -6.98 1.03
N GLU A 93 0.81 -7.87 0.51
CA GLU A 93 -0.15 -7.46 -0.49
C GLU A 93 -1.41 -6.91 0.20
N GLY A 94 -1.21 -6.38 1.39
CA GLY A 94 -2.31 -5.84 2.17
C GLY A 94 -2.82 -6.81 3.22
N VAL A 95 -1.90 -7.28 4.06
CA VAL A 95 -2.23 -8.15 5.17
C VAL A 95 -2.73 -7.33 6.36
N LEU A 96 -3.61 -6.39 6.07
CA LEU A 96 -4.20 -5.54 7.09
C LEU A 96 -5.53 -6.15 7.54
N GLY A 97 -6.57 -5.90 6.78
CA GLY A 97 -7.78 -6.66 6.89
C GLY A 97 -7.90 -7.65 5.74
N ILE A 98 -6.95 -8.58 5.67
CA ILE A 98 -6.85 -9.56 4.58
C ILE A 98 -8.19 -10.22 4.28
N SER A 99 -8.34 -10.73 3.06
CA SER A 99 -9.60 -11.26 2.58
C SER A 99 -9.72 -12.76 2.84
N GLN A 100 -10.73 -13.38 2.23
CA GLN A 100 -10.98 -14.81 2.41
C GLN A 100 -9.84 -15.62 1.81
N ASP A 101 -9.39 -15.20 0.64
CA ASP A 101 -8.23 -15.82 0.02
C ASP A 101 -7.04 -14.89 0.11
N THR A 102 -6.94 -13.99 -0.87
CA THR A 102 -5.78 -13.11 -1.04
C THR A 102 -4.48 -13.79 -0.62
N TYR A 103 -4.10 -14.82 -1.37
CA TYR A 103 -2.97 -15.67 -1.04
C TYR A 103 -2.50 -16.38 -2.29
N ILE A 104 -1.76 -17.47 -2.14
CA ILE A 104 -1.35 -18.24 -3.28
C ILE A 104 -2.55 -18.88 -3.97
N GLN A 105 -2.38 -19.30 -5.24
CA GLN A 105 -3.45 -19.93 -6.02
C GLN A 105 -4.46 -18.90 -6.54
N ASN A 106 -4.87 -17.97 -5.69
CA ASN A 106 -5.78 -16.89 -6.11
C ASN A 106 -4.95 -15.75 -6.69
N ILE A 107 -3.67 -15.83 -6.41
CA ILE A 107 -2.71 -14.83 -6.85
C ILE A 107 -1.57 -15.49 -7.62
N LEU A 108 -1.17 -16.67 -7.16
CA LEU A 108 -0.07 -17.40 -7.78
C LEU A 108 -0.52 -18.17 -9.02
N SER A 109 -1.80 -18.06 -9.36
CA SER A 109 -2.34 -18.73 -10.54
C SER A 109 -1.76 -18.12 -11.80
N HIS A 110 -1.70 -16.79 -11.84
CA HIS A 110 -1.17 -16.10 -13.00
C HIS A 110 0.35 -16.16 -13.01
N ALA A 111 0.94 -16.52 -11.88
CA ALA A 111 2.37 -16.77 -11.80
C ALA A 111 2.76 -17.93 -12.68
N PHE A 112 1.85 -18.89 -12.82
CA PHE A 112 2.07 -20.06 -13.66
C PHE A 112 2.13 -19.66 -15.14
N CYS A 113 1.45 -18.57 -15.49
CA CYS A 113 1.48 -18.06 -16.85
C CYS A 113 1.38 -16.54 -16.87
N ASP A 114 2.52 -15.87 -17.06
CA ASP A 114 2.59 -14.40 -17.18
C ASP A 114 1.79 -13.69 -16.09
N LEU A 115 2.40 -13.47 -14.94
CA LEU A 115 1.69 -12.85 -13.82
C LEU A 115 1.53 -11.34 -14.03
N GLU A 116 0.61 -10.96 -14.89
CA GLU A 116 0.22 -9.56 -15.05
C GLU A 116 -0.90 -9.23 -14.07
N THR A 117 -1.30 -10.28 -13.35
CA THR A 117 -2.25 -10.19 -12.24
C THR A 117 -3.59 -9.57 -12.66
N GLN A 118 -3.88 -9.63 -13.96
CA GLN A 118 -5.12 -9.07 -14.51
C GLN A 118 -5.24 -7.58 -14.17
N LYS A 119 -4.08 -6.91 -14.12
CA LYS A 119 -4.01 -5.52 -13.69
C LYS A 119 -4.70 -5.38 -12.33
N ASP A 120 -4.18 -6.10 -11.35
CA ASP A 120 -4.81 -6.17 -10.03
C ASP A 120 -4.67 -4.85 -9.28
N LYS A 121 -5.80 -4.36 -8.75
CA LYS A 121 -5.86 -3.15 -7.93
C LYS A 121 -5.99 -1.89 -8.79
N PRO A 122 -6.95 -1.01 -8.44
CA PRO A 122 -7.19 0.25 -9.14
C PRO A 122 -6.10 1.29 -8.91
N TRP A 123 -4.91 0.99 -9.40
CA TRP A 123 -3.76 1.89 -9.25
C TRP A 123 -3.75 3.00 -10.30
N PHE A 124 -3.33 4.19 -9.87
CA PHE A 124 -3.05 5.30 -10.77
C PHE A 124 -1.95 4.88 -11.75
N HIS A 125 -1.54 5.76 -12.65
CA HIS A 125 -0.71 5.35 -13.78
C HIS A 125 0.25 6.45 -14.22
N ILE A 126 1.54 6.20 -14.05
CA ILE A 126 2.58 7.07 -14.60
C ILE A 126 3.55 6.23 -15.40
N ASN A 127 3.20 6.08 -16.64
CA ASN A 127 3.68 5.01 -17.46
C ASN A 127 4.69 5.49 -18.50
N ALA A 128 4.72 4.75 -19.59
CA ALA A 128 5.67 4.87 -20.69
C ALA A 128 6.29 6.26 -20.94
N GLN A 129 7.49 6.21 -21.55
CA GLN A 129 8.29 7.39 -21.86
C GLN A 129 8.72 7.31 -23.32
N PRO A 130 9.29 8.38 -23.89
CA PRO A 130 9.91 8.33 -25.20
C PRO A 130 11.35 7.84 -25.13
N ASP A 131 11.51 6.52 -25.21
CA ASP A 131 12.84 5.89 -25.09
C ASP A 131 12.95 4.74 -26.07
N ALA A 132 12.02 3.79 -25.99
CA ALA A 132 12.03 2.65 -26.90
C ALA A 132 13.30 1.83 -26.68
N GLY A 133 13.56 1.52 -25.43
CA GLY A 133 14.70 0.70 -25.09
C GLY A 133 15.09 0.90 -23.64
N HIS A 134 14.88 2.10 -23.15
CA HIS A 134 15.12 2.39 -21.76
C HIS A 134 13.94 3.14 -21.17
N SER A 135 12.78 2.47 -21.10
CA SER A 135 11.59 3.11 -20.59
C SER A 135 10.99 2.32 -19.44
N VAL A 136 9.97 2.91 -18.85
CA VAL A 136 9.20 2.33 -17.76
C VAL A 136 7.74 2.77 -17.85
N THR A 137 6.83 1.83 -17.97
CA THR A 137 5.42 2.15 -17.91
C THR A 137 4.91 1.57 -16.61
N SER A 138 4.76 2.41 -15.62
CA SER A 138 4.38 1.93 -14.33
C SER A 138 3.14 2.62 -13.88
N TYR A 139 2.34 1.91 -13.16
CA TYR A 139 1.14 2.48 -12.68
C TYR A 139 1.24 2.48 -11.16
N SER A 140 1.09 3.64 -10.54
CA SER A 140 1.28 3.75 -9.11
C SER A 140 -0.04 3.76 -8.35
N TYR A 141 -0.17 2.81 -7.43
CA TYR A 141 -1.19 2.84 -6.41
C TYR A 141 -0.71 3.79 -5.31
N SER A 142 -0.92 3.39 -4.07
CA SER A 142 -0.96 4.25 -2.89
C SER A 142 -2.28 4.96 -2.69
N LEU A 143 -2.97 4.38 -1.73
CA LEU A 143 -4.07 4.98 -1.01
C LEU A 143 -3.83 4.55 0.41
N PHE A 144 -4.49 5.15 1.37
CA PHE A 144 -4.15 4.89 2.75
C PHE A 144 -5.37 4.33 3.46
N ILE A 145 -5.12 3.38 4.36
CA ILE A 145 -6.16 2.51 4.89
C ILE A 145 -6.12 2.50 6.42
N VAL A 146 -7.18 1.97 7.03
CA VAL A 146 -7.27 1.77 8.47
C VAL A 146 -8.07 0.49 8.71
N SER A 147 -7.89 -0.10 9.86
CA SER A 147 -8.55 -1.36 10.17
C SER A 147 -9.14 -1.31 11.56
N GLN A 148 -9.94 -2.32 11.89
CA GLN A 148 -10.71 -2.33 13.12
C GLN A 148 -10.42 -3.58 13.93
N GLY A 149 -10.16 -3.41 15.20
CA GLY A 149 -10.14 -4.52 16.11
C GLY A 149 -11.44 -4.60 16.85
N GLU A 150 -12.09 -5.76 16.86
CA GLU A 150 -13.37 -5.86 17.54
C GLU A 150 -13.22 -6.44 18.94
N GLU A 151 -12.26 -7.33 19.10
CA GLU A 151 -12.04 -8.02 20.36
C GLU A 151 -11.86 -7.00 21.50
N THR A 152 -10.86 -6.14 21.38
CA THR A 152 -10.58 -5.14 22.38
C THR A 152 -10.99 -3.74 21.87
N GLY A 153 -11.26 -3.66 20.58
CA GLY A 153 -11.68 -2.41 19.98
C GLY A 153 -10.51 -1.58 19.48
N ALA A 154 -9.49 -2.26 18.97
CA ALA A 154 -8.32 -1.61 18.40
C ALA A 154 -8.57 -1.12 16.98
N MET A 155 -7.50 -0.71 16.32
CA MET A 155 -7.54 -0.20 14.96
C MET A 155 -6.14 -0.31 14.36
N MET A 156 -5.96 0.21 13.16
CA MET A 156 -4.62 0.22 12.57
C MET A 156 -4.54 1.19 11.42
N ALA A 157 -3.65 2.17 11.55
CA ALA A 157 -3.42 3.16 10.51
C ALA A 157 -2.41 2.65 9.48
N ALA A 158 -2.84 2.52 8.23
CA ALA A 158 -1.99 1.99 7.18
C ALA A 158 -1.80 3.00 6.05
N GLY A 159 -0.61 3.00 5.45
CA GLY A 159 -0.33 3.90 4.35
C GLY A 159 0.59 3.28 3.31
N PRO A 160 0.06 2.41 2.45
CA PRO A 160 0.86 1.77 1.40
C PRO A 160 0.95 2.59 0.10
N LEU A 161 2.04 2.41 -0.65
CA LEU A 161 2.09 2.92 -2.03
C LEU A 161 2.57 1.80 -2.92
N ILE A 162 1.97 1.65 -4.10
CA ILE A 162 2.26 0.46 -4.93
C ILE A 162 2.68 0.87 -6.33
N ILE A 163 3.71 0.24 -6.87
CA ILE A 163 4.22 0.62 -8.16
C ILE A 163 4.32 -0.59 -9.09
N THR A 164 3.69 -0.51 -10.26
CA THR A 164 3.69 -1.65 -11.18
C THR A 164 4.57 -1.36 -12.40
N VAL A 165 5.82 -1.78 -12.32
CA VAL A 165 6.83 -1.42 -13.29
C VAL A 165 6.80 -2.35 -14.48
N THR A 166 6.21 -1.86 -15.54
CA THR A 166 6.07 -2.61 -16.78
C THR A 166 6.56 -1.78 -17.95
N PRO A 167 7.84 -1.90 -18.29
CA PRO A 167 8.54 -0.92 -19.12
C PRO A 167 8.18 -0.91 -20.60
N ASN A 168 8.50 0.23 -21.22
CA ASN A 168 8.15 0.51 -22.62
C ASN A 168 9.36 0.30 -23.54
N THR A 169 10.43 -0.27 -22.99
CA THR A 169 11.61 -0.60 -23.77
C THR A 169 11.22 -1.47 -24.97
N ALA A 170 11.93 -1.29 -26.08
CA ALA A 170 11.41 -1.60 -27.41
C ALA A 170 11.36 -3.06 -27.85
N ILE A 171 12.51 -3.75 -27.91
CA ILE A 171 12.68 -4.77 -28.95
C ILE A 171 13.00 -6.12 -28.41
N SER A 172 12.18 -7.07 -28.76
CA SER A 172 12.33 -8.42 -28.31
C SER A 172 12.31 -9.31 -29.54
N ASP A 173 13.35 -9.07 -30.30
CA ASP A 173 13.60 -9.67 -31.60
C ASP A 173 14.96 -10.35 -31.56
N ILE A 174 15.81 -10.07 -32.53
CA ILE A 174 17.10 -10.74 -32.64
C ILE A 174 17.95 -10.45 -31.40
N PHE A 175 17.68 -9.32 -30.75
CA PHE A 175 18.18 -9.10 -29.39
C PHE A 175 17.17 -8.23 -28.63
N ASN A 176 17.00 -8.52 -27.35
CA ASN A 176 16.10 -7.72 -26.52
C ASN A 176 16.84 -6.63 -25.76
N THR A 177 16.37 -5.39 -25.91
CA THR A 177 16.75 -4.29 -25.02
C THR A 177 16.07 -4.47 -23.64
N LYS A 178 15.22 -5.51 -23.60
CA LYS A 178 14.45 -5.96 -22.42
C LYS A 178 13.08 -5.28 -22.35
N ASP A 179 12.30 -5.51 -23.40
CA ASP A 179 10.99 -4.91 -23.54
C ASP A 179 9.93 -5.70 -22.78
N TRP A 180 10.24 -6.94 -22.43
CA TRP A 180 9.27 -7.78 -21.76
C TRP A 180 9.78 -8.25 -20.40
N ARG A 181 10.84 -7.65 -19.87
CA ARG A 181 11.24 -7.98 -18.53
C ARG A 181 10.54 -7.01 -17.60
N LEU A 182 9.97 -7.48 -16.49
CA LEU A 182 9.15 -6.59 -15.65
C LEU A 182 9.70 -6.56 -14.25
N THR A 183 9.18 -5.64 -13.43
CA THR A 183 9.62 -5.50 -12.05
C THR A 183 8.51 -4.83 -11.23
N LEU A 184 8.23 -5.32 -10.04
CA LEU A 184 7.21 -4.69 -9.21
C LEU A 184 7.66 -4.57 -7.75
N GLN A 185 7.72 -3.35 -7.25
CA GLN A 185 8.03 -3.14 -5.84
C GLN A 185 7.27 -1.95 -5.31
N LYS A 186 7.36 -1.73 -4.01
CA LYS A 186 6.59 -0.68 -3.37
C LYS A 186 6.85 -0.61 -1.88
N GLU A 187 6.29 0.41 -1.24
CA GLU A 187 6.49 0.67 0.17
C GLU A 187 5.16 0.80 0.90
N GLU A 188 4.92 0.00 1.91
CA GLU A 188 3.82 0.33 2.79
C GLU A 188 4.29 0.53 4.22
N ILE A 189 4.05 1.72 4.70
CA ILE A 189 4.28 2.04 6.08
C ILE A 189 2.96 1.90 6.82
N THR A 190 2.99 1.25 7.96
CA THR A 190 1.77 0.97 8.70
C THR A 190 1.98 1.19 10.19
N ILE A 191 1.22 2.10 10.74
CA ILE A 191 1.25 2.36 12.16
C ILE A 191 0.27 1.45 12.86
N GLY A 192 0.82 0.53 13.62
CA GLY A 192 0.00 -0.44 14.30
C GLY A 192 -0.40 0.06 15.66
N VAL A 193 -1.67 -0.06 15.96
CA VAL A 193 -2.21 0.46 17.20
C VAL A 193 -3.30 -0.51 17.67
N LYS A 194 -2.87 -1.59 18.33
CA LYS A 194 -3.77 -2.71 18.55
C LYS A 194 -3.15 -3.85 19.33
N GLY A 195 -3.95 -4.89 19.55
CA GLY A 195 -3.48 -6.12 20.16
C GLY A 195 -3.57 -7.27 19.18
N PHE A 196 -3.14 -6.98 17.95
CA PHE A 196 -3.25 -7.86 16.78
C PHE A 196 -3.24 -9.35 17.11
N GLN A 197 -4.39 -9.99 16.94
CA GLN A 197 -4.49 -11.44 17.07
C GLN A 197 -4.04 -12.08 15.77
N VAL A 198 -4.91 -11.95 14.78
CA VAL A 198 -4.67 -12.44 13.43
C VAL A 198 -5.09 -11.36 12.46
N VAL A 199 -4.87 -11.55 11.17
CA VAL A 199 -5.30 -10.57 10.18
C VAL A 199 -6.81 -10.64 10.04
N THR A 200 -7.45 -9.69 10.67
CA THR A 200 -8.88 -9.74 10.97
C THR A 200 -9.12 -8.60 11.97
N PRO A 201 -10.34 -8.37 12.51
CA PRO A 201 -10.50 -7.45 13.65
C PRO A 201 -9.48 -7.72 14.76
N LEU A 202 -8.39 -6.98 14.69
CA LEU A 202 -7.16 -7.21 15.45
C LEU A 202 -7.39 -7.33 16.96
N GLY A 203 -8.51 -6.83 17.43
CA GLY A 203 -8.75 -6.82 18.84
C GLY A 203 -8.19 -5.61 19.48
N MET A 1 -7.88 12.40 8.55
CA MET A 1 -7.97 11.43 7.45
C MET A 1 -9.09 11.85 6.50
N SER A 2 -9.48 13.12 6.61
CA SER A 2 -10.57 13.69 5.88
C SER A 2 -10.71 15.15 6.28
N ILE A 3 -11.64 15.84 5.65
CA ILE A 3 -11.84 17.24 5.87
C ILE A 3 -12.59 17.46 7.19
N GLU A 4 -13.91 17.63 7.06
CA GLU A 4 -14.83 17.70 8.20
C GLU A 4 -14.32 18.60 9.31
N ILE A 5 -14.64 19.87 9.22
CA ILE A 5 -14.11 20.85 10.14
C ILE A 5 -15.23 21.57 10.87
N TYR A 6 -14.98 22.81 11.23
CA TYR A 6 -15.95 23.62 11.93
C TYR A 6 -15.94 25.06 11.40
N PRO A 7 -14.76 25.76 11.39
CA PRO A 7 -14.66 27.16 10.90
C PRO A 7 -14.97 27.34 9.42
N ASP A 8 -16.21 27.03 9.03
CA ASP A 8 -16.70 27.25 7.67
C ASP A 8 -18.14 26.79 7.60
N ASP A 9 -18.29 25.48 7.75
CA ASP A 9 -19.59 24.83 7.72
C ASP A 9 -19.47 23.40 8.21
N GLY A 10 -18.26 22.88 8.12
CA GLY A 10 -18.00 21.49 8.42
C GLY A 10 -17.09 20.90 7.38
N ASN A 11 -16.52 21.80 6.58
CA ASN A 11 -15.70 21.43 5.44
C ASN A 11 -14.91 22.64 4.97
N THR A 12 -13.59 22.49 4.91
CA THR A 12 -12.71 23.57 4.48
C THR A 12 -11.23 23.14 4.53
N LEU A 13 -10.99 21.92 5.04
CA LEU A 13 -9.64 21.35 5.16
C LEU A 13 -8.83 21.60 3.89
N PRO A 14 -7.75 22.39 3.97
CA PRO A 14 -6.89 22.70 2.81
C PRO A 14 -6.16 21.47 2.28
N TYR A 15 -6.36 20.34 2.95
CA TYR A 15 -5.72 19.10 2.55
C TYR A 15 -6.60 18.37 1.53
N GLN A 16 -7.92 18.61 1.59
CA GLN A 16 -8.82 18.05 0.60
C GLN A 16 -8.74 16.54 0.62
N VAL A 17 -9.12 15.97 1.75
CA VAL A 17 -9.06 14.53 1.92
C VAL A 17 -10.34 14.02 2.56
N PHE A 18 -10.69 12.79 2.24
CA PHE A 18 -11.92 12.20 2.70
C PHE A 18 -12.02 10.79 2.13
N LEU A 19 -11.76 10.68 0.85
CA LEU A 19 -11.74 9.39 0.17
C LEU A 19 -10.64 9.35 -0.89
N ASN A 20 -9.43 9.73 -0.51
CA ASN A 20 -8.33 9.77 -1.47
C ASN A 20 -7.61 8.43 -1.46
N LEU A 21 -7.89 7.65 -0.42
CA LEU A 21 -7.19 6.40 -0.21
C LEU A 21 -8.14 5.34 0.31
N GLU A 22 -7.77 4.07 0.09
CA GLU A 22 -8.59 2.93 0.45
C GLU A 22 -8.85 2.88 1.95
N ASN A 23 -10.04 2.48 2.33
CA ASN A 23 -10.28 2.01 3.67
C ASN A 23 -11.01 0.68 3.62
N GLU A 24 -10.94 -0.09 4.69
CA GLU A 24 -11.69 -1.34 4.76
C GLU A 24 -12.54 -1.40 6.03
N HIS A 25 -12.30 -0.45 6.93
CA HIS A 25 -13.01 -0.41 8.22
C HIS A 25 -13.20 1.04 8.70
N TYR A 26 -13.36 1.93 7.74
CA TYR A 26 -13.51 3.38 7.97
C TYR A 26 -14.63 3.70 8.97
N TYR A 27 -15.53 2.74 9.17
CA TYR A 27 -16.73 2.91 10.00
C TYR A 27 -16.46 3.77 11.23
N ALA A 28 -15.43 3.42 11.97
CA ALA A 28 -15.02 4.20 13.11
C ALA A 28 -13.50 4.24 13.21
N GLN A 29 -12.86 3.38 12.44
CA GLN A 29 -11.42 3.17 12.55
C GLN A 29 -10.64 4.36 11.99
N ALA A 30 -11.09 4.88 10.85
CA ALA A 30 -10.40 5.99 10.22
C ALA A 30 -10.70 7.29 10.96
N ILE A 31 -11.58 7.19 11.93
CA ILE A 31 -12.05 8.35 12.67
C ILE A 31 -11.26 8.54 13.96
N GLN A 32 -10.90 7.43 14.59
CA GLN A 32 -10.10 7.46 15.83
C GLN A 32 -8.84 8.27 15.64
N LEU A 33 -8.18 7.99 14.53
CA LEU A 33 -6.93 8.64 14.18
C LEU A 33 -7.12 9.77 13.18
N ALA A 34 -8.36 9.98 12.73
CA ALA A 34 -8.67 10.99 11.70
C ALA A 34 -7.97 12.31 11.96
N GLN A 35 -8.25 12.92 13.10
CA GLN A 35 -7.69 14.23 13.45
C GLN A 35 -6.18 14.17 13.64
N LEU A 36 -5.63 12.97 13.70
CA LEU A 36 -4.19 12.79 13.76
C LEU A 36 -3.65 12.80 12.34
N PHE A 37 -4.31 12.01 11.50
CA PHE A 37 -3.92 11.89 10.11
C PHE A 37 -4.17 13.19 9.35
N ALA A 38 -5.09 13.99 9.83
CA ALA A 38 -5.42 15.23 9.15
C ALA A 38 -4.36 16.31 9.38
N HIS A 39 -3.33 15.99 10.18
CA HIS A 39 -2.38 17.00 10.58
C HIS A 39 -0.96 16.77 10.00
N GLU A 40 -0.38 15.60 10.24
CA GLU A 40 1.03 15.37 9.89
C GLU A 40 1.23 14.74 8.52
N VAL A 41 0.27 14.85 7.63
CA VAL A 41 0.37 14.18 6.36
C VAL A 41 0.83 15.13 5.27
N ASP A 42 0.87 14.63 4.05
CA ASP A 42 1.25 15.45 2.90
C ASP A 42 -0.02 16.01 2.28
N ASP A 43 0.09 16.91 1.30
CA ASP A 43 -1.07 17.56 0.68
C ASP A 43 -2.15 16.54 0.30
N ASN A 44 -1.73 15.31 0.01
CA ASN A 44 -2.68 14.25 -0.33
C ASN A 44 -3.45 13.77 0.90
N GLY A 45 -2.75 13.54 2.00
CA GLY A 45 -3.39 12.98 3.18
C GLY A 45 -2.83 11.62 3.60
N GLN A 46 -1.62 11.30 3.16
CA GLN A 46 -0.95 10.04 3.56
C GLN A 46 0.14 10.31 4.59
N LEU A 47 0.46 9.28 5.40
CA LEU A 47 1.49 9.37 6.45
C LEU A 47 2.76 10.03 5.91
N ASP A 48 3.23 11.05 6.60
CA ASP A 48 4.51 11.64 6.30
C ASP A 48 5.48 11.25 7.39
N LEU A 49 6.27 10.21 7.17
CA LEU A 49 7.14 9.64 8.22
C LEU A 49 7.90 10.71 9.00
N ALA A 50 8.17 11.84 8.38
CA ALA A 50 8.89 12.92 9.06
C ALA A 50 8.07 13.48 10.22
N LYS A 51 6.82 13.82 9.95
CA LYS A 51 5.97 14.42 10.96
C LYS A 51 4.96 13.40 11.46
N ALA A 52 4.41 12.61 10.56
CA ALA A 52 3.35 11.68 10.89
C ALA A 52 3.87 10.50 11.70
N LEU A 53 5.17 10.39 11.84
CA LEU A 53 5.76 9.43 12.75
C LEU A 53 5.54 9.92 14.18
N LYS A 54 5.29 11.22 14.29
CA LYS A 54 4.95 11.86 15.56
C LYS A 54 3.44 11.79 15.73
N LYS A 55 2.75 11.88 14.61
CA LYS A 55 1.29 11.71 14.57
C LYS A 55 0.90 10.33 15.05
N ALA A 56 1.74 9.35 14.70
CA ALA A 56 1.54 7.96 15.10
C ALA A 56 1.64 7.82 16.61
N GLN A 57 2.42 8.70 17.20
CA GLN A 57 2.63 8.70 18.64
C GLN A 57 1.37 9.13 19.38
N ALA A 58 0.40 9.64 18.63
CA ALA A 58 -0.85 10.11 19.21
C ALA A 58 -2.01 9.21 18.84
N GLN A 59 -1.72 8.04 18.31
CA GLN A 59 -2.76 7.12 17.84
C GLN A 59 -3.61 6.59 19.01
N PRO A 60 -4.86 6.20 18.73
CA PRO A 60 -5.78 5.63 19.71
C PRO A 60 -5.11 4.66 20.70
N ASP A 61 -4.41 3.64 20.20
CA ASP A 61 -3.82 2.64 21.09
C ASP A 61 -2.29 2.66 21.08
N LEU A 62 -1.67 2.17 20.00
CA LEU A 62 -0.21 2.13 19.93
C LEU A 62 0.35 3.18 18.98
N ALA A 63 1.47 2.85 18.34
CA ALA A 63 2.19 3.80 17.50
C ALA A 63 2.84 3.07 16.33
N ILE A 64 3.83 3.69 15.72
CA ILE A 64 4.59 3.07 14.63
C ILE A 64 5.07 1.68 15.00
N ILE A 65 4.62 0.68 14.24
CA ILE A 65 5.06 -0.68 14.48
C ILE A 65 5.66 -1.29 13.22
N ALA A 66 5.15 -0.87 12.07
CA ALA A 66 5.56 -1.45 10.81
C ALA A 66 5.86 -0.39 9.76
N THR A 67 7.07 -0.46 9.21
CA THR A 67 7.47 0.37 8.09
C THR A 67 8.20 -0.51 7.09
N ASN A 68 7.43 -1.35 6.40
CA ASN A 68 7.99 -2.41 5.57
C ASN A 68 7.53 -2.30 4.12
N ASN A 69 8.41 -2.55 3.18
CA ASN A 69 8.06 -2.41 1.78
C ASN A 69 8.21 -3.75 1.06
N MET A 70 8.00 -3.73 -0.25
CA MET A 70 8.05 -4.94 -1.05
C MET A 70 8.79 -4.66 -2.36
N THR A 71 9.48 -5.66 -2.89
CA THR A 71 10.15 -5.53 -4.19
C THR A 71 9.80 -6.72 -5.08
N LEU A 72 8.91 -6.47 -6.05
CA LEU A 72 8.41 -7.52 -6.94
C LEU A 72 8.70 -7.11 -8.37
N LYS A 73 9.28 -7.98 -9.13
CA LYS A 73 9.58 -7.64 -10.50
C LYS A 73 9.43 -8.84 -11.39
N LYS A 74 9.26 -8.57 -12.66
CA LYS A 74 9.13 -9.58 -13.66
C LYS A 74 10.06 -9.27 -14.80
N SER A 75 10.38 -10.31 -15.52
CA SER A 75 11.47 -10.33 -16.45
C SER A 75 11.52 -11.72 -17.06
N PHE A 76 12.08 -11.85 -18.26
CA PHE A 76 12.09 -13.13 -18.96
C PHE A 76 13.19 -14.03 -18.37
N SER A 77 13.53 -13.72 -17.13
CA SER A 77 14.31 -14.59 -16.27
C SER A 77 13.40 -15.72 -15.80
N THR A 78 13.71 -16.34 -14.68
CA THR A 78 12.90 -17.42 -14.18
C THR A 78 12.02 -16.95 -13.03
N LEU A 79 10.83 -17.52 -12.94
CA LEU A 79 9.94 -17.22 -11.85
C LEU A 79 10.43 -17.88 -10.59
N SER A 80 11.54 -18.59 -10.74
CA SER A 80 12.31 -19.12 -9.63
C SER A 80 12.67 -18.01 -8.64
N ALA A 81 12.76 -16.79 -9.16
CA ALA A 81 13.05 -15.65 -8.31
C ALA A 81 11.85 -14.72 -8.20
N LEU A 82 11.10 -14.60 -9.28
CA LEU A 82 9.94 -13.70 -9.32
C LEU A 82 8.90 -14.11 -8.26
N THR A 83 8.56 -15.39 -8.21
CA THR A 83 7.55 -15.86 -7.26
C THR A 83 8.12 -15.99 -5.86
N THR A 84 9.39 -16.31 -5.77
CA THR A 84 10.05 -16.44 -4.49
C THR A 84 9.95 -15.16 -3.67
N THR A 85 10.21 -14.03 -4.33
CA THR A 85 10.13 -12.77 -3.64
C THR A 85 8.67 -12.39 -3.45
N LEU A 86 7.86 -12.65 -4.48
CA LEU A 86 6.43 -12.33 -4.47
C LEU A 86 5.75 -12.95 -3.26
N SER A 87 6.10 -14.20 -2.97
CA SER A 87 5.48 -14.93 -1.88
C SER A 87 5.89 -14.34 -0.53
N GLU A 88 7.20 -14.18 -0.33
CA GLU A 88 7.71 -13.60 0.90
C GLU A 88 7.18 -12.19 1.12
N GLN A 89 7.02 -11.46 0.02
CA GLN A 89 6.52 -10.10 0.09
C GLN A 89 5.00 -10.07 -0.04
N LEU A 90 4.40 -11.25 -0.12
CA LEU A 90 2.94 -11.35 -0.21
C LEU A 90 2.34 -11.01 1.13
N LYS A 91 3.18 -11.07 2.16
CA LYS A 91 2.80 -10.58 3.47
C LYS A 91 2.42 -9.10 3.40
N ILE A 92 3.06 -8.37 2.48
CA ILE A 92 2.80 -6.95 2.33
C ILE A 92 1.68 -6.69 1.32
N GLU A 93 0.78 -7.65 1.16
CA GLU A 93 -0.43 -7.40 0.37
C GLU A 93 -1.55 -6.96 1.31
N GLY A 94 -1.16 -6.58 2.53
CA GLY A 94 -2.11 -6.11 3.50
C GLY A 94 -2.63 -7.22 4.41
N VAL A 95 -1.72 -7.86 5.15
CA VAL A 95 -2.12 -8.86 6.14
C VAL A 95 -2.65 -8.18 7.41
N LEU A 96 -3.42 -7.14 7.20
CA LEU A 96 -4.01 -6.39 8.28
C LEU A 96 -5.44 -6.89 8.52
N GLY A 97 -6.38 -6.39 7.75
CA GLY A 97 -7.73 -6.92 7.72
C GLY A 97 -7.95 -7.82 6.52
N ILE A 98 -7.05 -8.77 6.32
CA ILE A 98 -7.01 -9.56 5.09
C ILE A 98 -8.27 -10.44 4.93
N SER A 99 -8.34 -11.15 3.80
CA SER A 99 -9.50 -11.93 3.44
C SER A 99 -9.39 -13.35 4.00
N GLN A 100 -10.27 -14.24 3.54
CA GLN A 100 -10.25 -15.62 4.00
C GLN A 100 -8.99 -16.33 3.53
N ASP A 101 -8.73 -16.24 2.24
CA ASP A 101 -7.56 -16.85 1.66
C ASP A 101 -6.47 -15.81 1.46
N THR A 102 -6.54 -15.09 0.34
CA THR A 102 -5.52 -14.10 -0.03
C THR A 102 -4.09 -14.58 0.21
N TYR A 103 -3.83 -15.84 -0.09
CA TYR A 103 -2.49 -16.39 0.02
C TYR A 103 -2.07 -17.07 -1.28
N ILE A 104 -1.08 -17.94 -1.22
CA ILE A 104 -0.66 -18.69 -2.39
C ILE A 104 -1.81 -19.55 -2.93
N GLN A 105 -1.64 -20.02 -4.17
CA GLN A 105 -2.65 -20.84 -4.85
C GLN A 105 -3.76 -19.97 -5.41
N ASN A 106 -4.19 -18.97 -4.64
CA ASN A 106 -5.17 -18.02 -5.16
C ASN A 106 -4.40 -16.93 -5.89
N ILE A 107 -3.22 -16.62 -5.33
CA ILE A 107 -2.34 -15.60 -5.89
C ILE A 107 -1.29 -16.27 -6.75
N LEU A 108 -0.89 -17.47 -6.34
CA LEU A 108 0.17 -18.20 -7.02
C LEU A 108 -0.38 -18.89 -8.28
N SER A 109 -1.68 -18.72 -8.52
CA SER A 109 -2.33 -19.33 -9.67
C SER A 109 -1.88 -18.64 -10.96
N HIS A 110 -1.85 -17.31 -10.93
CA HIS A 110 -1.35 -16.54 -12.07
C HIS A 110 0.16 -16.54 -12.09
N ALA A 111 0.77 -16.97 -11.00
CA ALA A 111 2.21 -17.10 -10.94
C ALA A 111 2.65 -18.35 -11.70
N PHE A 112 1.70 -19.23 -11.99
CA PHE A 112 1.97 -20.39 -12.82
C PHE A 112 2.00 -20.00 -14.28
N CYS A 113 1.23 -18.96 -14.61
CA CYS A 113 1.13 -18.47 -15.99
C CYS A 113 0.80 -16.98 -16.00
N ASP A 114 1.80 -16.14 -16.27
CA ASP A 114 1.61 -14.68 -16.38
C ASP A 114 1.07 -14.09 -15.09
N LEU A 115 1.99 -13.73 -14.19
CA LEU A 115 1.61 -13.22 -12.87
C LEU A 115 1.12 -11.77 -12.98
N GLU A 116 -0.16 -11.63 -13.29
CA GLU A 116 -0.77 -10.33 -13.52
C GLU A 116 -1.15 -9.63 -12.23
N THR A 117 -0.91 -10.29 -11.10
CA THR A 117 -1.32 -9.82 -9.78
C THR A 117 -2.80 -9.43 -9.78
N GLN A 118 -3.59 -10.25 -10.48
CA GLN A 118 -5.03 -10.04 -10.63
C GLN A 118 -5.33 -8.74 -11.39
N LYS A 119 -4.27 -8.18 -12.00
CA LYS A 119 -4.34 -6.87 -12.66
C LYS A 119 -5.07 -5.88 -11.79
N ASP A 120 -4.77 -5.92 -10.50
CA ASP A 120 -5.59 -5.20 -9.52
C ASP A 120 -5.32 -3.71 -9.51
N LYS A 121 -6.39 -2.93 -9.69
CA LYS A 121 -6.36 -1.47 -9.64
C LYS A 121 -5.65 -0.87 -10.86
N PRO A 122 -6.33 0.04 -11.58
CA PRO A 122 -5.77 0.71 -12.74
C PRO A 122 -4.95 1.96 -12.36
N TRP A 123 -4.04 1.79 -11.41
CA TRP A 123 -3.19 2.89 -10.98
C TRP A 123 -2.04 3.11 -11.96
N PHE A 124 -2.20 4.05 -12.88
CA PHE A 124 -1.13 4.37 -13.82
C PHE A 124 -0.19 5.41 -13.22
N HIS A 125 1.11 5.15 -13.36
CA HIS A 125 2.15 5.99 -12.78
C HIS A 125 3.43 5.91 -13.62
N ILE A 126 3.78 7.01 -14.32
CA ILE A 126 4.83 6.96 -15.35
C ILE A 126 5.80 8.15 -15.31
N ASN A 127 6.85 8.14 -14.48
CA ASN A 127 7.94 9.09 -14.71
C ASN A 127 9.20 8.34 -15.11
N ALA A 128 9.92 8.83 -16.10
CA ALA A 128 11.14 8.17 -16.56
C ALA A 128 12.33 8.47 -15.65
N GLN A 129 13.45 7.86 -15.98
CA GLN A 129 14.72 8.15 -15.33
C GLN A 129 15.85 7.89 -16.32
N PRO A 130 16.90 8.72 -16.30
CA PRO A 130 17.97 8.68 -17.30
C PRO A 130 18.71 7.35 -17.36
N ASP A 131 18.52 6.62 -18.46
CA ASP A 131 19.24 5.38 -18.69
C ASP A 131 19.19 4.97 -20.14
N ALA A 132 17.97 4.69 -20.60
CA ALA A 132 17.77 4.12 -21.92
C ALA A 132 18.47 2.77 -22.01
N GLY A 133 18.23 1.93 -21.01
CA GLY A 133 18.73 0.57 -21.06
C GLY A 133 18.43 -0.17 -19.78
N HIS A 134 18.48 0.55 -18.68
CA HIS A 134 18.12 0.02 -17.39
C HIS A 134 17.29 1.05 -16.64
N SER A 135 16.05 1.20 -17.03
CA SER A 135 15.28 2.35 -16.59
C SER A 135 14.01 1.95 -15.88
N VAL A 136 13.26 2.94 -15.42
CA VAL A 136 12.06 2.76 -14.63
C VAL A 136 11.19 3.99 -14.81
N THR A 137 9.98 3.84 -15.32
CA THR A 137 9.08 4.97 -15.35
C THR A 137 7.87 4.67 -14.48
N SER A 138 7.75 5.41 -13.38
CA SER A 138 6.80 5.05 -12.36
C SER A 138 6.45 6.25 -11.52
N TYR A 139 5.25 6.27 -11.01
CA TYR A 139 4.87 7.19 -9.95
C TYR A 139 4.30 6.39 -8.80
N SER A 140 4.50 6.80 -7.59
CA SER A 140 3.78 6.16 -6.51
C SER A 140 2.75 7.11 -5.91
N TYR A 141 1.45 6.83 -6.01
CA TYR A 141 0.55 7.45 -5.05
C TYR A 141 0.32 6.51 -3.86
N SER A 142 -0.04 7.06 -2.72
CA SER A 142 -0.94 6.46 -1.72
C SER A 142 -1.37 5.00 -1.89
N LEU A 143 -1.34 4.30 -0.77
CA LEU A 143 -2.16 3.11 -0.60
C LEU A 143 -2.52 3.11 0.88
N PHE A 144 -3.70 2.67 1.26
CA PHE A 144 -4.16 2.97 2.61
C PHE A 144 -5.27 2.05 3.05
N ILE A 145 -5.29 1.74 4.35
CA ILE A 145 -6.39 1.01 4.96
C ILE A 145 -6.37 1.17 6.49
N VAL A 146 -7.49 0.89 7.12
CA VAL A 146 -7.56 0.83 8.58
C VAL A 146 -8.41 -0.37 8.96
N SER A 147 -8.19 -0.90 10.14
CA SER A 147 -8.85 -2.13 10.53
C SER A 147 -9.45 -1.98 11.92
N GLN A 148 -10.25 -2.97 12.30
CA GLN A 148 -10.97 -2.94 13.57
C GLN A 148 -10.64 -4.15 14.41
N GLY A 149 -10.33 -3.92 15.66
CA GLY A 149 -10.10 -4.99 16.58
C GLY A 149 -11.29 -5.18 17.47
N GLU A 150 -11.87 -6.36 17.45
CA GLU A 150 -13.12 -6.57 18.17
C GLU A 150 -12.86 -7.05 19.58
N GLU A 151 -11.76 -7.79 19.75
CA GLU A 151 -11.43 -8.37 21.03
C GLU A 151 -11.41 -7.33 22.15
N THR A 152 -10.65 -6.27 21.97
CA THR A 152 -10.55 -5.22 22.98
C THR A 152 -11.06 -3.86 22.45
N GLY A 153 -11.41 -3.83 21.17
CA GLY A 153 -11.80 -2.57 20.55
C GLY A 153 -10.60 -1.81 20.01
N ALA A 154 -9.81 -2.46 19.18
CA ALA A 154 -8.60 -1.88 18.62
C ALA A 154 -8.82 -1.41 17.18
N MET A 155 -7.74 -1.00 16.54
CA MET A 155 -7.76 -0.63 15.13
C MET A 155 -6.36 -0.75 14.56
N MET A 156 -6.18 -0.29 13.34
CA MET A 156 -4.89 -0.45 12.66
C MET A 156 -4.66 0.67 11.65
N ALA A 157 -3.73 1.56 11.94
CA ALA A 157 -3.45 2.70 11.09
C ALA A 157 -2.50 2.31 9.96
N ALA A 158 -3.06 1.98 8.81
CA ALA A 158 -2.25 1.50 7.70
C ALA A 158 -2.24 2.51 6.56
N GLY A 159 -1.07 3.05 6.27
CA GLY A 159 -0.94 4.01 5.20
C GLY A 159 0.20 3.72 4.25
N PRO A 160 0.17 2.59 3.54
CA PRO A 160 1.13 2.31 2.47
C PRO A 160 1.14 3.34 1.36
N LEU A 161 1.80 2.97 0.29
CA LEU A 161 1.65 3.66 -0.97
C LEU A 161 1.96 2.66 -2.05
N ILE A 162 1.46 2.87 -3.24
CA ILE A 162 1.62 1.89 -4.30
C ILE A 162 2.44 2.46 -5.46
N ILE A 163 3.33 1.64 -6.00
CA ILE A 163 4.21 2.08 -7.07
C ILE A 163 4.04 1.21 -8.32
N THR A 164 3.62 1.84 -9.39
CA THR A 164 3.50 1.17 -10.68
C THR A 164 4.78 1.39 -11.48
N VAL A 165 5.49 0.30 -11.75
CA VAL A 165 6.80 0.39 -12.37
C VAL A 165 6.77 -0.10 -13.81
N THR A 166 6.96 0.82 -14.74
CA THR A 166 6.99 0.52 -16.17
C THR A 166 8.17 1.26 -16.83
N PRO A 167 9.29 0.57 -17.05
CA PRO A 167 10.58 1.22 -17.40
C PRO A 167 10.67 1.91 -18.75
N ASN A 168 11.76 2.66 -18.91
CA ASN A 168 12.06 3.44 -20.12
C ASN A 168 13.19 2.78 -20.92
N THR A 169 13.75 1.69 -20.39
CA THR A 169 14.86 0.98 -21.04
C THR A 169 14.69 0.89 -22.57
N ALA A 170 15.82 1.00 -23.28
CA ALA A 170 15.86 1.60 -24.62
C ALA A 170 15.13 0.90 -25.76
N ILE A 171 15.02 -0.41 -25.77
CA ILE A 171 14.70 -1.07 -27.02
C ILE A 171 13.45 -1.91 -26.88
N SER A 172 12.77 -2.08 -27.98
CA SER A 172 11.70 -3.04 -28.09
C SER A 172 11.63 -3.53 -29.53
N ASP A 173 12.78 -4.00 -30.01
CA ASP A 173 12.93 -4.37 -31.42
C ASP A 173 13.44 -5.79 -31.55
N ILE A 174 14.38 -5.99 -32.46
CA ILE A 174 14.88 -7.32 -32.80
C ILE A 174 15.63 -7.96 -31.63
N PHE A 175 16.19 -7.13 -30.75
CA PHE A 175 16.65 -7.62 -29.47
C PHE A 175 16.38 -6.57 -28.42
N ASN A 176 16.03 -7.00 -27.23
CA ASN A 176 15.71 -6.06 -26.16
C ASN A 176 16.90 -5.72 -25.27
N THR A 177 16.96 -4.47 -24.82
CA THR A 177 17.75 -4.11 -23.65
C THR A 177 16.90 -4.36 -22.38
N LYS A 178 15.65 -4.76 -22.64
CA LYS A 178 14.58 -5.19 -21.69
C LYS A 178 13.67 -4.04 -21.22
N ASP A 179 12.97 -3.44 -22.20
CA ASP A 179 12.03 -2.35 -21.93
C ASP A 179 10.65 -2.87 -21.56
N TRP A 180 10.40 -4.14 -21.78
CA TRP A 180 9.07 -4.66 -21.51
C TRP A 180 9.06 -5.62 -20.34
N ARG A 181 10.14 -5.63 -19.58
CA ARG A 181 10.12 -6.37 -18.31
C ARG A 181 9.26 -5.57 -17.35
N LEU A 182 8.43 -6.23 -16.58
CA LEU A 182 7.52 -5.50 -15.72
C LEU A 182 8.03 -5.53 -14.30
N THR A 183 7.53 -4.64 -13.45
CA THR A 183 8.02 -4.50 -12.09
C THR A 183 6.97 -3.81 -11.21
N LEU A 184 6.73 -4.33 -10.02
CA LEU A 184 5.80 -3.70 -9.09
C LEU A 184 6.34 -3.73 -7.65
N GLN A 185 6.32 -2.60 -6.99
CA GLN A 185 6.73 -2.52 -5.60
C GLN A 185 6.07 -1.34 -4.94
N LYS A 186 6.35 -1.13 -3.66
CA LYS A 186 5.78 -0.02 -2.93
C LYS A 186 6.19 -0.01 -1.48
N GLU A 187 5.83 1.08 -0.81
CA GLU A 187 6.22 1.30 0.56
C GLU A 187 4.98 1.19 1.44
N GLU A 188 4.94 0.17 2.28
CA GLU A 188 3.79 -0.03 3.14
C GLU A 188 4.14 0.29 4.59
N ILE A 189 3.68 1.45 5.05
CA ILE A 189 3.95 1.88 6.39
C ILE A 189 2.68 1.77 7.22
N THR A 190 2.72 0.91 8.22
CA THR A 190 1.55 0.63 9.02
C THR A 190 1.83 0.92 10.48
N ILE A 191 1.15 1.91 11.00
CA ILE A 191 1.25 2.24 12.39
C ILE A 191 0.28 1.37 13.17
N GLY A 192 0.83 0.39 13.84
CA GLY A 192 0.05 -0.55 14.58
C GLY A 192 -0.49 0.05 15.86
N VAL A 193 -1.77 -0.09 16.08
CA VAL A 193 -2.43 0.55 17.20
C VAL A 193 -3.50 -0.38 17.76
N LYS A 194 -3.04 -1.42 18.46
CA LYS A 194 -3.89 -2.57 18.74
C LYS A 194 -3.13 -3.67 19.48
N GLY A 195 -3.78 -4.82 19.63
CA GLY A 195 -3.15 -5.96 20.26
C GLY A 195 -3.18 -7.15 19.32
N PHE A 196 -2.67 -6.93 18.11
CA PHE A 196 -2.70 -7.90 17.01
C PHE A 196 -2.45 -9.33 17.46
N GLN A 197 -3.49 -10.16 17.42
CA GLN A 197 -3.35 -11.58 17.67
C GLN A 197 -2.87 -12.26 16.39
N VAL A 198 -3.76 -12.28 15.40
CA VAL A 198 -3.47 -12.80 14.07
C VAL A 198 -4.02 -11.81 13.06
N VAL A 199 -4.02 -12.16 11.78
CA VAL A 199 -4.62 -11.29 10.77
C VAL A 199 -6.15 -11.38 10.89
N THR A 200 -6.67 -10.56 11.78
CA THR A 200 -8.07 -10.58 12.16
C THR A 200 -8.28 -9.40 13.09
N PRO A 201 -9.55 -8.97 13.35
CA PRO A 201 -9.87 -7.95 14.35
C PRO A 201 -8.91 -7.93 15.54
N LEU A 202 -7.92 -7.05 15.42
CA LEU A 202 -6.74 -7.07 16.28
C LEU A 202 -6.96 -6.38 17.61
N GLY A 203 -8.00 -6.77 18.32
CA GLY A 203 -8.28 -6.17 19.61
C GLY A 203 -7.17 -6.42 20.62
N MET A 1 -12.75 13.08 11.01
CA MET A 1 -11.84 12.95 9.84
C MET A 1 -12.39 13.76 8.68
N SER A 2 -11.70 13.74 7.53
CA SER A 2 -12.13 14.52 6.38
C SER A 2 -11.99 16.01 6.70
N ILE A 3 -12.70 16.82 5.94
CA ILE A 3 -12.67 18.24 6.13
C ILE A 3 -13.50 18.62 7.35
N GLU A 4 -14.81 18.77 7.13
CA GLU A 4 -15.81 18.88 8.19
C GLU A 4 -15.36 19.79 9.33
N ILE A 5 -15.68 21.05 9.21
CA ILE A 5 -15.22 22.05 10.15
C ILE A 5 -16.41 22.78 10.75
N TYR A 6 -16.21 24.03 11.07
CA TYR A 6 -17.24 24.87 11.66
C TYR A 6 -17.21 26.29 11.05
N PRO A 7 -16.07 27.01 11.09
CA PRO A 7 -15.97 28.39 10.56
C PRO A 7 -16.12 28.51 9.03
N ASP A 8 -17.28 28.12 8.51
CA ASP A 8 -17.62 28.33 7.09
C ASP A 8 -18.99 27.78 6.80
N ASP A 9 -19.05 26.46 6.71
CA ASP A 9 -20.26 25.74 6.34
C ASP A 9 -20.19 24.32 6.88
N GLY A 10 -19.07 24.00 7.52
CA GLY A 10 -18.80 22.66 7.92
C GLY A 10 -17.78 22.06 6.99
N ASN A 11 -17.07 22.96 6.30
CA ASN A 11 -16.16 22.60 5.24
C ASN A 11 -15.28 23.79 4.85
N THR A 12 -13.96 23.62 4.93
CA THR A 12 -13.02 24.69 4.58
C THR A 12 -11.56 24.25 4.84
N LEU A 13 -11.33 22.94 4.90
CA LEU A 13 -10.04 22.41 5.33
C LEU A 13 -8.99 22.59 4.24
N PRO A 14 -7.80 23.08 4.61
CA PRO A 14 -6.68 23.30 3.68
C PRO A 14 -6.08 21.99 3.17
N TYR A 15 -6.62 20.87 3.64
CA TYR A 15 -6.13 19.56 3.24
C TYR A 15 -7.05 18.96 2.18
N GLN A 16 -8.34 19.30 2.25
CA GLN A 16 -9.32 18.77 1.30
C GLN A 16 -9.34 17.26 1.35
N VAL A 17 -9.61 16.73 2.53
CA VAL A 17 -9.64 15.29 2.70
C VAL A 17 -11.05 14.87 3.04
N PHE A 18 -11.39 13.66 2.63
CA PHE A 18 -12.74 13.15 2.76
C PHE A 18 -12.77 11.77 2.14
N LEU A 19 -12.14 11.66 0.97
CA LEU A 19 -11.99 10.38 0.29
C LEU A 19 -10.72 10.37 -0.56
N ASN A 20 -9.58 10.76 0.03
CA ASN A 20 -8.36 10.84 -0.75
C ASN A 20 -7.61 9.51 -0.69
N LEU A 21 -8.05 8.64 0.22
CA LEU A 21 -7.41 7.35 0.37
C LEU A 21 -8.45 6.29 0.76
N GLU A 22 -8.18 5.04 0.35
CA GLU A 22 -9.09 3.92 0.60
C GLU A 22 -9.26 3.60 2.08
N ASN A 23 -10.45 3.60 2.58
CA ASN A 23 -10.69 3.05 3.91
C ASN A 23 -11.77 2.00 3.85
N GLU A 24 -11.63 0.94 4.63
CA GLU A 24 -12.67 -0.09 4.68
C GLU A 24 -13.23 -0.18 6.09
N HIS A 25 -12.75 0.67 6.99
CA HIS A 25 -13.17 0.63 8.38
C HIS A 25 -13.22 2.05 8.95
N TYR A 26 -13.27 3.03 8.07
CA TYR A 26 -13.32 4.45 8.46
C TYR A 26 -14.55 4.77 9.33
N TYR A 27 -15.43 3.80 9.53
CA TYR A 27 -16.65 3.99 10.31
C TYR A 27 -16.34 4.60 11.66
N ALA A 28 -15.30 4.11 12.30
CA ALA A 28 -14.87 4.66 13.57
C ALA A 28 -13.35 4.64 13.70
N GLN A 29 -12.71 3.87 12.83
CA GLN A 29 -11.26 3.68 12.90
C GLN A 29 -10.53 4.91 12.41
N ALA A 30 -11.11 5.57 11.41
CA ALA A 30 -10.52 6.76 10.84
C ALA A 30 -10.81 7.95 11.72
N ILE A 31 -11.58 7.73 12.77
CA ILE A 31 -11.99 8.79 13.67
C ILE A 31 -11.03 8.88 14.86
N GLN A 32 -10.67 7.72 15.41
CA GLN A 32 -9.76 7.64 16.55
C GLN A 32 -8.49 8.43 16.27
N LEU A 33 -7.93 8.21 15.11
CA LEU A 33 -6.73 8.91 14.71
C LEU A 33 -7.01 10.15 13.86
N ALA A 34 -8.28 10.40 13.55
CA ALA A 34 -8.68 11.50 12.64
C ALA A 34 -8.00 12.82 12.96
N GLN A 35 -8.19 13.30 14.19
CA GLN A 35 -7.62 14.57 14.63
C GLN A 35 -6.10 14.54 14.58
N LEU A 36 -5.54 13.34 14.60
CA LEU A 36 -4.10 13.17 14.50
C LEU A 36 -3.73 13.17 13.04
N PHE A 37 -4.54 12.47 12.27
CA PHE A 37 -4.30 12.27 10.85
C PHE A 37 -4.54 13.54 10.08
N ALA A 38 -5.46 14.37 10.56
CA ALA A 38 -5.72 15.65 9.92
C ALA A 38 -4.64 16.68 10.27
N HIS A 39 -3.60 16.23 10.97
CA HIS A 39 -2.61 17.16 11.52
C HIS A 39 -1.23 17.01 10.86
N GLU A 40 -0.64 15.81 10.90
CA GLU A 40 0.74 15.61 10.46
C GLU A 40 0.85 15.07 9.04
N VAL A 41 -0.17 15.19 8.26
CA VAL A 41 -0.14 14.63 6.93
C VAL A 41 0.37 15.63 5.92
N ASP A 42 0.42 15.21 4.67
CA ASP A 42 0.86 16.09 3.60
C ASP A 42 -0.36 16.83 3.06
N ASP A 43 -0.15 17.82 2.18
CA ASP A 43 -1.24 18.61 1.62
C ASP A 43 -2.42 17.73 1.20
N ASN A 44 -2.12 16.54 0.71
CA ASN A 44 -3.15 15.60 0.28
C ASN A 44 -3.97 15.08 1.46
N GLY A 45 -3.27 14.75 2.55
CA GLY A 45 -3.94 14.20 3.71
C GLY A 45 -3.54 12.77 4.02
N GLN A 46 -2.36 12.35 3.57
CA GLN A 46 -1.84 11.01 3.86
C GLN A 46 -0.68 11.07 4.86
N LEU A 47 -0.50 9.96 5.59
CA LEU A 47 0.55 9.80 6.61
C LEU A 47 1.91 10.30 6.10
N ASP A 48 2.50 11.28 6.79
CA ASP A 48 3.82 11.77 6.45
C ASP A 48 4.84 11.22 7.43
N LEU A 49 5.75 10.38 7.00
CA LEU A 49 6.67 9.74 7.93
C LEU A 49 7.59 10.76 8.60
N ALA A 50 7.58 11.98 8.09
CA ALA A 50 8.36 13.05 8.69
C ALA A 50 7.68 13.58 9.94
N LYS A 51 6.41 13.95 9.82
CA LYS A 51 5.67 14.54 10.93
C LYS A 51 4.71 13.54 11.52
N ALA A 52 4.06 12.77 10.66
CA ALA A 52 3.05 11.84 11.10
C ALA A 52 3.67 10.63 11.81
N LEU A 53 4.98 10.54 11.77
CA LEU A 53 5.68 9.55 12.58
C LEU A 53 5.61 9.98 14.04
N LYS A 54 5.35 11.26 14.22
CA LYS A 54 5.08 11.85 15.52
C LYS A 54 3.60 11.69 15.82
N LYS A 55 2.81 11.88 14.76
CA LYS A 55 1.37 11.70 14.85
C LYS A 55 1.04 10.28 15.27
N ALA A 56 1.84 9.34 14.79
CA ALA A 56 1.68 7.92 15.11
C ALA A 56 1.87 7.68 16.59
N GLN A 57 2.68 8.52 17.20
CA GLN A 57 3.00 8.41 18.62
C GLN A 57 1.81 8.82 19.47
N ALA A 58 0.80 9.39 18.82
CA ALA A 58 -0.39 9.85 19.50
C ALA A 58 -1.60 8.99 19.15
N GLN A 59 -1.36 7.83 18.56
CA GLN A 59 -2.45 6.95 18.11
C GLN A 59 -3.21 6.36 19.28
N PRO A 60 -4.50 6.04 19.07
CA PRO A 60 -5.37 5.40 20.06
C PRO A 60 -4.67 4.33 20.90
N ASP A 61 -4.02 3.35 20.27
CA ASP A 61 -3.42 2.25 21.02
C ASP A 61 -1.90 2.21 20.91
N LEU A 62 -1.37 1.79 19.77
CA LEU A 62 0.09 1.72 19.61
C LEU A 62 0.61 2.84 18.70
N ALA A 63 1.69 2.55 17.98
CA ALA A 63 2.38 3.54 17.17
C ALA A 63 2.96 2.88 15.92
N ILE A 64 3.94 3.55 15.32
CA ILE A 64 4.63 3.00 14.16
C ILE A 64 5.13 1.58 14.41
N ILE A 65 4.58 0.61 13.69
CA ILE A 65 5.02 -0.77 13.86
C ILE A 65 5.67 -1.31 12.59
N ALA A 66 5.15 -0.88 11.46
CA ALA A 66 5.54 -1.47 10.20
C ALA A 66 5.91 -0.43 9.15
N THR A 67 7.17 -0.43 8.78
CA THR A 67 7.62 0.31 7.61
C THR A 67 8.33 -0.68 6.70
N ASN A 68 7.54 -1.58 6.11
CA ASN A 68 8.08 -2.75 5.40
C ASN A 68 7.75 -2.69 3.92
N ASN A 69 8.62 -3.21 3.09
CA ASN A 69 8.44 -3.06 1.66
C ASN A 69 8.51 -4.42 0.97
N MET A 70 8.46 -4.42 -0.36
CA MET A 70 8.61 -5.66 -1.13
C MET A 70 9.50 -5.41 -2.34
N THR A 71 10.19 -6.46 -2.77
CA THR A 71 11.02 -6.40 -3.96
C THR A 71 10.67 -7.54 -4.91
N LEU A 72 9.97 -7.20 -5.98
CA LEU A 72 9.54 -8.17 -6.98
C LEU A 72 10.06 -7.74 -8.33
N LYS A 73 10.70 -8.63 -9.03
CA LYS A 73 11.18 -8.30 -10.35
C LYS A 73 11.09 -9.52 -11.23
N LYS A 74 10.85 -9.28 -12.49
CA LYS A 74 10.72 -10.35 -13.43
C LYS A 74 11.58 -10.09 -14.64
N SER A 75 11.71 -11.12 -15.43
CA SER A 75 12.79 -11.25 -16.37
C SER A 75 12.75 -12.66 -16.91
N PHE A 76 13.31 -12.89 -18.09
CA PHE A 76 13.32 -14.22 -18.67
C PHE A 76 14.38 -15.09 -17.97
N SER A 77 14.58 -14.77 -16.69
CA SER A 77 15.36 -15.56 -15.76
C SER A 77 14.47 -16.70 -15.23
N THR A 78 14.78 -17.25 -14.08
CA THR A 78 14.00 -18.35 -13.55
C THR A 78 13.10 -17.86 -12.42
N LEU A 79 11.92 -18.50 -12.31
CA LEU A 79 10.96 -18.15 -11.27
C LEU A 79 11.46 -18.64 -9.92
N SER A 80 12.63 -19.24 -9.96
CA SER A 80 13.35 -19.65 -8.78
C SER A 80 13.60 -18.45 -7.86
N ALA A 81 13.60 -17.26 -8.44
CA ALA A 81 13.78 -16.05 -7.67
C ALA A 81 12.57 -15.16 -7.79
N LEU A 82 12.00 -15.09 -8.99
CA LEU A 82 10.87 -14.18 -9.27
C LEU A 82 9.69 -14.46 -8.34
N THR A 83 9.14 -15.67 -8.42
CA THR A 83 7.95 -16.00 -7.63
C THR A 83 8.30 -16.31 -6.19
N THR A 84 9.54 -16.69 -5.94
CA THR A 84 9.99 -16.99 -4.60
C THR A 84 9.85 -15.77 -3.69
N THR A 85 10.36 -14.64 -4.17
CA THR A 85 10.31 -13.42 -3.37
C THR A 85 8.88 -12.89 -3.34
N LEU A 86 8.19 -13.00 -4.46
CA LEU A 86 6.80 -12.56 -4.58
C LEU A 86 5.91 -13.25 -3.57
N SER A 87 6.11 -14.55 -3.37
CA SER A 87 5.27 -15.32 -2.46
C SER A 87 5.53 -14.92 -1.01
N GLU A 88 6.81 -14.86 -0.65
CA GLU A 88 7.21 -14.45 0.70
C GLU A 88 6.67 -13.06 1.00
N GLN A 89 6.73 -12.19 -0.01
CA GLN A 89 6.27 -10.82 0.16
C GLN A 89 4.80 -10.67 -0.25
N LEU A 90 4.16 -11.80 -0.55
CA LEU A 90 2.72 -11.78 -0.81
C LEU A 90 2.02 -11.55 0.52
N LYS A 91 2.79 -11.72 1.58
CA LYS A 91 2.35 -11.36 2.92
C LYS A 91 1.96 -9.87 2.98
N ILE A 92 2.69 -9.02 2.26
CA ILE A 92 2.36 -7.60 2.27
C ILE A 92 1.27 -7.27 1.24
N GLU A 93 0.46 -8.26 0.88
CA GLU A 93 -0.71 -8.00 0.04
C GLU A 93 -1.83 -7.38 0.91
N GLY A 94 -1.43 -6.78 2.02
CA GLY A 94 -2.36 -6.04 2.83
C GLY A 94 -3.05 -6.91 3.86
N VAL A 95 -2.26 -7.56 4.72
CA VAL A 95 -2.80 -8.37 5.80
C VAL A 95 -3.36 -7.49 6.92
N LEU A 96 -4.12 -6.48 6.54
CA LEU A 96 -4.74 -5.58 7.49
C LEU A 96 -6.18 -6.07 7.75
N GLY A 97 -7.11 -5.67 6.89
CA GLY A 97 -8.43 -6.26 6.87
C GLY A 97 -8.59 -7.24 5.73
N ILE A 98 -7.59 -8.10 5.57
CA ILE A 98 -7.49 -8.97 4.38
C ILE A 98 -8.61 -10.01 4.33
N SER A 99 -8.62 -10.82 3.28
CA SER A 99 -9.72 -11.73 3.01
C SER A 99 -9.51 -13.06 3.72
N GLN A 100 -10.30 -14.06 3.37
CA GLN A 100 -10.20 -15.36 4.02
C GLN A 100 -8.94 -16.08 3.55
N ASP A 101 -8.71 -16.05 2.25
CA ASP A 101 -7.51 -16.65 1.70
C ASP A 101 -6.47 -15.57 1.44
N THR A 102 -6.56 -14.94 0.27
CA THR A 102 -5.55 -13.97 -0.18
C THR A 102 -4.12 -14.43 0.10
N TYR A 103 -3.86 -15.69 -0.25
CA TYR A 103 -2.53 -16.27 -0.11
C TYR A 103 -2.10 -16.84 -1.46
N ILE A 104 -1.10 -17.71 -1.44
CA ILE A 104 -0.69 -18.40 -2.65
C ILE A 104 -1.84 -19.23 -3.21
N GLN A 105 -1.67 -19.71 -4.45
CA GLN A 105 -2.69 -20.49 -5.18
C GLN A 105 -3.77 -19.58 -5.74
N ASN A 106 -4.31 -18.67 -4.93
CA ASN A 106 -5.33 -17.75 -5.41
C ASN A 106 -4.64 -16.64 -6.17
N ILE A 107 -3.41 -16.41 -5.76
CA ILE A 107 -2.56 -15.39 -6.37
C ILE A 107 -1.47 -16.07 -7.20
N LEU A 108 -1.04 -17.23 -6.72
CA LEU A 108 0.13 -17.90 -7.28
C LEU A 108 -0.24 -18.71 -8.53
N SER A 109 -1.52 -18.68 -8.91
CA SER A 109 -1.99 -19.43 -10.07
C SER A 109 -1.33 -18.91 -11.34
N HIS A 110 -1.26 -17.59 -11.49
CA HIS A 110 -0.63 -17.00 -12.65
C HIS A 110 0.87 -16.84 -12.41
N ALA A 111 1.29 -17.03 -11.18
CA ALA A 111 2.69 -16.99 -10.84
C ALA A 111 3.39 -18.25 -11.36
N PHE A 112 2.63 -19.32 -11.54
CA PHE A 112 3.17 -20.53 -12.14
C PHE A 112 3.12 -20.46 -13.65
N CYS A 113 2.14 -19.73 -14.18
CA CYS A 113 1.92 -19.66 -15.62
C CYS A 113 1.42 -18.28 -16.02
N ASP A 114 2.31 -17.50 -16.63
CA ASP A 114 1.99 -16.15 -17.12
C ASP A 114 1.50 -15.25 -16.00
N LEU A 115 2.45 -14.57 -15.38
CA LEU A 115 2.17 -13.77 -14.19
C LEU A 115 1.46 -12.47 -14.56
N GLU A 116 0.17 -12.58 -14.86
CA GLU A 116 -0.65 -11.40 -15.09
C GLU A 116 -1.43 -11.06 -13.82
N THR A 117 -1.23 -11.91 -12.81
CA THR A 117 -1.87 -11.79 -11.50
C THR A 117 -3.38 -11.60 -11.59
N GLN A 118 -3.98 -12.13 -12.66
CA GLN A 118 -5.44 -12.04 -12.87
C GLN A 118 -5.86 -10.57 -13.02
N LYS A 119 -4.92 -9.73 -13.45
CA LYS A 119 -5.14 -8.29 -13.58
C LYS A 119 -5.56 -7.70 -12.24
N ASP A 120 -4.96 -8.22 -11.16
CA ASP A 120 -5.25 -7.74 -9.82
C ASP A 120 -4.65 -6.36 -9.60
N LYS A 121 -5.54 -5.40 -9.32
CA LYS A 121 -5.16 -4.00 -9.14
C LYS A 121 -4.62 -3.40 -10.42
N PRO A 122 -5.36 -2.43 -11.00
CA PRO A 122 -4.95 -1.76 -12.23
C PRO A 122 -3.92 -0.67 -11.95
N TRP A 123 -2.75 -1.09 -11.49
CA TRP A 123 -1.72 -0.14 -11.12
C TRP A 123 -1.22 0.65 -12.33
N PHE A 124 -1.34 1.96 -12.25
CA PHE A 124 -1.00 2.84 -13.36
C PHE A 124 0.48 3.15 -13.37
N HIS A 125 1.04 3.34 -14.58
CA HIS A 125 2.46 3.64 -14.74
C HIS A 125 2.71 4.48 -15.98
N ILE A 126 3.03 5.77 -15.80
CA ILE A 126 3.34 6.62 -16.94
C ILE A 126 4.54 7.53 -16.70
N ASN A 127 5.74 7.01 -16.48
CA ASN A 127 6.91 7.87 -16.63
C ASN A 127 7.86 7.32 -17.69
N ALA A 128 8.37 8.15 -18.54
CA ALA A 128 9.44 7.76 -19.46
C ALA A 128 10.83 7.98 -18.91
N GLN A 129 11.81 7.46 -19.66
CA GLN A 129 13.21 7.90 -19.57
C GLN A 129 13.78 7.91 -20.98
N PRO A 130 14.66 8.87 -21.30
CA PRO A 130 15.37 8.88 -22.59
C PRO A 130 16.33 7.70 -22.71
N ASP A 131 15.82 6.58 -23.20
CA ASP A 131 16.60 5.36 -23.33
C ASP A 131 16.19 4.59 -24.56
N ALA A 132 14.94 4.13 -24.58
CA ALA A 132 14.44 3.35 -25.70
C ALA A 132 15.26 2.07 -25.81
N GLY A 133 15.38 1.42 -24.67
CA GLY A 133 16.07 0.16 -24.60
C GLY A 133 16.29 -0.27 -23.18
N HIS A 134 16.49 0.70 -22.31
CA HIS A 134 16.58 0.46 -20.89
C HIS A 134 15.85 1.57 -20.14
N SER A 135 14.53 1.51 -20.16
CA SER A 135 13.73 2.55 -19.56
C SER A 135 12.79 1.96 -18.52
N VAL A 136 11.99 2.82 -17.91
CA VAL A 136 11.05 2.45 -16.87
C VAL A 136 9.85 3.42 -16.88
N THR A 137 8.65 2.92 -17.13
CA THR A 137 7.48 3.75 -16.92
C THR A 137 6.71 3.24 -15.71
N SER A 138 6.71 4.03 -14.64
CA SER A 138 6.01 3.61 -13.45
C SER A 138 5.23 4.76 -12.89
N TYR A 139 4.06 4.48 -12.40
CA TYR A 139 3.30 5.43 -11.63
C TYR A 139 2.94 4.73 -10.32
N SER A 140 2.44 5.45 -9.35
CA SER A 140 2.10 4.83 -8.09
C SER A 140 0.59 4.61 -7.95
N TYR A 141 0.22 3.36 -7.74
CA TYR A 141 -1.10 2.99 -7.27
C TYR A 141 -1.10 3.17 -5.75
N SER A 142 -2.03 2.52 -5.04
CA SER A 142 -2.00 2.47 -3.58
C SER A 142 -2.44 3.76 -2.89
N LEU A 143 -3.13 3.54 -1.79
CA LEU A 143 -3.81 4.58 -1.04
C LEU A 143 -3.65 4.26 0.43
N PHE A 144 -4.34 4.99 1.30
CA PHE A 144 -4.13 4.84 2.73
C PHE A 144 -5.43 4.44 3.40
N ILE A 145 -5.31 3.59 4.42
CA ILE A 145 -6.46 2.85 4.94
C ILE A 145 -6.34 2.64 6.45
N VAL A 146 -7.46 2.40 7.10
CA VAL A 146 -7.49 2.05 8.52
C VAL A 146 -8.29 0.77 8.71
N SER A 147 -8.04 0.08 9.81
CA SER A 147 -8.66 -1.21 10.07
C SER A 147 -9.24 -1.25 11.47
N GLN A 148 -9.99 -2.28 11.78
CA GLN A 148 -10.81 -2.32 12.99
C GLN A 148 -10.53 -3.55 13.84
N GLY A 149 -10.35 -3.33 15.12
CA GLY A 149 -10.35 -4.42 16.07
C GLY A 149 -11.56 -4.31 16.96
N GLU A 150 -12.38 -5.33 17.01
CA GLU A 150 -13.61 -5.25 17.79
C GLU A 150 -13.41 -5.86 19.16
N GLU A 151 -12.54 -6.88 19.21
CA GLU A 151 -12.27 -7.63 20.43
C GLU A 151 -12.08 -6.70 21.64
N THR A 152 -11.16 -5.76 21.51
CA THR A 152 -10.93 -4.78 22.56
C THR A 152 -11.21 -3.35 22.07
N GLY A 153 -11.57 -3.24 20.80
CA GLY A 153 -11.74 -1.92 20.19
C GLY A 153 -10.42 -1.33 19.74
N ALA A 154 -9.72 -2.07 18.89
CA ALA A 154 -8.46 -1.64 18.36
C ALA A 154 -8.61 -1.13 16.93
N MET A 155 -7.50 -0.77 16.30
CA MET A 155 -7.51 -0.31 14.91
C MET A 155 -6.11 -0.37 14.33
N MET A 156 -5.93 0.21 13.15
CA MET A 156 -4.62 0.24 12.51
C MET A 156 -4.55 1.32 11.44
N ALA A 157 -3.64 2.26 11.62
CA ALA A 157 -3.43 3.34 10.67
C ALA A 157 -2.47 2.90 9.58
N ALA A 158 -3.00 2.59 8.41
CA ALA A 158 -2.23 2.01 7.33
C ALA A 158 -2.08 2.98 6.16
N GLY A 159 -0.97 2.87 5.44
CA GLY A 159 -0.77 3.68 4.26
C GLY A 159 0.09 3.00 3.22
N PRO A 160 -0.41 1.92 2.60
CA PRO A 160 0.38 1.13 1.64
C PRO A 160 0.69 1.88 0.34
N LEU A 161 1.85 1.52 -0.26
CA LEU A 161 2.26 2.02 -1.57
C LEU A 161 2.27 0.89 -2.55
N ILE A 162 1.93 1.16 -3.79
CA ILE A 162 2.07 0.16 -4.83
C ILE A 162 2.63 0.78 -6.07
N ILE A 163 3.84 0.36 -6.43
CA ILE A 163 4.54 0.95 -7.54
C ILE A 163 4.75 -0.09 -8.62
N THR A 164 4.37 0.27 -9.83
CA THR A 164 4.39 -0.69 -10.92
C THR A 164 5.38 -0.24 -11.98
N VAL A 165 6.41 -1.03 -12.15
CA VAL A 165 7.51 -0.70 -13.03
C VAL A 165 7.31 -1.38 -14.38
N THR A 166 6.82 -0.60 -15.32
CA THR A 166 6.51 -1.09 -16.65
C THR A 166 7.27 -0.26 -17.68
N PRO A 167 8.44 -0.72 -18.11
CA PRO A 167 9.40 0.10 -18.86
C PRO A 167 8.97 0.60 -20.23
N ASN A 168 9.85 1.47 -20.75
CA ASN A 168 9.66 2.13 -22.04
C ASN A 168 10.71 1.62 -23.05
N THR A 169 11.45 0.58 -22.67
CA THR A 169 12.46 -0.01 -23.56
C THR A 169 11.86 -0.32 -24.95
N ALA A 170 12.69 -0.21 -25.97
CA ALA A 170 12.24 0.16 -27.31
C ALA A 170 11.29 -0.77 -28.03
N ILE A 171 11.38 -2.08 -27.85
CA ILE A 171 10.65 -2.94 -28.79
C ILE A 171 9.71 -3.87 -28.07
N SER A 172 8.67 -4.27 -28.79
CA SER A 172 7.81 -5.35 -28.37
C SER A 172 7.24 -5.99 -29.64
N ASP A 173 8.17 -6.34 -30.53
CA ASP A 173 7.83 -6.78 -31.89
C ASP A 173 8.48 -8.12 -32.20
N ILE A 174 9.03 -8.26 -33.41
CA ILE A 174 9.56 -9.55 -33.87
C ILE A 174 10.79 -9.99 -33.05
N PHE A 175 11.48 -9.02 -32.45
CA PHE A 175 12.47 -9.32 -31.43
C PHE A 175 12.44 -8.21 -30.40
N ASN A 176 12.67 -8.55 -29.15
CA ASN A 176 12.62 -7.54 -28.11
C ASN A 176 13.99 -6.97 -27.76
N THR A 177 14.00 -5.66 -27.50
CA THR A 177 15.04 -5.02 -26.69
C THR A 177 15.02 -5.55 -25.24
N LYS A 178 13.92 -6.26 -24.97
CA LYS A 178 13.51 -6.78 -23.66
C LYS A 178 12.75 -5.71 -22.89
N ASP A 179 11.68 -5.23 -23.51
CA ASP A 179 10.73 -4.36 -22.84
C ASP A 179 9.66 -5.22 -22.18
N TRP A 180 9.71 -6.52 -22.48
CA TRP A 180 8.76 -7.46 -21.89
C TRP A 180 9.29 -8.05 -20.59
N ARG A 181 10.40 -7.51 -20.08
CA ARG A 181 10.83 -7.86 -18.73
C ARG A 181 10.34 -6.78 -17.79
N LEU A 182 9.85 -7.18 -16.63
CA LEU A 182 9.14 -6.25 -15.75
C LEU A 182 9.74 -6.25 -14.35
N THR A 183 9.25 -5.35 -13.51
CA THR A 183 9.69 -5.25 -12.13
C THR A 183 8.61 -4.55 -11.31
N LEU A 184 8.32 -5.04 -10.11
CA LEU A 184 7.33 -4.39 -9.26
C LEU A 184 7.79 -4.32 -7.80
N GLN A 185 7.80 -3.14 -7.21
CA GLN A 185 8.12 -3.00 -5.80
C GLN A 185 7.27 -1.90 -5.19
N LYS A 186 7.30 -1.80 -3.87
CA LYS A 186 6.42 -0.87 -3.17
C LYS A 186 6.67 -0.87 -1.68
N GLU A 187 6.00 0.03 -0.97
CA GLU A 187 6.29 0.24 0.43
C GLU A 187 5.03 0.23 1.28
N GLU A 188 4.89 -0.71 2.18
CA GLU A 188 3.81 -0.63 3.16
C GLU A 188 4.30 0.03 4.44
N ILE A 189 3.90 1.26 4.60
CA ILE A 189 4.09 1.98 5.84
C ILE A 189 2.79 1.90 6.63
N THR A 190 2.83 1.25 7.77
CA THR A 190 1.63 0.96 8.51
C THR A 190 1.86 1.13 10.00
N ILE A 191 1.14 2.06 10.58
CA ILE A 191 1.20 2.30 12.00
C ILE A 191 0.20 1.40 12.70
N GLY A 192 0.73 0.38 13.34
CA GLY A 192 -0.09 -0.57 14.03
C GLY A 192 -0.50 -0.06 15.39
N VAL A 193 -1.79 -0.14 15.68
CA VAL A 193 -2.32 0.42 16.91
C VAL A 193 -3.41 -0.50 17.45
N LYS A 194 -2.98 -1.64 17.97
CA LYS A 194 -3.92 -2.74 18.19
C LYS A 194 -3.29 -3.91 18.92
N GLY A 195 -4.04 -5.00 18.98
CA GLY A 195 -3.54 -6.23 19.56
C GLY A 195 -3.75 -7.38 18.60
N PHE A 196 -3.27 -7.20 17.38
CA PHE A 196 -3.36 -8.19 16.30
C PHE A 196 -3.08 -9.61 16.77
N GLN A 197 -4.12 -10.45 16.79
CA GLN A 197 -3.93 -11.88 16.97
C GLN A 197 -3.95 -12.56 15.61
N VAL A 198 -4.97 -12.23 14.83
CA VAL A 198 -5.15 -12.76 13.48
C VAL A 198 -5.60 -11.60 12.59
N VAL A 199 -5.38 -11.70 11.28
CA VAL A 199 -5.85 -10.67 10.34
C VAL A 199 -7.37 -10.67 10.32
N THR A 200 -7.93 -9.82 11.17
CA THR A 200 -9.35 -9.84 11.48
C THR A 200 -9.60 -8.63 12.40
N PRO A 201 -10.78 -8.44 13.03
CA PRO A 201 -10.93 -7.43 14.09
C PRO A 201 -9.90 -7.56 15.23
N LEU A 202 -8.74 -7.02 14.93
CA LEU A 202 -7.52 -7.05 15.78
C LEU A 202 -7.63 -6.30 17.11
N GLY A 203 -8.67 -6.57 17.88
CA GLY A 203 -8.76 -5.96 19.17
C GLY A 203 -7.74 -6.54 20.14
N MET A 1 -12.14 14.13 11.24
CA MET A 1 -11.70 13.40 10.03
C MET A 1 -12.20 14.13 8.80
N SER A 2 -11.54 13.94 7.65
CA SER A 2 -11.93 14.65 6.44
C SER A 2 -11.75 16.15 6.66
N ILE A 3 -12.47 16.94 5.92
CA ILE A 3 -12.38 18.36 6.01
C ILE A 3 -13.23 18.86 7.18
N GLU A 4 -14.54 19.00 6.93
CA GLU A 4 -15.55 19.24 7.96
C GLU A 4 -15.07 20.19 9.06
N ILE A 5 -15.35 21.47 8.89
CA ILE A 5 -14.84 22.48 9.78
C ILE A 5 -15.97 23.36 10.29
N TYR A 6 -15.67 24.61 10.56
CA TYR A 6 -16.66 25.56 11.04
C TYR A 6 -16.58 26.89 10.27
N PRO A 7 -15.42 27.59 10.26
CA PRO A 7 -15.29 28.94 9.64
C PRO A 7 -15.42 28.95 8.10
N ASP A 8 -16.56 28.50 7.58
CA ASP A 8 -16.83 28.58 6.15
C ASP A 8 -18.26 28.10 5.88
N ASP A 9 -18.42 26.79 5.96
CA ASP A 9 -19.71 26.15 5.74
C ASP A 9 -19.70 24.74 6.35
N GLY A 10 -18.64 24.47 7.09
CA GLY A 10 -18.42 23.13 7.59
C GLY A 10 -17.46 22.39 6.69
N ASN A 11 -16.69 23.16 5.93
CA ASN A 11 -15.75 22.62 4.97
C ASN A 11 -14.84 23.73 4.44
N THR A 12 -13.52 23.50 4.49
CA THR A 12 -12.55 24.50 4.04
C THR A 12 -11.10 24.00 4.19
N LEU A 13 -10.93 22.88 4.92
CA LEU A 13 -9.61 22.29 5.21
C LEU A 13 -8.67 22.35 4.00
N PRO A 14 -7.46 22.90 4.19
CA PRO A 14 -6.45 22.97 3.13
C PRO A 14 -5.80 21.62 2.86
N TYR A 15 -6.22 20.61 3.62
CA TYR A 15 -5.73 19.26 3.43
C TYR A 15 -6.64 18.54 2.46
N GLN A 16 -7.86 19.03 2.30
CA GLN A 16 -8.76 18.55 1.26
C GLN A 16 -8.89 17.03 1.35
N VAL A 17 -9.26 16.56 2.52
CA VAL A 17 -9.37 15.15 2.76
C VAL A 17 -10.81 14.81 3.08
N PHE A 18 -11.22 13.61 2.71
CA PHE A 18 -12.60 13.20 2.77
C PHE A 18 -12.71 11.84 2.12
N LEU A 19 -12.02 11.73 0.98
CA LEU A 19 -11.92 10.47 0.27
C LEU A 19 -10.62 10.42 -0.53
N ASN A 20 -9.50 10.78 0.10
CA ASN A 20 -8.26 10.91 -0.65
C ASN A 20 -7.52 9.58 -0.66
N LEU A 21 -7.92 8.70 0.23
CA LEU A 21 -7.33 7.38 0.30
C LEU A 21 -8.40 6.35 0.65
N GLU A 22 -8.19 5.12 0.19
CA GLU A 22 -9.13 4.04 0.42
C GLU A 22 -9.24 3.71 1.90
N ASN A 23 -10.41 3.69 2.44
CA ASN A 23 -10.56 3.15 3.78
C ASN A 23 -11.58 2.02 3.74
N GLU A 24 -11.33 0.99 4.52
CA GLU A 24 -12.22 -0.16 4.56
C GLU A 24 -12.95 -0.24 5.88
N HIS A 25 -12.62 0.68 6.79
CA HIS A 25 -13.15 0.62 8.15
C HIS A 25 -13.22 2.03 8.76
N TYR A 26 -13.25 3.04 7.90
CA TYR A 26 -13.32 4.45 8.31
C TYR A 26 -14.55 4.76 9.17
N TYR A 27 -15.43 3.79 9.35
CA TYR A 27 -16.67 3.97 10.09
C TYR A 27 -16.41 4.57 11.47
N ALA A 28 -15.37 4.11 12.12
CA ALA A 28 -14.99 4.64 13.42
C ALA A 28 -13.48 4.63 13.59
N GLN A 29 -12.80 3.90 12.73
CA GLN A 29 -11.36 3.72 12.83
C GLN A 29 -10.62 4.96 12.40
N ALA A 30 -11.16 5.65 11.41
CA ALA A 30 -10.57 6.86 10.88
C ALA A 30 -10.87 8.03 11.81
N ILE A 31 -11.67 7.77 12.83
CA ILE A 31 -12.09 8.80 13.74
C ILE A 31 -11.17 8.86 14.96
N GLN A 32 -10.74 7.70 15.44
CA GLN A 32 -9.87 7.60 16.60
C GLN A 32 -8.59 8.42 16.38
N LEU A 33 -8.01 8.23 15.21
CA LEU A 33 -6.79 8.91 14.85
C LEU A 33 -7.05 10.19 14.02
N ALA A 34 -8.32 10.45 13.71
CA ALA A 34 -8.72 11.55 12.82
C ALA A 34 -7.99 12.85 13.12
N GLN A 35 -8.15 13.37 14.33
CA GLN A 35 -7.55 14.64 14.72
C GLN A 35 -6.03 14.56 14.76
N LEU A 36 -5.50 13.35 14.71
CA LEU A 36 -4.06 13.15 14.60
C LEU A 36 -3.67 13.18 13.14
N PHE A 37 -4.50 12.50 12.35
CA PHE A 37 -4.28 12.34 10.93
C PHE A 37 -4.51 13.66 10.20
N ALA A 38 -5.38 14.48 10.74
CA ALA A 38 -5.63 15.79 10.14
C ALA A 38 -4.51 16.78 10.48
N HIS A 39 -3.47 16.28 11.14
CA HIS A 39 -2.47 17.15 11.73
C HIS A 39 -1.10 17.01 11.03
N GLU A 40 -0.56 15.79 10.96
CA GLU A 40 0.79 15.58 10.43
C GLU A 40 0.82 15.03 9.01
N VAL A 41 -0.24 15.17 8.27
CA VAL A 41 -0.27 14.62 6.93
C VAL A 41 0.23 15.63 5.92
N ASP A 42 0.23 15.24 4.67
CA ASP A 42 0.69 16.12 3.60
C ASP A 42 -0.50 16.88 3.04
N ASP A 43 -0.28 17.79 2.10
CA ASP A 43 -1.36 18.59 1.49
C ASP A 43 -2.49 17.69 1.00
N ASN A 44 -2.14 16.47 0.62
CA ASN A 44 -3.13 15.49 0.18
C ASN A 44 -3.97 14.97 1.34
N GLY A 45 -3.30 14.71 2.46
CA GLY A 45 -3.99 14.19 3.62
C GLY A 45 -3.63 12.75 3.94
N GLN A 46 -2.44 12.31 3.54
CA GLN A 46 -1.97 10.96 3.87
C GLN A 46 -0.84 11.00 4.89
N LEU A 47 -0.69 9.90 5.63
CA LEU A 47 0.37 9.73 6.63
C LEU A 47 1.73 10.19 6.10
N ASP A 48 2.30 11.22 6.73
CA ASP A 48 3.61 11.71 6.31
C ASP A 48 4.65 11.21 7.28
N LEU A 49 5.44 10.22 6.88
CA LEU A 49 6.38 9.56 7.80
C LEU A 49 7.37 10.53 8.41
N ALA A 50 7.47 11.72 7.83
CA ALA A 50 8.32 12.75 8.39
C ALA A 50 7.73 13.31 9.67
N LYS A 51 6.47 13.72 9.61
CA LYS A 51 5.80 14.35 10.75
C LYS A 51 4.83 13.38 11.39
N ALA A 52 4.10 12.66 10.56
CA ALA A 52 3.06 11.76 11.03
C ALA A 52 3.64 10.55 11.72
N LEU A 53 4.96 10.42 11.67
CA LEU A 53 5.63 9.40 12.46
C LEU A 53 5.58 9.81 13.92
N LYS A 54 5.42 11.12 14.12
CA LYS A 54 5.20 11.70 15.43
C LYS A 54 3.72 11.64 15.75
N LYS A 55 2.91 11.81 14.71
CA LYS A 55 1.47 11.68 14.81
C LYS A 55 1.11 10.28 15.25
N ALA A 56 1.89 9.32 14.78
CA ALA A 56 1.70 7.91 15.11
C ALA A 56 1.89 7.68 16.59
N GLN A 57 2.76 8.49 17.18
CA GLN A 57 3.09 8.40 18.59
C GLN A 57 1.92 8.85 19.45
N ALA A 58 0.90 9.41 18.81
CA ALA A 58 -0.27 9.90 19.51
C ALA A 58 -1.51 9.05 19.19
N GLN A 59 -1.29 7.89 18.58
CA GLN A 59 -2.40 7.04 18.15
C GLN A 59 -3.18 6.46 19.33
N PRO A 60 -4.47 6.13 19.10
CA PRO A 60 -5.34 5.49 20.09
C PRO A 60 -4.64 4.42 20.92
N ASP A 61 -4.08 3.39 20.28
CA ASP A 61 -3.50 2.28 21.04
C ASP A 61 -1.96 2.23 20.94
N LEU A 62 -1.43 1.81 19.79
CA LEU A 62 0.02 1.73 19.63
C LEU A 62 0.56 2.85 18.74
N ALA A 63 1.63 2.55 18.00
CA ALA A 63 2.32 3.53 17.18
C ALA A 63 2.85 2.88 15.92
N ILE A 64 3.83 3.50 15.29
CA ILE A 64 4.47 2.94 14.10
C ILE A 64 4.90 1.49 14.33
N ILE A 65 4.38 0.58 13.52
CA ILE A 65 4.79 -0.81 13.63
C ILE A 65 5.34 -1.31 12.30
N ALA A 66 4.81 -0.81 11.21
CA ALA A 66 5.16 -1.32 9.90
C ALA A 66 5.69 -0.23 8.97
N THR A 67 6.93 -0.37 8.59
CA THR A 67 7.55 0.44 7.57
C THR A 67 8.29 -0.48 6.61
N ASN A 68 7.53 -1.21 5.82
CA ASN A 68 8.07 -2.32 5.04
C ASN A 68 7.63 -2.28 3.59
N ASN A 69 8.54 -2.58 2.69
CA ASN A 69 8.25 -2.55 1.26
C ASN A 69 8.50 -3.92 0.66
N MET A 70 8.38 -4.03 -0.67
CA MET A 70 8.58 -5.30 -1.33
C MET A 70 9.43 -5.11 -2.58
N THR A 71 10.32 -6.07 -2.84
CA THR A 71 11.16 -6.05 -4.02
C THR A 71 10.87 -7.26 -4.88
N LEU A 72 10.10 -7.03 -5.92
CA LEU A 72 9.68 -8.08 -6.84
C LEU A 72 10.13 -7.72 -8.23
N LYS A 73 10.78 -8.63 -8.91
CA LYS A 73 11.24 -8.35 -10.25
C LYS A 73 11.09 -9.59 -11.10
N LYS A 74 10.93 -9.37 -12.38
CA LYS A 74 10.79 -10.44 -13.32
C LYS A 74 11.73 -10.23 -14.47
N SER A 75 12.00 -11.30 -15.16
CA SER A 75 13.15 -11.39 -16.01
C SER A 75 13.25 -12.80 -16.53
N PHE A 76 13.91 -12.98 -17.66
CA PHE A 76 14.12 -14.31 -18.24
C PHE A 76 15.16 -15.10 -17.44
N SER A 77 15.23 -14.77 -16.17
CA SER A 77 15.94 -15.53 -15.17
C SER A 77 15.05 -16.70 -14.72
N THR A 78 15.28 -17.24 -13.54
CA THR A 78 14.47 -18.34 -13.08
C THR A 78 13.46 -17.88 -12.03
N LEU A 79 12.31 -18.53 -12.02
CA LEU A 79 11.25 -18.25 -11.06
C LEU A 79 11.67 -18.71 -9.68
N SER A 80 12.85 -19.32 -9.64
CA SER A 80 13.50 -19.73 -8.41
C SER A 80 13.67 -18.53 -7.47
N ALA A 81 13.67 -17.33 -8.05
CA ALA A 81 13.80 -16.13 -7.27
C ALA A 81 12.58 -15.24 -7.45
N LEU A 82 12.10 -15.14 -8.69
CA LEU A 82 11.01 -14.24 -9.04
C LEU A 82 9.75 -14.54 -8.22
N THR A 83 9.22 -15.74 -8.37
CA THR A 83 7.98 -16.11 -7.70
C THR A 83 8.23 -16.44 -6.23
N THR A 84 9.44 -16.88 -5.93
CA THR A 84 9.81 -17.19 -4.56
C THR A 84 9.71 -15.95 -3.70
N THR A 85 10.26 -14.84 -4.17
CA THR A 85 10.21 -13.63 -3.41
C THR A 85 8.81 -13.05 -3.45
N LEU A 86 8.16 -13.14 -4.62
CA LEU A 86 6.80 -12.62 -4.82
C LEU A 86 5.83 -13.27 -3.84
N SER A 87 5.96 -14.57 -3.63
CA SER A 87 5.06 -15.27 -2.75
C SER A 87 5.25 -14.81 -1.30
N GLU A 88 6.50 -14.75 -0.86
CA GLU A 88 6.81 -14.30 0.48
C GLU A 88 6.45 -12.84 0.69
N GLN A 89 6.45 -12.06 -0.37
CA GLN A 89 6.07 -10.66 -0.29
C GLN A 89 4.62 -10.48 -0.75
N LEU A 90 3.91 -11.57 -0.99
CA LEU A 90 2.49 -11.50 -1.25
C LEU A 90 1.81 -11.17 0.06
N LYS A 91 2.47 -11.55 1.14
CA LYS A 91 2.08 -11.14 2.48
C LYS A 91 2.21 -9.62 2.63
N ILE A 92 2.90 -9.00 1.68
CA ILE A 92 3.15 -7.55 1.69
C ILE A 92 2.03 -6.80 0.94
N GLU A 93 1.02 -7.54 0.47
CA GLU A 93 -0.12 -6.91 -0.20
C GLU A 93 -1.03 -6.22 0.82
N GLY A 94 -0.63 -6.25 2.08
CA GLY A 94 -1.40 -5.62 3.12
C GLY A 94 -2.34 -6.59 3.81
N VAL A 95 -1.76 -7.49 4.61
CA VAL A 95 -2.55 -8.41 5.41
C VAL A 95 -3.12 -7.71 6.64
N LEU A 96 -3.82 -6.62 6.39
CA LEU A 96 -4.43 -5.83 7.44
C LEU A 96 -5.89 -6.26 7.60
N GLY A 97 -6.77 -5.73 6.77
CA GLY A 97 -8.12 -6.24 6.66
C GLY A 97 -8.26 -7.12 5.43
N ILE A 98 -7.42 -8.15 5.34
CA ILE A 98 -7.33 -9.00 4.14
C ILE A 98 -8.69 -9.61 3.76
N SER A 99 -8.73 -10.31 2.63
CA SER A 99 -9.98 -10.81 2.09
C SER A 99 -10.31 -12.20 2.62
N GLN A 100 -11.27 -12.86 1.98
CA GLN A 100 -11.69 -14.21 2.39
C GLN A 100 -10.51 -15.16 2.29
N ASP A 101 -9.73 -15.00 1.22
CA ASP A 101 -8.51 -15.76 1.06
C ASP A 101 -7.34 -14.81 0.89
N THR A 102 -7.17 -14.32 -0.33
CA THR A 102 -6.02 -13.54 -0.73
C THR A 102 -4.71 -14.13 -0.21
N TYR A 103 -4.54 -15.43 -0.46
CA TYR A 103 -3.30 -16.12 -0.18
C TYR A 103 -2.81 -16.79 -1.46
N ILE A 104 -1.95 -17.78 -1.30
CA ILE A 104 -1.33 -18.42 -2.44
C ILE A 104 -2.31 -19.40 -3.08
N GLN A 105 -2.02 -19.82 -4.32
CA GLN A 105 -2.88 -20.72 -5.09
C GLN A 105 -4.14 -19.99 -5.56
N ASN A 106 -4.67 -19.14 -4.69
CA ASN A 106 -5.81 -18.29 -5.00
C ASN A 106 -5.32 -17.17 -5.90
N ILE A 107 -4.05 -16.87 -5.69
CA ILE A 107 -3.37 -15.80 -6.39
C ILE A 107 -2.12 -16.32 -7.08
N LEU A 108 -1.38 -17.15 -6.35
CA LEU A 108 -0.09 -17.66 -6.80
C LEU A 108 -0.24 -18.77 -7.86
N SER A 109 -1.44 -18.97 -8.38
CA SER A 109 -1.67 -20.00 -9.40
C SER A 109 -0.93 -19.66 -10.69
N HIS A 110 -1.01 -18.39 -11.12
CA HIS A 110 -0.33 -17.96 -12.33
C HIS A 110 1.16 -17.72 -12.08
N ALA A 111 1.55 -17.71 -10.82
CA ALA A 111 2.96 -17.61 -10.48
C ALA A 111 3.68 -18.89 -10.86
N PHE A 112 3.00 -20.01 -10.71
CA PHE A 112 3.56 -21.29 -11.07
C PHE A 112 3.49 -21.53 -12.58
N CYS A 113 2.53 -20.88 -13.22
CA CYS A 113 2.34 -21.04 -14.66
C CYS A 113 1.90 -19.72 -15.31
N ASP A 114 2.84 -19.03 -15.95
CA ASP A 114 2.58 -17.78 -16.68
C ASP A 114 1.96 -16.71 -15.77
N LEU A 115 2.78 -15.76 -15.33
CA LEU A 115 2.35 -14.81 -14.32
C LEU A 115 1.41 -13.74 -14.88
N GLU A 116 0.15 -14.12 -15.09
CA GLU A 116 -0.88 -13.16 -15.42
C GLU A 116 -1.49 -12.60 -14.15
N THR A 117 -1.16 -13.27 -13.04
CA THR A 117 -1.63 -12.93 -11.70
C THR A 117 -3.13 -12.65 -11.68
N GLN A 118 -3.87 -13.48 -12.43
CA GLN A 118 -5.32 -13.34 -12.63
C GLN A 118 -5.72 -11.89 -12.89
N LYS A 119 -4.87 -11.18 -13.65
CA LYS A 119 -5.03 -9.75 -13.95
C LYS A 119 -5.52 -8.97 -12.74
N ASP A 120 -4.93 -9.28 -11.60
CA ASP A 120 -5.39 -8.73 -10.32
C ASP A 120 -5.09 -7.24 -10.20
N LYS A 121 -6.12 -6.48 -9.86
CA LYS A 121 -6.02 -5.05 -9.57
C LYS A 121 -5.81 -4.21 -10.82
N PRO A 122 -6.61 -3.13 -10.97
CA PRO A 122 -6.45 -2.15 -12.03
C PRO A 122 -5.18 -1.33 -11.82
N TRP A 123 -4.05 -2.00 -11.88
CA TRP A 123 -2.76 -1.38 -11.66
C TRP A 123 -2.44 -0.37 -12.76
N PHE A 124 -2.58 0.91 -12.44
CA PHE A 124 -2.34 1.97 -13.41
C PHE A 124 -0.87 2.34 -13.46
N HIS A 125 -0.37 2.56 -14.68
CA HIS A 125 1.02 2.94 -14.88
C HIS A 125 1.15 3.81 -16.14
N ILE A 126 1.35 5.12 -15.98
CA ILE A 126 1.53 5.97 -17.16
C ILE A 126 2.55 7.09 -16.98
N ASN A 127 3.81 6.81 -16.72
CA ASN A 127 4.83 7.82 -16.98
C ASN A 127 5.87 7.29 -17.95
N ALA A 128 6.29 8.03 -18.94
CA ALA A 128 7.57 7.76 -19.60
C ALA A 128 8.71 8.51 -18.94
N GLN A 129 9.92 8.35 -19.48
CA GLN A 129 10.98 9.33 -19.28
C GLN A 129 11.94 9.27 -20.47
N PRO A 130 12.45 10.43 -20.91
CA PRO A 130 13.36 10.51 -22.06
C PRO A 130 14.66 9.75 -21.83
N ASP A 131 14.65 8.47 -22.19
CA ASP A 131 15.80 7.60 -22.00
C ASP A 131 15.90 6.59 -23.12
N ALA A 132 14.88 5.75 -23.27
CA ALA A 132 14.90 4.68 -24.26
C ALA A 132 16.07 3.76 -23.97
N GLY A 133 16.15 3.33 -22.73
CA GLY A 133 17.18 2.40 -22.36
C GLY A 133 17.26 2.25 -20.88
N HIS A 134 17.02 3.33 -20.18
CA HIS A 134 16.89 3.31 -18.74
C HIS A 134 15.64 4.05 -18.36
N SER A 135 14.49 3.44 -18.62
CA SER A 135 13.24 4.13 -18.46
C SER A 135 12.29 3.36 -17.56
N VAL A 136 11.11 3.93 -17.37
CA VAL A 136 10.09 3.37 -16.53
C VAL A 136 8.73 3.97 -16.93
N THR A 137 7.72 3.13 -17.14
CA THR A 137 6.38 3.64 -17.34
C THR A 137 5.48 3.09 -16.25
N SER A 138 5.39 3.82 -15.16
CA SER A 138 4.74 3.28 -13.98
C SER A 138 3.92 4.32 -13.29
N TYR A 139 2.81 3.90 -12.75
CA TYR A 139 2.05 4.74 -11.85
C TYR A 139 1.83 3.93 -10.58
N SER A 140 1.39 4.57 -9.52
CA SER A 140 1.16 3.86 -8.29
C SER A 140 -0.33 3.61 -8.06
N TYR A 141 -0.69 2.35 -7.93
CA TYR A 141 -1.98 1.96 -7.41
C TYR A 141 -1.93 1.95 -5.89
N SER A 142 -3.03 1.66 -5.23
CA SER A 142 -3.04 1.42 -3.79
C SER A 142 -2.78 2.68 -2.97
N LEU A 143 -3.57 2.79 -1.92
CA LEU A 143 -3.74 4.01 -1.15
C LEU A 143 -3.85 3.60 0.30
N PHE A 144 -4.24 4.50 1.17
CA PHE A 144 -4.00 4.30 2.59
C PHE A 144 -5.33 4.15 3.31
N ILE A 145 -5.33 3.26 4.32
CA ILE A 145 -6.54 2.75 4.94
C ILE A 145 -6.45 2.78 6.46
N VAL A 146 -7.55 2.42 7.10
CA VAL A 146 -7.57 2.13 8.52
C VAL A 146 -8.36 0.84 8.73
N SER A 147 -8.09 0.14 9.81
CA SER A 147 -8.69 -1.16 10.06
C SER A 147 -9.28 -1.22 11.46
N GLN A 148 -10.05 -2.26 11.73
CA GLN A 148 -10.82 -2.32 12.97
C GLN A 148 -10.58 -3.61 13.74
N GLY A 149 -10.35 -3.46 15.02
CA GLY A 149 -10.31 -4.59 15.90
C GLY A 149 -11.53 -4.60 16.78
N GLU A 150 -12.26 -5.69 16.81
CA GLU A 150 -13.50 -5.73 17.56
C GLU A 150 -13.27 -6.31 18.94
N GLU A 151 -12.30 -7.21 19.02
CA GLU A 151 -11.97 -7.92 20.25
C GLU A 151 -11.84 -6.95 21.44
N THR A 152 -11.01 -5.92 21.28
CA THR A 152 -10.86 -4.89 22.31
C THR A 152 -11.34 -3.52 21.81
N GLY A 153 -11.72 -3.45 20.54
CA GLY A 153 -12.01 -2.17 19.93
C GLY A 153 -10.75 -1.49 19.45
N ALA A 154 -9.92 -2.23 18.74
CA ALA A 154 -8.65 -1.73 18.26
C ALA A 154 -8.78 -1.19 16.84
N MET A 155 -7.67 -0.76 16.27
CA MET A 155 -7.65 -0.26 14.90
C MET A 155 -6.23 -0.29 14.34
N MET A 156 -6.04 0.29 13.18
CA MET A 156 -4.73 0.34 12.55
C MET A 156 -4.68 1.42 11.47
N ALA A 157 -3.78 2.38 11.65
CA ALA A 157 -3.59 3.44 10.68
C ALA A 157 -2.63 2.98 9.60
N ALA A 158 -3.17 2.61 8.46
CA ALA A 158 -2.39 1.91 7.45
C ALA A 158 -2.18 2.77 6.21
N GLY A 159 -1.08 2.53 5.51
CA GLY A 159 -0.80 3.30 4.32
C GLY A 159 0.06 2.57 3.30
N PRO A 160 -0.51 1.60 2.57
CA PRO A 160 0.22 0.94 1.49
C PRO A 160 -0.03 1.57 0.12
N LEU A 161 0.98 1.48 -0.75
CA LEU A 161 0.79 1.82 -2.15
C LEU A 161 1.54 0.83 -3.01
N ILE A 162 1.03 0.55 -4.20
CA ILE A 162 1.59 -0.49 -5.06
C ILE A 162 2.08 0.14 -6.36
N ILE A 163 3.29 -0.19 -6.75
CA ILE A 163 3.87 0.45 -7.92
C ILE A 163 4.10 -0.55 -9.04
N THR A 164 3.43 -0.30 -10.15
CA THR A 164 3.55 -1.15 -11.31
C THR A 164 4.63 -0.61 -12.22
N VAL A 165 5.76 -1.29 -12.24
CA VAL A 165 6.92 -0.86 -12.99
C VAL A 165 7.09 -1.66 -14.28
N THR A 166 6.77 -1.00 -15.38
CA THR A 166 6.92 -1.57 -16.72
C THR A 166 7.53 -0.49 -17.63
N PRO A 167 8.83 -0.54 -17.88
CA PRO A 167 9.55 0.59 -18.43
C PRO A 167 9.45 0.81 -19.93
N ASN A 168 9.92 1.99 -20.34
CA ASN A 168 9.92 2.43 -21.74
C ASN A 168 11.29 2.20 -22.40
N THR A 169 12.25 1.73 -21.59
CA THR A 169 13.58 1.35 -22.10
C THR A 169 13.51 0.61 -23.43
N ALA A 170 14.56 0.78 -24.21
CA ALA A 170 14.52 0.51 -25.65
C ALA A 170 14.66 -0.96 -26.04
N ILE A 171 15.65 -1.66 -25.48
CA ILE A 171 16.08 -2.93 -26.06
C ILE A 171 16.01 -4.02 -25.01
N SER A 172 15.74 -5.23 -25.44
CA SER A 172 15.74 -6.33 -24.54
C SER A 172 16.40 -7.55 -25.16
N ASP A 173 17.62 -7.36 -25.61
CA ASP A 173 18.38 -8.44 -26.22
C ASP A 173 19.73 -8.61 -25.52
N ILE A 174 20.79 -8.84 -26.28
CA ILE A 174 22.14 -9.02 -25.72
C ILE A 174 22.77 -7.63 -25.58
N PHE A 175 21.89 -6.67 -25.59
CA PHE A 175 22.18 -5.27 -25.64
C PHE A 175 21.49 -4.60 -24.45
N ASN A 176 21.12 -3.35 -24.63
CA ASN A 176 20.45 -2.52 -23.63
C ASN A 176 19.47 -3.28 -22.69
N THR A 177 19.17 -2.60 -21.60
CA THR A 177 18.82 -3.08 -20.26
C THR A 177 17.84 -4.28 -20.11
N LYS A 178 17.12 -4.67 -21.17
CA LYS A 178 15.96 -5.61 -21.10
C LYS A 178 14.66 -4.84 -20.86
N ASP A 179 14.21 -4.23 -21.95
CA ASP A 179 13.00 -3.43 -22.01
C ASP A 179 11.74 -4.28 -21.78
N TRP A 180 11.91 -5.59 -21.80
CA TRP A 180 10.79 -6.51 -21.83
C TRP A 180 10.58 -7.19 -20.47
N ARG A 181 11.63 -7.32 -19.69
CA ARG A 181 11.52 -7.92 -18.38
C ARG A 181 11.08 -6.88 -17.37
N LEU A 182 10.22 -7.28 -16.47
CA LEU A 182 9.48 -6.30 -15.67
C LEU A 182 9.93 -6.33 -14.22
N THR A 183 9.38 -5.43 -13.42
CA THR A 183 9.76 -5.30 -12.02
C THR A 183 8.64 -4.61 -11.23
N LEU A 184 8.34 -5.09 -10.02
CA LEU A 184 7.28 -4.52 -9.21
C LEU A 184 7.74 -4.32 -7.76
N GLN A 185 7.72 -3.08 -7.30
CA GLN A 185 8.03 -2.77 -5.91
C GLN A 185 6.99 -1.84 -5.35
N LYS A 186 6.92 -1.72 -4.03
CA LYS A 186 5.94 -0.80 -3.43
C LYS A 186 6.12 -0.66 -1.93
N GLU A 187 5.42 0.32 -1.35
CA GLU A 187 5.69 0.72 0.03
C GLU A 187 4.45 0.61 0.91
N GLU A 188 4.46 -0.36 1.79
CA GLU A 188 3.51 -0.40 2.89
C GLU A 188 4.07 0.26 4.14
N ILE A 189 3.59 1.46 4.42
CA ILE A 189 3.88 2.10 5.68
C ILE A 189 2.61 2.14 6.50
N THR A 190 2.62 1.45 7.62
CA THR A 190 1.42 1.23 8.39
C THR A 190 1.70 1.33 9.89
N ILE A 191 0.94 2.19 10.53
CA ILE A 191 1.05 2.39 11.96
C ILE A 191 0.06 1.48 12.66
N GLY A 192 0.59 0.49 13.35
CA GLY A 192 -0.24 -0.45 14.03
C GLY A 192 -0.63 0.02 15.40
N VAL A 193 -1.90 -0.07 15.72
CA VAL A 193 -2.42 0.49 16.95
C VAL A 193 -3.52 -0.43 17.50
N LYS A 194 -3.09 -1.57 18.04
CA LYS A 194 -4.01 -2.70 18.21
C LYS A 194 -3.36 -3.91 18.88
N GLY A 195 -4.10 -5.02 18.85
CA GLY A 195 -3.57 -6.28 19.32
C GLY A 195 -3.72 -7.33 18.24
N PHE A 196 -3.15 -7.03 17.07
CA PHE A 196 -3.20 -7.89 15.90
C PHE A 196 -2.75 -9.31 16.23
N GLN A 197 -3.71 -10.22 16.34
CA GLN A 197 -3.41 -11.62 16.55
C GLN A 197 -3.42 -12.33 15.20
N VAL A 198 -4.56 -12.27 14.54
CA VAL A 198 -4.72 -12.80 13.19
C VAL A 198 -5.12 -11.65 12.27
N VAL A 199 -4.99 -11.82 10.96
CA VAL A 199 -5.54 -10.84 10.02
C VAL A 199 -7.05 -10.86 10.12
N THR A 200 -7.57 -9.97 10.92
CA THR A 200 -8.95 -10.02 11.35
C THR A 200 -9.20 -8.77 12.22
N PRO A 201 -10.41 -8.57 12.78
CA PRO A 201 -10.63 -7.57 13.84
C PRO A 201 -9.60 -7.66 14.97
N LEU A 202 -8.49 -7.00 14.72
CA LEU A 202 -7.28 -6.99 15.55
C LEU A 202 -7.42 -6.34 16.93
N GLY A 203 -8.44 -6.70 17.67
CA GLY A 203 -8.54 -6.21 19.02
C GLY A 203 -7.68 -7.00 19.99
N MET A 1 -12.05 14.22 11.03
CA MET A 1 -11.49 13.61 9.79
C MET A 1 -11.92 14.43 8.59
N SER A 2 -11.18 14.32 7.48
CA SER A 2 -11.49 15.09 6.29
C SER A 2 -11.28 16.57 6.55
N ILE A 3 -11.81 17.38 5.66
CA ILE A 3 -11.65 18.80 5.71
C ILE A 3 -12.56 19.37 6.80
N GLU A 4 -13.81 19.66 6.44
CA GLU A 4 -14.87 20.03 7.38
C GLU A 4 -14.42 21.08 8.40
N ILE A 5 -14.64 22.35 8.08
CA ILE A 5 -14.15 23.42 8.92
C ILE A 5 -15.24 24.44 9.21
N TYR A 6 -14.83 25.68 9.44
CA TYR A 6 -15.76 26.75 9.73
C TYR A 6 -15.36 28.04 8.99
N PRO A 7 -14.11 28.55 9.14
CA PRO A 7 -13.64 29.78 8.46
C PRO A 7 -13.58 29.66 6.93
N ASP A 8 -14.73 29.47 6.30
CA ASP A 8 -14.86 29.44 4.84
C ASP A 8 -16.31 29.25 4.50
N ASP A 9 -16.79 28.09 4.90
CA ASP A 9 -18.18 27.69 4.71
C ASP A 9 -18.46 26.40 5.48
N GLY A 10 -17.39 25.65 5.71
CA GLY A 10 -17.50 24.35 6.34
C GLY A 10 -16.53 23.37 5.72
N ASN A 11 -15.62 23.92 4.91
CA ASN A 11 -14.66 23.10 4.17
C ASN A 11 -13.60 24.01 3.54
N THR A 12 -12.32 23.80 3.89
CA THR A 12 -11.25 24.63 3.36
C THR A 12 -9.85 24.05 3.66
N LEU A 13 -9.79 22.94 4.41
CA LEU A 13 -8.52 22.26 4.77
C LEU A 13 -7.50 22.29 3.63
N PRO A 14 -6.31 22.84 3.87
CA PRO A 14 -5.20 22.78 2.90
C PRO A 14 -4.64 21.37 2.81
N TYR A 15 -5.19 20.47 3.62
CA TYR A 15 -4.82 19.08 3.59
C TYR A 15 -5.71 18.31 2.62
N GLN A 16 -6.80 18.97 2.20
CA GLN A 16 -7.59 18.50 1.07
C GLN A 16 -7.98 17.04 1.21
N VAL A 17 -8.45 16.67 2.40
CA VAL A 17 -8.72 15.30 2.67
C VAL A 17 -10.18 15.11 2.97
N PHE A 18 -10.70 13.96 2.60
CA PHE A 18 -12.13 13.72 2.63
C PHE A 18 -12.36 12.34 2.05
N LEU A 19 -11.69 12.09 0.93
CA LEU A 19 -11.71 10.80 0.29
C LEU A 19 -10.44 10.60 -0.53
N ASN A 20 -9.29 10.94 0.03
CA ASN A 20 -8.07 10.95 -0.76
C ASN A 20 -7.41 9.58 -0.72
N LEU A 21 -7.82 8.75 0.22
CA LEU A 21 -7.22 7.44 0.35
C LEU A 21 -8.26 6.39 0.72
N GLU A 22 -7.97 5.16 0.31
CA GLU A 22 -8.85 4.02 0.54
C GLU A 22 -9.00 3.71 2.01
N ASN A 23 -10.20 3.62 2.50
CA ASN A 23 -10.37 3.05 3.83
C ASN A 23 -11.32 1.88 3.73
N GLU A 24 -11.07 0.84 4.51
CA GLU A 24 -11.94 -0.32 4.49
C GLU A 24 -12.69 -0.45 5.81
N HIS A 25 -12.41 0.48 6.72
CA HIS A 25 -12.96 0.41 8.09
C HIS A 25 -13.12 1.82 8.66
N TYR A 26 -13.19 2.79 7.76
CA TYR A 26 -13.37 4.21 8.12
C TYR A 26 -14.61 4.49 8.98
N TYR A 27 -15.45 3.47 9.19
CA TYR A 27 -16.67 3.61 9.98
C TYR A 27 -16.42 4.36 11.28
N ALA A 28 -15.44 3.88 12.04
CA ALA A 28 -15.06 4.54 13.28
C ALA A 28 -13.55 4.57 13.45
N GLN A 29 -12.87 3.82 12.59
CA GLN A 29 -11.42 3.66 12.71
C GLN A 29 -10.69 4.92 12.25
N ALA A 30 -11.26 5.60 11.26
CA ALA A 30 -10.67 6.80 10.72
C ALA A 30 -10.91 7.96 11.66
N ILE A 31 -11.68 7.70 12.70
CA ILE A 31 -12.04 8.73 13.67
C ILE A 31 -11.07 8.75 14.84
N GLN A 32 -10.67 7.56 15.28
CA GLN A 32 -9.76 7.40 16.41
C GLN A 32 -8.51 8.24 16.20
N LEU A 33 -7.97 8.15 15.00
CA LEU A 33 -6.76 8.87 14.65
C LEU A 33 -7.04 10.14 13.83
N ALA A 34 -8.32 10.39 13.52
CA ALA A 34 -8.72 11.49 12.64
C ALA A 34 -8.02 12.81 12.96
N GLN A 35 -8.21 13.30 14.17
CA GLN A 35 -7.63 14.58 14.59
C GLN A 35 -6.11 14.53 14.64
N LEU A 36 -5.56 13.34 14.55
CA LEU A 36 -4.12 13.16 14.47
C LEU A 36 -3.72 13.23 13.01
N PHE A 37 -4.46 12.49 12.22
CA PHE A 37 -4.22 12.33 10.80
C PHE A 37 -4.50 13.63 10.06
N ALA A 38 -5.37 14.45 10.62
CA ALA A 38 -5.71 15.72 10.01
C ALA A 38 -4.61 16.77 10.23
N HIS A 39 -3.55 16.39 10.94
CA HIS A 39 -2.52 17.36 11.30
C HIS A 39 -1.16 17.07 10.66
N GLU A 40 -0.61 15.87 10.86
CA GLU A 40 0.77 15.58 10.43
C GLU A 40 0.88 15.01 9.03
N VAL A 41 -0.13 15.18 8.22
CA VAL A 41 -0.09 14.61 6.89
C VAL A 41 0.48 15.58 5.88
N ASP A 42 0.54 15.15 4.64
CA ASP A 42 1.05 15.98 3.56
C ASP A 42 -0.11 16.74 2.92
N ASP A 43 0.15 17.65 1.98
CA ASP A 43 -0.93 18.47 1.40
C ASP A 43 -2.02 17.61 0.75
N ASN A 44 -1.67 16.36 0.44
CA ASN A 44 -2.66 15.39 -0.05
C ASN A 44 -3.56 14.90 1.08
N GLY A 45 -2.96 14.69 2.25
CA GLY A 45 -3.72 14.21 3.39
C GLY A 45 -3.36 12.79 3.80
N GLN A 46 -2.16 12.33 3.45
CA GLN A 46 -1.71 10.98 3.83
C GLN A 46 -0.60 11.05 4.88
N LEU A 47 -0.47 9.97 5.66
CA LEU A 47 0.57 9.81 6.68
C LEU A 47 1.94 10.28 6.19
N ASP A 48 2.51 11.29 6.85
CA ASP A 48 3.84 11.76 6.49
C ASP A 48 4.85 11.23 7.50
N LEU A 49 5.75 10.37 7.08
CA LEU A 49 6.65 9.71 8.04
C LEU A 49 7.58 10.71 8.72
N ALA A 50 7.61 11.93 8.21
CA ALA A 50 8.41 12.98 8.83
C ALA A 50 7.70 13.55 10.05
N LYS A 51 6.44 13.90 9.89
CA LYS A 51 5.67 14.53 10.97
C LYS A 51 4.70 13.53 11.57
N ALA A 52 4.04 12.77 10.71
CA ALA A 52 3.02 11.83 11.14
C ALA A 52 3.62 10.64 11.85
N LEU A 53 4.94 10.55 11.85
CA LEU A 53 5.62 9.57 12.65
C LEU A 53 5.53 9.99 14.11
N LYS A 54 5.31 11.29 14.30
CA LYS A 54 5.04 11.88 15.60
C LYS A 54 3.55 11.76 15.87
N LYS A 55 2.77 11.91 14.79
CA LYS A 55 1.32 11.73 14.85
C LYS A 55 0.99 10.31 15.27
N ALA A 56 1.80 9.38 14.81
CA ALA A 56 1.63 7.95 15.10
C ALA A 56 1.81 7.69 16.57
N GLN A 57 2.59 8.53 17.22
CA GLN A 57 2.89 8.40 18.63
C GLN A 57 1.67 8.80 19.46
N ALA A 58 0.67 9.36 18.80
CA ALA A 58 -0.55 9.77 19.47
C ALA A 58 -1.73 8.88 19.08
N GLN A 59 -1.46 7.76 18.42
CA GLN A 59 -2.51 6.86 17.94
C GLN A 59 -3.30 6.25 19.09
N PRO A 60 -4.57 5.92 18.83
CA PRO A 60 -5.48 5.27 19.77
C PRO A 60 -4.79 4.31 20.75
N ASP A 61 -4.07 3.31 20.24
CA ASP A 61 -3.47 2.32 21.11
C ASP A 61 -1.94 2.35 21.03
N LEU A 62 -1.38 1.87 19.93
CA LEU A 62 0.08 1.86 19.77
C LEU A 62 0.53 2.93 18.78
N ALA A 63 1.62 2.64 18.05
CA ALA A 63 2.29 3.63 17.24
C ALA A 63 2.91 2.97 16.01
N ILE A 64 3.87 3.64 15.40
CA ILE A 64 4.60 3.08 14.26
C ILE A 64 5.13 1.69 14.57
N ILE A 65 4.65 0.70 13.83
CA ILE A 65 5.13 -0.67 14.02
C ILE A 65 5.63 -1.25 12.70
N ALA A 66 5.06 -0.81 11.60
CA ALA A 66 5.35 -1.40 10.30
C ALA A 66 5.84 -0.35 9.30
N THR A 67 7.09 -0.48 8.91
CA THR A 67 7.68 0.33 7.86
C THR A 67 8.49 -0.56 6.94
N ASN A 68 7.78 -1.36 6.14
CA ASN A 68 8.41 -2.40 5.33
C ASN A 68 7.99 -2.29 3.87
N ASN A 69 8.91 -2.60 2.97
CA ASN A 69 8.61 -2.52 1.55
C ASN A 69 8.88 -3.88 0.90
N MET A 70 8.74 -3.95 -0.41
CA MET A 70 8.92 -5.21 -1.12
C MET A 70 9.71 -4.98 -2.40
N THR A 71 10.52 -5.96 -2.78
CA THR A 71 11.24 -5.92 -4.04
C THR A 71 10.90 -7.13 -4.90
N LEU A 72 10.08 -6.90 -5.90
CA LEU A 72 9.57 -7.95 -6.77
C LEU A 72 9.91 -7.61 -8.20
N LYS A 73 10.49 -8.53 -8.93
CA LYS A 73 10.84 -8.25 -10.30
C LYS A 73 10.67 -9.49 -11.14
N LYS A 74 10.46 -9.27 -12.41
CA LYS A 74 10.28 -10.34 -13.36
C LYS A 74 11.12 -10.11 -14.59
N SER A 75 11.20 -11.15 -15.38
CA SER A 75 12.24 -11.32 -16.37
C SER A 75 12.03 -12.65 -17.04
N PHE A 76 12.59 -12.83 -18.23
CA PHE A 76 12.36 -14.03 -19.04
C PHE A 76 13.12 -15.21 -18.43
N SER A 77 13.67 -14.96 -17.27
CA SER A 77 14.23 -15.98 -16.40
C SER A 77 13.09 -16.85 -15.85
N THR A 78 13.31 -17.52 -14.74
CA THR A 78 12.32 -18.42 -14.20
C THR A 78 11.60 -17.82 -13.00
N LEU A 79 10.34 -18.21 -12.84
CA LEU A 79 9.56 -17.79 -11.69
C LEU A 79 10.07 -18.47 -10.44
N SER A 80 11.07 -19.33 -10.64
CA SER A 80 11.81 -19.94 -9.54
C SER A 80 12.42 -18.87 -8.65
N ALA A 81 12.67 -17.70 -9.21
CA ALA A 81 13.19 -16.58 -8.43
C ALA A 81 12.09 -15.56 -8.19
N LEU A 82 11.28 -15.32 -9.22
CA LEU A 82 10.21 -14.32 -9.16
C LEU A 82 9.25 -14.59 -8.01
N THR A 83 8.78 -15.83 -7.90
CA THR A 83 7.84 -16.19 -6.83
C THR A 83 8.54 -16.26 -5.49
N THR A 84 9.80 -16.68 -5.51
CA THR A 84 10.57 -16.86 -4.29
C THR A 84 10.74 -15.55 -3.54
N THR A 85 11.22 -14.52 -4.23
CA THR A 85 11.39 -13.22 -3.60
C THR A 85 10.03 -12.67 -3.16
N LEU A 86 9.01 -12.98 -3.96
CA LEU A 86 7.65 -12.54 -3.68
C LEU A 86 7.07 -13.24 -2.45
N SER A 87 7.55 -14.43 -2.13
CA SER A 87 6.98 -15.20 -1.03
C SER A 87 7.38 -14.60 0.33
N GLU A 88 8.68 -14.36 0.50
CA GLU A 88 9.18 -13.73 1.72
C GLU A 88 8.43 -12.42 1.95
N GLN A 89 8.25 -11.68 0.88
CA GLN A 89 7.58 -10.39 0.96
C GLN A 89 6.09 -10.55 0.64
N LEU A 90 5.61 -11.78 0.64
CA LEU A 90 4.18 -12.06 0.41
C LEU A 90 3.41 -11.64 1.65
N LYS A 91 4.11 -11.52 2.75
CA LYS A 91 3.55 -10.87 3.93
C LYS A 91 3.07 -9.45 3.58
N ILE A 92 3.85 -8.78 2.75
CA ILE A 92 3.54 -7.40 2.35
C ILE A 92 2.53 -7.39 1.19
N GLU A 93 1.71 -8.44 1.12
CA GLU A 93 0.64 -8.50 0.13
C GLU A 93 -0.68 -7.98 0.71
N GLY A 94 -0.58 -7.10 1.69
CA GLY A 94 -1.76 -6.51 2.29
C GLY A 94 -2.23 -7.27 3.52
N VAL A 95 -1.29 -7.50 4.42
CA VAL A 95 -1.55 -8.24 5.65
C VAL A 95 -2.17 -7.31 6.70
N LEU A 96 -2.99 -6.40 6.23
CA LEU A 96 -3.67 -5.45 7.09
C LEU A 96 -5.09 -5.94 7.40
N GLY A 97 -5.99 -5.71 6.47
CA GLY A 97 -7.30 -6.34 6.52
C GLY A 97 -7.35 -7.53 5.58
N ILE A 98 -6.44 -8.48 5.78
CA ILE A 98 -6.36 -9.66 4.91
C ILE A 98 -7.73 -10.34 4.77
N SER A 99 -7.91 -11.09 3.70
CA SER A 99 -9.23 -11.59 3.36
C SER A 99 -9.46 -12.98 3.95
N GLN A 100 -10.52 -13.64 3.50
CA GLN A 100 -10.84 -14.96 3.99
C GLN A 100 -9.86 -15.97 3.44
N ASP A 101 -9.57 -15.86 2.15
CA ASP A 101 -8.56 -16.70 1.52
C ASP A 101 -7.25 -15.95 1.40
N THR A 102 -7.12 -15.19 0.31
CA THR A 102 -5.84 -14.59 -0.07
C THR A 102 -4.71 -15.61 0.07
N TYR A 103 -4.94 -16.79 -0.51
CA TYR A 103 -3.94 -17.86 -0.50
C TYR A 103 -3.64 -18.28 -1.93
N ILE A 104 -3.07 -19.46 -2.10
CA ILE A 104 -2.76 -19.97 -3.43
C ILE A 104 -4.00 -20.03 -4.32
N GLN A 105 -3.79 -20.05 -5.65
CA GLN A 105 -4.88 -20.08 -6.63
C GLN A 105 -5.55 -18.72 -6.77
N ASN A 106 -5.85 -18.05 -5.66
CA ASN A 106 -6.40 -16.69 -5.75
C ASN A 106 -5.24 -15.78 -6.11
N ILE A 107 -4.08 -16.19 -5.65
CA ILE A 107 -2.84 -15.50 -5.91
C ILE A 107 -2.08 -16.18 -7.05
N LEU A 108 -2.15 -17.51 -7.09
CA LEU A 108 -1.33 -18.26 -8.04
C LEU A 108 -1.94 -18.33 -9.44
N SER A 109 -3.10 -17.73 -9.65
CA SER A 109 -3.68 -17.72 -10.98
C SER A 109 -2.81 -16.89 -11.91
N HIS A 110 -2.41 -15.71 -11.44
CA HIS A 110 -1.52 -14.86 -12.21
C HIS A 110 -0.12 -15.44 -12.22
N ALA A 111 0.16 -16.32 -11.27
CA ALA A 111 1.44 -17.05 -11.21
C ALA A 111 1.59 -17.98 -12.41
N PHE A 112 0.46 -18.44 -12.95
CA PHE A 112 0.50 -19.27 -14.15
C PHE A 112 1.21 -18.53 -15.26
N CYS A 113 1.07 -17.21 -15.28
CA CYS A 113 1.92 -16.38 -16.13
C CYS A 113 2.26 -15.07 -15.43
N ASP A 114 3.46 -15.03 -14.82
CA ASP A 114 3.98 -13.84 -14.10
C ASP A 114 2.95 -13.17 -13.18
N LEU A 115 3.01 -13.46 -11.88
CA LEU A 115 2.06 -12.88 -10.94
C LEU A 115 2.68 -11.73 -10.13
N GLU A 116 2.20 -10.51 -10.28
CA GLU A 116 2.27 -9.58 -9.17
C GLU A 116 0.85 -9.39 -8.62
N THR A 117 -0.02 -9.16 -9.60
CA THR A 117 -1.48 -8.94 -9.49
C THR A 117 -2.01 -8.23 -8.23
N GLN A 118 -1.13 -7.82 -7.29
CA GLN A 118 -1.55 -7.43 -5.91
C GLN A 118 -2.74 -8.26 -5.42
N LYS A 119 -2.86 -9.43 -6.06
CA LYS A 119 -4.10 -10.20 -6.28
C LYS A 119 -5.42 -9.40 -6.28
N ASP A 120 -5.42 -8.06 -6.19
CA ASP A 120 -6.54 -7.25 -6.68
C ASP A 120 -6.17 -6.43 -7.92
N LYS A 121 -6.09 -7.01 -9.13
CA LYS A 121 -5.85 -6.22 -10.36
C LYS A 121 -4.61 -5.30 -10.23
N PRO A 122 -3.49 -5.57 -10.92
CA PRO A 122 -2.25 -4.85 -10.64
C PRO A 122 -1.88 -3.74 -11.61
N TRP A 123 -2.77 -3.26 -12.45
CA TRP A 123 -2.32 -2.26 -13.42
C TRP A 123 -2.90 -0.87 -13.21
N PHE A 124 -2.25 -0.05 -12.39
CA PHE A 124 -2.19 1.39 -12.63
C PHE A 124 -0.84 1.74 -13.24
N HIS A 125 -0.79 2.51 -14.31
CA HIS A 125 0.50 2.96 -14.85
C HIS A 125 0.37 3.93 -16.01
N ILE A 126 0.66 5.21 -15.79
CA ILE A 126 0.73 6.14 -16.90
C ILE A 126 1.94 7.08 -16.80
N ASN A 127 3.17 6.58 -16.79
CA ASN A 127 4.29 7.46 -17.13
C ASN A 127 5.07 6.90 -18.30
N ALA A 128 5.43 7.72 -19.25
CA ALA A 128 6.44 7.37 -20.24
C ALA A 128 7.85 7.79 -19.86
N GLN A 129 8.78 7.44 -20.75
CA GLN A 129 10.09 8.10 -20.89
C GLN A 129 10.48 8.04 -22.35
N PRO A 130 11.16 9.07 -22.87
CA PRO A 130 11.68 9.06 -24.23
C PRO A 130 12.88 8.12 -24.37
N ASP A 131 12.59 6.85 -24.63
CA ASP A 131 13.61 5.81 -24.70
C ASP A 131 13.29 4.83 -25.80
N ALA A 132 12.14 4.15 -25.66
CA ALA A 132 11.73 3.16 -26.66
C ALA A 132 12.76 2.06 -26.75
N GLY A 133 13.13 1.55 -25.58
CA GLY A 133 14.08 0.49 -25.49
C GLY A 133 14.47 0.25 -24.06
N HIS A 134 14.50 1.33 -23.30
CA HIS A 134 14.72 1.22 -21.87
C HIS A 134 13.90 2.28 -21.14
N SER A 135 12.59 2.05 -21.05
CA SER A 135 11.68 2.98 -20.46
C SER A 135 10.92 2.34 -19.32
N VAL A 136 10.03 3.10 -18.70
CA VAL A 136 9.24 2.66 -17.55
C VAL A 136 7.89 3.39 -17.53
N THR A 137 6.80 2.67 -17.63
CA THR A 137 5.49 3.27 -17.43
C THR A 137 4.89 2.75 -16.14
N SER A 138 4.77 3.60 -15.13
CA SER A 138 4.23 3.14 -13.88
C SER A 138 3.40 4.20 -13.22
N TYR A 139 2.35 3.79 -12.58
CA TYR A 139 1.60 4.66 -11.69
C TYR A 139 1.59 3.97 -10.34
N SER A 140 1.16 4.63 -9.30
CA SER A 140 1.10 3.98 -8.01
C SER A 140 -0.32 3.51 -7.69
N TYR A 141 -0.44 2.21 -7.49
CA TYR A 141 -1.63 1.59 -6.97
C TYR A 141 -1.61 1.77 -5.45
N SER A 142 -2.67 1.40 -4.76
CA SER A 142 -2.65 1.31 -3.30
C SER A 142 -2.58 2.68 -2.62
N LEU A 143 -3.37 2.79 -1.59
CA LEU A 143 -3.65 4.03 -0.91
C LEU A 143 -3.71 3.72 0.57
N PHE A 144 -4.15 4.64 1.38
CA PHE A 144 -3.91 4.52 2.80
C PHE A 144 -5.22 4.35 3.53
N ILE A 145 -5.20 3.47 4.54
CA ILE A 145 -6.41 2.88 5.11
C ILE A 145 -6.36 2.83 6.63
N VAL A 146 -7.46 2.41 7.24
CA VAL A 146 -7.50 2.08 8.65
C VAL A 146 -8.29 0.79 8.83
N SER A 147 -8.06 0.10 9.93
CA SER A 147 -8.67 -1.20 10.17
C SER A 147 -9.28 -1.24 11.56
N GLN A 148 -10.08 -2.27 11.83
CA GLN A 148 -10.88 -2.33 13.05
C GLN A 148 -10.64 -3.62 13.83
N GLY A 149 -10.44 -3.49 15.12
CA GLY A 149 -10.41 -4.64 16.00
C GLY A 149 -11.68 -4.74 16.79
N GLU A 150 -12.34 -5.88 16.75
CA GLU A 150 -13.59 -6.03 17.46
C GLU A 150 -13.36 -6.70 18.80
N GLU A 151 -12.35 -7.56 18.83
CA GLU A 151 -12.03 -8.36 20.01
C GLU A 151 -12.00 -7.50 21.28
N THR A 152 -11.16 -6.47 21.28
CA THR A 152 -11.08 -5.55 22.40
C THR A 152 -11.47 -4.13 21.98
N GLY A 153 -11.70 -3.96 20.68
CA GLY A 153 -11.94 -2.64 20.14
C GLY A 153 -10.65 -1.92 19.76
N ALA A 154 -9.90 -2.53 18.85
CA ALA A 154 -8.66 -1.95 18.36
C ALA A 154 -8.85 -1.32 16.98
N MET A 155 -7.74 -0.92 16.37
CA MET A 155 -7.75 -0.35 15.03
C MET A 155 -6.38 -0.51 14.41
N MET A 156 -6.15 0.13 13.27
CA MET A 156 -4.82 0.16 12.68
C MET A 156 -4.71 1.26 11.65
N ALA A 157 -3.80 2.20 11.92
CA ALA A 157 -3.55 3.31 11.01
C ALA A 157 -2.57 2.91 9.92
N ALA A 158 -3.10 2.56 8.76
CA ALA A 158 -2.30 1.96 7.71
C ALA A 158 -2.13 2.90 6.52
N GLY A 159 -1.06 2.71 5.77
CA GLY A 159 -0.85 3.51 4.58
C GLY A 159 -0.02 2.82 3.52
N PRO A 160 -0.53 1.74 2.90
CA PRO A 160 0.24 1.04 1.88
C PRO A 160 0.16 1.70 0.50
N LEU A 161 1.23 1.56 -0.29
CA LEU A 161 1.21 2.04 -1.66
C LEU A 161 1.99 1.10 -2.55
N ILE A 162 1.47 0.86 -3.73
CA ILE A 162 2.05 -0.08 -4.68
C ILE A 162 2.53 0.67 -5.92
N ILE A 163 3.67 0.27 -6.50
CA ILE A 163 4.12 0.90 -7.72
C ILE A 163 4.18 -0.13 -8.84
N THR A 164 3.38 0.11 -9.87
CA THR A 164 3.24 -0.82 -10.97
C THR A 164 4.21 -0.46 -12.11
N VAL A 165 5.35 -1.12 -12.13
CA VAL A 165 6.38 -0.80 -13.09
C VAL A 165 6.23 -1.64 -14.35
N THR A 166 5.66 -1.02 -15.37
CA THR A 166 5.38 -1.66 -16.64
C THR A 166 5.98 -0.83 -17.77
N PRO A 167 7.13 -1.20 -18.28
CA PRO A 167 7.93 -0.30 -19.10
C PRO A 167 7.47 -0.11 -20.54
N ASN A 168 7.98 0.99 -21.12
CA ASN A 168 7.62 1.43 -22.47
C ASN A 168 8.71 1.03 -23.49
N THR A 169 9.67 0.23 -23.02
CA THR A 169 10.74 -0.24 -23.90
C THR A 169 10.14 -0.93 -25.14
N ALA A 170 10.80 -0.75 -26.27
CA ALA A 170 10.15 -0.81 -27.58
C ALA A 170 9.73 -2.18 -28.12
N ILE A 171 10.67 -3.10 -28.33
CA ILE A 171 10.51 -4.04 -29.46
C ILE A 171 10.52 -5.48 -29.07
N SER A 172 9.44 -6.14 -29.39
CA SER A 172 9.28 -7.54 -29.06
C SER A 172 8.94 -8.24 -30.35
N ASP A 173 9.95 -8.18 -31.20
CA ASP A 173 9.90 -8.63 -32.58
C ASP A 173 11.00 -9.64 -32.79
N ILE A 174 11.79 -9.48 -33.84
CA ILE A 174 12.87 -10.42 -34.15
C ILE A 174 13.92 -10.45 -33.02
N PHE A 175 13.95 -9.39 -32.21
CA PHE A 175 14.66 -9.41 -30.94
C PHE A 175 14.05 -8.40 -30.00
N ASN A 176 14.01 -8.71 -28.71
CA ASN A 176 13.46 -7.79 -27.72
C ASN A 176 14.54 -6.92 -27.08
N THR A 177 14.31 -5.61 -27.09
CA THR A 177 15.07 -4.65 -26.28
C THR A 177 14.67 -4.80 -24.80
N LYS A 178 13.68 -5.67 -24.59
CA LYS A 178 13.10 -6.07 -23.29
C LYS A 178 11.91 -5.20 -22.88
N ASP A 179 10.88 -5.23 -23.74
CA ASP A 179 9.63 -4.55 -23.50
C ASP A 179 8.70 -5.37 -22.59
N TRP A 180 9.00 -6.64 -22.40
CA TRP A 180 8.11 -7.47 -21.61
C TRP A 180 8.77 -7.97 -20.34
N ARG A 181 9.89 -7.39 -19.95
CA ARG A 181 10.41 -7.69 -18.62
C ARG A 181 9.80 -6.69 -17.67
N LEU A 182 9.35 -7.14 -16.51
CA LEU A 182 8.61 -6.26 -15.62
C LEU A 182 9.23 -6.27 -14.24
N THR A 183 8.77 -5.36 -13.40
CA THR A 183 9.29 -5.24 -12.05
C THR A 183 8.27 -4.49 -11.19
N LEU A 184 8.01 -4.96 -9.98
CA LEU A 184 7.08 -4.25 -9.10
C LEU A 184 7.62 -4.18 -7.67
N GLN A 185 7.69 -2.97 -7.15
CA GLN A 185 8.06 -2.77 -5.76
C GLN A 185 7.33 -1.58 -5.22
N LYS A 186 7.36 -1.42 -3.92
CA LYS A 186 6.54 -0.42 -3.28
C LYS A 186 6.77 -0.32 -1.79
N GLU A 187 6.15 0.69 -1.21
CA GLU A 187 6.30 0.98 0.20
C GLU A 187 5.01 0.65 0.93
N GLU A 188 5.06 -0.28 1.85
CA GLU A 188 3.92 -0.54 2.70
C GLU A 188 4.24 -0.10 4.13
N ILE A 189 3.70 1.04 4.50
CA ILE A 189 3.93 1.62 5.80
C ILE A 189 2.65 1.58 6.61
N THR A 190 2.72 1.05 7.81
CA THR A 190 1.55 0.86 8.62
C THR A 190 1.83 1.09 10.10
N ILE A 191 1.10 2.01 10.68
CA ILE A 191 1.20 2.26 12.11
C ILE A 191 0.27 1.31 12.84
N GLY A 192 0.86 0.47 13.66
CA GLY A 192 0.10 -0.52 14.37
C GLY A 192 -0.37 -0.01 15.69
N VAL A 193 -1.61 -0.29 16.03
CA VAL A 193 -2.24 0.30 17.20
C VAL A 193 -3.36 -0.62 17.64
N LYS A 194 -2.94 -1.68 18.35
CA LYS A 194 -3.84 -2.78 18.64
C LYS A 194 -3.10 -3.93 19.33
N GLY A 195 -3.84 -4.99 19.63
CA GLY A 195 -3.27 -6.19 20.17
C GLY A 195 -3.59 -7.36 19.28
N PHE A 196 -3.17 -7.27 18.02
CA PHE A 196 -3.60 -8.21 16.99
C PHE A 196 -3.30 -9.66 17.37
N GLN A 197 -4.30 -10.50 17.21
CA GLN A 197 -4.16 -11.93 17.40
C GLN A 197 -3.79 -12.55 16.07
N VAL A 198 -4.63 -12.26 15.08
CA VAL A 198 -4.44 -12.70 13.72
C VAL A 198 -4.87 -11.55 12.82
N VAL A 199 -4.50 -11.57 11.54
CA VAL A 199 -4.94 -10.52 10.64
C VAL A 199 -6.44 -10.65 10.40
N THR A 200 -7.16 -9.81 11.10
CA THR A 200 -8.61 -9.84 11.18
C THR A 200 -8.96 -8.70 12.15
N PRO A 201 -10.22 -8.45 12.55
CA PRO A 201 -10.51 -7.49 13.63
C PRO A 201 -9.56 -7.64 14.82
N LEU A 202 -8.49 -6.86 14.79
CA LEU A 202 -7.31 -7.07 15.63
C LEU A 202 -7.41 -6.41 16.99
N GLY A 203 -8.46 -6.74 17.74
CA GLY A 203 -8.62 -6.15 19.04
C GLY A 203 -7.50 -6.51 20.00
N MET A 1 -11.94 14.22 11.09
CA MET A 1 -11.57 13.50 9.85
C MET A 1 -12.09 14.30 8.66
N SER A 2 -11.45 14.14 7.49
CA SER A 2 -11.88 14.86 6.31
C SER A 2 -11.69 16.35 6.50
N ILE A 3 -12.39 17.13 5.70
CA ILE A 3 -12.28 18.56 5.75
C ILE A 3 -13.13 19.10 6.89
N GLU A 4 -14.43 19.25 6.63
CA GLU A 4 -15.45 19.57 7.64
C GLU A 4 -14.98 20.60 8.65
N ILE A 5 -15.22 21.86 8.34
CA ILE A 5 -14.68 22.96 9.14
C ILE A 5 -15.79 23.89 9.60
N TYR A 6 -15.44 25.13 9.81
CA TYR A 6 -16.39 26.13 10.25
C TYR A 6 -16.31 27.41 9.40
N PRO A 7 -15.11 28.07 9.31
CA PRO A 7 -14.97 29.34 8.56
C PRO A 7 -15.15 29.22 7.05
N ASP A 8 -16.34 28.82 6.62
CA ASP A 8 -16.71 28.81 5.20
C ASP A 8 -18.15 28.35 5.07
N ASP A 9 -18.33 27.05 5.15
CA ASP A 9 -19.65 26.43 5.09
C ASP A 9 -19.58 25.06 5.74
N GLY A 10 -18.46 24.79 6.39
CA GLY A 10 -18.22 23.50 6.96
C GLY A 10 -17.27 22.70 6.11
N ASN A 11 -16.52 23.41 5.26
CA ASN A 11 -15.61 22.77 4.32
C ASN A 11 -14.71 23.83 3.67
N THR A 12 -13.39 23.67 3.82
CA THR A 12 -12.43 24.63 3.28
C THR A 12 -10.98 24.14 3.42
N LEU A 13 -10.80 23.05 4.19
CA LEU A 13 -9.48 22.49 4.50
C LEU A 13 -8.54 22.48 3.30
N PRO A 14 -7.34 23.05 3.44
CA PRO A 14 -6.33 23.07 2.37
C PRO A 14 -5.74 21.68 2.10
N TYR A 15 -6.15 20.72 2.91
CA TYR A 15 -5.69 19.34 2.75
C TYR A 15 -6.60 18.61 1.76
N GLN A 16 -7.86 19.03 1.68
CA GLN A 16 -8.80 18.43 0.75
C GLN A 16 -8.91 16.95 0.99
N VAL A 17 -9.29 16.58 2.20
CA VAL A 17 -9.42 15.18 2.55
C VAL A 17 -10.85 14.91 2.93
N PHE A 18 -11.31 13.72 2.60
CA PHE A 18 -12.70 13.36 2.73
C PHE A 18 -12.86 11.96 2.16
N LEU A 19 -12.25 11.78 1.00
CA LEU A 19 -12.18 10.48 0.36
C LEU A 19 -10.92 10.39 -0.49
N ASN A 20 -9.77 10.74 0.08
CA ASN A 20 -8.56 10.81 -0.71
C ASN A 20 -7.84 9.47 -0.67
N LEU A 21 -8.22 8.63 0.27
CA LEU A 21 -7.60 7.33 0.40
C LEU A 21 -8.62 6.27 0.80
N GLU A 22 -8.32 5.04 0.43
CA GLU A 22 -9.19 3.90 0.69
C GLU A 22 -9.38 3.62 2.17
N ASN A 23 -10.59 3.50 2.61
CA ASN A 23 -10.81 2.92 3.92
C ASN A 23 -11.73 1.73 3.82
N GLU A 24 -11.63 0.85 4.79
CA GLU A 24 -12.55 -0.24 4.86
C GLU A 24 -13.23 -0.30 6.22
N HIS A 25 -12.90 0.64 7.10
CA HIS A 25 -13.37 0.59 8.49
C HIS A 25 -13.49 1.95 9.17
N TYR A 26 -13.73 3.01 8.40
CA TYR A 26 -13.82 4.37 8.95
C TYR A 26 -14.96 4.54 9.95
N TYR A 27 -15.77 3.49 10.12
CA TYR A 27 -16.91 3.48 11.05
C TYR A 27 -16.61 4.27 12.32
N ALA A 28 -15.51 3.93 12.96
CA ALA A 28 -15.02 4.68 14.10
C ALA A 28 -13.50 4.72 14.10
N GLN A 29 -12.91 3.90 13.24
CA GLN A 29 -11.47 3.69 13.22
C GLN A 29 -10.73 4.92 12.71
N ALA A 30 -11.29 5.54 11.68
CA ALA A 30 -10.68 6.70 11.07
C ALA A 30 -10.93 7.94 11.92
N ILE A 31 -11.73 7.76 12.97
CA ILE A 31 -12.10 8.87 13.83
C ILE A 31 -11.16 8.97 15.02
N GLN A 32 -10.72 7.81 15.51
CA GLN A 32 -9.83 7.75 16.67
C GLN A 32 -8.53 8.49 16.41
N LEU A 33 -8.02 8.30 15.21
CA LEU A 33 -6.77 8.91 14.81
C LEU A 33 -6.99 10.14 13.93
N ALA A 34 -8.27 10.42 13.62
CA ALA A 34 -8.65 11.50 12.71
C ALA A 34 -7.92 12.81 13.00
N GLN A 35 -8.11 13.32 14.20
CA GLN A 35 -7.51 14.60 14.59
C GLN A 35 -5.99 14.53 14.63
N LEU A 36 -5.46 13.32 14.60
CA LEU A 36 -4.01 13.12 14.52
C LEU A 36 -3.62 13.18 13.05
N PHE A 37 -4.42 12.50 12.27
CA PHE A 37 -4.21 12.34 10.84
C PHE A 37 -4.44 13.67 10.13
N ALA A 38 -5.30 14.49 10.69
CA ALA A 38 -5.61 15.78 10.08
C ALA A 38 -4.48 16.79 10.28
N HIS A 39 -3.41 16.38 10.96
CA HIS A 39 -2.34 17.30 11.30
C HIS A 39 -1.02 16.99 10.58
N GLU A 40 -0.50 15.77 10.73
CA GLU A 40 0.85 15.45 10.23
C GLU A 40 0.84 14.84 8.84
N VAL A 41 -0.23 15.00 8.09
CA VAL A 41 -0.27 14.42 6.77
C VAL A 41 0.25 15.39 5.74
N ASP A 42 0.31 14.94 4.51
CA ASP A 42 0.79 15.78 3.43
C ASP A 42 -0.36 16.59 2.86
N ASP A 43 -0.11 17.52 1.95
CA ASP A 43 -1.16 18.37 1.39
C ASP A 43 -2.31 17.55 0.79
N ASN A 44 -2.02 16.29 0.46
CA ASN A 44 -3.06 15.37 0.00
C ASN A 44 -3.93 14.90 1.17
N GLY A 45 -3.30 14.61 2.29
CA GLY A 45 -4.03 14.13 3.46
C GLY A 45 -3.71 12.68 3.81
N GLN A 46 -2.53 12.19 3.40
CA GLN A 46 -2.10 10.84 3.76
C GLN A 46 -0.94 10.88 4.77
N LEU A 47 -0.80 9.80 5.52
CA LEU A 47 0.28 9.63 6.52
C LEU A 47 1.63 10.08 5.94
N ASP A 48 2.22 11.12 6.55
CA ASP A 48 3.52 11.59 6.11
C ASP A 48 4.58 11.04 7.04
N LEU A 49 5.41 10.12 6.57
CA LEU A 49 6.33 9.41 7.46
C LEU A 49 7.34 10.35 8.11
N ALA A 50 7.42 11.58 7.60
CA ALA A 50 8.30 12.57 8.19
C ALA A 50 7.69 13.14 9.48
N LYS A 51 6.44 13.54 9.41
CA LYS A 51 5.78 14.18 10.54
C LYS A 51 4.80 13.21 11.18
N ALA A 52 4.06 12.50 10.35
CA ALA A 52 3.01 11.60 10.84
C ALA A 52 3.59 10.38 11.52
N LEU A 53 4.90 10.21 11.42
CA LEU A 53 5.57 9.20 12.19
C LEU A 53 5.57 9.61 13.65
N LYS A 54 5.43 10.92 13.86
CA LYS A 54 5.28 11.51 15.18
C LYS A 54 3.80 11.49 15.54
N LYS A 55 2.96 11.68 14.51
CA LYS A 55 1.51 11.59 14.66
C LYS A 55 1.13 10.19 15.12
N ALA A 56 1.87 9.21 14.62
CA ALA A 56 1.66 7.81 14.96
C ALA A 56 1.89 7.58 16.44
N GLN A 57 2.77 8.40 17.01
CA GLN A 57 3.13 8.31 18.41
C GLN A 57 1.99 8.80 19.30
N ALA A 58 0.95 9.35 18.68
CA ALA A 58 -0.22 9.84 19.41
C ALA A 58 -1.45 8.99 19.11
N GLN A 59 -1.25 7.84 18.47
CA GLN A 59 -2.37 6.99 18.07
C GLN A 59 -3.13 6.45 19.26
N PRO A 60 -4.44 6.20 19.08
CA PRO A 60 -5.33 5.64 20.11
C PRO A 60 -4.66 4.57 20.99
N ASP A 61 -4.10 3.54 20.37
CA ASP A 61 -3.55 2.42 21.15
C ASP A 61 -2.02 2.36 21.05
N LEU A 62 -1.49 1.92 19.91
CA LEU A 62 -0.04 1.82 19.74
C LEU A 62 0.48 2.89 18.78
N ALA A 63 1.53 2.56 18.05
CA ALA A 63 2.21 3.50 17.18
C ALA A 63 2.76 2.80 15.95
N ILE A 64 3.73 3.42 15.28
CA ILE A 64 4.39 2.82 14.14
C ILE A 64 4.86 1.41 14.44
N ILE A 65 4.32 0.43 13.72
CA ILE A 65 4.77 -0.95 13.91
C ILE A 65 5.36 -1.50 12.62
N ALA A 66 4.81 -1.10 11.50
CA ALA A 66 5.19 -1.67 10.22
C ALA A 66 5.60 -0.60 9.22
N THR A 67 6.88 -0.59 8.90
CA THR A 67 7.39 0.24 7.82
C THR A 67 8.20 -0.65 6.87
N ASN A 68 7.48 -1.47 6.12
CA ASN A 68 8.10 -2.53 5.32
C ASN A 68 7.62 -2.50 3.88
N ASN A 69 8.53 -2.78 2.96
CA ASN A 69 8.20 -2.73 1.54
C ASN A 69 8.42 -4.10 0.92
N MET A 70 8.30 -4.18 -0.40
CA MET A 70 8.48 -5.45 -1.10
C MET A 70 9.35 -5.22 -2.33
N THR A 71 10.21 -6.20 -2.62
CA THR A 71 11.10 -6.13 -3.75
C THR A 71 10.82 -7.29 -4.71
N LEU A 72 10.08 -6.97 -5.75
CA LEU A 72 9.65 -7.96 -6.73
C LEU A 72 10.15 -7.52 -8.09
N LYS A 73 10.78 -8.41 -8.82
CA LYS A 73 11.29 -8.03 -10.12
C LYS A 73 11.14 -9.17 -11.09
N LYS A 74 11.10 -8.82 -12.35
CA LYS A 74 10.91 -9.79 -13.40
C LYS A 74 11.97 -9.61 -14.45
N SER A 75 12.11 -10.63 -15.26
CA SER A 75 13.23 -10.78 -16.15
C SER A 75 13.10 -12.14 -16.80
N PHE A 76 13.66 -12.32 -17.98
CA PHE A 76 13.56 -13.61 -18.67
C PHE A 76 14.54 -14.61 -18.03
N SER A 77 14.78 -14.39 -16.75
CA SER A 77 15.46 -15.33 -15.89
C SER A 77 14.45 -16.40 -15.46
N THR A 78 14.69 -17.07 -14.35
CA THR A 78 13.79 -18.11 -13.91
C THR A 78 12.92 -17.64 -12.75
N LEU A 79 11.71 -18.19 -12.72
CA LEU A 79 10.74 -17.91 -11.66
C LEU A 79 11.24 -18.49 -10.34
N SER A 80 12.34 -19.24 -10.45
CA SER A 80 13.06 -19.78 -9.31
C SER A 80 13.46 -18.65 -8.35
N ALA A 81 13.47 -17.43 -8.86
CA ALA A 81 13.75 -16.27 -8.03
C ALA A 81 12.55 -15.33 -8.00
N LEU A 82 11.97 -15.08 -9.17
CA LEU A 82 10.87 -14.13 -9.32
C LEU A 82 9.71 -14.47 -8.37
N THR A 83 9.15 -15.66 -8.53
CA THR A 83 7.99 -16.06 -7.75
C THR A 83 8.39 -16.49 -6.34
N THR A 84 9.65 -16.87 -6.18
CA THR A 84 10.15 -17.26 -4.88
C THR A 84 10.12 -16.08 -3.90
N THR A 85 10.60 -14.94 -4.36
CA THR A 85 10.59 -13.77 -3.50
C THR A 85 9.16 -13.23 -3.44
N LEU A 86 8.45 -13.29 -4.56
CA LEU A 86 7.06 -12.83 -4.66
C LEU A 86 6.16 -13.55 -3.65
N SER A 87 6.42 -14.82 -3.43
CA SER A 87 5.60 -15.59 -2.50
C SER A 87 5.89 -15.16 -1.06
N GLU A 88 7.17 -15.06 -0.74
CA GLU A 88 7.59 -14.55 0.57
C GLU A 88 6.95 -13.20 0.82
N GLN A 89 7.04 -12.32 -0.17
CA GLN A 89 6.51 -10.98 -0.03
C GLN A 89 5.04 -10.95 -0.44
N LEU A 90 4.45 -12.12 -0.64
CA LEU A 90 3.02 -12.21 -0.93
C LEU A 90 2.24 -11.99 0.34
N LYS A 91 2.95 -12.02 1.46
CA LYS A 91 2.38 -11.56 2.73
C LYS A 91 2.14 -10.06 2.66
N ILE A 92 2.84 -9.41 1.74
CA ILE A 92 2.71 -7.98 1.51
C ILE A 92 1.50 -7.68 0.59
N GLU A 93 0.62 -8.65 0.45
CA GLU A 93 -0.63 -8.45 -0.28
C GLU A 93 -1.63 -7.68 0.58
N GLY A 94 -1.14 -7.02 1.62
CA GLY A 94 -1.99 -6.21 2.46
C GLY A 94 -2.73 -7.04 3.51
N VAL A 95 -1.97 -7.65 4.41
CA VAL A 95 -2.55 -8.42 5.51
C VAL A 95 -3.06 -7.52 6.61
N LEU A 96 -3.82 -6.52 6.22
CA LEU A 96 -4.45 -5.62 7.16
C LEU A 96 -5.88 -6.08 7.43
N GLY A 97 -6.79 -5.71 6.53
CA GLY A 97 -8.11 -6.27 6.52
C GLY A 97 -8.21 -7.35 5.45
N ILE A 98 -7.37 -8.38 5.58
CA ILE A 98 -7.22 -9.42 4.55
C ILE A 98 -8.56 -10.04 4.13
N SER A 99 -8.53 -10.73 2.99
CA SER A 99 -9.73 -11.36 2.44
C SER A 99 -9.86 -12.80 2.94
N GLN A 100 -10.73 -13.57 2.31
CA GLN A 100 -10.93 -14.96 2.70
C GLN A 100 -9.68 -15.75 2.37
N ASP A 101 -9.25 -15.66 1.12
CA ASP A 101 -8.01 -16.28 0.71
C ASP A 101 -6.90 -15.23 0.64
N THR A 102 -6.80 -14.55 -0.50
CA THR A 102 -5.70 -13.60 -0.76
C THR A 102 -4.35 -14.16 -0.30
N TYR A 103 -4.06 -15.37 -0.74
CA TYR A 103 -2.81 -16.05 -0.40
C TYR A 103 -2.28 -16.73 -1.66
N ILE A 104 -1.41 -17.71 -1.50
CA ILE A 104 -0.96 -18.48 -2.64
C ILE A 104 -2.10 -19.32 -3.18
N GLN A 105 -1.94 -19.85 -4.39
CA GLN A 105 -2.92 -20.72 -5.04
C GLN A 105 -4.11 -19.92 -5.59
N ASN A 106 -4.61 -18.95 -4.82
CA ASN A 106 -5.67 -18.06 -5.30
C ASN A 106 -5.02 -16.93 -6.07
N ILE A 107 -3.73 -16.77 -5.81
CA ILE A 107 -2.93 -15.74 -6.41
C ILE A 107 -1.70 -16.35 -7.08
N LEU A 108 -1.05 -17.27 -6.36
CA LEU A 108 0.20 -17.87 -6.81
C LEU A 108 -0.04 -18.88 -7.93
N SER A 109 -1.30 -19.05 -8.32
CA SER A 109 -1.67 -19.98 -9.38
C SER A 109 -1.04 -19.57 -10.71
N HIS A 110 -1.11 -18.28 -11.01
CA HIS A 110 -0.51 -17.75 -12.24
C HIS A 110 0.98 -17.58 -12.08
N ALA A 111 1.42 -17.54 -10.84
CA ALA A 111 2.85 -17.54 -10.53
C ALA A 111 3.49 -18.85 -10.96
N PHE A 112 2.71 -19.91 -11.01
CA PHE A 112 3.21 -21.19 -11.48
C PHE A 112 3.23 -21.23 -13.01
N CYS A 113 2.29 -20.52 -13.63
CA CYS A 113 2.18 -20.52 -15.08
C CYS A 113 1.53 -19.21 -15.58
N ASP A 114 2.35 -18.38 -16.23
CA ASP A 114 1.88 -17.14 -16.86
C ASP A 114 1.31 -16.17 -15.83
N LEU A 115 2.17 -15.29 -15.33
CA LEU A 115 1.79 -14.36 -14.26
C LEU A 115 1.06 -13.13 -14.80
N GLU A 116 -0.22 -13.24 -15.09
CA GLU A 116 -1.01 -12.04 -15.33
C GLU A 116 -1.77 -11.70 -14.05
N THR A 117 -1.80 -12.69 -13.16
CA THR A 117 -2.40 -12.57 -11.82
C THR A 117 -3.80 -11.98 -11.85
N GLN A 118 -4.55 -12.27 -12.91
CA GLN A 118 -5.90 -11.75 -13.10
C GLN A 118 -5.92 -10.24 -12.96
N LYS A 119 -4.88 -9.60 -13.49
CA LYS A 119 -4.65 -8.15 -13.38
C LYS A 119 -4.99 -7.64 -11.98
N ASP A 120 -4.51 -8.37 -10.98
CA ASP A 120 -4.72 -8.00 -9.59
C ASP A 120 -4.06 -6.66 -9.31
N LYS A 121 -4.84 -5.74 -8.73
CA LYS A 121 -4.43 -4.35 -8.50
C LYS A 121 -4.32 -3.62 -9.83
N PRO A 122 -5.17 -2.60 -10.05
CA PRO A 122 -5.10 -1.76 -11.24
C PRO A 122 -3.92 -0.77 -11.18
N TRP A 123 -2.70 -1.30 -11.18
CA TRP A 123 -1.52 -0.46 -11.07
C TRP A 123 -1.27 0.36 -12.34
N PHE A 124 -1.61 1.63 -12.27
CA PHE A 124 -1.31 2.56 -13.35
C PHE A 124 0.15 3.01 -13.23
N HIS A 125 0.79 3.22 -14.38
CA HIS A 125 2.18 3.64 -14.41
C HIS A 125 2.47 4.55 -15.59
N ILE A 126 2.58 5.86 -15.36
CA ILE A 126 2.82 6.78 -16.46
C ILE A 126 3.81 7.90 -16.11
N ASN A 127 5.07 7.62 -15.78
CA ASN A 127 6.05 8.68 -15.86
C ASN A 127 7.17 8.31 -16.80
N ALA A 128 7.58 9.19 -17.67
CA ALA A 128 8.84 9.03 -18.38
C ALA A 128 9.99 9.65 -17.61
N GLN A 129 11.18 9.49 -18.16
CA GLN A 129 12.31 10.34 -17.80
C GLN A 129 13.25 10.44 -18.98
N PRO A 130 13.91 11.60 -19.17
CA PRO A 130 14.76 11.84 -20.35
C PRO A 130 15.95 10.91 -20.38
N ASP A 131 15.75 9.75 -20.97
CA ASP A 131 16.80 8.75 -21.03
C ASP A 131 16.66 7.93 -22.29
N ALA A 132 15.56 7.17 -22.41
CA ALA A 132 15.37 6.29 -23.54
C ALA A 132 16.59 5.40 -23.68
N GLY A 133 16.96 4.79 -22.58
CA GLY A 133 18.12 3.93 -22.54
C GLY A 133 18.31 3.38 -21.17
N HIS A 134 17.95 4.17 -20.19
CA HIS A 134 17.87 3.70 -18.83
C HIS A 134 16.82 4.52 -18.08
N SER A 135 15.58 4.32 -18.49
CA SER A 135 14.45 5.05 -17.97
C SER A 135 13.40 4.10 -17.40
N VAL A 136 12.34 4.68 -16.85
CA VAL A 136 11.33 3.98 -16.08
C VAL A 136 10.00 4.74 -16.22
N THR A 137 8.89 4.05 -16.44
CA THR A 137 7.58 4.68 -16.35
C THR A 137 6.75 4.01 -15.28
N SER A 138 6.50 4.72 -14.18
CA SER A 138 5.77 4.12 -13.10
C SER A 138 4.83 5.11 -12.46
N TYR A 139 3.68 4.64 -12.09
CA TYR A 139 2.77 5.40 -11.26
C TYR A 139 2.41 4.54 -10.06
N SER A 140 1.99 5.14 -8.97
CA SER A 140 1.61 4.35 -7.81
C SER A 140 0.10 4.28 -7.65
N TYR A 141 -0.44 3.07 -7.69
CA TYR A 141 -1.80 2.81 -7.22
C TYR A 141 -1.75 2.58 -5.71
N SER A 142 -2.85 2.14 -5.10
CA SER A 142 -2.89 1.76 -3.70
C SER A 142 -2.77 2.96 -2.77
N LEU A 143 -3.59 2.92 -1.73
CA LEU A 143 -3.90 4.08 -0.93
C LEU A 143 -3.96 3.63 0.52
N PHE A 144 -4.41 4.49 1.40
CA PHE A 144 -4.17 4.30 2.81
C PHE A 144 -5.49 4.10 3.53
N ILE A 145 -5.49 3.18 4.50
CA ILE A 145 -6.71 2.61 5.07
C ILE A 145 -6.64 2.52 6.60
N VAL A 146 -7.74 2.10 7.20
CA VAL A 146 -7.79 1.84 8.64
C VAL A 146 -8.59 0.56 8.88
N SER A 147 -8.38 -0.07 10.04
CA SER A 147 -9.03 -1.33 10.36
C SER A 147 -9.65 -1.28 11.75
N GLN A 148 -10.51 -2.24 12.05
CA GLN A 148 -11.29 -2.24 13.27
C GLN A 148 -11.05 -3.49 14.08
N GLY A 149 -10.81 -3.31 15.36
CA GLY A 149 -10.71 -4.43 16.26
C GLY A 149 -11.97 -4.58 17.06
N GLU A 150 -12.61 -5.73 16.96
CA GLU A 150 -13.85 -5.93 17.67
C GLU A 150 -13.59 -6.62 18.99
N GLU A 151 -12.53 -7.43 19.00
CA GLU A 151 -12.13 -8.18 20.18
C GLU A 151 -12.11 -7.29 21.42
N THR A 152 -11.27 -6.25 21.38
CA THR A 152 -11.13 -5.35 22.50
C THR A 152 -11.57 -3.93 22.12
N GLY A 153 -11.89 -3.75 20.84
CA GLY A 153 -12.23 -2.43 20.34
C GLY A 153 -11.01 -1.64 19.89
N ALA A 154 -10.07 -2.33 19.24
CA ALA A 154 -8.88 -1.67 18.73
C ALA A 154 -9.06 -1.21 17.28
N MET A 155 -7.96 -0.85 16.64
CA MET A 155 -7.96 -0.40 15.25
C MET A 155 -6.55 -0.50 14.67
N MET A 156 -6.36 0.06 13.48
CA MET A 156 -5.04 0.07 12.85
C MET A 156 -4.98 1.11 11.73
N ALA A 157 -4.05 2.04 11.85
CA ALA A 157 -3.86 3.09 10.85
C ALA A 157 -2.87 2.63 9.79
N ALA A 158 -3.37 2.31 8.62
CA ALA A 158 -2.56 1.70 7.58
C ALA A 158 -2.36 2.64 6.40
N GLY A 159 -1.24 2.49 5.71
CA GLY A 159 -1.00 3.32 4.55
C GLY A 159 -0.11 2.67 3.50
N PRO A 160 -0.60 1.67 2.78
CA PRO A 160 0.18 1.02 1.72
C PRO A 160 0.02 1.68 0.35
N LEU A 161 1.07 1.60 -0.48
CA LEU A 161 0.95 2.07 -1.86
C LEU A 161 1.74 1.15 -2.78
N ILE A 162 1.23 0.93 -3.99
CA ILE A 162 1.84 -0.03 -4.92
C ILE A 162 2.44 0.70 -6.11
N ILE A 163 3.67 0.37 -6.44
CA ILE A 163 4.37 1.07 -7.52
C ILE A 163 4.72 0.10 -8.63
N THR A 164 4.34 0.43 -9.84
CA THR A 164 4.59 -0.44 -10.96
C THR A 164 5.62 0.14 -11.88
N VAL A 165 6.71 -0.59 -12.06
CA VAL A 165 7.85 -0.14 -12.81
C VAL A 165 7.84 -0.75 -14.21
N THR A 166 7.43 0.06 -15.16
CA THR A 166 7.36 -0.33 -16.56
C THR A 166 8.11 0.70 -17.40
N PRO A 167 9.36 0.44 -17.77
CA PRO A 167 10.25 1.48 -18.20
C PRO A 167 10.08 2.03 -19.61
N ASN A 168 10.86 3.08 -19.85
CA ASN A 168 10.84 3.84 -21.10
C ASN A 168 12.20 3.72 -21.80
N THR A 169 13.06 2.88 -21.25
CA THR A 169 14.36 2.59 -21.87
C THR A 169 14.17 2.16 -23.32
N ALA A 170 15.15 2.49 -24.15
CA ALA A 170 14.96 2.51 -25.61
C ALA A 170 14.64 1.14 -26.22
N ILE A 171 15.56 0.19 -26.08
CA ILE A 171 15.48 -1.05 -26.86
C ILE A 171 15.53 -2.28 -25.97
N SER A 172 14.94 -3.34 -26.44
CA SER A 172 14.97 -4.58 -25.71
C SER A 172 15.28 -5.75 -26.63
N ASP A 173 16.37 -5.60 -27.38
CA ASP A 173 16.85 -6.65 -28.27
C ASP A 173 18.35 -6.87 -28.08
N ILE A 174 19.09 -7.06 -29.17
CA ILE A 174 20.54 -7.23 -29.13
C ILE A 174 21.23 -5.88 -28.96
N PHE A 175 20.44 -4.95 -28.49
CA PHE A 175 20.75 -3.54 -28.45
C PHE A 175 20.61 -3.05 -27.01
N ASN A 176 20.25 -1.77 -26.90
CA ASN A 176 20.03 -1.07 -25.61
C ASN A 176 19.48 -1.95 -24.48
N THR A 177 19.65 -1.38 -23.30
CA THR A 177 19.65 -2.00 -21.97
C THR A 177 18.55 -3.05 -21.65
N LYS A 178 17.54 -3.17 -22.51
CA LYS A 178 16.38 -4.08 -22.35
C LYS A 178 15.24 -3.45 -21.54
N ASP A 179 14.47 -2.65 -22.26
CA ASP A 179 13.26 -2.04 -21.74
C ASP A 179 12.17 -3.07 -21.40
N TRP A 180 12.40 -4.32 -21.80
CA TRP A 180 11.38 -5.36 -21.73
C TRP A 180 11.31 -6.04 -20.35
N ARG A 181 12.41 -6.05 -19.62
CA ARG A 181 12.41 -6.71 -18.32
C ARG A 181 11.74 -5.79 -17.31
N LEU A 182 10.94 -6.37 -16.42
CA LEU A 182 10.07 -5.57 -15.58
C LEU A 182 10.46 -5.71 -14.11
N THR A 183 9.85 -4.90 -13.25
CA THR A 183 10.19 -4.86 -11.83
C THR A 183 9.06 -4.14 -11.06
N LEU A 184 8.67 -4.67 -9.91
CA LEU A 184 7.61 -4.04 -9.12
C LEU A 184 7.98 -3.99 -7.62
N GLN A 185 8.06 -2.78 -7.07
CA GLN A 185 8.27 -2.61 -5.63
C GLN A 185 7.25 -1.63 -5.08
N LYS A 186 7.10 -1.60 -3.76
CA LYS A 186 6.12 -0.68 -3.16
C LYS A 186 6.19 -0.64 -1.65
N GLU A 187 5.48 0.32 -1.05
CA GLU A 187 5.63 0.59 0.37
C GLU A 187 4.35 0.35 1.14
N GLU A 188 4.37 -0.67 1.98
CA GLU A 188 3.38 -0.82 3.05
C GLU A 188 3.90 -0.20 4.34
N ILE A 189 3.41 0.97 4.68
CA ILE A 189 3.69 1.54 5.97
C ILE A 189 2.41 1.56 6.78
N THR A 190 2.40 0.80 7.86
CA THR A 190 1.21 0.61 8.65
C THR A 190 1.49 0.86 10.12
N ILE A 191 0.80 1.84 10.68
CA ILE A 191 0.90 2.13 12.08
C ILE A 191 -0.09 1.27 12.84
N GLY A 192 0.43 0.28 13.52
CA GLY A 192 -0.40 -0.64 14.25
C GLY A 192 -0.78 -0.09 15.60
N VAL A 193 -2.04 -0.17 15.94
CA VAL A 193 -2.55 0.47 17.15
C VAL A 193 -3.63 -0.42 17.78
N LYS A 194 -3.18 -1.49 18.42
CA LYS A 194 -4.09 -2.56 18.81
C LYS A 194 -3.38 -3.67 19.59
N GLY A 195 -4.11 -4.74 19.86
CA GLY A 195 -3.57 -5.89 20.54
C GLY A 195 -3.66 -7.11 19.65
N PHE A 196 -3.26 -6.90 18.40
CA PHE A 196 -3.43 -7.83 17.27
C PHE A 196 -3.65 -9.30 17.67
N GLN A 197 -4.85 -9.82 17.37
CA GLN A 197 -5.11 -11.26 17.47
C GLN A 197 -4.57 -11.94 16.22
N VAL A 198 -5.30 -11.74 15.13
CA VAL A 198 -4.97 -12.28 13.82
C VAL A 198 -5.27 -11.18 12.81
N VAL A 199 -4.99 -11.40 11.52
CA VAL A 199 -5.44 -10.45 10.49
C VAL A 199 -6.95 -10.51 10.36
N THR A 200 -7.59 -9.78 11.24
CA THR A 200 -9.02 -9.78 11.44
C THR A 200 -9.26 -8.71 12.51
N PRO A 201 -10.51 -8.28 12.80
CA PRO A 201 -10.77 -7.37 13.92
C PRO A 201 -9.87 -7.63 15.13
N LEU A 202 -8.79 -6.84 15.21
CA LEU A 202 -7.60 -7.25 15.97
C LEU A 202 -7.81 -7.25 17.47
N GLY A 203 -8.68 -6.38 17.98
CA GLY A 203 -8.70 -6.14 19.41
C GLY A 203 -7.33 -5.84 19.94
N MET A 1 -8.38 12.71 9.29
CA MET A 1 -8.77 11.84 8.16
C MET A 1 -9.80 12.52 7.26
N SER A 2 -10.14 13.76 7.60
CA SER A 2 -11.13 14.51 6.88
C SER A 2 -11.18 15.93 7.40
N ILE A 3 -12.08 16.70 6.84
CA ILE A 3 -12.16 18.10 7.13
C ILE A 3 -12.94 18.33 8.41
N GLU A 4 -14.26 18.53 8.25
CA GLU A 4 -15.20 18.64 9.37
C GLU A 4 -14.75 19.66 10.40
N ILE A 5 -15.21 20.89 10.25
CA ILE A 5 -14.74 21.98 11.09
C ILE A 5 -15.91 22.73 11.71
N TYR A 6 -15.67 23.98 12.02
CA TYR A 6 -16.69 24.83 12.64
C TYR A 6 -16.73 26.22 11.99
N PRO A 7 -15.58 26.97 11.95
CA PRO A 7 -15.53 28.34 11.39
C PRO A 7 -15.80 28.42 9.88
N ASP A 8 -16.98 27.99 9.47
CA ASP A 8 -17.43 28.10 8.08
C ASP A 8 -18.84 27.58 7.99
N ASP A 9 -18.95 26.28 8.22
CA ASP A 9 -20.23 25.58 8.17
C ASP A 9 -20.07 24.19 8.78
N GLY A 10 -18.84 23.71 8.79
CA GLY A 10 -18.57 22.37 9.22
C GLY A 10 -17.59 21.70 8.28
N ASN A 11 -16.98 22.50 7.41
CA ASN A 11 -16.05 22.00 6.41
C ASN A 11 -15.32 23.17 5.73
N THR A 12 -14.01 23.25 5.92
CA THR A 12 -13.23 24.36 5.35
C THR A 12 -11.71 24.08 5.40
N LEU A 13 -11.33 22.83 5.71
CA LEU A 13 -9.92 22.43 5.84
C LEU A 13 -9.09 22.86 4.64
N PRO A 14 -7.93 23.50 4.87
CA PRO A 14 -6.96 23.77 3.82
C PRO A 14 -6.23 22.50 3.40
N TYR A 15 -6.56 21.39 4.07
CA TYR A 15 -6.00 20.10 3.74
C TYR A 15 -6.89 19.38 2.74
N GLN A 16 -8.19 19.69 2.77
CA GLN A 16 -9.14 19.14 1.83
C GLN A 16 -9.06 17.62 1.84
N VAL A 17 -9.37 17.04 2.98
CA VAL A 17 -9.31 15.60 3.15
C VAL A 17 -10.65 15.10 3.64
N PHE A 18 -11.00 13.91 3.22
CA PHE A 18 -12.31 13.35 3.50
C PHE A 18 -12.43 12.01 2.80
N LEU A 19 -11.93 11.97 1.57
CA LEU A 19 -11.87 10.73 0.81
C LEU A 19 -10.65 10.75 -0.12
N ASN A 20 -9.48 11.05 0.43
CA ASN A 20 -8.30 11.16 -0.41
C ASN A 20 -7.61 9.82 -0.48
N LEU A 21 -7.95 8.95 0.45
CA LEU A 21 -7.35 7.63 0.50
C LEU A 21 -8.41 6.58 0.82
N GLU A 22 -8.17 5.36 0.35
CA GLU A 22 -9.10 4.24 0.51
C GLU A 22 -9.28 3.84 1.97
N ASN A 23 -10.48 3.75 2.45
CA ASN A 23 -10.69 3.18 3.77
C ASN A 23 -11.63 2.00 3.69
N GLU A 24 -11.38 0.99 4.51
CA GLU A 24 -12.24 -0.19 4.55
C GLU A 24 -12.92 -0.33 5.91
N HIS A 25 -12.64 0.60 6.82
CA HIS A 25 -13.15 0.53 8.19
C HIS A 25 -13.26 1.92 8.80
N TYR A 26 -13.35 2.93 7.94
CA TYR A 26 -13.49 4.34 8.36
C TYR A 26 -14.56 4.53 9.44
N TYR A 27 -15.50 3.57 9.50
CA TYR A 27 -16.66 3.60 10.41
C TYR A 27 -16.39 4.32 11.72
N ALA A 28 -15.40 3.84 12.44
CA ALA A 28 -14.99 4.48 13.68
C ALA A 28 -13.48 4.51 13.77
N GLN A 29 -12.85 3.79 12.87
CA GLN A 29 -11.40 3.60 12.90
C GLN A 29 -10.68 4.85 12.46
N ALA A 30 -11.20 5.49 11.43
CA ALA A 30 -10.58 6.68 10.90
C ALA A 30 -10.88 7.88 11.80
N ILE A 31 -11.71 7.64 12.80
CA ILE A 31 -12.14 8.70 13.70
C ILE A 31 -11.20 8.80 14.90
N GLN A 32 -10.79 7.65 15.41
CA GLN A 32 -9.89 7.58 16.56
C GLN A 32 -8.65 8.42 16.31
N LEU A 33 -8.05 8.20 15.16
CA LEU A 33 -6.84 8.90 14.78
C LEU A 33 -7.13 10.12 13.91
N ALA A 34 -8.41 10.34 13.59
CA ALA A 34 -8.81 11.40 12.65
C ALA A 34 -8.05 12.70 12.84
N GLN A 35 -8.20 13.30 14.01
CA GLN A 35 -7.58 14.59 14.30
C GLN A 35 -6.06 14.50 14.36
N LEU A 36 -5.55 13.30 14.55
CA LEU A 36 -4.11 13.08 14.54
C LEU A 36 -3.65 13.09 13.09
N PHE A 37 -4.42 12.37 12.29
CA PHE A 37 -4.12 12.19 10.88
C PHE A 37 -4.40 13.48 10.12
N ALA A 38 -5.31 14.28 10.62
CA ALA A 38 -5.62 15.54 9.98
C ALA A 38 -4.58 16.62 10.31
N HIS A 39 -3.52 16.23 11.00
CA HIS A 39 -2.55 17.21 11.50
C HIS A 39 -1.18 17.06 10.82
N GLU A 40 -0.58 15.88 10.90
CA GLU A 40 0.81 15.69 10.43
C GLU A 40 0.90 15.20 8.99
N VAL A 41 -0.15 15.34 8.23
CA VAL A 41 -0.14 14.82 6.88
C VAL A 41 0.31 15.85 5.87
N ASP A 42 0.39 15.45 4.61
CA ASP A 42 0.80 16.35 3.55
C ASP A 42 -0.43 17.08 3.00
N ASP A 43 -0.22 18.02 2.09
CA ASP A 43 -1.31 18.80 1.48
C ASP A 43 -2.46 17.89 1.01
N ASN A 44 -2.12 16.66 0.63
CA ASN A 44 -3.13 15.69 0.21
C ASN A 44 -3.94 15.17 1.40
N GLY A 45 -3.25 14.89 2.50
CA GLY A 45 -3.91 14.37 3.68
C GLY A 45 -3.53 12.94 4.01
N GLN A 46 -2.37 12.49 3.55
CA GLN A 46 -1.86 11.15 3.86
C GLN A 46 -0.69 11.20 4.84
N LEU A 47 -0.49 10.10 5.56
CA LEU A 47 0.58 9.95 6.56
C LEU A 47 1.93 10.45 6.03
N ASP A 48 2.49 11.47 6.67
CA ASP A 48 3.79 11.99 6.28
C ASP A 48 4.84 11.44 7.24
N LEU A 49 5.69 10.54 6.79
CA LEU A 49 6.59 9.82 7.71
C LEU A 49 7.54 10.77 8.44
N ALA A 50 7.64 12.01 7.96
CA ALA A 50 8.46 13.00 8.62
C ALA A 50 7.79 13.52 9.89
N LYS A 51 6.54 13.93 9.76
CA LYS A 51 5.82 14.51 10.88
C LYS A 51 4.81 13.53 11.44
N ALA A 52 4.15 12.82 10.56
CA ALA A 52 3.10 11.90 10.97
C ALA A 52 3.66 10.68 11.69
N LEU A 53 4.97 10.55 11.66
CA LEU A 53 5.63 9.52 12.44
C LEU A 53 5.57 9.91 13.92
N LYS A 54 5.36 11.21 14.13
CA LYS A 54 5.13 11.77 15.45
C LYS A 54 3.65 11.65 15.78
N LYS A 55 2.85 11.86 14.75
CA LYS A 55 1.40 11.71 14.85
C LYS A 55 1.03 10.28 15.22
N ALA A 56 1.82 9.34 14.72
CA ALA A 56 1.64 7.92 15.02
C ALA A 56 1.85 7.64 16.50
N GLN A 57 2.68 8.47 17.11
CA GLN A 57 3.02 8.33 18.51
C GLN A 57 1.83 8.72 19.41
N ALA A 58 0.82 9.30 18.78
CA ALA A 58 -0.37 9.74 19.50
C ALA A 58 -1.60 8.90 19.15
N GLN A 59 -1.38 7.77 18.47
CA GLN A 59 -2.50 6.92 18.04
C GLN A 59 -3.23 6.31 19.23
N PRO A 60 -4.52 6.01 19.06
CA PRO A 60 -5.36 5.38 20.08
C PRO A 60 -4.66 4.28 20.87
N ASP A 61 -4.16 3.25 20.18
CA ASP A 61 -3.59 2.09 20.87
C ASP A 61 -2.06 2.07 20.81
N LEU A 62 -1.48 1.75 19.66
CA LEU A 62 -0.01 1.71 19.53
C LEU A 62 0.51 2.83 18.63
N ALA A 63 1.60 2.56 17.93
CA ALA A 63 2.30 3.56 17.13
C ALA A 63 2.92 2.90 15.90
N ILE A 64 3.89 3.56 15.30
CA ILE A 64 4.61 3.02 14.14
C ILE A 64 5.10 1.60 14.41
N ILE A 65 4.61 0.65 13.63
CA ILE A 65 5.05 -0.74 13.78
C ILE A 65 5.60 -1.28 12.46
N ALA A 66 5.04 -0.84 11.36
CA ALA A 66 5.36 -1.41 10.07
C ALA A 66 5.74 -0.35 9.05
N THR A 67 6.99 -0.40 8.61
CA THR A 67 7.44 0.41 7.49
C THR A 67 8.12 -0.53 6.50
N ASN A 68 7.32 -1.35 5.83
CA ASN A 68 7.84 -2.45 5.04
C ASN A 68 7.47 -2.31 3.56
N ASN A 69 8.40 -2.64 2.69
CA ASN A 69 8.18 -2.52 1.27
C ASN A 69 8.29 -3.90 0.62
N MET A 70 8.24 -3.96 -0.71
CA MET A 70 8.31 -5.24 -1.40
C MET A 70 9.27 -5.11 -2.58
N THR A 71 10.11 -6.12 -2.78
CA THR A 71 11.02 -6.15 -3.91
C THR A 71 10.75 -7.35 -4.80
N LEU A 72 9.97 -7.12 -5.83
CA LEU A 72 9.57 -8.18 -6.76
C LEU A 72 10.03 -7.80 -8.12
N LYS A 73 10.72 -8.69 -8.78
CA LYS A 73 11.18 -8.40 -10.11
C LYS A 73 11.12 -9.66 -10.93
N LYS A 74 10.97 -9.47 -12.20
CA LYS A 74 10.92 -10.56 -13.12
C LYS A 74 11.87 -10.28 -14.27
N SER A 75 12.24 -11.34 -14.89
CA SER A 75 13.40 -11.42 -15.72
C SER A 75 13.36 -12.73 -16.48
N PHE A 76 14.07 -12.79 -17.61
CA PHE A 76 14.07 -13.99 -18.42
C PHE A 76 14.95 -15.06 -17.75
N SER A 77 15.27 -14.78 -16.49
CA SER A 77 15.82 -15.75 -15.55
C SER A 77 14.71 -16.73 -15.15
N THR A 78 14.83 -17.39 -14.01
CA THR A 78 13.84 -18.37 -13.64
C THR A 78 12.87 -17.84 -12.57
N LEU A 79 11.63 -18.31 -12.64
CA LEU A 79 10.63 -17.95 -11.66
C LEU A 79 10.94 -18.61 -10.33
N SER A 80 11.99 -19.42 -10.35
CA SER A 80 12.56 -20.01 -9.16
C SER A 80 12.94 -18.94 -8.13
N ALA A 81 13.24 -17.75 -8.62
CA ALA A 81 13.54 -16.64 -7.72
C ALA A 81 12.37 -15.67 -7.68
N LEU A 82 11.72 -15.49 -8.83
CA LEU A 82 10.60 -14.55 -8.94
C LEU A 82 9.47 -14.91 -7.98
N THR A 83 8.92 -16.12 -8.13
CA THR A 83 7.78 -16.53 -7.31
C THR A 83 8.17 -16.65 -5.84
N THR A 84 9.42 -17.02 -5.59
CA THR A 84 9.94 -17.15 -4.24
C THR A 84 9.79 -15.84 -3.46
N THR A 85 10.25 -14.75 -4.05
CA THR A 85 10.18 -13.47 -3.36
C THR A 85 8.75 -12.94 -3.45
N LEU A 86 8.08 -13.19 -4.58
CA LEU A 86 6.72 -12.74 -4.81
C LEU A 86 5.77 -13.30 -3.76
N SER A 87 6.01 -14.54 -3.36
CA SER A 87 5.16 -15.18 -2.37
C SER A 87 5.43 -14.58 -0.99
N GLU A 88 6.71 -14.47 -0.63
CA GLU A 88 7.11 -13.88 0.63
C GLU A 88 6.52 -12.47 0.77
N GLN A 89 6.55 -11.71 -0.32
CA GLN A 89 6.03 -10.36 -0.31
C GLN A 89 4.60 -10.32 -0.82
N LEU A 90 3.98 -11.48 -0.97
CA LEU A 90 2.57 -11.53 -1.35
C LEU A 90 1.74 -11.15 -0.13
N LYS A 91 2.37 -11.24 1.04
CA LYS A 91 1.76 -10.75 2.27
C LYS A 91 1.71 -9.22 2.24
N ILE A 92 2.43 -8.63 1.29
CA ILE A 92 2.49 -7.18 1.13
C ILE A 92 1.20 -6.64 0.54
N GLU A 93 0.34 -7.54 0.06
CA GLU A 93 -0.94 -7.15 -0.56
C GLU A 93 -1.94 -6.64 0.49
N GLY A 94 -1.43 -6.10 1.59
CA GLY A 94 -2.28 -5.53 2.61
C GLY A 94 -2.91 -6.58 3.50
N VAL A 95 -2.10 -7.23 4.32
CA VAL A 95 -2.62 -8.19 5.28
C VAL A 95 -3.11 -7.46 6.53
N LEU A 96 -3.87 -6.41 6.31
CA LEU A 96 -4.43 -5.62 7.38
C LEU A 96 -5.87 -6.05 7.66
N GLY A 97 -6.79 -5.62 6.81
CA GLY A 97 -8.16 -6.09 6.87
C GLY A 97 -8.44 -7.12 5.80
N ILE A 98 -7.44 -7.94 5.48
CA ILE A 98 -7.50 -8.85 4.33
C ILE A 98 -8.56 -9.94 4.52
N SER A 99 -8.71 -10.81 3.52
CA SER A 99 -9.80 -11.76 3.47
C SER A 99 -9.45 -13.05 4.22
N GLN A 100 -10.26 -14.08 4.04
CA GLN A 100 -10.04 -15.36 4.71
C GLN A 100 -8.80 -16.02 4.14
N ASP A 101 -8.74 -16.10 2.82
CA ASP A 101 -7.57 -16.66 2.15
C ASP A 101 -6.66 -15.55 1.65
N THR A 102 -6.92 -15.06 0.44
CA THR A 102 -6.06 -14.06 -0.19
C THR A 102 -4.57 -14.35 0.01
N TYR A 103 -4.19 -15.60 -0.22
CA TYR A 103 -2.81 -16.01 -0.09
C TYR A 103 -2.34 -16.67 -1.38
N ILE A 104 -1.20 -17.34 -1.33
CA ILE A 104 -0.66 -18.01 -2.50
C ILE A 104 -1.62 -19.09 -2.99
N GLN A 105 -1.39 -19.54 -4.23
CA GLN A 105 -2.18 -20.60 -4.87
C GLN A 105 -3.53 -20.06 -5.34
N ASN A 106 -4.12 -19.15 -4.58
CA ASN A 106 -5.38 -18.52 -4.97
C ASN A 106 -5.02 -17.34 -5.86
N ILE A 107 -3.87 -16.78 -5.56
CA ILE A 107 -3.33 -15.65 -6.31
C ILE A 107 -2.09 -16.08 -7.09
N LEU A 108 -1.30 -16.96 -6.47
CA LEU A 108 -0.01 -17.34 -7.00
C LEU A 108 -0.14 -18.36 -8.12
N SER A 109 -1.37 -18.74 -8.44
CA SER A 109 -1.63 -19.72 -9.49
C SER A 109 -1.18 -19.19 -10.85
N HIS A 110 -1.52 -17.93 -11.12
CA HIS A 110 -1.13 -17.27 -12.36
C HIS A 110 0.31 -16.85 -12.28
N ALA A 111 0.87 -16.90 -11.09
CA ALA A 111 2.25 -16.50 -10.89
C ALA A 111 3.20 -17.63 -11.27
N PHE A 112 2.72 -18.86 -11.19
CA PHE A 112 3.52 -20.02 -11.54
C PHE A 112 3.73 -20.12 -13.05
N CYS A 113 2.80 -19.55 -13.81
CA CYS A 113 2.88 -19.57 -15.26
C CYS A 113 2.32 -18.29 -15.86
N ASP A 114 3.22 -17.41 -16.30
CA ASP A 114 2.86 -16.11 -16.88
C ASP A 114 2.03 -15.30 -15.89
N LEU A 115 2.74 -14.64 -14.98
CA LEU A 115 2.11 -13.99 -13.85
C LEU A 115 1.43 -12.68 -14.24
N GLU A 116 0.25 -12.80 -14.84
CA GLU A 116 -0.60 -11.65 -15.17
C GLU A 116 -1.32 -11.14 -13.93
N THR A 117 -1.06 -11.82 -12.80
CA THR A 117 -1.69 -11.52 -11.51
C THR A 117 -3.21 -11.47 -11.62
N GLN A 118 -3.75 -12.19 -12.62
CA GLN A 118 -5.20 -12.24 -12.87
C GLN A 118 -5.76 -10.85 -13.14
N LYS A 119 -4.94 -9.99 -13.74
CA LYS A 119 -5.34 -8.60 -14.02
C LYS A 119 -5.80 -7.91 -12.75
N ASP A 120 -5.15 -8.20 -11.64
CA ASP A 120 -5.56 -7.67 -10.35
C ASP A 120 -5.16 -6.21 -10.21
N LYS A 121 -6.16 -5.36 -9.97
CA LYS A 121 -5.98 -3.93 -9.75
C LYS A 121 -5.65 -3.18 -11.04
N PRO A 122 -6.35 -2.07 -11.28
CA PRO A 122 -6.08 -1.18 -12.41
C PRO A 122 -4.79 -0.40 -12.17
N TRP A 123 -3.69 -1.13 -12.10
CA TRP A 123 -2.39 -0.58 -11.83
C TRP A 123 -1.92 0.35 -12.95
N PHE A 124 -2.09 1.64 -12.74
CA PHE A 124 -1.65 2.63 -13.72
C PHE A 124 -0.15 2.83 -13.63
N HIS A 125 0.50 3.03 -14.78
CA HIS A 125 1.93 3.25 -14.82
C HIS A 125 2.33 4.09 -16.02
N ILE A 126 2.67 5.37 -15.80
CA ILE A 126 3.10 6.20 -16.93
C ILE A 126 4.26 7.13 -16.57
N ASN A 127 5.44 6.62 -16.26
CA ASN A 127 6.62 7.50 -16.32
C ASN A 127 7.61 6.99 -17.35
N ALA A 128 8.18 7.85 -18.14
CA ALA A 128 9.31 7.50 -18.97
C ALA A 128 10.66 7.71 -18.29
N GLN A 129 11.71 7.24 -18.96
CA GLN A 129 13.09 7.68 -18.71
C GLN A 129 13.83 7.68 -20.04
N PRO A 130 14.73 8.65 -20.27
CA PRO A 130 15.56 8.67 -21.47
C PRO A 130 16.59 7.55 -21.44
N ASP A 131 16.20 6.40 -21.95
CA ASP A 131 17.05 5.21 -21.93
C ASP A 131 16.86 4.41 -23.19
N ALA A 132 15.63 3.90 -23.39
CA ALA A 132 15.34 3.09 -24.57
C ALA A 132 16.23 1.87 -24.56
N GLY A 133 16.24 1.21 -23.41
CA GLY A 133 17.01 0.00 -23.24
C GLY A 133 17.02 -0.43 -21.80
N HIS A 134 16.96 0.54 -20.91
CA HIS A 134 16.82 0.29 -19.50
C HIS A 134 15.96 1.37 -18.87
N SER A 135 14.66 1.30 -19.10
CA SER A 135 13.74 2.31 -18.64
C SER A 135 12.68 1.71 -17.75
N VAL A 136 11.76 2.54 -17.29
CA VAL A 136 10.70 2.16 -16.37
C VAL A 136 9.50 3.10 -16.54
N THR A 137 8.36 2.57 -16.93
CA THR A 137 7.13 3.36 -16.94
C THR A 137 6.21 2.87 -15.83
N SER A 138 6.20 3.58 -14.71
CA SER A 138 5.45 3.13 -13.56
C SER A 138 4.71 4.26 -12.90
N TYR A 139 3.53 3.98 -12.41
CA TYR A 139 2.82 4.91 -11.55
C TYR A 139 2.48 4.16 -10.27
N SER A 140 2.15 4.88 -9.21
CA SER A 140 1.80 4.21 -7.97
C SER A 140 0.29 4.19 -7.74
N TYR A 141 -0.25 2.98 -7.67
CA TYR A 141 -1.62 2.75 -7.25
C TYR A 141 -1.66 2.72 -5.71
N SER A 142 -2.83 2.41 -5.15
CA SER A 142 -2.97 2.14 -3.72
C SER A 142 -2.82 3.38 -2.84
N LEU A 143 -3.76 3.47 -1.92
CA LEU A 143 -3.93 4.60 -1.04
C LEU A 143 -3.93 4.10 0.39
N PHE A 144 -4.37 4.91 1.34
CA PHE A 144 -4.12 4.63 2.74
C PHE A 144 -5.43 4.32 3.43
N ILE A 145 -5.38 3.34 4.35
CA ILE A 145 -6.60 2.77 4.96
C ILE A 145 -6.50 2.74 6.48
N VAL A 146 -7.59 2.34 7.10
CA VAL A 146 -7.61 2.01 8.52
C VAL A 146 -8.41 0.71 8.70
N SER A 147 -8.18 0.01 9.80
CA SER A 147 -8.82 -1.27 10.02
C SER A 147 -9.40 -1.32 11.42
N GLN A 148 -10.13 -2.39 11.71
CA GLN A 148 -10.92 -2.51 12.91
C GLN A 148 -10.59 -3.77 13.68
N GLY A 149 -10.38 -3.61 14.97
CA GLY A 149 -10.28 -4.74 15.86
C GLY A 149 -11.48 -4.79 16.77
N GLU A 150 -12.18 -5.90 16.81
CA GLU A 150 -13.38 -5.98 17.63
C GLU A 150 -13.07 -6.62 18.98
N GLU A 151 -12.10 -7.53 18.96
CA GLU A 151 -11.70 -8.27 20.17
C GLU A 151 -11.59 -7.34 21.39
N THR A 152 -10.81 -6.27 21.25
CA THR A 152 -10.68 -5.29 22.31
C THR A 152 -11.19 -3.91 21.88
N GLY A 153 -11.48 -3.78 20.59
CA GLY A 153 -11.80 -2.47 20.02
C GLY A 153 -10.55 -1.75 19.56
N ALA A 154 -9.79 -2.42 18.70
CA ALA A 154 -8.53 -1.89 18.19
C ALA A 154 -8.72 -1.33 16.78
N MET A 155 -7.64 -0.89 16.17
CA MET A 155 -7.68 -0.35 14.81
C MET A 155 -6.30 -0.41 14.18
N MET A 156 -6.15 0.17 13.01
CA MET A 156 -4.90 0.06 12.26
C MET A 156 -4.74 1.23 11.30
N ALA A 157 -3.82 2.14 11.62
CA ALA A 157 -3.58 3.30 10.78
C ALA A 157 -2.59 2.94 9.66
N ALA A 158 -3.12 2.67 8.48
CA ALA A 158 -2.33 2.09 7.41
C ALA A 158 -2.13 3.08 6.26
N GLY A 159 -1.01 2.93 5.55
CA GLY A 159 -0.74 3.78 4.42
C GLY A 159 0.14 3.13 3.37
N PRO A 160 -0.36 2.15 2.63
CA PRO A 160 0.40 1.50 1.56
C PRO A 160 0.26 2.19 0.20
N LEU A 161 1.27 2.04 -0.64
CA LEU A 161 1.11 2.41 -2.04
C LEU A 161 1.79 1.37 -2.90
N ILE A 162 1.20 1.07 -4.06
CA ILE A 162 1.70 -0.01 -4.91
C ILE A 162 2.28 0.56 -6.19
N ILE A 163 3.47 0.11 -6.57
CA ILE A 163 4.13 0.65 -7.73
C ILE A 163 4.27 -0.43 -8.79
N THR A 164 3.66 -0.19 -9.93
CA THR A 164 3.72 -1.11 -11.04
C THR A 164 4.80 -0.69 -12.00
N VAL A 165 5.80 -1.54 -12.16
CA VAL A 165 6.94 -1.20 -12.97
C VAL A 165 6.88 -1.88 -14.32
N THR A 166 6.46 -1.10 -15.30
CA THR A 166 6.33 -1.56 -16.68
C THR A 166 7.22 -0.72 -17.56
N PRO A 167 8.42 -1.20 -17.90
CA PRO A 167 9.44 -0.37 -18.50
C PRO A 167 9.25 0.03 -19.95
N ASN A 168 10.10 0.98 -20.36
CA ASN A 168 10.09 1.56 -21.70
C ASN A 168 11.30 1.08 -22.51
N THR A 169 12.05 0.13 -21.95
CA THR A 169 13.25 -0.39 -22.63
C THR A 169 12.94 -0.82 -24.06
N ALA A 170 13.90 -0.61 -24.95
CA ALA A 170 13.64 -0.42 -26.37
C ALA A 170 13.11 -1.61 -27.17
N ILE A 171 13.53 -2.83 -26.87
CA ILE A 171 13.37 -3.87 -27.88
C ILE A 171 12.59 -5.04 -27.34
N SER A 172 11.93 -5.73 -28.25
CA SER A 172 11.32 -7.01 -27.98
C SER A 172 11.25 -7.75 -29.31
N ASP A 173 12.43 -7.86 -29.93
CA ASP A 173 12.55 -8.35 -31.29
C ASP A 173 13.52 -9.51 -31.35
N ILE A 174 14.38 -9.54 -32.38
CA ILE A 174 15.27 -10.68 -32.61
C ILE A 174 16.28 -10.82 -31.48
N PHE A 175 16.58 -9.73 -30.80
CA PHE A 175 17.32 -9.79 -29.56
C PHE A 175 16.86 -8.63 -28.69
N ASN A 176 16.80 -8.85 -27.39
CA ASN A 176 16.28 -7.84 -26.50
C ASN A 176 17.37 -6.95 -25.91
N THR A 177 17.05 -5.66 -25.75
CA THR A 177 17.78 -4.79 -24.82
C THR A 177 17.40 -5.14 -23.36
N LYS A 178 16.41 -6.05 -23.27
CA LYS A 178 15.79 -6.57 -22.04
C LYS A 178 14.59 -5.73 -21.61
N ASP A 179 13.59 -5.66 -22.49
CA ASP A 179 12.30 -5.08 -22.15
C ASP A 179 11.36 -6.19 -21.71
N TRP A 180 11.81 -7.43 -21.90
CA TRP A 180 11.05 -8.57 -21.45
C TRP A 180 11.25 -8.80 -19.96
N ARG A 181 12.07 -7.96 -19.33
CA ARG A 181 12.21 -8.03 -17.88
C ARG A 181 11.33 -6.95 -17.25
N LEU A 182 10.69 -7.31 -16.16
CA LEU A 182 9.76 -6.40 -15.48
C LEU A 182 10.04 -6.41 -13.98
N THR A 183 9.30 -5.59 -13.23
CA THR A 183 9.55 -5.39 -11.80
C THR A 183 8.29 -4.87 -11.10
N LEU A 184 8.02 -5.36 -9.89
CA LEU A 184 6.93 -4.82 -9.08
C LEU A 184 7.40 -4.56 -7.65
N GLN A 185 7.13 -3.37 -7.17
CA GLN A 185 7.71 -2.90 -5.92
C GLN A 185 6.73 -1.94 -5.28
N LYS A 186 6.88 -1.68 -3.99
CA LYS A 186 6.01 -0.69 -3.35
C LYS A 186 6.28 -0.51 -1.88
N GLU A 187 5.64 0.50 -1.29
CA GLU A 187 5.92 0.88 0.07
C GLU A 187 4.65 0.85 0.91
N GLU A 188 4.59 -0.08 1.84
CA GLU A 188 3.53 -0.08 2.83
C GLU A 188 4.04 0.38 4.17
N ILE A 189 3.69 1.58 4.53
CA ILE A 189 3.96 2.08 5.85
C ILE A 189 2.66 2.06 6.63
N THR A 190 2.63 1.24 7.66
CA THR A 190 1.43 1.03 8.43
C THR A 190 1.72 1.17 9.91
N ILE A 191 1.03 2.11 10.52
CA ILE A 191 1.18 2.34 11.94
C ILE A 191 0.23 1.41 12.68
N GLY A 192 0.81 0.40 13.29
CA GLY A 192 0.03 -0.58 13.99
C GLY A 192 -0.43 -0.06 15.32
N VAL A 193 -1.73 -0.14 15.56
CA VAL A 193 -2.31 0.42 16.78
C VAL A 193 -3.41 -0.53 17.27
N LYS A 194 -3.00 -1.66 17.81
CA LYS A 194 -3.94 -2.78 17.97
C LYS A 194 -3.34 -3.98 18.68
N GLY A 195 -4.11 -5.08 18.68
CA GLY A 195 -3.68 -6.33 19.23
C GLY A 195 -3.71 -7.41 18.17
N PHE A 196 -3.14 -7.07 17.02
CA PHE A 196 -3.14 -7.92 15.82
C PHE A 196 -2.64 -9.32 16.12
N GLN A 197 -3.56 -10.27 16.15
CA GLN A 197 -3.21 -11.66 16.31
C GLN A 197 -3.20 -12.33 14.94
N VAL A 198 -4.37 -12.33 14.31
CA VAL A 198 -4.52 -12.79 12.93
C VAL A 198 -4.99 -11.61 12.09
N VAL A 199 -4.86 -11.70 10.77
CA VAL A 199 -5.40 -10.66 9.90
C VAL A 199 -6.92 -10.74 9.92
N THR A 200 -7.50 -9.93 10.76
CA THR A 200 -8.88 -10.03 11.17
C THR A 200 -9.18 -8.81 12.04
N PRO A 201 -10.38 -8.65 12.62
CA PRO A 201 -10.61 -7.67 13.70
C PRO A 201 -9.56 -7.78 14.81
N LEU A 202 -8.46 -7.10 14.56
CA LEU A 202 -7.23 -7.08 15.37
C LEU A 202 -7.37 -6.45 16.74
N GLY A 203 -8.37 -6.83 17.50
CA GLY A 203 -8.47 -6.34 18.85
C GLY A 203 -7.52 -7.10 19.77
N MET A 1 -12.26 13.56 10.62
CA MET A 1 -11.71 12.91 9.41
C MET A 1 -12.38 13.53 8.19
N SER A 2 -11.74 13.43 7.02
CA SER A 2 -12.27 14.03 5.82
C SER A 2 -12.28 15.54 5.95
N ILE A 3 -13.04 16.19 5.09
CA ILE A 3 -13.09 17.62 5.05
C ILE A 3 -14.04 18.14 6.13
N GLU A 4 -15.29 18.37 5.72
CA GLU A 4 -16.39 18.70 6.64
C GLU A 4 -16.03 19.88 7.54
N ILE A 5 -16.41 21.08 7.11
CA ILE A 5 -16.06 22.27 7.85
C ILE A 5 -17.30 23.10 8.13
N TYR A 6 -17.14 24.41 8.20
CA TYR A 6 -18.26 25.31 8.51
C TYR A 6 -18.13 26.66 7.78
N PRO A 7 -17.01 27.41 7.97
CA PRO A 7 -16.81 28.75 7.40
C PRO A 7 -17.31 28.89 5.96
N ASP A 8 -16.77 28.07 5.07
CA ASP A 8 -17.19 28.07 3.67
C ASP A 8 -18.68 27.79 3.58
N ASP A 9 -19.03 26.58 3.98
CA ASP A 9 -20.40 26.12 3.95
C ASP A 9 -20.53 24.79 4.70
N GLY A 10 -19.45 24.03 4.71
CA GLY A 10 -19.45 22.72 5.34
C GLY A 10 -18.43 21.81 4.72
N ASN A 11 -17.60 22.36 3.84
CA ASN A 11 -16.60 21.60 3.11
C ASN A 11 -15.68 22.55 2.34
N THR A 12 -14.37 22.50 2.62
CA THR A 12 -13.43 23.43 1.98
C THR A 12 -11.96 23.09 2.31
N LEU A 13 -11.73 21.91 2.90
CA LEU A 13 -10.38 21.50 3.33
C LEU A 13 -9.36 21.64 2.22
N PRO A 14 -8.20 22.24 2.51
CA PRO A 14 -7.06 22.27 1.59
C PRO A 14 -6.46 20.87 1.40
N TYR A 15 -6.91 19.93 2.23
CA TYR A 15 -6.50 18.55 2.08
C TYR A 15 -7.33 17.88 1.02
N GLN A 16 -8.61 18.23 0.97
CA GLN A 16 -9.56 17.61 0.08
C GLN A 16 -9.61 16.12 0.35
N VAL A 17 -9.83 15.76 1.61
CA VAL A 17 -9.84 14.38 1.99
C VAL A 17 -11.24 13.98 2.40
N PHE A 18 -11.58 12.75 2.15
CA PHE A 18 -12.93 12.26 2.30
C PHE A 18 -12.96 10.84 1.80
N LEU A 19 -12.29 10.63 0.69
CA LEU A 19 -12.10 9.30 0.13
C LEU A 19 -10.84 9.26 -0.72
N ASN A 20 -9.72 9.76 -0.18
CA ASN A 20 -8.52 9.88 -0.99
C ASN A 20 -7.71 8.60 -0.87
N LEU A 21 -8.07 7.78 0.09
CA LEU A 21 -7.41 6.50 0.29
C LEU A 21 -8.44 5.44 0.67
N GLU A 22 -8.15 4.20 0.28
CA GLU A 22 -9.04 3.06 0.55
C GLU A 22 -9.17 2.77 2.02
N ASN A 23 -10.36 2.68 2.53
CA ASN A 23 -10.50 2.22 3.89
C ASN A 23 -11.42 1.00 3.95
N GLU A 24 -11.15 0.12 4.90
CA GLU A 24 -11.94 -1.09 5.04
C GLU A 24 -12.72 -1.08 6.35
N HIS A 25 -12.36 -0.16 7.23
CA HIS A 25 -12.95 -0.09 8.56
C HIS A 25 -13.11 1.35 9.03
N TYR A 26 -13.22 2.27 8.09
CA TYR A 26 -13.33 3.71 8.37
C TYR A 26 -14.53 4.09 9.25
N TYR A 27 -15.37 3.12 9.59
CA TYR A 27 -16.56 3.34 10.43
C TYR A 27 -16.27 4.24 11.62
N ALA A 28 -15.32 3.84 12.44
CA ALA A 28 -14.92 4.64 13.58
C ALA A 28 -13.41 4.65 13.71
N GLN A 29 -12.77 3.77 12.94
CA GLN A 29 -11.33 3.57 13.03
C GLN A 29 -10.58 4.79 12.48
N ALA A 30 -11.13 5.36 11.42
CA ALA A 30 -10.52 6.50 10.77
C ALA A 30 -10.81 7.76 11.56
N ILE A 31 -11.62 7.61 12.59
CA ILE A 31 -12.05 8.74 13.39
C ILE A 31 -11.16 8.90 14.62
N GLN A 32 -10.78 7.77 15.22
CA GLN A 32 -9.94 7.78 16.42
C GLN A 32 -8.65 8.56 16.17
N LEU A 33 -8.05 8.28 15.03
CA LEU A 33 -6.80 8.92 14.66
C LEU A 33 -7.01 10.10 13.72
N ALA A 34 -8.27 10.34 13.35
CA ALA A 34 -8.63 11.37 12.36
C ALA A 34 -7.90 12.70 12.57
N GLN A 35 -8.12 13.30 13.72
CA GLN A 35 -7.54 14.60 14.02
C GLN A 35 -6.01 14.53 14.15
N LEU A 36 -5.50 13.31 14.27
CA LEU A 36 -4.05 13.11 14.28
C LEU A 36 -3.59 13.05 12.85
N PHE A 37 -4.35 12.31 12.05
CA PHE A 37 -4.05 12.10 10.66
C PHE A 37 -4.14 13.42 9.92
N ALA A 38 -5.14 14.22 10.25
CA ALA A 38 -5.35 15.50 9.58
C ALA A 38 -4.27 16.52 9.96
N HIS A 39 -3.29 16.09 10.73
CA HIS A 39 -2.28 16.99 11.26
C HIS A 39 -0.94 16.82 10.52
N GLU A 40 -0.44 15.58 10.46
CA GLU A 40 0.90 15.33 9.92
C GLU A 40 0.88 14.69 8.53
N VAL A 41 -0.22 14.77 7.82
CA VAL A 41 -0.26 14.17 6.50
C VAL A 41 0.18 15.14 5.44
N ASP A 42 0.21 14.69 4.21
CA ASP A 42 0.62 15.54 3.10
C ASP A 42 -0.59 16.25 2.55
N ASP A 43 -0.41 17.19 1.62
CA ASP A 43 -1.52 17.95 1.05
C ASP A 43 -2.68 17.05 0.63
N ASN A 44 -2.35 15.83 0.22
CA ASN A 44 -3.36 14.85 -0.18
C ASN A 44 -4.16 14.36 1.02
N GLY A 45 -3.47 14.08 2.12
CA GLY A 45 -4.12 13.55 3.31
C GLY A 45 -3.70 12.14 3.67
N GLN A 46 -2.51 11.73 3.23
CA GLN A 46 -1.98 10.41 3.58
C GLN A 46 -0.82 10.52 4.57
N LEU A 47 -0.61 9.46 5.36
CA LEU A 47 0.44 9.40 6.38
C LEU A 47 1.80 9.85 5.84
N ASP A 48 2.39 10.88 6.44
CA ASP A 48 3.69 11.36 6.01
C ASP A 48 4.71 11.02 7.07
N LEU A 49 5.41 9.93 6.91
CA LEU A 49 6.26 9.40 7.99
C LEU A 49 7.38 10.35 8.40
N ALA A 50 7.55 11.44 7.68
CA ALA A 50 8.47 12.48 8.11
C ALA A 50 7.91 13.18 9.35
N LYS A 51 6.63 13.52 9.29
CA LYS A 51 5.94 14.18 10.39
C LYS A 51 5.00 13.22 11.08
N ALA A 52 4.29 12.43 10.29
CA ALA A 52 3.25 11.56 10.79
C ALA A 52 3.80 10.40 11.59
N LEU A 53 5.11 10.24 11.58
CA LEU A 53 5.75 9.26 12.42
C LEU A 53 5.75 9.79 13.86
N LYS A 54 5.50 11.10 13.97
CA LYS A 54 5.25 11.77 15.23
C LYS A 54 3.77 11.67 15.55
N LYS A 55 2.97 11.83 14.50
CA LYS A 55 1.51 11.71 14.60
C LYS A 55 1.12 10.32 15.08
N ALA A 56 1.89 9.33 14.66
CA ALA A 56 1.67 7.94 15.06
C ALA A 56 1.85 7.78 16.55
N GLN A 57 2.69 8.62 17.12
CA GLN A 57 3.01 8.58 18.53
C GLN A 57 1.82 9.02 19.37
N ALA A 58 0.83 9.61 18.71
CA ALA A 58 -0.35 10.12 19.39
C ALA A 58 -1.58 9.28 19.08
N GLN A 59 -1.38 8.09 18.50
CA GLN A 59 -2.50 7.23 18.11
C GLN A 59 -3.27 6.72 19.31
N PRO A 60 -4.57 6.42 19.13
CA PRO A 60 -5.46 5.89 20.16
C PRO A 60 -4.78 4.87 21.09
N ASP A 61 -4.19 3.81 20.53
CA ASP A 61 -3.60 2.77 21.37
C ASP A 61 -2.07 2.77 21.30
N LEU A 62 -1.50 2.28 20.20
CA LEU A 62 -0.04 2.19 20.08
C LEU A 62 0.51 3.21 19.09
N ALA A 63 1.59 2.84 18.41
CA ALA A 63 2.32 3.75 17.53
C ALA A 63 2.89 2.99 16.34
N ILE A 64 3.88 3.57 15.70
CA ILE A 64 4.57 2.90 14.59
C ILE A 64 5.03 1.49 14.97
N ILE A 65 4.51 0.50 14.27
CA ILE A 65 4.89 -0.88 14.53
C ILE A 65 5.39 -1.57 13.26
N ALA A 66 4.82 -1.18 12.13
CA ALA A 66 5.10 -1.88 10.88
C ALA A 66 5.52 -0.91 9.78
N THR A 67 6.71 -1.16 9.25
CA THR A 67 7.23 -0.44 8.10
C THR A 67 7.94 -1.43 7.19
N ASN A 68 7.16 -2.28 6.53
CA ASN A 68 7.69 -3.41 5.77
C ASN A 68 7.36 -3.28 4.30
N ASN A 69 8.29 -3.69 3.44
CA ASN A 69 8.13 -3.48 2.01
C ASN A 69 8.35 -4.76 1.24
N MET A 70 8.34 -4.67 -0.09
CA MET A 70 8.48 -5.82 -0.95
C MET A 70 9.40 -5.50 -2.12
N THR A 71 10.18 -6.48 -2.54
CA THR A 71 11.07 -6.34 -3.69
C THR A 71 10.74 -7.39 -4.75
N LEU A 72 10.04 -6.94 -5.78
CA LEU A 72 9.57 -7.82 -6.85
C LEU A 72 10.10 -7.28 -8.16
N LYS A 73 10.66 -8.13 -8.99
CA LYS A 73 11.21 -7.63 -10.22
C LYS A 73 10.98 -8.62 -11.35
N LYS A 74 11.02 -8.10 -12.54
CA LYS A 74 10.76 -8.88 -13.72
C LYS A 74 11.83 -8.64 -14.75
N SER A 75 11.91 -9.59 -15.63
CA SER A 75 13.03 -9.79 -16.50
C SER A 75 12.65 -10.89 -17.46
N PHE A 76 13.27 -10.94 -18.63
CA PHE A 76 12.95 -11.99 -19.59
C PHE A 76 13.63 -13.31 -19.17
N SER A 77 13.82 -13.41 -17.85
CA SER A 77 14.28 -14.63 -17.20
C SER A 77 13.06 -15.51 -16.91
N THR A 78 13.15 -16.38 -15.92
CA THR A 78 12.08 -17.32 -15.68
C THR A 78 11.21 -16.89 -14.48
N LEU A 79 9.94 -17.23 -14.57
CA LEU A 79 8.99 -16.98 -13.49
C LEU A 79 9.39 -17.73 -12.22
N SER A 80 10.40 -18.58 -12.36
CA SER A 80 10.96 -19.33 -11.26
C SER A 80 11.47 -18.39 -10.16
N ALA A 81 11.76 -17.16 -10.53
CA ALA A 81 12.14 -16.17 -9.55
C ALA A 81 11.02 -15.16 -9.37
N LEU A 82 10.38 -14.80 -10.47
CA LEU A 82 9.36 -13.76 -10.47
C LEU A 82 8.12 -14.15 -9.65
N THR A 83 7.61 -15.37 -9.84
CA THR A 83 6.46 -15.81 -9.05
C THR A 83 6.89 -16.25 -7.65
N THR A 84 8.11 -16.77 -7.54
CA THR A 84 8.66 -17.17 -6.25
C THR A 84 8.73 -15.97 -5.31
N THR A 85 9.26 -14.87 -5.83
CA THR A 85 9.35 -13.66 -5.06
C THR A 85 7.96 -13.21 -4.67
N LEU A 86 7.13 -12.98 -5.70
CA LEU A 86 5.77 -12.48 -5.54
C LEU A 86 4.99 -13.27 -4.49
N SER A 87 5.18 -14.57 -4.44
CA SER A 87 4.44 -15.41 -3.51
C SER A 87 4.99 -15.25 -2.07
N GLU A 88 6.31 -15.35 -1.93
CA GLU A 88 6.95 -15.17 -0.64
C GLU A 88 6.67 -13.78 -0.09
N GLN A 89 6.65 -12.78 -0.96
CA GLN A 89 6.34 -11.43 -0.56
C GLN A 89 4.86 -11.15 -0.77
N LEU A 90 4.09 -12.19 -0.98
CA LEU A 90 2.64 -12.06 -1.01
C LEU A 90 2.16 -11.84 0.41
N LYS A 91 3.04 -12.15 1.35
CA LYS A 91 2.79 -11.80 2.75
C LYS A 91 2.51 -10.30 2.88
N ILE A 92 3.26 -9.49 2.13
CA ILE A 92 3.03 -8.04 2.13
C ILE A 92 1.91 -7.63 1.17
N GLU A 93 0.97 -8.53 0.92
CA GLU A 93 -0.22 -8.18 0.14
C GLU A 93 -1.28 -7.56 1.06
N GLY A 94 -0.83 -7.07 2.21
CA GLY A 94 -1.72 -6.37 3.11
C GLY A 94 -2.33 -7.25 4.18
N VAL A 95 -1.46 -7.89 4.97
CA VAL A 95 -1.91 -8.69 6.11
C VAL A 95 -2.26 -7.81 7.31
N LEU A 96 -3.13 -6.84 7.08
CA LEU A 96 -3.61 -5.98 8.14
C LEU A 96 -4.96 -6.50 8.66
N GLY A 97 -6.03 -6.17 7.96
CA GLY A 97 -7.30 -6.80 8.20
C GLY A 97 -7.57 -7.87 7.15
N ILE A 98 -6.67 -8.85 7.08
CA ILE A 98 -6.72 -9.90 6.05
C ILE A 98 -8.09 -10.61 6.01
N SER A 99 -8.31 -11.39 4.97
CA SER A 99 -9.58 -12.08 4.78
C SER A 99 -9.54 -13.45 5.45
N GLN A 100 -10.45 -14.34 5.07
CA GLN A 100 -10.47 -15.68 5.65
C GLN A 100 -9.14 -16.38 5.42
N ASP A 101 -8.52 -16.08 4.27
CA ASP A 101 -7.19 -16.55 3.98
C ASP A 101 -6.40 -15.46 3.27
N THR A 102 -6.77 -15.19 2.02
CA THR A 102 -6.05 -14.24 1.16
C THR A 102 -4.53 -14.42 1.22
N TYR A 103 -4.09 -15.65 1.07
CA TYR A 103 -2.68 -15.97 0.99
C TYR A 103 -2.42 -16.79 -0.27
N ILE A 104 -1.30 -17.48 -0.31
CA ILE A 104 -0.98 -18.32 -1.46
C ILE A 104 -2.03 -19.41 -1.66
N GLN A 105 -2.00 -20.02 -2.83
CA GLN A 105 -2.95 -21.07 -3.23
C GLN A 105 -4.29 -20.47 -3.65
N ASN A 106 -4.78 -19.50 -2.89
CA ASN A 106 -6.01 -18.81 -3.26
C ASN A 106 -5.67 -17.67 -4.18
N ILE A 107 -4.46 -17.17 -3.99
CA ILE A 107 -3.91 -16.12 -4.83
C ILE A 107 -2.96 -16.75 -5.83
N LEU A 108 -2.20 -17.73 -5.37
CA LEU A 108 -1.22 -18.40 -6.20
C LEU A 108 -1.92 -19.27 -7.23
N SER A 109 -3.25 -19.28 -7.18
CA SER A 109 -4.05 -19.93 -8.18
C SER A 109 -3.93 -19.17 -9.50
N HIS A 110 -3.72 -17.85 -9.37
CA HIS A 110 -3.44 -17.02 -10.53
C HIS A 110 -2.18 -17.49 -11.23
N ALA A 111 -1.19 -17.86 -10.44
CA ALA A 111 0.10 -18.27 -10.96
C ALA A 111 0.01 -19.60 -11.70
N PHE A 112 -1.00 -20.39 -11.39
CA PHE A 112 -1.21 -21.66 -12.06
C PHE A 112 -2.29 -21.54 -13.13
N CYS A 113 -3.13 -20.52 -12.99
CA CYS A 113 -4.28 -20.31 -13.87
C CYS A 113 -4.63 -18.83 -13.88
N ASP A 114 -4.49 -18.20 -15.04
CA ASP A 114 -4.72 -16.77 -15.20
C ASP A 114 -3.70 -15.98 -14.38
N LEU A 115 -2.48 -15.96 -14.89
CA LEU A 115 -1.36 -15.34 -14.22
C LEU A 115 -1.47 -13.83 -14.31
N GLU A 116 -1.46 -13.15 -13.16
CA GLU A 116 -1.46 -11.67 -13.12
C GLU A 116 -0.24 -11.09 -13.85
N THR A 117 0.65 -12.00 -14.25
CA THR A 117 1.72 -11.75 -15.20
C THR A 117 2.63 -10.59 -14.80
N GLN A 118 2.97 -10.54 -13.51
CA GLN A 118 3.89 -9.53 -13.00
C GLN A 118 3.53 -8.15 -13.54
N LYS A 119 2.31 -7.72 -13.26
CA LYS A 119 1.73 -6.48 -13.83
C LYS A 119 1.30 -6.71 -15.28
N ASP A 120 0.36 -7.62 -15.45
CA ASP A 120 -0.42 -7.69 -16.68
C ASP A 120 -1.47 -6.58 -16.65
N LYS A 121 -1.54 -5.81 -17.74
CA LYS A 121 -2.44 -4.65 -17.86
C LYS A 121 -1.74 -3.37 -17.42
N PRO A 122 -2.17 -2.22 -18.01
CA PRO A 122 -1.59 -0.90 -17.74
C PRO A 122 -1.86 -0.37 -16.35
N TRP A 123 -1.30 -1.03 -15.34
CA TRP A 123 -1.33 -0.52 -13.98
C TRP A 123 -0.58 0.81 -13.98
N PHE A 124 -1.32 1.89 -13.75
CA PHE A 124 -0.88 3.25 -14.08
C PHE A 124 0.50 3.61 -13.57
N HIS A 125 1.27 4.25 -14.44
CA HIS A 125 2.59 4.76 -14.10
C HIS A 125 2.94 5.95 -14.98
N ILE A 126 2.91 7.17 -14.45
CA ILE A 126 3.29 8.31 -15.27
C ILE A 126 4.17 9.33 -14.57
N ASN A 127 5.38 8.98 -14.15
CA ASN A 127 6.40 10.03 -14.06
C ASN A 127 7.57 9.68 -14.97
N ALA A 128 8.07 10.64 -15.71
CA ALA A 128 9.33 10.50 -16.44
C ALA A 128 10.54 10.94 -15.63
N GLN A 129 11.71 10.77 -16.26
CA GLN A 129 12.96 11.42 -15.85
C GLN A 129 13.78 11.70 -17.10
N PRO A 130 14.47 12.85 -17.16
CA PRO A 130 15.36 13.14 -18.28
C PRO A 130 16.64 12.30 -18.21
N ASP A 131 16.56 11.10 -18.79
CA ASP A 131 17.65 10.13 -18.72
C ASP A 131 17.81 9.42 -20.04
N ALA A 132 16.76 8.69 -20.46
CA ALA A 132 16.81 7.92 -21.70
C ALA A 132 17.92 6.90 -21.63
N GLY A 133 17.90 6.12 -20.56
CA GLY A 133 18.92 5.13 -20.36
C GLY A 133 18.90 4.61 -18.93
N HIS A 134 18.53 5.50 -18.03
CA HIS A 134 18.35 5.13 -16.63
C HIS A 134 17.15 5.88 -16.06
N SER A 135 15.96 5.49 -16.48
CA SER A 135 14.76 6.22 -16.10
C SER A 135 13.75 5.29 -15.44
N VAL A 136 12.62 5.87 -15.05
CA VAL A 136 11.54 5.18 -14.36
C VAL A 136 10.22 5.92 -14.62
N THR A 137 9.24 5.28 -15.22
CA THR A 137 7.91 5.87 -15.28
C THR A 137 7.00 5.08 -14.34
N SER A 138 6.61 5.69 -13.24
CA SER A 138 5.86 4.98 -12.23
C SER A 138 4.77 5.83 -11.58
N TYR A 139 3.68 5.19 -11.28
CA TYR A 139 2.67 5.78 -10.44
C TYR A 139 2.36 4.79 -9.32
N SER A 140 1.80 5.24 -8.22
CA SER A 140 1.56 4.32 -7.12
C SER A 140 0.11 3.86 -7.08
N TYR A 141 -0.06 2.56 -7.17
CA TYR A 141 -1.31 1.88 -6.85
C TYR A 141 -1.36 1.73 -5.33
N SER A 142 -2.48 1.22 -4.80
CA SER A 142 -2.60 0.97 -3.36
C SER A 142 -2.66 2.26 -2.56
N LEU A 143 -3.59 2.30 -1.65
CA LEU A 143 -3.92 3.49 -0.90
C LEU A 143 -3.89 3.15 0.59
N PHE A 144 -4.39 4.05 1.41
CA PHE A 144 -4.12 4.00 2.84
C PHE A 144 -5.42 3.71 3.57
N ILE A 145 -5.32 2.89 4.63
CA ILE A 145 -6.49 2.28 5.26
C ILE A 145 -6.42 2.35 6.79
N VAL A 146 -7.51 1.95 7.43
CA VAL A 146 -7.52 1.73 8.87
C VAL A 146 -8.32 0.46 9.15
N SER A 147 -8.07 -0.18 10.27
CA SER A 147 -8.68 -1.45 10.58
C SER A 147 -9.30 -1.43 11.96
N GLN A 148 -10.05 -2.49 12.27
CA GLN A 148 -10.90 -2.51 13.45
C GLN A 148 -10.63 -3.75 14.30
N GLY A 149 -10.31 -3.53 15.56
CA GLY A 149 -10.21 -4.62 16.50
C GLY A 149 -11.55 -4.86 17.14
N GLU A 150 -12.03 -6.09 17.13
CA GLU A 150 -13.34 -6.36 17.72
C GLU A 150 -13.21 -6.90 19.13
N GLU A 151 -12.15 -7.65 19.38
CA GLU A 151 -11.93 -8.28 20.67
C GLU A 151 -11.95 -7.24 21.80
N THR A 152 -11.12 -6.22 21.66
CA THR A 152 -11.01 -5.17 22.67
C THR A 152 -11.55 -3.83 22.13
N GLY A 153 -11.68 -3.74 20.81
CA GLY A 153 -12.14 -2.52 20.17
C GLY A 153 -10.98 -1.60 19.76
N ALA A 154 -9.90 -2.21 19.31
CA ALA A 154 -8.73 -1.50 18.82
C ALA A 154 -8.88 -1.10 17.36
N MET A 155 -7.77 -0.68 16.76
CA MET A 155 -7.75 -0.27 15.36
C MET A 155 -6.34 -0.43 14.79
N MET A 156 -6.13 0.11 13.60
CA MET A 156 -4.86 -0.01 12.91
C MET A 156 -4.69 1.12 11.90
N ALA A 157 -3.80 2.05 12.17
CA ALA A 157 -3.56 3.18 11.28
C ALA A 157 -2.59 2.79 10.18
N ALA A 158 -3.12 2.47 9.02
CA ALA A 158 -2.32 1.89 7.95
C ALA A 158 -2.17 2.83 6.77
N GLY A 159 -1.06 2.71 6.07
CA GLY A 159 -0.86 3.49 4.87
C GLY A 159 0.06 2.82 3.87
N PRO A 160 -0.36 1.69 3.27
CA PRO A 160 0.47 0.98 2.30
C PRO A 160 0.33 1.52 0.88
N LEU A 161 1.36 1.36 0.06
CA LEU A 161 1.25 1.79 -1.32
C LEU A 161 2.06 0.90 -2.23
N ILE A 162 1.60 0.74 -3.47
CA ILE A 162 2.24 -0.11 -4.46
C ILE A 162 2.83 0.75 -5.56
N ILE A 163 4.08 0.49 -5.95
CA ILE A 163 4.72 1.34 -6.94
C ILE A 163 5.03 0.55 -8.20
N THR A 164 4.48 1.03 -9.31
CA THR A 164 4.62 0.37 -10.58
C THR A 164 5.78 0.96 -11.34
N VAL A 165 6.90 0.26 -11.35
CA VAL A 165 8.11 0.76 -11.95
C VAL A 165 8.25 0.25 -13.38
N THR A 166 7.94 1.13 -14.31
CA THR A 166 8.05 0.84 -15.72
C THR A 166 8.83 1.95 -16.40
N PRO A 167 10.13 1.76 -16.61
CA PRO A 167 11.02 2.86 -16.94
C PRO A 167 10.95 3.40 -18.36
N ASN A 168 11.62 4.53 -18.52
CA ASN A 168 11.65 5.26 -19.78
C ASN A 168 13.02 5.14 -20.45
N THR A 169 13.91 4.37 -19.83
CA THR A 169 15.25 4.12 -20.38
C THR A 169 15.24 3.75 -21.87
N ALA A 170 16.31 4.13 -22.56
CA ALA A 170 16.28 4.34 -24.01
C ALA A 170 16.03 3.07 -24.84
N ILE A 171 16.75 2.00 -24.54
CA ILE A 171 16.77 0.83 -25.42
C ILE A 171 16.35 -0.40 -24.68
N SER A 172 15.78 -1.34 -25.40
CA SER A 172 15.23 -2.51 -24.78
C SER A 172 15.69 -3.75 -25.55
N ASP A 173 17.00 -3.82 -25.77
CA ASP A 173 17.59 -4.94 -26.49
C ASP A 173 18.90 -5.40 -25.83
N ILE A 174 19.90 -5.76 -26.65
CA ILE A 174 21.20 -6.26 -26.18
C ILE A 174 22.14 -5.07 -25.95
N PHE A 175 21.50 -3.94 -25.77
CA PHE A 175 22.10 -2.62 -25.73
C PHE A 175 21.78 -2.01 -24.38
N ASN A 176 21.63 -0.69 -24.35
CA ASN A 176 21.18 0.06 -23.17
C ASN A 176 20.22 -0.75 -22.29
N THR A 177 20.13 -0.27 -21.05
CA THR A 177 19.73 -0.99 -19.83
C THR A 177 18.51 -1.92 -19.93
N LYS A 178 17.77 -1.85 -21.02
CA LYS A 178 16.60 -2.70 -21.27
C LYS A 178 15.35 -2.09 -20.67
N ASP A 179 14.80 -1.13 -21.41
CA ASP A 179 13.61 -0.41 -21.00
C ASP A 179 12.38 -1.31 -20.80
N TRP A 180 12.45 -2.57 -21.26
CA TRP A 180 11.26 -3.42 -21.28
C TRP A 180 11.33 -4.53 -20.23
N ARG A 181 12.35 -4.50 -19.38
CA ARG A 181 12.37 -5.36 -18.22
C ARG A 181 11.83 -4.54 -17.06
N LEU A 182 11.00 -5.12 -16.23
CA LEU A 182 10.27 -4.30 -15.27
C LEU A 182 10.65 -4.67 -13.85
N THR A 183 10.19 -3.86 -12.90
CA THR A 183 10.49 -4.05 -11.50
C THR A 183 9.39 -3.41 -10.66
N LEU A 184 8.94 -4.07 -9.61
CA LEU A 184 7.88 -3.52 -8.79
C LEU A 184 8.22 -3.66 -7.31
N GLN A 185 8.32 -2.55 -6.63
CA GLN A 185 8.53 -2.54 -5.19
C GLN A 185 7.61 -1.53 -4.58
N LYS A 186 7.44 -1.59 -3.28
CA LYS A 186 6.47 -0.73 -2.62
C LYS A 186 6.54 -0.84 -1.11
N GLU A 187 5.78 0.02 -0.42
CA GLU A 187 5.90 0.14 1.03
C GLU A 187 4.56 -0.04 1.73
N GLU A 188 4.41 -1.08 2.54
CA GLU A 188 3.37 -1.09 3.54
C GLU A 188 3.91 -0.47 4.81
N ILE A 189 3.55 0.77 5.07
CA ILE A 189 3.85 1.39 6.33
C ILE A 189 2.59 1.47 7.15
N THR A 190 2.56 0.78 8.27
CA THR A 190 1.36 0.65 9.06
C THR A 190 1.66 0.89 10.53
N ILE A 191 0.98 1.86 11.08
CA ILE A 191 1.11 2.17 12.48
C ILE A 191 0.15 1.31 13.29
N GLY A 192 0.72 0.35 14.01
CA GLY A 192 -0.06 -0.56 14.78
C GLY A 192 -0.54 0.07 16.06
N VAL A 193 -1.82 -0.04 16.34
CA VAL A 193 -2.42 0.66 17.46
C VAL A 193 -3.54 -0.20 18.04
N LYS A 194 -3.13 -1.26 18.74
CA LYS A 194 -4.06 -2.32 19.11
C LYS A 194 -3.42 -3.39 19.97
N GLY A 195 -4.08 -4.54 20.06
CA GLY A 195 -3.56 -5.65 20.84
C GLY A 195 -3.43 -6.89 19.98
N PHE A 196 -2.78 -6.72 18.82
CA PHE A 196 -2.69 -7.74 17.76
C PHE A 196 -2.53 -9.18 18.29
N GLN A 197 -3.56 -10.00 18.06
CA GLN A 197 -3.44 -11.44 18.24
C GLN A 197 -2.99 -12.06 16.93
N VAL A 198 -3.90 -12.07 15.97
CA VAL A 198 -3.67 -12.60 14.64
C VAL A 198 -4.16 -11.57 13.62
N VAL A 199 -3.76 -11.70 12.36
CA VAL A 199 -4.25 -10.80 11.32
C VAL A 199 -5.75 -10.98 11.16
N THR A 200 -6.47 -9.99 11.63
CA THR A 200 -7.91 -10.03 11.78
C THR A 200 -8.28 -8.80 12.61
N PRO A 201 -9.57 -8.56 12.96
CA PRO A 201 -9.90 -7.57 14.00
C PRO A 201 -8.99 -7.70 15.21
N LEU A 202 -7.97 -6.84 15.24
CA LEU A 202 -6.79 -7.04 16.10
C LEU A 202 -7.09 -6.86 17.58
N GLY A 203 -8.35 -6.76 17.92
CA GLY A 203 -8.75 -6.69 19.29
C GLY A 203 -8.52 -5.36 19.87
N MET A 1 -11.26 15.38 11.28
CA MET A 1 -11.99 14.27 10.62
C MET A 1 -12.48 14.74 9.26
N SER A 2 -11.76 14.42 8.18
CA SER A 2 -12.09 14.99 6.88
C SER A 2 -11.85 16.50 6.96
N ILE A 3 -12.49 17.25 6.10
CA ILE A 3 -12.37 18.67 6.13
C ILE A 3 -13.26 19.22 7.25
N GLU A 4 -14.54 19.45 6.92
CA GLU A 4 -15.60 19.78 7.88
C GLU A 4 -15.11 20.68 9.01
N ILE A 5 -15.27 21.98 8.82
CA ILE A 5 -14.76 22.95 9.77
C ILE A 5 -15.88 23.87 10.22
N TYR A 6 -15.54 25.13 10.41
CA TYR A 6 -16.53 26.13 10.82
C TYR A 6 -16.19 27.49 10.21
N PRO A 7 -14.96 28.03 10.40
CA PRO A 7 -14.56 29.35 9.84
C PRO A 7 -14.49 29.38 8.31
N ASP A 8 -15.63 29.16 7.66
CA ASP A 8 -15.75 29.27 6.21
C ASP A 8 -17.19 29.00 5.81
N ASP A 9 -17.55 27.73 5.91
CA ASP A 9 -18.89 27.27 5.54
C ASP A 9 -19.13 25.88 6.13
N GLY A 10 -18.16 25.40 6.91
CA GLY A 10 -18.21 24.05 7.40
C GLY A 10 -17.27 23.17 6.62
N ASN A 11 -16.38 23.81 5.86
CA ASN A 11 -15.48 23.11 4.97
C ASN A 11 -14.45 24.09 4.39
N THR A 12 -13.17 23.76 4.52
CA THR A 12 -12.10 24.64 4.01
C THR A 12 -10.71 24.03 4.20
N LEU A 13 -10.62 22.96 5.00
CA LEU A 13 -9.34 22.29 5.32
C LEU A 13 -8.42 22.20 4.11
N PRO A 14 -7.20 22.72 4.23
CA PRO A 14 -6.19 22.67 3.16
C PRO A 14 -5.68 21.25 2.94
N TYR A 15 -6.08 20.36 3.83
CA TYR A 15 -5.69 18.96 3.75
C TYR A 15 -6.66 18.22 2.87
N GLN A 16 -7.80 18.84 2.57
CA GLN A 16 -8.70 18.39 1.52
C GLN A 16 -9.00 16.91 1.68
N VAL A 17 -9.29 16.52 2.90
CA VAL A 17 -9.47 15.13 3.21
C VAL A 17 -10.91 14.87 3.56
N PHE A 18 -11.33 13.65 3.31
CA PHE A 18 -12.68 13.25 3.38
C PHE A 18 -12.67 11.88 2.77
N LEU A 19 -12.39 11.84 1.48
CA LEU A 19 -12.24 10.59 0.73
C LEU A 19 -10.98 10.67 -0.11
N ASN A 20 -9.83 10.90 0.51
CA ASN A 20 -8.61 11.03 -0.25
C ASN A 20 -7.91 9.69 -0.37
N LEU A 21 -8.27 8.76 0.50
CA LEU A 21 -7.65 7.44 0.47
C LEU A 21 -8.68 6.37 0.85
N GLU A 22 -8.53 5.19 0.27
CA GLU A 22 -9.41 4.08 0.54
C GLU A 22 -9.24 3.53 1.93
N ASN A 23 -10.26 3.52 2.73
CA ASN A 23 -10.23 2.70 3.91
C ASN A 23 -11.48 1.87 4.01
N GLU A 24 -11.34 0.76 4.71
CA GLU A 24 -12.38 -0.24 4.72
C GLU A 24 -13.03 -0.31 6.07
N HIS A 25 -12.58 0.53 6.98
CA HIS A 25 -13.10 0.48 8.34
C HIS A 25 -13.28 1.86 8.97
N TYR A 26 -13.39 2.90 8.14
CA TYR A 26 -13.69 4.27 8.61
C TYR A 26 -14.84 4.38 9.62
N TYR A 27 -15.61 3.31 9.80
CA TYR A 27 -16.76 3.29 10.72
C TYR A 27 -16.47 4.11 11.97
N ALA A 28 -15.40 3.77 12.65
CA ALA A 28 -14.95 4.54 13.79
C ALA A 28 -13.43 4.64 13.80
N GLN A 29 -12.80 3.82 12.97
CA GLN A 29 -11.36 3.66 12.98
C GLN A 29 -10.65 4.92 12.47
N ALA A 30 -11.21 5.53 11.43
CA ALA A 30 -10.63 6.71 10.82
C ALA A 30 -10.91 7.93 11.68
N ILE A 31 -11.68 7.72 12.74
CA ILE A 31 -12.10 8.79 13.62
C ILE A 31 -11.13 8.91 14.80
N GLN A 32 -10.75 7.76 15.35
CA GLN A 32 -9.88 7.70 16.53
C GLN A 32 -8.58 8.44 16.29
N LEU A 33 -8.03 8.24 15.11
CA LEU A 33 -6.79 8.90 14.75
C LEU A 33 -7.03 10.15 13.91
N ALA A 34 -8.29 10.42 13.58
CA ALA A 34 -8.66 11.53 12.68
C ALA A 34 -7.98 12.86 13.05
N GLN A 35 -8.17 13.29 14.29
CA GLN A 35 -7.59 14.54 14.78
C GLN A 35 -6.06 14.49 14.81
N LEU A 36 -5.52 13.28 14.78
CA LEU A 36 -4.09 13.10 14.73
C LEU A 36 -3.68 13.16 13.27
N PHE A 37 -4.48 12.49 12.48
CA PHE A 37 -4.22 12.33 11.05
C PHE A 37 -4.37 13.64 10.32
N ALA A 38 -5.34 14.45 10.73
CA ALA A 38 -5.61 15.72 10.08
C ALA A 38 -4.50 16.75 10.34
N HIS A 39 -3.43 16.36 11.02
CA HIS A 39 -2.41 17.31 11.41
C HIS A 39 -1.08 17.05 10.70
N GLU A 40 -0.54 15.85 10.82
CA GLU A 40 0.83 15.58 10.31
C GLU A 40 0.83 15.00 8.90
N VAL A 41 -0.26 15.11 8.19
CA VAL A 41 -0.31 14.56 6.86
C VAL A 41 0.11 15.60 5.83
N ASP A 42 0.08 15.21 4.57
CA ASP A 42 0.46 16.11 3.50
C ASP A 42 -0.78 16.83 2.97
N ASP A 43 -0.62 17.76 2.03
CA ASP A 43 -1.75 18.55 1.51
C ASP A 43 -2.88 17.65 1.00
N ASN A 44 -2.53 16.43 0.63
CA ASN A 44 -3.52 15.44 0.22
C ASN A 44 -4.29 14.90 1.42
N GLY A 45 -3.57 14.66 2.51
CA GLY A 45 -4.19 14.12 3.70
C GLY A 45 -3.77 12.69 4.01
N GLN A 46 -2.59 12.27 3.54
CA GLN A 46 -2.07 10.94 3.85
C GLN A 46 -0.89 11.01 4.82
N LEU A 47 -0.70 9.92 5.57
CA LEU A 47 0.39 9.79 6.55
C LEU A 47 1.74 10.26 6.00
N ASP A 48 2.37 11.21 6.68
CA ASP A 48 3.71 11.65 6.29
C ASP A 48 4.73 11.09 7.28
N LEU A 49 5.60 10.21 6.84
CA LEU A 49 6.52 9.55 7.77
C LEU A 49 7.52 10.53 8.39
N ALA A 50 7.54 11.75 7.89
CA ALA A 50 8.39 12.78 8.45
C ALA A 50 7.77 13.37 9.72
N LYS A 51 6.50 13.76 9.62
CA LYS A 51 5.81 14.40 10.74
C LYS A 51 4.83 13.42 11.36
N ALA A 52 4.13 12.69 10.52
CA ALA A 52 3.08 11.80 10.97
C ALA A 52 3.66 10.60 11.70
N LEU A 53 4.97 10.46 11.65
CA LEU A 53 5.65 9.44 12.43
C LEU A 53 5.61 9.86 13.90
N LYS A 54 5.41 11.16 14.09
CA LYS A 54 5.21 11.75 15.42
C LYS A 54 3.73 11.67 15.75
N LYS A 55 2.92 11.86 14.72
CA LYS A 55 1.47 11.72 14.83
C LYS A 55 1.09 10.31 15.24
N ALA A 56 1.86 9.35 14.73
CA ALA A 56 1.66 7.94 15.01
C ALA A 56 1.89 7.64 16.48
N GLN A 57 2.76 8.44 17.09
CA GLN A 57 3.11 8.28 18.50
C GLN A 57 1.94 8.69 19.38
N ALA A 58 0.95 9.33 18.77
CA ALA A 58 -0.21 9.80 19.50
C ALA A 58 -1.47 9.01 19.13
N GLN A 59 -1.28 7.86 18.50
CA GLN A 59 -2.41 7.03 18.06
C GLN A 59 -3.18 6.45 19.23
N PRO A 60 -4.49 6.19 19.04
CA PRO A 60 -5.37 5.60 20.05
C PRO A 60 -4.70 4.52 20.90
N ASP A 61 -4.10 3.51 20.27
CA ASP A 61 -3.52 2.40 21.03
C ASP A 61 -1.99 2.36 20.92
N LEU A 62 -1.46 1.92 19.78
CA LEU A 62 0.00 1.84 19.61
C LEU A 62 0.53 2.92 18.68
N ALA A 63 1.60 2.60 17.96
CA ALA A 63 2.30 3.56 17.11
C ALA A 63 2.86 2.88 15.87
N ILE A 64 3.84 3.51 15.25
CA ILE A 64 4.51 2.94 14.08
C ILE A 64 4.97 1.50 14.34
N ILE A 65 4.45 0.56 13.57
CA ILE A 65 4.86 -0.83 13.73
C ILE A 65 5.42 -1.40 12.43
N ALA A 66 4.88 -0.94 11.32
CA ALA A 66 5.22 -1.52 10.03
C ALA A 66 5.68 -0.47 9.03
N THR A 67 6.96 -0.50 8.73
CA THR A 67 7.52 0.28 7.64
C THR A 67 8.31 -0.68 6.75
N ASN A 68 7.59 -1.51 6.02
CA ASN A 68 8.18 -2.62 5.28
C ASN A 68 7.76 -2.59 3.82
N ASN A 69 8.65 -3.01 2.94
CA ASN A 69 8.38 -2.90 1.52
C ASN A 69 8.42 -4.27 0.86
N MET A 70 8.33 -4.29 -0.46
CA MET A 70 8.43 -5.53 -1.23
C MET A 70 9.36 -5.30 -2.40
N THR A 71 10.21 -6.27 -2.68
CA THR A 71 11.10 -6.21 -3.82
C THR A 71 10.82 -7.36 -4.77
N LEU A 72 10.09 -7.06 -5.81
CA LEU A 72 9.63 -8.06 -6.76
C LEU A 72 10.13 -7.66 -8.13
N LYS A 73 10.74 -8.57 -8.83
CA LYS A 73 11.22 -8.26 -10.14
C LYS A 73 11.07 -9.47 -11.02
N LYS A 74 10.96 -9.22 -12.29
CA LYS A 74 10.77 -10.28 -13.24
C LYS A 74 11.75 -10.11 -14.38
N SER A 75 11.93 -11.17 -15.09
CA SER A 75 13.05 -11.33 -15.97
C SER A 75 12.92 -12.69 -16.65
N PHE A 76 13.49 -12.83 -17.84
CA PHE A 76 13.43 -14.10 -18.56
C PHE A 76 14.45 -15.08 -17.94
N SER A 77 14.83 -14.76 -16.71
CA SER A 77 15.45 -15.71 -15.81
C SER A 77 14.39 -16.73 -15.36
N THR A 78 14.58 -17.37 -14.23
CA THR A 78 13.64 -18.39 -13.81
C THR A 78 12.73 -17.88 -12.69
N LEU A 79 11.49 -18.37 -12.70
CA LEU A 79 10.51 -18.01 -11.69
C LEU A 79 10.89 -18.66 -10.36
N SER A 80 11.92 -19.49 -10.42
CA SER A 80 12.53 -20.08 -9.24
C SER A 80 12.94 -19.02 -8.23
N ALA A 81 13.17 -17.80 -8.71
CA ALA A 81 13.48 -16.69 -7.83
C ALA A 81 12.33 -15.71 -7.78
N LEU A 82 11.73 -15.45 -8.94
CA LEU A 82 10.65 -14.46 -9.06
C LEU A 82 9.50 -14.76 -8.10
N THR A 83 8.94 -15.96 -8.17
CA THR A 83 7.78 -16.30 -7.36
C THR A 83 8.17 -16.59 -5.92
N THR A 84 9.42 -16.98 -5.72
CA THR A 84 9.93 -17.24 -4.39
C THR A 84 9.87 -15.97 -3.54
N THR A 85 10.36 -14.87 -4.09
CA THR A 85 10.34 -13.63 -3.35
C THR A 85 8.92 -13.07 -3.36
N LEU A 86 8.23 -13.26 -4.49
CA LEU A 86 6.86 -12.79 -4.66
C LEU A 86 5.96 -13.36 -3.57
N SER A 87 6.17 -14.62 -3.22
CA SER A 87 5.35 -15.28 -2.21
C SER A 87 5.73 -14.78 -0.81
N GLU A 88 7.03 -14.64 -0.57
CA GLU A 88 7.53 -14.08 0.68
C GLU A 88 6.92 -12.70 0.90
N GLN A 89 6.84 -11.92 -0.18
CA GLN A 89 6.26 -10.59 -0.12
C GLN A 89 4.79 -10.60 -0.52
N LEU A 90 4.21 -11.80 -0.61
CA LEU A 90 2.79 -11.93 -0.86
C LEU A 90 2.05 -11.54 0.40
N LYS A 91 2.81 -11.47 1.49
CA LYS A 91 2.33 -10.88 2.73
C LYS A 91 1.97 -9.40 2.51
N ILE A 92 2.48 -8.85 1.41
CA ILE A 92 2.19 -7.47 1.03
C ILE A 92 0.82 -7.36 0.35
N GLU A 93 0.14 -8.49 0.17
CA GLU A 93 -1.21 -8.50 -0.43
C GLU A 93 -2.25 -7.88 0.53
N GLY A 94 -1.80 -7.05 1.45
CA GLY A 94 -2.69 -6.31 2.31
C GLY A 94 -3.22 -7.12 3.48
N VAL A 95 -2.32 -7.54 4.36
CA VAL A 95 -2.72 -8.30 5.54
C VAL A 95 -3.21 -7.36 6.65
N LEU A 96 -4.02 -6.39 6.25
CA LEU A 96 -4.62 -5.47 7.19
C LEU A 96 -6.01 -5.95 7.57
N GLY A 97 -7.00 -5.61 6.76
CA GLY A 97 -8.32 -6.19 6.89
C GLY A 97 -8.55 -7.27 5.85
N ILE A 98 -7.63 -8.22 5.77
CA ILE A 98 -7.62 -9.20 4.68
C ILE A 98 -8.86 -10.10 4.68
N SER A 99 -8.94 -10.98 3.69
CA SER A 99 -10.14 -11.78 3.46
C SER A 99 -10.09 -13.07 4.27
N GLN A 100 -10.98 -14.01 3.92
CA GLN A 100 -11.04 -15.29 4.62
C GLN A 100 -9.72 -16.04 4.49
N ASP A 101 -9.20 -16.06 3.27
CA ASP A 101 -7.91 -16.67 3.02
C ASP A 101 -6.96 -15.63 2.44
N THR A 102 -7.12 -15.34 1.15
CA THR A 102 -6.24 -14.42 0.42
C THR A 102 -4.77 -14.66 0.75
N TYR A 103 -4.34 -15.90 0.61
CA TYR A 103 -2.95 -16.26 0.79
C TYR A 103 -2.45 -16.96 -0.46
N ILE A 104 -1.35 -17.70 -0.34
CA ILE A 104 -0.84 -18.44 -1.48
C ILE A 104 -1.82 -19.52 -1.91
N GLN A 105 -1.56 -20.10 -3.08
CA GLN A 105 -2.40 -21.14 -3.68
C GLN A 105 -3.64 -20.52 -4.32
N ASN A 106 -4.33 -19.64 -3.59
CA ASN A 106 -5.53 -19.00 -4.11
C ASN A 106 -5.08 -17.85 -4.99
N ILE A 107 -3.89 -17.37 -4.68
CA ILE A 107 -3.26 -16.27 -5.40
C ILE A 107 -2.01 -16.77 -6.11
N LEU A 108 -1.32 -17.74 -5.49
CA LEU A 108 -0.04 -18.20 -6.00
C LEU A 108 -0.21 -19.18 -7.16
N SER A 109 -1.46 -19.44 -7.54
CA SER A 109 -1.75 -20.37 -8.62
C SER A 109 -1.18 -19.87 -9.95
N HIS A 110 -1.35 -18.59 -10.21
CA HIS A 110 -0.84 -17.98 -11.44
C HIS A 110 0.68 -17.91 -11.39
N ALA A 111 1.22 -17.81 -10.19
CA ALA A 111 2.66 -17.84 -9.98
C ALA A 111 3.26 -19.18 -10.39
N PHE A 112 2.48 -20.25 -10.30
CA PHE A 112 2.94 -21.57 -10.69
C PHE A 112 2.92 -21.71 -12.20
N CYS A 113 2.00 -21.01 -12.85
CA CYS A 113 1.83 -21.10 -14.29
C CYS A 113 1.26 -19.81 -14.85
N ASP A 114 2.10 -19.03 -15.53
CA ASP A 114 1.69 -17.80 -16.21
C ASP A 114 1.14 -16.76 -15.23
N LEU A 115 2.01 -15.88 -14.78
CA LEU A 115 1.63 -14.84 -13.82
C LEU A 115 0.87 -13.72 -14.52
N GLU A 116 -0.38 -13.96 -14.85
CA GLU A 116 -1.26 -12.89 -15.32
C GLU A 116 -2.08 -12.37 -14.15
N THR A 117 -2.09 -13.16 -13.08
CA THR A 117 -2.64 -12.79 -11.77
C THR A 117 -4.08 -12.28 -11.85
N GLN A 118 -4.82 -12.73 -12.88
CA GLN A 118 -6.19 -12.26 -13.13
C GLN A 118 -6.21 -10.74 -13.20
N LYS A 119 -5.12 -10.17 -13.72
CA LYS A 119 -4.96 -8.72 -13.83
C LYS A 119 -5.17 -8.07 -12.46
N ASP A 120 -4.43 -8.56 -11.47
CA ASP A 120 -4.56 -8.07 -10.10
C ASP A 120 -4.20 -6.60 -10.00
N LYS A 121 -5.20 -5.78 -9.66
CA LYS A 121 -5.04 -4.34 -9.45
C LYS A 121 -4.74 -3.59 -10.76
N PRO A 122 -5.62 -2.66 -11.14
CA PRO A 122 -5.38 -1.79 -12.29
C PRO A 122 -4.37 -0.70 -11.97
N TRP A 123 -3.13 -1.11 -11.68
CA TRP A 123 -2.09 -0.17 -11.30
C TRP A 123 -1.66 0.72 -12.46
N PHE A 124 -1.74 2.02 -12.24
CA PHE A 124 -1.41 3.00 -13.26
C PHE A 124 0.09 3.30 -13.26
N HIS A 125 0.67 3.43 -14.45
CA HIS A 125 2.09 3.71 -14.57
C HIS A 125 2.41 4.54 -15.81
N ILE A 126 2.66 5.84 -15.64
CA ILE A 126 2.99 6.70 -16.80
C ILE A 126 4.10 7.72 -16.53
N ASN A 127 5.35 7.34 -16.25
CA ASN A 127 6.44 8.28 -16.51
C ASN A 127 7.42 7.66 -17.49
N ALA A 128 7.93 8.41 -18.44
CA ALA A 128 9.10 7.98 -19.20
C ALA A 128 10.41 8.39 -18.55
N GLN A 129 11.50 8.00 -19.21
CA GLN A 129 12.82 8.62 -19.01
C GLN A 129 13.44 8.79 -20.38
N PRO A 130 14.17 9.87 -20.61
CA PRO A 130 14.93 10.06 -21.84
C PRO A 130 16.04 9.02 -21.92
N ASP A 131 15.72 7.85 -22.46
CA ASP A 131 16.66 6.75 -22.50
C ASP A 131 16.43 5.93 -23.73
N ALA A 132 15.27 5.26 -23.75
CA ALA A 132 14.97 4.29 -24.77
C ALA A 132 16.07 3.24 -24.79
N GLY A 133 16.39 2.72 -23.61
CA GLY A 133 17.37 1.66 -23.53
C GLY A 133 17.47 1.08 -22.15
N HIS A 134 17.31 1.93 -21.16
CA HIS A 134 17.20 1.47 -19.78
C HIS A 134 16.30 2.43 -19.00
N SER A 135 14.99 2.26 -19.21
CA SER A 135 14.03 3.25 -18.79
C SER A 135 13.01 2.65 -17.85
N VAL A 136 12.04 3.46 -17.42
CA VAL A 136 11.01 3.04 -16.47
C VAL A 136 9.73 3.86 -16.67
N THR A 137 8.61 3.23 -16.98
CA THR A 137 7.35 3.97 -16.95
C THR A 137 6.50 3.47 -15.79
N SER A 138 6.42 4.27 -14.74
CA SER A 138 5.74 3.83 -13.54
C SER A 138 4.93 4.94 -12.90
N TYR A 139 3.81 4.57 -12.36
CA TYR A 139 3.08 5.43 -11.47
C TYR A 139 2.73 4.62 -10.24
N SER A 140 2.26 5.25 -9.19
CA SER A 140 1.96 4.52 -7.97
C SER A 140 0.45 4.28 -7.83
N TYR A 141 0.10 3.02 -7.74
CA TYR A 141 -1.22 2.59 -7.34
C TYR A 141 -1.30 2.60 -5.80
N SER A 142 -2.43 2.13 -5.26
CA SER A 142 -2.58 1.86 -3.83
C SER A 142 -2.67 3.13 -2.99
N LEU A 143 -3.62 3.09 -2.10
CA LEU A 143 -4.00 4.21 -1.28
C LEU A 143 -3.92 3.80 0.18
N PHE A 144 -4.43 4.62 1.07
CA PHE A 144 -4.12 4.46 2.47
C PHE A 144 -5.40 4.16 3.25
N ILE A 145 -5.27 3.31 4.28
CA ILE A 145 -6.38 2.54 4.83
C ILE A 145 -6.38 2.58 6.38
N VAL A 146 -7.48 2.13 6.99
CA VAL A 146 -7.54 1.89 8.44
C VAL A 146 -8.32 0.59 8.68
N SER A 147 -8.11 -0.03 9.83
CA SER A 147 -8.72 -1.32 10.12
C SER A 147 -9.32 -1.32 11.53
N GLN A 148 -10.04 -2.39 11.85
CA GLN A 148 -10.87 -2.42 13.05
C GLN A 148 -10.60 -3.66 13.89
N GLY A 149 -10.41 -3.45 15.18
CA GLY A 149 -10.37 -4.54 16.13
C GLY A 149 -11.57 -4.51 17.02
N GLU A 150 -12.32 -5.59 17.09
CA GLU A 150 -13.57 -5.58 17.85
C GLU A 150 -13.36 -6.09 19.26
N GLU A 151 -12.42 -7.03 19.40
CA GLU A 151 -12.12 -7.68 20.67
C GLU A 151 -12.02 -6.65 21.81
N THR A 152 -11.21 -5.63 21.62
CA THR A 152 -11.07 -4.57 22.61
C THR A 152 -11.51 -3.21 22.04
N GLY A 153 -11.76 -3.17 20.74
CA GLY A 153 -12.00 -1.91 20.07
C GLY A 153 -10.70 -1.28 19.61
N ALA A 154 -9.91 -2.06 18.89
CA ALA A 154 -8.62 -1.62 18.38
C ALA A 154 -8.76 -1.15 16.95
N MET A 155 -7.65 -0.76 16.33
CA MET A 155 -7.65 -0.29 14.96
C MET A 155 -6.24 -0.34 14.36
N MET A 156 -6.07 0.23 13.18
CA MET A 156 -4.76 0.26 12.53
C MET A 156 -4.71 1.31 11.44
N ALA A 157 -3.80 2.26 11.60
CA ALA A 157 -3.61 3.33 10.63
C ALA A 157 -2.63 2.91 9.55
N ALA A 158 -3.16 2.58 8.38
CA ALA A 158 -2.33 2.01 7.31
C ALA A 158 -2.20 2.98 6.14
N GLY A 159 -1.10 2.89 5.43
CA GLY A 159 -0.93 3.70 4.24
C GLY A 159 0.00 3.07 3.22
N PRO A 160 -0.38 1.94 2.61
CA PRO A 160 0.48 1.27 1.63
C PRO A 160 0.45 1.94 0.26
N LEU A 161 1.56 1.80 -0.49
CA LEU A 161 1.60 2.34 -1.84
C LEU A 161 2.22 1.30 -2.75
N ILE A 162 1.66 1.15 -3.95
CA ILE A 162 2.14 0.17 -4.91
C ILE A 162 2.72 0.86 -6.14
N ILE A 163 3.93 0.51 -6.52
CA ILE A 163 4.58 1.17 -7.62
C ILE A 163 4.83 0.17 -8.75
N THR A 164 4.28 0.48 -9.90
CA THR A 164 4.37 -0.42 -11.02
C THR A 164 5.41 0.04 -12.00
N VAL A 165 6.49 -0.73 -12.09
CA VAL A 165 7.62 -0.38 -12.92
C VAL A 165 7.52 -1.11 -14.26
N THR A 166 7.16 -0.37 -15.29
CA THR A 166 7.01 -0.89 -16.63
C THR A 166 7.73 0.02 -17.62
N PRO A 167 8.95 -0.31 -18.04
CA PRO A 167 9.86 0.65 -18.67
C PRO A 167 9.53 1.11 -20.08
N ASN A 168 10.36 2.05 -20.53
CA ASN A 168 10.27 2.67 -21.86
C ASN A 168 11.48 2.27 -22.74
N THR A 169 12.41 1.52 -22.14
CA THR A 169 13.60 1.01 -22.86
C THR A 169 13.26 0.47 -24.25
N ALA A 170 14.22 0.58 -25.15
CA ALA A 170 13.95 0.56 -26.60
C ALA A 170 13.44 -0.79 -27.10
N ILE A 171 14.25 -1.84 -26.97
CA ILE A 171 13.98 -3.07 -27.70
C ILE A 171 13.91 -4.26 -26.77
N SER A 172 13.18 -5.26 -27.15
CA SER A 172 13.09 -6.42 -26.31
C SER A 172 13.21 -7.68 -27.14
N ASP A 173 14.26 -7.73 -27.95
CA ASP A 173 14.52 -8.88 -28.82
C ASP A 173 16.01 -9.26 -28.76
N ILE A 174 16.58 -9.58 -29.93
CA ILE A 174 18.00 -9.95 -30.05
C ILE A 174 18.88 -8.70 -29.94
N PHE A 175 18.28 -7.68 -29.38
CA PHE A 175 18.76 -6.32 -29.40
C PHE A 175 18.76 -5.76 -27.98
N ASN A 176 18.59 -4.45 -27.89
CA ASN A 176 18.50 -3.70 -26.62
C ASN A 176 17.87 -4.49 -25.47
N THR A 177 18.17 -3.95 -24.29
CA THR A 177 18.18 -4.59 -22.96
C THR A 177 17.03 -5.53 -22.59
N LYS A 178 15.97 -5.57 -23.38
CA LYS A 178 14.73 -6.28 -23.07
C LYS A 178 13.82 -5.41 -22.22
N ASP A 179 13.17 -4.48 -22.90
CA ASP A 179 12.13 -3.64 -22.34
C ASP A 179 10.96 -4.49 -21.82
N TRP A 180 10.98 -5.76 -22.19
CA TRP A 180 9.90 -6.69 -21.89
C TRP A 180 10.05 -7.31 -20.50
N ARG A 181 11.23 -7.21 -19.91
CA ARG A 181 11.43 -7.72 -18.56
C ARG A 181 11.01 -6.65 -17.57
N LEU A 182 10.37 -7.05 -16.50
CA LEU A 182 9.66 -6.09 -15.66
C LEU A 182 10.12 -6.15 -14.21
N THR A 183 9.66 -5.20 -13.40
CA THR A 183 10.06 -5.11 -11.99
C THR A 183 8.99 -4.35 -11.21
N LEU A 184 8.62 -4.84 -10.02
CA LEU A 184 7.60 -4.16 -9.23
C LEU A 184 8.02 -4.07 -7.75
N GLN A 185 8.14 -2.86 -7.23
CA GLN A 185 8.42 -2.65 -5.81
C GLN A 185 7.48 -1.61 -5.25
N LYS A 186 7.39 -1.54 -3.93
CA LYS A 186 6.48 -0.60 -3.29
C LYS A 186 6.59 -0.61 -1.78
N GLU A 187 5.93 0.34 -1.12
CA GLU A 187 6.09 0.53 0.30
C GLU A 187 4.79 0.30 1.07
N GLU A 188 4.77 -0.74 1.88
CA GLU A 188 3.73 -0.87 2.90
C GLU A 188 4.16 -0.17 4.17
N ILE A 189 3.59 0.99 4.41
CA ILE A 189 3.84 1.70 5.65
C ILE A 189 2.57 1.74 6.46
N THR A 190 2.60 1.12 7.63
CA THR A 190 1.41 0.95 8.42
C THR A 190 1.70 1.14 9.90
N ILE A 191 0.98 2.07 10.50
CA ILE A 191 1.09 2.31 11.92
C ILE A 191 0.10 1.41 12.65
N GLY A 192 0.63 0.45 13.37
CA GLY A 192 -0.19 -0.49 14.05
C GLY A 192 -0.60 0.01 15.41
N VAL A 193 -1.88 -0.05 15.71
CA VAL A 193 -2.41 0.54 16.92
C VAL A 193 -3.51 -0.38 17.48
N LYS A 194 -3.08 -1.51 18.02
CA LYS A 194 -4.00 -2.61 18.25
C LYS A 194 -3.38 -3.77 19.01
N GLY A 195 -4.14 -4.84 19.16
CA GLY A 195 -3.66 -6.04 19.81
C GLY A 195 -3.67 -7.20 18.86
N PHE A 196 -3.18 -6.93 17.65
CA PHE A 196 -3.17 -7.88 16.53
C PHE A 196 -2.93 -9.31 16.97
N GLN A 197 -3.98 -10.12 16.87
CA GLN A 197 -3.89 -11.54 17.12
C GLN A 197 -3.84 -12.29 15.80
N VAL A 198 -4.69 -11.85 14.87
CA VAL A 198 -4.80 -12.42 13.53
C VAL A 198 -5.19 -11.28 12.60
N VAL A 199 -5.01 -11.45 11.29
CA VAL A 199 -5.52 -10.47 10.34
C VAL A 199 -7.04 -10.54 10.32
N THR A 200 -7.64 -9.74 11.18
CA THR A 200 -9.04 -9.84 11.51
C THR A 200 -9.35 -8.66 12.46
N PRO A 201 -10.54 -8.53 13.08
CA PRO A 201 -10.77 -7.56 14.16
C PRO A 201 -9.75 -7.68 15.31
N LEU A 202 -8.60 -7.08 15.05
CA LEU A 202 -7.41 -7.04 15.91
C LEU A 202 -7.58 -6.31 17.25
N GLY A 203 -8.63 -6.60 17.98
CA GLY A 203 -8.78 -5.98 19.28
C GLY A 203 -7.85 -6.61 20.29
N MET A 1 -10.27 14.46 10.91
CA MET A 1 -9.99 13.88 9.58
C MET A 1 -11.08 14.29 8.62
N SER A 2 -10.78 14.26 7.32
CA SER A 2 -11.68 14.77 6.31
C SER A 2 -11.84 16.28 6.47
N ILE A 3 -12.73 16.86 5.70
CA ILE A 3 -12.90 18.29 5.72
C ILE A 3 -13.82 18.68 6.88
N GLU A 4 -15.13 18.75 6.58
CA GLU A 4 -16.18 18.99 7.57
C GLU A 4 -15.76 19.99 8.64
N ILE A 5 -16.01 21.24 8.36
CA ILE A 5 -15.51 22.32 9.19
C ILE A 5 -16.65 23.14 9.77
N TYR A 6 -16.37 24.39 10.05
CA TYR A 6 -17.35 25.30 10.62
C TYR A 6 -17.35 26.65 9.89
N PRO A 7 -16.18 27.36 9.81
CA PRO A 7 -16.10 28.70 9.17
C PRO A 7 -16.30 28.68 7.66
N ASP A 8 -17.48 28.28 7.20
CA ASP A 8 -17.84 28.32 5.78
C ASP A 8 -19.28 27.90 5.61
N ASP A 9 -19.49 26.63 5.91
CA ASP A 9 -20.77 25.97 5.75
C ASP A 9 -20.77 24.68 6.55
N GLY A 10 -19.57 24.15 6.74
CA GLY A 10 -19.41 22.86 7.34
C GLY A 10 -18.44 22.03 6.55
N ASN A 11 -17.74 22.69 5.62
CA ASN A 11 -16.81 22.03 4.73
C ASN A 11 -16.10 23.09 3.87
N THR A 12 -14.76 23.09 3.89
CA THR A 12 -13.99 24.12 3.18
C THR A 12 -12.47 23.82 3.22
N LEU A 13 -12.08 22.88 4.09
CA LEU A 13 -10.67 22.50 4.32
C LEU A 13 -9.84 22.53 3.03
N PRO A 14 -8.73 23.28 3.03
CA PRO A 14 -7.84 23.37 1.87
C PRO A 14 -7.08 22.07 1.61
N TYR A 15 -7.21 21.12 2.52
CA TYR A 15 -6.61 19.81 2.35
C TYR A 15 -7.44 18.99 1.40
N GLN A 16 -8.76 19.23 1.41
CA GLN A 16 -9.66 18.52 0.52
C GLN A 16 -9.58 17.03 0.81
N VAL A 17 -9.82 16.68 2.06
CA VAL A 17 -9.76 15.29 2.46
C VAL A 17 -11.13 14.84 2.89
N PHE A 18 -11.47 13.61 2.58
CA PHE A 18 -12.79 13.09 2.84
C PHE A 18 -12.83 11.68 2.27
N LEU A 19 -12.35 11.58 1.05
CA LEU A 19 -12.14 10.29 0.40
C LEU A 19 -10.89 10.37 -0.47
N ASN A 20 -9.81 10.71 0.18
CA ASN A 20 -8.55 10.97 -0.47
C ASN A 20 -7.72 9.71 -0.54
N LEU A 21 -8.14 8.71 0.22
CA LEU A 21 -7.47 7.43 0.24
C LEU A 21 -8.45 6.31 0.57
N GLU A 22 -8.14 5.11 0.09
CA GLU A 22 -8.98 3.94 0.27
C GLU A 22 -9.16 3.57 1.74
N ASN A 23 -10.36 3.42 2.21
CA ASN A 23 -10.56 2.84 3.53
C ASN A 23 -11.44 1.63 3.46
N GLU A 24 -11.38 0.80 4.49
CA GLU A 24 -12.26 -0.32 4.57
C GLU A 24 -12.87 -0.43 5.96
N HIS A 25 -12.58 0.56 6.81
CA HIS A 25 -13.02 0.50 8.21
C HIS A 25 -13.24 1.88 8.85
N TYR A 26 -13.52 2.87 8.04
CA TYR A 26 -13.72 4.28 8.48
C TYR A 26 -14.77 4.42 9.59
N TYR A 27 -15.56 3.35 9.81
CA TYR A 27 -16.66 3.33 10.79
C TYR A 27 -16.34 4.16 12.02
N ALA A 28 -15.25 3.84 12.69
CA ALA A 28 -14.77 4.64 13.80
C ALA A 28 -13.25 4.70 13.76
N GLN A 29 -12.68 3.84 12.93
CA GLN A 29 -11.24 3.66 12.87
C GLN A 29 -10.53 4.91 12.39
N ALA A 30 -11.08 5.55 11.36
CA ALA A 30 -10.47 6.75 10.83
C ALA A 30 -10.78 7.93 11.75
N ILE A 31 -11.61 7.68 12.75
CA ILE A 31 -12.00 8.71 13.68
C ILE A 31 -11.08 8.72 14.90
N GLN A 32 -10.62 7.53 15.31
CA GLN A 32 -9.74 7.40 16.47
C GLN A 32 -8.52 8.27 16.29
N LEU A 33 -7.95 8.19 15.12
CA LEU A 33 -6.75 8.93 14.81
C LEU A 33 -7.05 10.22 14.06
N ALA A 34 -8.33 10.47 13.77
CA ALA A 34 -8.74 11.61 12.93
C ALA A 34 -8.09 12.93 13.33
N GLN A 35 -8.21 13.29 14.61
CA GLN A 35 -7.63 14.53 15.14
C GLN A 35 -6.11 14.51 15.09
N LEU A 36 -5.56 13.33 14.96
CA LEU A 36 -4.12 13.17 14.84
C LEU A 36 -3.75 13.24 13.37
N PHE A 37 -4.58 12.56 12.59
CA PHE A 37 -4.35 12.41 11.16
C PHE A 37 -4.58 13.72 10.43
N ALA A 38 -5.41 14.57 11.01
CA ALA A 38 -5.70 15.87 10.41
C ALA A 38 -4.55 16.86 10.63
N HIS A 39 -3.46 16.40 11.24
CA HIS A 39 -2.39 17.31 11.63
C HIS A 39 -1.08 17.07 10.85
N GLU A 40 -0.54 15.86 10.90
CA GLU A 40 0.81 15.58 10.36
C GLU A 40 0.80 15.07 8.94
N VAL A 41 -0.32 15.19 8.25
CA VAL A 41 -0.40 14.66 6.90
C VAL A 41 0.00 15.70 5.88
N ASP A 42 0.03 15.30 4.63
CA ASP A 42 0.38 16.21 3.55
C ASP A 42 -0.90 16.85 3.02
N ASP A 43 -0.77 17.80 2.08
CA ASP A 43 -1.93 18.51 1.53
C ASP A 43 -3.06 17.55 1.14
N ASN A 44 -2.68 16.37 0.68
CA ASN A 44 -3.66 15.36 0.29
C ASN A 44 -4.41 14.81 1.50
N GLY A 45 -3.69 14.63 2.59
CA GLY A 45 -4.28 14.09 3.80
C GLY A 45 -3.83 12.67 4.10
N GLN A 46 -2.64 12.30 3.66
CA GLN A 46 -2.10 10.96 3.93
C GLN A 46 -0.95 11.02 4.93
N LEU A 47 -0.75 9.90 5.63
CA LEU A 47 0.34 9.74 6.60
C LEU A 47 1.69 10.19 6.03
N ASP A 48 2.29 11.22 6.62
CA ASP A 48 3.61 11.65 6.21
C ASP A 48 4.64 11.09 7.17
N LEU A 49 5.46 10.16 6.73
CA LEU A 49 6.37 9.45 7.64
C LEU A 49 7.37 10.41 8.30
N ALA A 50 7.47 11.61 7.77
CA ALA A 50 8.35 12.62 8.36
C ALA A 50 7.73 13.23 9.61
N LYS A 51 6.48 13.63 9.51
CA LYS A 51 5.80 14.29 10.62
C LYS A 51 4.81 13.34 11.26
N ALA A 52 4.06 12.63 10.43
CA ALA A 52 3.00 11.75 10.90
C ALA A 52 3.55 10.54 11.61
N LEU A 53 4.86 10.34 11.52
CA LEU A 53 5.50 9.31 12.30
C LEU A 53 5.48 9.72 13.77
N LYS A 54 5.39 11.04 13.97
CA LYS A 54 5.26 11.62 15.30
C LYS A 54 3.79 11.66 15.67
N LYS A 55 2.95 11.83 14.65
CA LYS A 55 1.50 11.75 14.80
C LYS A 55 1.11 10.36 15.26
N ALA A 56 1.83 9.37 14.75
CA ALA A 56 1.62 7.97 15.07
C ALA A 56 1.87 7.71 16.54
N GLN A 57 2.76 8.51 17.11
CA GLN A 57 3.14 8.37 18.50
C GLN A 57 2.02 8.85 19.43
N ALA A 58 1.00 9.45 18.83
CA ALA A 58 -0.15 9.93 19.60
C ALA A 58 -1.40 9.12 19.29
N GLN A 59 -1.23 7.96 18.64
CA GLN A 59 -2.36 7.14 18.21
C GLN A 59 -3.15 6.58 19.39
N PRO A 60 -4.45 6.30 19.17
CA PRO A 60 -5.35 5.70 20.16
C PRO A 60 -4.68 4.62 21.03
N ASP A 61 -4.19 3.55 20.42
CA ASP A 61 -3.65 2.44 21.19
C ASP A 61 -2.12 2.38 21.09
N LEU A 62 -1.60 1.95 19.95
CA LEU A 62 -0.15 1.86 19.77
C LEU A 62 0.38 2.96 18.84
N ALA A 63 1.43 2.64 18.09
CA ALA A 63 2.12 3.60 17.25
C ALA A 63 2.66 2.92 16.01
N ILE A 64 3.63 3.55 15.36
CA ILE A 64 4.28 2.95 14.20
C ILE A 64 4.74 1.53 14.50
N ILE A 65 4.23 0.57 13.74
CA ILE A 65 4.66 -0.80 13.92
C ILE A 65 5.30 -1.35 12.66
N ALA A 66 4.73 -1.00 11.52
CA ALA A 66 5.12 -1.60 10.27
C ALA A 66 5.58 -0.55 9.27
N THR A 67 6.81 -0.69 8.82
CA THR A 67 7.35 0.11 7.75
C THR A 67 8.08 -0.81 6.78
N ASN A 68 7.32 -1.61 6.03
CA ASN A 68 7.88 -2.68 5.22
C ASN A 68 7.56 -2.51 3.74
N ASN A 69 8.53 -2.81 2.91
CA ASN A 69 8.35 -2.68 1.46
C ASN A 69 8.54 -4.05 0.80
N MET A 70 8.54 -4.08 -0.52
CA MET A 70 8.65 -5.33 -1.25
C MET A 70 9.59 -5.17 -2.42
N THR A 71 10.41 -6.18 -2.68
CA THR A 71 11.29 -6.17 -3.84
C THR A 71 11.02 -7.35 -4.76
N LEU A 72 10.18 -7.12 -5.74
CA LEU A 72 9.71 -8.17 -6.66
C LEU A 72 10.11 -7.76 -8.05
N LYS A 73 10.74 -8.65 -8.78
CA LYS A 73 11.21 -8.30 -10.10
C LYS A 73 11.07 -9.48 -11.02
N LYS A 74 11.00 -9.19 -12.29
CA LYS A 74 10.90 -10.21 -13.28
C LYS A 74 11.89 -9.98 -14.39
N SER A 75 12.00 -10.96 -15.22
CA SER A 75 13.11 -11.12 -16.11
C SER A 75 12.89 -12.36 -16.96
N PHE A 76 13.51 -12.42 -18.13
CA PHE A 76 13.34 -13.57 -19.00
C PHE A 76 14.20 -14.73 -18.48
N SER A 77 14.59 -14.58 -17.21
CA SER A 77 15.12 -15.66 -16.41
C SER A 77 13.95 -16.58 -16.02
N THR A 78 14.10 -17.32 -14.94
CA THR A 78 13.07 -18.26 -14.55
C THR A 78 12.25 -17.75 -13.37
N LEU A 79 10.98 -18.14 -13.37
CA LEU A 79 10.08 -17.80 -12.28
C LEU A 79 10.49 -18.53 -11.02
N SER A 80 11.48 -19.41 -11.17
CA SER A 80 12.13 -20.08 -10.06
C SER A 80 12.62 -19.07 -9.04
N ALA A 81 12.96 -17.88 -9.51
CA ALA A 81 13.42 -16.81 -8.63
C ALA A 81 12.30 -15.82 -8.39
N LEU A 82 11.57 -15.51 -9.45
CA LEU A 82 10.49 -14.52 -9.39
C LEU A 82 9.43 -14.92 -8.37
N THR A 83 9.01 -16.19 -8.39
CA THR A 83 8.01 -16.67 -7.44
C THR A 83 8.58 -16.77 -6.04
N THR A 84 9.83 -17.20 -5.95
CA THR A 84 10.51 -17.34 -4.68
C THR A 84 10.50 -16.02 -3.91
N THR A 85 10.91 -14.96 -4.57
CA THR A 85 10.95 -13.66 -3.94
C THR A 85 9.53 -13.16 -3.68
N LEU A 86 8.64 -13.42 -4.64
CA LEU A 86 7.24 -13.00 -4.52
C LEU A 86 6.58 -13.64 -3.32
N SER A 87 6.91 -14.89 -3.03
CA SER A 87 6.29 -15.60 -1.91
C SER A 87 6.77 -15.01 -0.58
N GLU A 88 8.08 -14.88 -0.44
CA GLU A 88 8.68 -14.35 0.77
C GLU A 88 8.15 -12.95 1.04
N GLN A 89 7.95 -12.18 -0.02
CA GLN A 89 7.46 -10.83 0.10
C GLN A 89 5.94 -10.78 -0.08
N LEU A 90 5.31 -11.95 -0.14
CA LEU A 90 3.86 -12.03 -0.27
C LEU A 90 3.23 -11.69 1.07
N LYS A 91 4.05 -11.71 2.10
CA LYS A 91 3.62 -11.17 3.40
C LYS A 91 3.16 -9.72 3.24
N ILE A 92 3.81 -9.01 2.31
CA ILE A 92 3.47 -7.62 2.04
C ILE A 92 2.37 -7.53 0.97
N GLU A 93 1.53 -8.55 0.91
CA GLU A 93 0.31 -8.51 0.09
C GLU A 93 -0.71 -7.57 0.76
N GLY A 94 -0.34 -7.06 1.92
CA GLY A 94 -1.20 -6.16 2.64
C GLY A 94 -2.06 -6.88 3.66
N VAL A 95 -1.42 -7.54 4.62
CA VAL A 95 -2.14 -8.24 5.68
C VAL A 95 -2.70 -7.27 6.72
N LEU A 96 -3.49 -6.32 6.26
CA LEU A 96 -4.09 -5.32 7.13
C LEU A 96 -5.50 -5.75 7.54
N GLY A 97 -6.48 -5.46 6.69
CA GLY A 97 -7.81 -5.99 6.87
C GLY A 97 -8.05 -7.18 5.96
N ILE A 98 -7.02 -7.99 5.77
CA ILE A 98 -7.02 -9.06 4.80
C ILE A 98 -8.01 -10.19 5.17
N SER A 99 -8.09 -11.20 4.33
CA SER A 99 -9.12 -12.21 4.43
C SER A 99 -8.70 -13.35 5.37
N GLN A 100 -9.45 -14.45 5.34
CA GLN A 100 -9.16 -15.59 6.21
C GLN A 100 -7.81 -16.17 5.86
N ASP A 101 -7.62 -16.45 4.59
CA ASP A 101 -6.36 -16.98 4.13
C ASP A 101 -5.51 -15.88 3.52
N THR A 102 -5.76 -15.59 2.24
CA THR A 102 -5.00 -14.61 1.48
C THR A 102 -3.49 -14.64 1.79
N TYR A 103 -2.90 -15.83 1.71
CA TYR A 103 -1.46 -15.97 1.83
C TYR A 103 -0.88 -16.73 0.65
N ILE A 104 0.38 -17.11 0.77
CA ILE A 104 1.05 -17.90 -0.25
C ILE A 104 0.29 -19.19 -0.51
N GLN A 105 0.52 -19.78 -1.68
CA GLN A 105 -0.11 -21.05 -2.07
C GLN A 105 -1.55 -20.81 -2.50
N ASN A 106 -2.23 -19.85 -1.89
CA ASN A 106 -3.55 -19.46 -2.38
C ASN A 106 -3.33 -18.43 -3.47
N ILE A 107 -2.33 -17.61 -3.24
CA ILE A 107 -1.93 -16.58 -4.17
C ILE A 107 -0.81 -17.07 -5.07
N LEU A 108 0.10 -17.86 -4.51
CA LEU A 108 1.26 -18.34 -5.27
C LEU A 108 0.88 -19.51 -6.17
N SER A 109 -0.37 -19.93 -6.12
CA SER A 109 -0.85 -21.01 -6.96
C SER A 109 -0.85 -20.56 -8.41
N HIS A 110 -1.32 -19.34 -8.62
CA HIS A 110 -1.31 -18.72 -9.94
C HIS A 110 0.12 -18.47 -10.39
N ALA A 111 0.99 -18.18 -9.44
CA ALA A 111 2.38 -17.85 -9.75
C ALA A 111 3.09 -19.03 -10.41
N PHE A 112 2.60 -20.24 -10.15
CA PHE A 112 3.18 -21.44 -10.76
C PHE A 112 2.44 -21.82 -12.04
N CYS A 113 1.22 -21.30 -12.19
CA CYS A 113 0.41 -21.57 -13.38
C CYS A 113 -0.48 -20.36 -13.68
N ASP A 114 -0.07 -19.57 -14.69
CA ASP A 114 -0.78 -18.35 -15.08
C ASP A 114 -0.80 -17.36 -13.92
N LEU A 115 0.28 -16.60 -13.80
CA LEU A 115 0.49 -15.74 -12.64
C LEU A 115 -0.41 -14.50 -12.68
N GLU A 116 -1.26 -14.40 -11.66
CA GLU A 116 -2.28 -13.38 -11.60
C GLU A 116 -1.65 -12.01 -11.34
N THR A 117 -0.68 -11.99 -10.42
CA THR A 117 0.09 -10.77 -10.11
C THR A 117 -0.79 -9.53 -9.93
N GLN A 118 -1.79 -9.65 -9.07
CA GLN A 118 -2.66 -8.52 -8.71
C GLN A 118 -3.27 -7.87 -9.96
N LYS A 119 -3.95 -8.70 -10.74
CA LYS A 119 -4.64 -8.27 -11.95
C LYS A 119 -3.67 -7.85 -13.04
N ASP A 120 -2.85 -8.81 -13.47
CA ASP A 120 -2.08 -8.69 -14.71
C ASP A 120 -2.92 -8.08 -15.84
N LYS A 121 -2.31 -7.09 -16.54
CA LYS A 121 -2.94 -6.33 -17.64
C LYS A 121 -3.46 -4.97 -17.16
N PRO A 122 -3.65 -4.01 -18.11
CA PRO A 122 -3.80 -2.58 -17.87
C PRO A 122 -3.70 -2.07 -16.43
N TRP A 123 -2.52 -2.23 -15.86
CA TRP A 123 -2.11 -1.48 -14.68
C TRP A 123 -1.86 -0.05 -15.09
N PHE A 124 -2.17 0.91 -14.22
CA PHE A 124 -1.79 2.27 -14.53
C PHE A 124 -0.29 2.45 -14.23
N HIS A 125 0.40 3.02 -15.21
CA HIS A 125 1.82 3.38 -15.08
C HIS A 125 2.20 4.30 -16.21
N ILE A 126 2.35 5.58 -15.93
CA ILE A 126 2.73 6.50 -16.99
C ILE A 126 3.74 7.57 -16.56
N ASN A 127 4.94 7.23 -16.13
CA ASN A 127 6.02 8.21 -16.26
C ASN A 127 7.09 7.63 -17.16
N ALA A 128 7.61 8.41 -18.07
CA ALA A 128 8.82 8.08 -18.80
C ALA A 128 10.07 8.55 -18.09
N GLN A 129 11.19 8.26 -18.73
CA GLN A 129 12.44 8.99 -18.55
C GLN A 129 13.05 9.13 -19.92
N PRO A 130 13.56 10.33 -20.28
CA PRO A 130 14.21 10.54 -21.57
C PRO A 130 15.43 9.63 -21.73
N ASP A 131 15.19 8.44 -22.25
CA ASP A 131 16.20 7.41 -22.32
C ASP A 131 16.03 6.57 -23.57
N ALA A 132 14.91 5.85 -23.67
CA ALA A 132 14.69 4.94 -24.79
C ALA A 132 15.84 3.97 -24.88
N GLY A 133 16.14 3.35 -23.75
CA GLY A 133 17.25 2.44 -23.68
C GLY A 133 17.48 1.97 -22.28
N HIS A 134 17.19 2.83 -21.34
CA HIS A 134 17.21 2.46 -19.94
C HIS A 134 16.25 3.34 -19.16
N SER A 135 14.97 3.04 -19.35
CA SER A 135 13.90 3.86 -18.80
C SER A 135 12.92 2.98 -18.03
N VAL A 136 11.98 3.63 -17.37
CA VAL A 136 10.99 3.00 -16.50
C VAL A 136 9.68 3.80 -16.54
N THR A 137 8.57 3.16 -16.84
CA THR A 137 7.28 3.85 -16.76
C THR A 137 6.45 3.24 -15.64
N SER A 138 6.15 4.04 -14.64
CA SER A 138 5.43 3.53 -13.49
C SER A 138 4.44 4.55 -12.94
N TYR A 139 3.32 4.05 -12.47
CA TYR A 139 2.44 4.84 -11.64
C TYR A 139 2.17 4.05 -10.38
N SER A 140 1.83 4.71 -9.30
CA SER A 140 1.56 3.99 -8.08
C SER A 140 0.07 3.84 -7.86
N TYR A 141 -0.36 2.59 -7.79
CA TYR A 141 -1.69 2.22 -7.35
C TYR A 141 -1.68 2.23 -5.82
N SER A 142 -2.78 1.84 -5.19
CA SER A 142 -2.83 1.67 -3.74
C SER A 142 -2.80 2.99 -2.99
N LEU A 143 -3.70 3.09 -2.04
CA LEU A 143 -3.95 4.27 -1.25
C LEU A 143 -3.85 3.90 0.22
N PHE A 144 -4.31 4.77 1.10
CA PHE A 144 -4.06 4.60 2.51
C PHE A 144 -5.37 4.29 3.20
N ILE A 145 -5.31 3.37 4.18
CA ILE A 145 -6.50 2.76 4.75
C ILE A 145 -6.42 2.72 6.27
N VAL A 146 -7.49 2.28 6.90
CA VAL A 146 -7.51 2.04 8.33
C VAL A 146 -8.24 0.74 8.60
N SER A 147 -7.99 0.11 9.74
CA SER A 147 -8.55 -1.19 10.04
C SER A 147 -9.22 -1.20 11.41
N GLN A 148 -9.96 -2.26 11.69
CA GLN A 148 -10.84 -2.30 12.86
C GLN A 148 -10.60 -3.53 13.71
N GLY A 149 -10.48 -3.32 15.01
CA GLY A 149 -10.51 -4.40 15.96
C GLY A 149 -11.75 -4.33 16.81
N GLU A 150 -12.52 -5.39 16.86
CA GLU A 150 -13.79 -5.33 17.58
C GLU A 150 -13.63 -5.88 19.00
N GLU A 151 -12.73 -6.85 19.14
CA GLU A 151 -12.48 -7.52 20.41
C GLU A 151 -12.37 -6.51 21.56
N THR A 152 -11.49 -5.53 21.41
CA THR A 152 -11.30 -4.51 22.44
C THR A 152 -11.66 -3.12 21.90
N GLY A 153 -11.99 -3.06 20.62
CA GLY A 153 -12.17 -1.78 19.96
C GLY A 153 -10.85 -1.19 19.54
N ALA A 154 -10.08 -1.98 18.81
CA ALA A 154 -8.77 -1.56 18.33
C ALA A 154 -8.86 -1.10 16.89
N MET A 155 -7.73 -0.74 16.30
CA MET A 155 -7.69 -0.33 14.91
C MET A 155 -6.24 -0.23 14.45
N MET A 156 -6.00 0.38 13.30
CA MET A 156 -4.64 0.60 12.82
C MET A 156 -4.62 1.51 11.60
N ALA A 157 -3.69 2.45 11.62
CA ALA A 157 -3.57 3.45 10.58
C ALA A 157 -2.60 2.98 9.50
N ALA A 158 -3.12 2.68 8.33
CA ALA A 158 -2.31 2.11 7.27
C ALA A 158 -2.15 3.07 6.11
N GLY A 159 -0.98 3.05 5.48
CA GLY A 159 -0.76 3.88 4.33
C GLY A 159 0.14 3.24 3.30
N PRO A 160 -0.31 2.16 2.65
CA PRO A 160 0.50 1.46 1.65
C PRO A 160 0.37 2.06 0.25
N LEU A 161 1.42 1.91 -0.56
CA LEU A 161 1.30 2.27 -1.96
C LEU A 161 2.03 1.26 -2.81
N ILE A 162 1.47 0.90 -3.95
CA ILE A 162 2.09 -0.10 -4.82
C ILE A 162 2.57 0.56 -6.10
N ILE A 163 3.75 0.19 -6.56
CA ILE A 163 4.36 0.82 -7.72
C ILE A 163 4.51 -0.19 -8.84
N THR A 164 3.99 0.16 -9.99
CA THR A 164 4.00 -0.72 -11.13
C THR A 164 5.09 -0.30 -12.10
N VAL A 165 6.16 -1.08 -12.15
CA VAL A 165 7.33 -0.72 -12.94
C VAL A 165 7.30 -1.44 -14.29
N THR A 166 6.92 -0.68 -15.30
CA THR A 166 6.83 -1.17 -16.67
C THR A 166 7.61 -0.24 -17.60
N PRO A 167 8.84 -0.59 -17.96
CA PRO A 167 9.78 0.37 -18.51
C PRO A 167 9.57 0.79 -19.96
N ASN A 168 10.29 1.87 -20.30
CA ASN A 168 10.19 2.54 -21.58
C ASN A 168 11.49 2.37 -22.40
N THR A 169 12.37 1.51 -21.91
CA THR A 169 13.60 1.20 -22.63
C THR A 169 13.30 0.68 -24.04
N ALA A 170 14.18 1.01 -24.97
CA ALA A 170 13.88 0.96 -26.40
C ALA A 170 13.67 -0.45 -26.95
N ILE A 171 14.56 -1.37 -26.61
CA ILE A 171 14.55 -2.68 -27.26
C ILE A 171 14.49 -3.79 -26.26
N SER A 172 13.90 -4.89 -26.64
CA SER A 172 13.82 -6.04 -25.78
C SER A 172 14.14 -7.31 -26.56
N ASP A 173 15.29 -7.28 -27.21
CA ASP A 173 15.77 -8.42 -28.00
C ASP A 173 17.24 -8.70 -27.70
N ILE A 174 18.00 -9.08 -28.73
CA ILE A 174 19.43 -9.39 -28.61
C ILE A 174 20.25 -8.09 -28.67
N PHE A 175 19.55 -7.02 -28.38
CA PHE A 175 20.00 -5.66 -28.53
C PHE A 175 19.90 -4.96 -27.18
N ASN A 176 19.66 -3.65 -27.24
CA ASN A 176 19.44 -2.79 -26.08
C ASN A 176 18.75 -3.48 -24.89
N THR A 177 18.87 -2.78 -23.76
CA THR A 177 18.82 -3.25 -22.35
C THR A 177 17.77 -4.29 -21.97
N LYS A 178 16.84 -4.62 -22.85
CA LYS A 178 15.76 -5.59 -22.57
C LYS A 178 14.58 -4.90 -21.92
N ASP A 179 13.82 -4.20 -22.76
CA ASP A 179 12.60 -3.51 -22.36
C ASP A 179 11.52 -4.48 -21.81
N TRP A 180 11.74 -5.79 -22.00
CA TRP A 180 10.71 -6.78 -21.70
C TRP A 180 10.81 -7.37 -20.30
N ARG A 181 11.83 -6.97 -19.55
CA ARG A 181 11.91 -7.37 -18.15
C ARG A 181 11.18 -6.35 -17.31
N LEU A 182 10.47 -6.82 -16.31
CA LEU A 182 9.66 -5.93 -15.49
C LEU A 182 10.06 -6.06 -14.03
N THR A 183 9.46 -5.24 -13.19
CA THR A 183 9.78 -5.20 -11.77
C THR A 183 8.63 -4.55 -10.99
N LEU A 184 8.30 -5.10 -9.83
CA LEU A 184 7.27 -4.50 -9.00
C LEU A 184 7.76 -4.35 -7.56
N GLN A 185 7.73 -3.13 -7.08
CA GLN A 185 8.25 -2.78 -5.76
C GLN A 185 7.32 -1.75 -5.17
N LYS A 186 7.32 -1.59 -3.86
CA LYS A 186 6.46 -0.59 -3.25
C LYS A 186 6.63 -0.50 -1.75
N GLU A 187 6.00 0.52 -1.19
CA GLU A 187 6.17 0.83 0.22
C GLU A 187 4.85 0.68 0.95
N GLU A 188 4.78 -0.25 1.86
CA GLU A 188 3.62 -0.34 2.73
C GLU A 188 4.00 0.01 4.15
N ILE A 189 3.61 1.20 4.55
CA ILE A 189 3.82 1.66 5.91
C ILE A 189 2.51 1.60 6.66
N THR A 190 2.54 1.04 7.85
CA THR A 190 1.33 0.85 8.62
C THR A 190 1.58 1.07 10.11
N ILE A 191 0.87 2.03 10.67
CA ILE A 191 0.95 2.31 12.08
C ILE A 191 -0.07 1.46 12.80
N GLY A 192 0.43 0.48 13.54
CA GLY A 192 -0.45 -0.42 14.22
C GLY A 192 -0.82 0.08 15.59
N VAL A 193 -2.10 0.04 15.91
CA VAL A 193 -2.61 0.59 17.15
C VAL A 193 -3.70 -0.35 17.69
N LYS A 194 -3.27 -1.48 18.21
CA LYS A 194 -4.21 -2.59 18.39
C LYS A 194 -3.61 -3.78 19.15
N GLY A 195 -4.37 -4.87 19.20
CA GLY A 195 -3.91 -6.09 19.83
C GLY A 195 -3.92 -7.23 18.85
N PHE A 196 -3.41 -6.94 17.65
CA PHE A 196 -3.37 -7.85 16.52
C PHE A 196 -3.08 -9.30 16.92
N GLN A 197 -4.12 -10.12 16.89
CA GLN A 197 -3.98 -11.54 17.14
C GLN A 197 -3.93 -12.28 15.80
N VAL A 198 -4.78 -11.82 14.89
CA VAL A 198 -4.91 -12.38 13.55
C VAL A 198 -5.26 -11.22 12.63
N VAL A 199 -5.03 -11.36 11.33
CA VAL A 199 -5.50 -10.35 10.39
C VAL A 199 -7.02 -10.42 10.32
N THR A 200 -7.65 -9.64 11.17
CA THR A 200 -9.05 -9.75 11.45
C THR A 200 -9.40 -8.55 12.37
N PRO A 201 -10.62 -8.42 12.94
CA PRO A 201 -10.88 -7.43 13.99
C PRO A 201 -9.91 -7.55 15.18
N LEU A 202 -8.75 -6.96 14.95
CA LEU A 202 -7.58 -6.96 15.84
C LEU A 202 -7.78 -6.27 17.19
N GLY A 203 -8.87 -6.53 17.87
CA GLY A 203 -9.04 -5.98 19.19
C GLY A 203 -8.24 -6.76 20.21
N MET A 1 -10.38 13.66 9.45
CA MET A 1 -10.04 12.72 8.34
C MET A 1 -10.76 13.12 7.06
N SER A 2 -10.94 14.43 6.89
CA SER A 2 -11.76 14.97 5.83
C SER A 2 -11.85 16.48 6.01
N ILE A 3 -12.61 17.13 5.15
CA ILE A 3 -12.70 18.57 5.16
C ILE A 3 -13.62 19.03 6.30
N GLU A 4 -14.91 19.17 5.99
CA GLU A 4 -15.96 19.45 6.99
C GLU A 4 -15.53 20.51 8.00
N ILE A 5 -15.84 21.76 7.69
CA ILE A 5 -15.36 22.86 8.50
C ILE A 5 -16.51 23.73 8.97
N TYR A 6 -16.21 24.99 9.22
CA TYR A 6 -17.20 25.93 9.69
C TYR A 6 -17.09 27.27 8.93
N PRO A 7 -15.90 27.94 8.93
CA PRO A 7 -15.72 29.25 8.26
C PRO A 7 -15.82 29.19 6.73
N ASP A 8 -16.99 28.83 6.23
CA ASP A 8 -17.27 28.86 4.78
C ASP A 8 -18.70 28.44 4.54
N ASP A 9 -18.94 27.15 4.75
CA ASP A 9 -20.25 26.56 4.54
C ASP A 9 -20.31 25.19 5.23
N GLY A 10 -19.17 24.76 5.75
CA GLY A 10 -19.07 23.43 6.30
C GLY A 10 -18.06 22.61 5.54
N ASN A 11 -17.30 23.29 4.69
CA ASN A 11 -16.35 22.65 3.80
C ASN A 11 -15.51 23.71 3.10
N THR A 12 -14.19 23.56 3.14
CA THR A 12 -13.29 24.54 2.54
C THR A 12 -11.81 24.12 2.67
N LEU A 13 -11.56 23.11 3.51
CA LEU A 13 -10.19 22.64 3.81
C LEU A 13 -9.30 22.62 2.59
N PRO A 14 -8.16 23.31 2.64
CA PRO A 14 -7.19 23.36 1.54
C PRO A 14 -6.49 22.02 1.34
N TYR A 15 -6.74 21.10 2.25
CA TYR A 15 -6.18 19.77 2.17
C TYR A 15 -6.99 18.94 1.19
N GLN A 16 -8.29 19.22 1.13
CA GLN A 16 -9.17 18.54 0.19
C GLN A 16 -9.18 17.05 0.50
N VAL A 17 -9.48 16.73 1.73
CA VAL A 17 -9.54 15.35 2.15
C VAL A 17 -10.95 14.98 2.52
N PHE A 18 -11.35 13.78 2.17
CA PHE A 18 -12.74 13.36 2.25
C PHE A 18 -12.87 12.08 1.45
N LEU A 19 -12.19 12.10 0.31
CA LEU A 19 -12.08 10.94 -0.54
C LEU A 19 -10.74 10.95 -1.28
N ASN A 20 -9.67 11.36 -0.60
CA ASN A 20 -8.39 11.49 -1.26
C ASN A 20 -7.61 10.19 -1.11
N LEU A 21 -8.08 9.35 -0.21
CA LEU A 21 -7.46 8.05 0.01
C LEU A 21 -8.47 7.06 0.59
N GLU A 22 -8.18 5.78 0.36
CA GLU A 22 -9.04 4.68 0.75
C GLU A 22 -9.33 4.62 2.24
N ASN A 23 -10.45 4.02 2.60
CA ASN A 23 -10.60 3.38 3.89
C ASN A 23 -11.22 2.01 3.72
N GLU A 24 -11.12 1.14 4.72
CA GLU A 24 -11.86 -0.11 4.68
C GLU A 24 -12.62 -0.33 5.99
N HIS A 25 -12.34 0.51 6.98
CA HIS A 25 -12.97 0.38 8.30
C HIS A 25 -13.22 1.75 8.93
N TYR A 26 -13.45 2.75 8.09
CA TYR A 26 -13.63 4.14 8.52
C TYR A 26 -14.81 4.33 9.49
N TYR A 27 -15.57 3.27 9.73
CA TYR A 27 -16.73 3.29 10.65
C TYR A 27 -16.46 4.13 11.89
N ALA A 28 -15.39 3.81 12.59
CA ALA A 28 -14.97 4.59 13.73
C ALA A 28 -13.46 4.69 13.79
N GLN A 29 -12.82 3.89 12.93
CA GLN A 29 -11.38 3.72 12.95
C GLN A 29 -10.68 4.96 12.41
N ALA A 30 -11.28 5.57 11.40
CA ALA A 30 -10.70 6.75 10.78
C ALA A 30 -10.94 7.96 11.66
N ILE A 31 -11.72 7.76 12.71
CA ILE A 31 -12.10 8.83 13.59
C ILE A 31 -11.17 8.93 14.81
N GLN A 32 -10.80 7.77 15.36
CA GLN A 32 -9.90 7.69 16.51
C GLN A 32 -8.66 8.53 16.28
N LEU A 33 -8.05 8.28 15.14
CA LEU A 33 -6.81 8.93 14.75
C LEU A 33 -7.06 10.15 13.86
N ALA A 34 -8.33 10.41 13.52
CA ALA A 34 -8.69 11.47 12.57
C ALA A 34 -7.99 12.78 12.85
N GLN A 35 -8.15 13.28 14.07
CA GLN A 35 -7.58 14.56 14.45
C GLN A 35 -6.06 14.51 14.50
N LEU A 36 -5.50 13.30 14.52
CA LEU A 36 -4.06 13.13 14.46
C LEU A 36 -3.63 13.27 13.01
N PHE A 37 -4.38 12.60 12.15
CA PHE A 37 -4.14 12.65 10.72
C PHE A 37 -4.41 14.05 10.19
N ALA A 38 -5.26 14.79 10.86
CA ALA A 38 -5.60 16.13 10.42
C ALA A 38 -4.46 17.11 10.68
N HIS A 39 -3.38 16.63 11.31
CA HIS A 39 -2.29 17.52 11.69
C HIS A 39 -0.98 17.24 10.95
N GLU A 40 -0.47 16.00 11.03
CA GLU A 40 0.89 15.72 10.53
C GLU A 40 0.91 15.23 9.09
N VAL A 41 -0.12 15.48 8.33
CA VAL A 41 -0.14 15.03 6.97
C VAL A 41 0.37 16.10 6.03
N ASP A 42 0.37 15.80 4.75
CA ASP A 42 0.82 16.74 3.75
C ASP A 42 -0.40 17.52 3.24
N ASP A 43 -0.22 18.55 2.41
CA ASP A 43 -1.35 19.37 1.97
C ASP A 43 -2.43 18.52 1.30
N ASN A 44 -2.07 17.33 0.86
CA ASN A 44 -3.04 16.39 0.31
C ASN A 44 -3.89 15.76 1.42
N GLY A 45 -3.24 15.39 2.53
CA GLY A 45 -3.95 14.75 3.62
C GLY A 45 -3.49 13.32 3.91
N GLN A 46 -2.28 12.97 3.47
CA GLN A 46 -1.78 11.61 3.72
C GLN A 46 -0.64 11.62 4.75
N LEU A 47 -0.45 10.48 5.42
CA LEU A 47 0.59 10.29 6.44
C LEU A 47 1.95 10.80 5.95
N ASP A 48 2.53 11.75 6.68
CA ASP A 48 3.85 12.26 6.34
C ASP A 48 4.82 11.80 7.39
N LEU A 49 5.55 10.74 7.13
CA LEU A 49 6.36 10.10 8.18
C LEU A 49 7.40 11.03 8.79
N ALA A 50 7.64 12.18 8.16
CA ALA A 50 8.49 13.18 8.76
C ALA A 50 7.87 13.69 10.05
N LYS A 51 6.59 14.04 9.96
CA LYS A 51 5.83 14.55 11.10
C LYS A 51 4.88 13.50 11.62
N ALA A 52 4.21 12.80 10.72
CA ALA A 52 3.16 11.86 11.07
C ALA A 52 3.71 10.61 11.72
N LEU A 53 5.03 10.45 11.72
CA LEU A 53 5.63 9.38 12.49
C LEU A 53 5.54 9.75 13.96
N LYS A 54 5.33 11.03 14.20
CA LYS A 54 5.06 11.57 15.52
C LYS A 54 3.57 11.49 15.78
N LYS A 55 2.79 11.71 14.72
CA LYS A 55 1.34 11.57 14.76
C LYS A 55 0.97 10.15 15.14
N ALA A 56 1.78 9.20 14.66
CA ALA A 56 1.60 7.78 14.94
C ALA A 56 1.77 7.51 16.43
N GLN A 57 2.61 8.33 17.06
CA GLN A 57 2.91 8.18 18.47
C GLN A 57 1.72 8.62 19.32
N ALA A 58 0.72 9.21 18.66
CA ALA A 58 -0.46 9.69 19.35
C ALA A 58 -1.69 8.84 19.03
N GLN A 59 -1.46 7.70 18.37
CA GLN A 59 -2.55 6.84 17.94
C GLN A 59 -3.28 6.24 19.14
N PRO A 60 -4.58 5.95 18.98
CA PRO A 60 -5.41 5.32 20.00
C PRO A 60 -4.70 4.21 20.79
N ASP A 61 -4.20 3.18 20.11
CA ASP A 61 -3.64 2.03 20.82
C ASP A 61 -2.11 1.98 20.76
N LEU A 62 -1.54 1.58 19.62
CA LEU A 62 -0.08 1.53 19.48
C LEU A 62 0.44 2.65 18.58
N ALA A 63 1.53 2.37 17.87
CA ALA A 63 2.23 3.38 17.07
C ALA A 63 2.82 2.73 15.83
N ILE A 64 3.79 3.39 15.22
CA ILE A 64 4.48 2.86 14.05
C ILE A 64 4.96 1.43 14.29
N ILE A 65 4.45 0.50 13.50
CA ILE A 65 4.91 -0.88 13.61
C ILE A 65 5.50 -1.37 12.30
N ALA A 66 4.94 -0.92 11.20
CA ALA A 66 5.32 -1.43 9.89
C ALA A 66 5.75 -0.31 8.96
N THR A 67 6.97 -0.43 8.46
CA THR A 67 7.49 0.45 7.44
C THR A 67 8.25 -0.39 6.43
N ASN A 68 7.51 -1.16 5.64
CA ASN A 68 8.11 -2.16 4.77
C ASN A 68 7.70 -1.97 3.33
N ASN A 69 8.56 -2.37 2.43
CA ASN A 69 8.25 -2.27 1.02
C ASN A 69 8.34 -3.65 0.41
N MET A 70 8.22 -3.75 -0.90
CA MET A 70 8.37 -5.02 -1.59
C MET A 70 9.22 -4.81 -2.84
N THR A 71 10.15 -5.71 -3.08
CA THR A 71 10.95 -5.67 -4.28
C THR A 71 10.78 -6.96 -5.06
N LEU A 72 9.97 -6.89 -6.10
CA LEU A 72 9.62 -8.03 -6.92
C LEU A 72 10.01 -7.70 -8.34
N LYS A 73 10.72 -8.58 -9.00
CA LYS A 73 11.10 -8.33 -10.35
C LYS A 73 11.08 -9.61 -11.13
N LYS A 74 10.83 -9.47 -12.40
CA LYS A 74 10.76 -10.60 -13.27
C LYS A 74 11.61 -10.38 -14.50
N SER A 75 11.82 -11.45 -15.18
CA SER A 75 12.92 -11.61 -16.09
C SER A 75 12.84 -12.99 -16.70
N PHE A 76 13.46 -13.17 -17.85
CA PHE A 76 13.44 -14.44 -18.54
C PHE A 76 14.35 -15.45 -17.83
N SER A 77 14.78 -15.05 -16.65
CA SER A 77 15.43 -15.92 -15.69
C SER A 77 14.40 -16.90 -15.10
N THR A 78 14.70 -17.47 -13.95
CA THR A 78 13.83 -18.47 -13.36
C THR A 78 13.04 -17.93 -12.16
N LEU A 79 11.85 -18.47 -11.97
CA LEU A 79 11.02 -18.16 -10.81
C LEU A 79 11.73 -18.50 -9.51
N SER A 80 12.82 -19.26 -9.64
CA SER A 80 13.68 -19.64 -8.53
C SER A 80 14.12 -18.42 -7.72
N ALA A 81 14.16 -17.26 -8.38
CA ALA A 81 14.51 -16.03 -7.69
C ALA A 81 13.30 -15.10 -7.62
N LEU A 82 12.51 -15.09 -8.68
CA LEU A 82 11.34 -14.22 -8.78
C LEU A 82 10.36 -14.49 -7.63
N THR A 83 10.06 -15.76 -7.38
CA THR A 83 9.10 -16.12 -6.35
C THR A 83 9.72 -16.01 -4.96
N THR A 84 11.03 -16.15 -4.90
CA THR A 84 11.75 -16.10 -3.63
C THR A 84 11.59 -14.74 -2.96
N THR A 85 11.91 -13.67 -3.67
CA THR A 85 11.79 -12.35 -3.10
C THR A 85 10.31 -12.00 -2.93
N LEU A 86 9.50 -12.49 -3.86
CA LEU A 86 8.05 -12.28 -3.81
C LEU A 86 7.45 -12.92 -2.56
N SER A 87 7.95 -14.08 -2.16
CA SER A 87 7.38 -14.79 -1.02
C SER A 87 7.61 -14.05 0.29
N GLU A 88 8.86 -13.61 0.51
CA GLU A 88 9.19 -12.83 1.69
C GLU A 88 8.26 -11.63 1.79
N GLN A 89 7.92 -11.06 0.64
CA GLN A 89 7.06 -9.90 0.59
C GLN A 89 5.62 -10.30 0.22
N LEU A 90 5.34 -11.60 0.23
CA LEU A 90 3.98 -12.07 0.01
C LEU A 90 3.16 -11.78 1.24
N LYS A 91 3.83 -11.37 2.30
CA LYS A 91 3.13 -10.80 3.44
C LYS A 91 2.33 -9.56 2.99
N ILE A 92 2.87 -8.83 2.02
CA ILE A 92 2.19 -7.66 1.47
C ILE A 92 1.06 -8.10 0.50
N GLU A 93 0.54 -9.30 0.73
CA GLU A 93 -0.63 -9.78 0.01
C GLU A 93 -1.91 -9.07 0.53
N GLY A 94 -1.73 -7.93 1.17
CA GLY A 94 -2.86 -7.12 1.59
C GLY A 94 -3.29 -7.39 3.02
N VAL A 95 -2.30 -7.48 3.90
CA VAL A 95 -2.55 -7.72 5.31
C VAL A 95 -2.71 -6.41 6.09
N LEU A 96 -3.84 -5.77 5.87
CA LEU A 96 -4.16 -4.51 6.51
C LEU A 96 -4.69 -4.80 7.90
N GLY A 97 -5.80 -5.54 7.99
CA GLY A 97 -6.20 -6.12 9.27
C GLY A 97 -5.36 -7.34 9.64
N ILE A 98 -4.09 -7.29 9.21
CA ILE A 98 -3.07 -8.36 9.29
C ILE A 98 -3.16 -9.31 10.52
N SER A 99 -2.74 -10.58 10.27
CA SER A 99 -2.75 -11.65 11.27
C SER A 99 -1.42 -11.70 12.02
N GLN A 100 -1.21 -12.80 12.75
CA GLN A 100 0.07 -13.07 13.36
C GLN A 100 0.98 -13.78 12.36
N ASP A 101 0.39 -14.58 11.48
CA ASP A 101 1.17 -15.23 10.42
C ASP A 101 1.06 -14.49 9.11
N THR A 102 0.07 -14.86 8.29
CA THR A 102 -0.06 -14.33 6.93
C THR A 102 1.31 -14.13 6.30
N TYR A 103 1.94 -15.26 6.04
CA TYR A 103 3.29 -15.31 5.49
C TYR A 103 3.40 -16.54 4.62
N ILE A 104 4.58 -17.03 4.34
CA ILE A 104 4.71 -18.19 3.47
C ILE A 104 4.12 -19.44 4.12
N GLN A 105 3.91 -20.48 3.29
CA GLN A 105 3.22 -21.71 3.70
C GLN A 105 1.72 -21.48 3.89
N ASN A 106 1.36 -20.48 4.69
CA ASN A 106 -0.05 -20.16 4.89
C ASN A 106 -0.54 -19.35 3.70
N ILE A 107 0.43 -18.86 2.95
CA ILE A 107 0.19 -18.10 1.74
C ILE A 107 0.96 -18.68 0.55
N LEU A 108 2.13 -19.26 0.82
CA LEU A 108 3.01 -19.71 -0.24
C LEU A 108 2.44 -20.93 -0.96
N SER A 109 1.29 -21.39 -0.49
CA SER A 109 0.58 -22.45 -1.20
C SER A 109 0.07 -21.91 -2.52
N HIS A 110 -0.10 -20.59 -2.61
CA HIS A 110 -0.45 -19.92 -3.85
C HIS A 110 0.70 -20.00 -4.85
N ALA A 111 1.91 -19.82 -4.35
CA ALA A 111 3.08 -19.83 -5.21
C ALA A 111 3.29 -21.20 -5.84
N PHE A 112 2.83 -22.23 -5.14
CA PHE A 112 2.93 -23.59 -5.66
C PHE A 112 1.63 -24.00 -6.37
N CYS A 113 0.56 -23.27 -6.10
CA CYS A 113 -0.74 -23.54 -6.71
C CYS A 113 -1.56 -22.26 -6.83
N ASP A 114 -1.63 -21.72 -8.05
CA ASP A 114 -2.37 -20.48 -8.34
C ASP A 114 -1.75 -19.28 -7.62
N LEU A 115 -0.70 -18.74 -8.21
CA LEU A 115 -0.01 -17.60 -7.67
C LEU A 115 -0.73 -16.33 -8.09
N GLU A 116 -1.22 -15.57 -7.10
CA GLU A 116 -2.07 -14.41 -7.37
C GLU A 116 -1.32 -13.26 -8.07
N THR A 117 0.01 -13.33 -7.99
CA THR A 117 0.92 -12.41 -8.70
C THR A 117 0.58 -10.94 -8.51
N GLN A 118 0.13 -10.58 -7.31
CA GLN A 118 -0.17 -9.19 -6.95
C GLN A 118 -1.17 -8.56 -7.91
N LYS A 119 -2.34 -9.20 -8.02
CA LYS A 119 -3.45 -8.69 -8.81
C LYS A 119 -3.13 -8.69 -10.30
N ASP A 120 -2.68 -9.84 -10.79
CA ASP A 120 -2.51 -10.07 -12.23
C ASP A 120 -3.71 -9.54 -13.01
N LYS A 121 -3.42 -8.82 -14.12
CA LYS A 121 -4.45 -8.20 -15.00
C LYS A 121 -4.58 -6.69 -14.69
N PRO A 122 -5.12 -5.89 -15.65
CA PRO A 122 -5.14 -4.44 -15.67
C PRO A 122 -4.41 -3.70 -14.57
N TRP A 123 -3.09 -3.82 -14.59
CA TRP A 123 -2.21 -2.94 -13.82
C TRP A 123 -2.09 -1.61 -14.56
N PHE A 124 -2.39 -0.50 -13.89
CA PHE A 124 -2.22 0.81 -14.52
C PHE A 124 -0.80 1.30 -14.33
N HIS A 125 -0.19 1.83 -15.38
CA HIS A 125 1.20 2.30 -15.31
C HIS A 125 1.57 3.20 -16.47
N ILE A 126 1.76 4.50 -16.22
CA ILE A 126 2.16 5.39 -17.30
C ILE A 126 3.24 6.40 -16.87
N ASN A 127 4.44 5.97 -16.50
CA ASN A 127 5.56 6.92 -16.51
C ASN A 127 6.64 6.45 -17.47
N ALA A 128 7.16 7.32 -18.28
CA ALA A 128 8.34 7.01 -19.08
C ALA A 128 9.65 7.37 -18.40
N GLN A 129 10.74 6.98 -19.07
CA GLN A 129 12.08 7.55 -18.83
C GLN A 129 12.77 7.66 -20.18
N PRO A 130 13.55 8.71 -20.42
CA PRO A 130 14.34 8.84 -21.65
C PRO A 130 15.47 7.81 -21.68
N ASP A 131 15.17 6.63 -22.20
CA ASP A 131 16.12 5.53 -22.22
C ASP A 131 15.95 4.70 -23.48
N ALA A 132 14.76 4.10 -23.62
CA ALA A 132 14.49 3.25 -24.78
C ALA A 132 15.44 2.07 -24.76
N GLY A 133 15.51 1.43 -23.62
CA GLY A 133 16.35 0.27 -23.45
C GLY A 133 16.51 -0.08 -21.99
N HIS A 134 16.50 0.95 -21.15
CA HIS A 134 16.53 0.76 -19.71
C HIS A 134 15.52 1.71 -19.07
N SER A 135 14.24 1.45 -19.28
CA SER A 135 13.21 2.32 -18.79
C SER A 135 12.22 1.57 -17.90
N VAL A 136 11.23 2.30 -17.39
CA VAL A 136 10.21 1.78 -16.48
C VAL A 136 8.94 2.65 -16.60
N THR A 137 7.82 2.05 -16.97
CA THR A 137 6.55 2.79 -16.93
C THR A 137 5.69 2.20 -15.83
N SER A 138 5.41 2.98 -14.81
CA SER A 138 4.67 2.45 -13.69
C SER A 138 3.76 3.51 -13.13
N TYR A 139 2.60 3.09 -12.70
CA TYR A 139 1.73 3.95 -11.93
C TYR A 139 1.46 3.24 -10.62
N SER A 140 1.42 3.95 -9.52
CA SER A 140 1.08 3.29 -8.28
C SER A 140 -0.36 3.55 -7.90
N TYR A 141 -1.13 2.47 -7.87
CA TYR A 141 -2.43 2.49 -7.23
C TYR A 141 -2.25 2.24 -5.74
N SER A 142 -3.35 1.98 -5.03
CA SER A 142 -3.28 1.68 -3.61
C SER A 142 -2.93 2.91 -2.78
N LEU A 143 -3.66 3.05 -1.71
CA LEU A 143 -3.72 4.24 -0.88
C LEU A 143 -3.78 3.73 0.53
N PHE A 144 -4.07 4.56 1.51
CA PHE A 144 -4.01 4.06 2.85
C PHE A 144 -5.38 4.03 3.47
N ILE A 145 -5.48 3.27 4.54
CA ILE A 145 -6.76 2.91 5.14
C ILE A 145 -6.60 2.73 6.64
N VAL A 146 -7.70 2.48 7.30
CA VAL A 146 -7.69 2.16 8.71
C VAL A 146 -8.47 0.88 8.92
N SER A 147 -8.16 0.18 10.00
CA SER A 147 -8.77 -1.11 10.25
C SER A 147 -9.43 -1.12 11.62
N GLN A 148 -10.30 -2.09 11.83
CA GLN A 148 -11.15 -2.12 13.02
C GLN A 148 -10.89 -3.36 13.84
N GLY A 149 -10.71 -3.19 15.14
CA GLY A 149 -10.65 -4.33 16.03
C GLY A 149 -11.86 -4.36 16.92
N GLU A 150 -12.64 -5.42 16.83
CA GLU A 150 -13.90 -5.46 17.56
C GLU A 150 -13.72 -6.14 18.90
N GLU A 151 -12.79 -7.08 18.95
CA GLU A 151 -12.53 -7.85 20.16
C GLU A 151 -12.36 -6.93 21.37
N THR A 152 -11.40 -6.03 21.31
CA THR A 152 -11.14 -5.12 22.42
C THR A 152 -11.37 -3.66 22.03
N GLY A 153 -11.67 -3.42 20.77
CA GLY A 153 -11.79 -2.07 20.27
C GLY A 153 -10.46 -1.50 19.81
N ALA A 154 -9.81 -2.23 18.91
CA ALA A 154 -8.53 -1.82 18.35
C ALA A 154 -8.72 -1.22 16.98
N MET A 155 -7.62 -0.93 16.31
CA MET A 155 -7.65 -0.41 14.95
C MET A 155 -6.26 -0.46 14.32
N MET A 156 -6.10 0.19 13.19
CA MET A 156 -4.78 0.29 12.56
C MET A 156 -4.73 1.40 11.53
N ALA A 157 -3.75 2.27 11.67
CA ALA A 157 -3.49 3.30 10.67
C ALA A 157 -2.60 2.71 9.59
N ALA A 158 -3.20 2.28 8.49
CA ALA A 158 -2.50 1.48 7.49
C ALA A 158 -2.25 2.30 6.23
N GLY A 159 -1.10 2.08 5.58
CA GLY A 159 -0.76 2.91 4.44
C GLY A 159 0.11 2.24 3.40
N PRO A 160 -0.47 1.39 2.57
CA PRO A 160 0.22 0.81 1.43
C PRO A 160 -0.05 1.52 0.10
N LEU A 161 0.94 1.51 -0.79
CA LEU A 161 0.69 1.89 -2.17
C LEU A 161 1.39 0.89 -3.06
N ILE A 162 0.75 0.50 -4.16
CA ILE A 162 1.23 -0.62 -4.96
C ILE A 162 1.70 -0.15 -6.33
N ILE A 163 2.91 -0.56 -6.71
CA ILE A 163 3.54 -0.05 -7.92
C ILE A 163 3.76 -1.16 -8.93
N THR A 164 3.20 -0.99 -10.11
CA THR A 164 3.33 -1.95 -11.16
C THR A 164 4.29 -1.41 -12.19
N VAL A 165 5.46 -2.03 -12.25
CA VAL A 165 6.48 -1.52 -13.11
C VAL A 165 6.51 -2.30 -14.42
N THR A 166 6.13 -1.61 -15.45
CA THR A 166 6.05 -2.17 -16.78
C THR A 166 6.79 -1.26 -17.75
N PRO A 167 8.05 -1.59 -18.05
CA PRO A 167 9.00 -0.65 -18.63
C PRO A 167 8.75 -0.21 -20.08
N ASN A 168 9.54 0.81 -20.45
CA ASN A 168 9.48 1.46 -21.76
C ASN A 168 10.71 1.09 -22.59
N THR A 169 11.50 0.16 -22.06
CA THR A 169 12.70 -0.30 -22.74
C THR A 169 12.36 -0.73 -24.18
N ALA A 170 13.26 -0.50 -25.11
CA ALA A 170 12.91 -0.28 -26.53
C ALA A 170 12.34 -1.47 -27.31
N ILE A 171 12.79 -2.68 -27.08
CA ILE A 171 12.63 -3.70 -28.11
C ILE A 171 11.81 -4.88 -27.64
N SER A 172 11.23 -5.56 -28.59
CA SER A 172 10.65 -6.88 -28.37
C SER A 172 10.76 -7.66 -29.67
N ASP A 173 12.00 -7.75 -30.17
CA ASP A 173 12.30 -8.35 -31.47
C ASP A 173 13.35 -9.44 -31.32
N ILE A 174 14.31 -9.49 -32.26
CA ILE A 174 15.30 -10.56 -32.30
C ILE A 174 16.24 -10.51 -31.09
N PHE A 175 16.40 -9.33 -30.50
CA PHE A 175 17.02 -9.23 -29.18
C PHE A 175 16.24 -8.23 -28.36
N ASN A 176 16.12 -8.49 -27.07
CA ASN A 176 15.43 -7.56 -26.20
C ASN A 176 16.38 -6.58 -25.50
N THR A 177 15.92 -5.34 -25.38
CA THR A 177 16.40 -4.40 -24.37
C THR A 177 16.01 -4.87 -22.97
N LYS A 178 15.05 -5.79 -22.99
CA LYS A 178 14.21 -6.30 -21.89
C LYS A 178 13.02 -5.35 -21.66
N ASP A 179 12.28 -5.13 -22.74
CA ASP A 179 10.98 -4.48 -22.62
C ASP A 179 9.93 -5.51 -22.22
N TRP A 180 10.32 -6.77 -22.28
CA TRP A 180 9.42 -7.87 -21.98
C TRP A 180 9.75 -8.48 -20.61
N ARG A 181 10.76 -7.93 -19.94
CA ARG A 181 11.00 -8.30 -18.57
C ARG A 181 10.40 -7.22 -17.69
N LEU A 182 9.77 -7.62 -16.60
CA LEU A 182 8.96 -6.68 -15.83
C LEU A 182 9.43 -6.63 -14.39
N THR A 183 8.86 -5.73 -13.61
CA THR A 183 9.21 -5.57 -12.22
C THR A 183 8.00 -5.06 -11.44
N LEU A 184 7.81 -5.51 -10.20
CA LEU A 184 6.73 -4.97 -9.37
C LEU A 184 7.23 -4.65 -7.96
N GLN A 185 6.90 -3.47 -7.48
CA GLN A 185 7.40 -2.98 -6.19
C GLN A 185 6.28 -2.26 -5.48
N LYS A 186 6.55 -1.78 -4.27
CA LYS A 186 5.61 -0.90 -3.59
C LYS A 186 6.03 -0.59 -2.16
N GLU A 187 5.33 0.36 -1.55
CA GLU A 187 5.67 0.80 -0.22
C GLU A 187 4.47 0.69 0.69
N GLU A 188 4.57 -0.12 1.71
CA GLU A 188 3.55 -0.16 2.73
C GLU A 188 4.09 0.34 4.05
N ILE A 189 3.69 1.54 4.38
CA ILE A 189 3.98 2.14 5.65
C ILE A 189 2.71 2.07 6.49
N THR A 190 2.75 1.31 7.56
CA THR A 190 1.54 0.98 8.30
C THR A 190 1.77 1.09 9.80
N ILE A 191 1.05 2.02 10.42
CA ILE A 191 1.12 2.22 11.85
C ILE A 191 0.13 1.30 12.55
N GLY A 192 0.66 0.29 13.21
CA GLY A 192 -0.17 -0.66 13.89
C GLY A 192 -0.60 -0.19 15.25
N VAL A 193 -1.87 -0.32 15.57
CA VAL A 193 -2.41 0.21 16.81
C VAL A 193 -3.51 -0.73 17.33
N LYS A 194 -3.09 -1.89 17.82
CA LYS A 194 -4.04 -3.00 18.02
C LYS A 194 -3.39 -4.23 18.64
N GLY A 195 -4.16 -5.31 18.69
CA GLY A 195 -3.68 -6.58 19.21
C GLY A 195 -3.88 -7.68 18.18
N PHE A 196 -3.22 -7.51 17.04
CA PHE A 196 -3.39 -8.37 15.86
C PHE A 196 -3.50 -9.86 16.19
N GLN A 197 -4.49 -10.49 15.56
CA GLN A 197 -4.71 -11.92 15.71
C GLN A 197 -4.73 -12.59 14.33
N VAL A 198 -5.78 -12.26 13.57
CA VAL A 198 -5.94 -12.73 12.20
C VAL A 198 -6.29 -11.51 11.35
N VAL A 199 -6.27 -11.63 10.01
CA VAL A 199 -6.68 -10.53 9.15
C VAL A 199 -8.19 -10.33 9.28
N THR A 200 -8.55 -9.74 10.41
CA THR A 200 -9.91 -9.60 10.86
C THR A 200 -9.89 -8.58 12.00
N PRO A 201 -11.05 -8.04 12.44
CA PRO A 201 -11.11 -7.11 13.58
C PRO A 201 -10.11 -7.39 14.70
N LEU A 202 -9.00 -6.68 14.66
CA LEU A 202 -7.81 -7.00 15.45
C LEU A 202 -7.85 -6.38 16.84
N GLY A 203 -8.91 -6.63 17.58
CA GLY A 203 -9.02 -6.09 18.92
C GLY A 203 -7.98 -6.67 19.86
N MET A 1 -12.35 11.54 10.23
CA MET A 1 -11.57 12.62 9.57
C MET A 1 -12.18 12.92 8.22
N SER A 2 -11.88 14.12 7.70
CA SER A 2 -12.50 14.67 6.51
C SER A 2 -12.48 16.19 6.62
N ILE A 3 -13.23 16.85 5.77
CA ILE A 3 -13.35 18.28 5.80
C ILE A 3 -14.38 18.68 6.85
N GLU A 4 -15.64 18.78 6.41
CA GLU A 4 -16.80 18.97 7.29
C GLU A 4 -16.54 20.02 8.36
N ILE A 5 -16.84 21.25 8.02
CA ILE A 5 -16.46 22.37 8.87
C ILE A 5 -17.66 23.25 9.19
N TYR A 6 -17.40 24.52 9.40
CA TYR A 6 -18.44 25.47 9.74
C TYR A 6 -18.27 26.80 9.00
N PRO A 7 -17.08 27.47 9.07
CA PRO A 7 -16.85 28.78 8.41
C PRO A 7 -16.87 28.72 6.87
N ASP A 8 -17.99 28.30 6.31
CA ASP A 8 -18.20 28.26 4.87
C ASP A 8 -19.63 27.82 4.59
N ASP A 9 -19.85 26.57 4.92
CA ASP A 9 -21.16 25.92 4.75
C ASP A 9 -21.14 24.55 5.42
N GLY A 10 -19.93 24.06 5.65
CA GLY A 10 -19.75 22.74 6.21
C GLY A 10 -18.66 22.01 5.44
N ASN A 11 -17.87 22.78 4.70
CA ASN A 11 -16.81 22.25 3.86
C ASN A 11 -15.92 23.38 3.36
N THR A 12 -14.63 23.32 3.66
CA THR A 12 -13.71 24.39 3.28
C THR A 12 -12.24 24.03 3.61
N LEU A 13 -12.06 22.89 4.30
CA LEU A 13 -10.74 22.43 4.73
C LEU A 13 -9.73 22.48 3.58
N PRO A 14 -8.56 23.10 3.82
CA PRO A 14 -7.50 23.21 2.80
C PRO A 14 -6.86 21.86 2.49
N TYR A 15 -7.24 20.84 3.25
CA TYR A 15 -6.72 19.50 3.06
C TYR A 15 -7.56 18.74 2.05
N GLN A 16 -8.85 19.06 2.01
CA GLN A 16 -9.77 18.41 1.10
C GLN A 16 -9.75 16.91 1.33
N VAL A 17 -10.02 16.52 2.57
CA VAL A 17 -10.00 15.12 2.93
C VAL A 17 -11.40 14.66 3.26
N PHE A 18 -11.63 13.40 2.99
CA PHE A 18 -12.88 12.76 3.13
C PHE A 18 -12.67 11.42 2.48
N LEU A 19 -12.41 11.47 1.17
CA LEU A 19 -12.05 10.29 0.40
C LEU A 19 -10.81 10.58 -0.41
N ASN A 20 -9.72 10.82 0.29
CA ASN A 20 -8.45 11.15 -0.32
C ASN A 20 -7.61 9.89 -0.47
N LEU A 21 -7.93 8.86 0.30
CA LEU A 21 -7.18 7.62 0.26
C LEU A 21 -8.10 6.42 0.48
N GLU A 22 -7.70 5.27 -0.07
CA GLU A 22 -8.48 4.03 0.00
C GLU A 22 -8.64 3.55 1.42
N ASN A 23 -9.85 3.37 1.88
CA ASN A 23 -10.05 2.81 3.21
C ASN A 23 -10.93 1.57 3.15
N GLU A 24 -10.83 0.71 4.16
CA GLU A 24 -11.69 -0.46 4.24
C GLU A 24 -12.57 -0.38 5.48
N HIS A 25 -12.15 0.40 6.46
CA HIS A 25 -12.82 0.44 7.77
C HIS A 25 -12.95 1.88 8.28
N TYR A 26 -12.99 2.82 7.34
CA TYR A 26 -13.02 4.27 7.62
C TYR A 26 -14.10 4.67 8.65
N TYR A 27 -15.15 3.85 8.76
CA TYR A 27 -16.35 4.16 9.54
C TYR A 27 -16.05 4.92 10.82
N ALA A 28 -15.23 4.34 11.67
CA ALA A 28 -14.88 4.99 12.92
C ALA A 28 -13.37 4.96 13.11
N GLN A 29 -12.71 4.21 12.26
CA GLN A 29 -11.28 3.97 12.38
C GLN A 29 -10.50 5.20 11.93
N ALA A 30 -11.02 5.89 10.94
CA ALA A 30 -10.41 7.12 10.48
C ALA A 30 -10.74 8.25 11.44
N ILE A 31 -11.59 7.94 12.43
CA ILE A 31 -12.03 8.93 13.39
C ILE A 31 -11.19 8.90 14.67
N GLN A 32 -10.80 7.71 15.10
CA GLN A 32 -9.97 7.54 16.30
C GLN A 32 -8.73 8.41 16.19
N LEU A 33 -8.04 8.24 15.08
CA LEU A 33 -6.80 8.95 14.83
C LEU A 33 -7.03 10.25 14.05
N ALA A 34 -8.29 10.51 13.70
CA ALA A 34 -8.66 11.64 12.83
C ALA A 34 -7.88 12.91 13.14
N GLN A 35 -8.07 13.45 14.33
CA GLN A 35 -7.45 14.71 14.71
C GLN A 35 -5.93 14.58 14.79
N LEU A 36 -5.44 13.36 14.83
CA LEU A 36 -4.00 13.11 14.80
C LEU A 36 -3.54 13.13 13.36
N PHE A 37 -4.29 12.40 12.55
CA PHE A 37 -3.99 12.25 11.15
C PHE A 37 -4.13 13.57 10.43
N ALA A 38 -5.17 14.31 10.78
CA ALA A 38 -5.46 15.58 10.14
C ALA A 38 -4.45 16.66 10.53
N HIS A 39 -3.43 16.26 11.28
CA HIS A 39 -2.48 17.20 11.84
C HIS A 39 -1.11 17.10 11.15
N GLU A 40 -0.53 15.91 11.09
CA GLU A 40 0.83 15.74 10.58
C GLU A 40 0.87 15.25 9.13
N VAL A 41 -0.21 15.35 8.42
CA VAL A 41 -0.25 14.86 7.06
C VAL A 41 0.16 15.94 6.08
N ASP A 42 0.11 15.61 4.80
CA ASP A 42 0.44 16.57 3.75
C ASP A 42 -0.85 17.19 3.25
N ASP A 43 -0.76 18.21 2.40
CA ASP A 43 -1.93 18.92 1.88
C ASP A 43 -3.06 17.97 1.47
N ASN A 44 -2.69 16.79 0.96
CA ASN A 44 -3.67 15.80 0.55
C ASN A 44 -4.39 15.16 1.74
N GLY A 45 -3.65 14.92 2.82
CA GLY A 45 -4.21 14.28 3.98
C GLY A 45 -3.71 12.86 4.20
N GLN A 46 -2.50 12.57 3.71
CA GLN A 46 -1.90 11.24 3.90
C GLN A 46 -0.76 11.27 4.91
N LEU A 47 -0.62 10.17 5.64
CA LEU A 47 0.42 9.99 6.66
C LEU A 47 1.81 10.39 6.16
N ASP A 48 2.41 11.41 6.80
CA ASP A 48 3.76 11.83 6.44
C ASP A 48 4.75 11.22 7.40
N LEU A 49 5.64 10.37 6.93
CA LEU A 49 6.52 9.65 7.84
C LEU A 49 7.55 10.59 8.49
N ALA A 50 7.56 11.83 8.05
CA ALA A 50 8.42 12.83 8.66
C ALA A 50 7.79 13.39 9.93
N LYS A 51 6.55 13.84 9.81
CA LYS A 51 5.86 14.48 10.92
C LYS A 51 4.84 13.52 11.52
N ALA A 52 4.13 12.82 10.66
CA ALA A 52 3.06 11.94 11.09
C ALA A 52 3.61 10.72 11.81
N LEU A 53 4.92 10.55 11.74
CA LEU A 53 5.58 9.51 12.48
C LEU A 53 5.58 9.87 13.97
N LYS A 54 5.38 11.16 14.22
CA LYS A 54 5.22 11.68 15.57
C LYS A 54 3.76 11.62 15.94
N LYS A 55 2.92 11.83 14.94
CA LYS A 55 1.47 11.71 15.08
C LYS A 55 1.08 10.28 15.41
N ALA A 56 1.83 9.34 14.85
CA ALA A 56 1.63 7.91 15.10
C ALA A 56 1.86 7.58 16.55
N GLN A 57 2.68 8.39 17.19
CA GLN A 57 3.04 8.19 18.59
C GLN A 57 1.88 8.56 19.50
N ALA A 58 0.86 9.17 18.92
CA ALA A 58 -0.34 9.56 19.66
C ALA A 58 -1.56 8.73 19.28
N GLN A 59 -1.35 7.63 18.57
CA GLN A 59 -2.46 6.81 18.06
C GLN A 59 -3.25 6.15 19.17
N PRO A 60 -4.54 5.86 18.91
CA PRO A 60 -5.44 5.19 19.85
C PRO A 60 -4.79 4.05 20.63
N ASP A 61 -4.21 3.07 19.95
CA ASP A 61 -3.70 1.88 20.62
C ASP A 61 -2.16 1.83 20.60
N LEU A 62 -1.57 1.53 19.44
CA LEU A 62 -0.10 1.48 19.33
C LEU A 62 0.43 2.63 18.48
N ALA A 63 1.54 2.38 17.80
CA ALA A 63 2.22 3.41 17.02
C ALA A 63 2.84 2.80 15.77
N ILE A 64 3.81 3.50 15.19
CA ILE A 64 4.54 2.99 14.04
C ILE A 64 5.03 1.55 14.26
N ILE A 65 4.54 0.63 13.45
CA ILE A 65 4.99 -0.75 13.56
C ILE A 65 5.64 -1.22 12.26
N ALA A 66 5.13 -0.73 11.15
CA ALA A 66 5.57 -1.21 9.85
C ALA A 66 6.02 -0.07 8.96
N THR A 67 7.25 -0.16 8.49
CA THR A 67 7.82 0.78 7.55
C THR A 67 8.68 0.00 6.56
N ASN A 68 8.01 -0.73 5.66
CA ASN A 68 8.69 -1.70 4.81
C ASN A 68 8.19 -1.60 3.38
N ASN A 69 8.99 -2.06 2.44
CA ASN A 69 8.58 -2.02 1.05
C ASN A 69 8.85 -3.38 0.42
N MET A 70 8.64 -3.50 -0.89
CA MET A 70 8.86 -4.77 -1.57
C MET A 70 9.58 -4.56 -2.90
N THR A 71 10.51 -5.46 -3.19
CA THR A 71 11.22 -5.45 -4.47
C THR A 71 10.99 -6.77 -5.20
N LEU A 72 10.12 -6.74 -6.18
CA LEU A 72 9.70 -7.93 -6.89
C LEU A 72 10.02 -7.75 -8.36
N LYS A 73 10.66 -8.71 -8.97
CA LYS A 73 10.99 -8.58 -10.35
C LYS A 73 10.87 -9.92 -11.03
N LYS A 74 10.62 -9.86 -12.31
CA LYS A 74 10.45 -11.03 -13.11
C LYS A 74 11.31 -10.95 -14.34
N SER A 75 11.43 -12.07 -14.98
CA SER A 75 12.49 -12.32 -15.93
C SER A 75 12.34 -13.74 -16.43
N PHE A 76 12.90 -14.03 -17.60
CA PHE A 76 12.76 -15.34 -18.21
C PHE A 76 13.65 -16.35 -17.50
N SER A 77 14.19 -15.89 -16.39
CA SER A 77 14.90 -16.69 -15.43
C SER A 77 13.90 -17.63 -14.72
N THR A 78 14.25 -18.10 -13.54
CA THR A 78 13.40 -19.05 -12.86
C THR A 78 12.63 -18.39 -11.72
N LEU A 79 11.44 -18.92 -11.47
CA LEU A 79 10.61 -18.48 -10.36
C LEU A 79 11.31 -18.76 -9.05
N SER A 80 12.39 -19.52 -9.13
CA SER A 80 13.23 -19.82 -7.98
C SER A 80 13.76 -18.56 -7.32
N ALA A 81 13.86 -17.48 -8.09
CA ALA A 81 14.29 -16.20 -7.53
C ALA A 81 13.11 -15.26 -7.40
N LEU A 82 12.22 -15.32 -8.40
CA LEU A 82 11.04 -14.45 -8.42
C LEU A 82 10.18 -14.66 -7.18
N THR A 83 9.86 -15.91 -6.87
CA THR A 83 9.04 -16.21 -5.70
C THR A 83 9.81 -15.96 -4.42
N THR A 84 11.13 -16.17 -4.46
CA THR A 84 11.96 -15.99 -3.28
C THR A 84 11.94 -14.54 -2.81
N THR A 85 12.21 -13.61 -3.72
CA THR A 85 12.19 -12.21 -3.34
C THR A 85 10.77 -11.83 -2.94
N LEU A 86 9.80 -12.41 -3.63
CA LEU A 86 8.40 -12.15 -3.38
C LEU A 86 7.95 -12.71 -2.03
N SER A 87 8.61 -13.75 -1.54
CA SER A 87 8.17 -14.39 -0.31
C SER A 87 8.34 -13.46 0.89
N GLU A 88 9.53 -12.89 1.04
CA GLU A 88 9.82 -11.97 2.13
C GLU A 88 8.83 -10.80 2.11
N GLN A 89 8.44 -10.40 0.92
CA GLN A 89 7.51 -9.28 0.74
C GLN A 89 6.08 -9.79 0.52
N LEU A 90 5.89 -11.09 0.64
CA LEU A 90 4.58 -11.68 0.43
C LEU A 90 3.72 -11.41 1.64
N LYS A 91 4.36 -10.93 2.70
CA LYS A 91 3.62 -10.36 3.83
C LYS A 91 2.82 -9.14 3.36
N ILE A 92 3.30 -8.48 2.31
CA ILE A 92 2.61 -7.34 1.74
C ILE A 92 1.45 -7.81 0.82
N GLU A 93 0.97 -9.03 1.10
CA GLU A 93 -0.22 -9.57 0.44
C GLU A 93 -1.49 -8.81 0.88
N GLY A 94 -1.31 -7.74 1.64
CA GLY A 94 -2.44 -6.91 2.04
C GLY A 94 -3.00 -7.30 3.38
N VAL A 95 -2.11 -7.48 4.35
CA VAL A 95 -2.51 -7.81 5.70
C VAL A 95 -2.67 -6.54 6.55
N LEU A 96 -3.74 -5.82 6.26
CA LEU A 96 -4.05 -4.59 6.96
C LEU A 96 -4.75 -4.92 8.28
N GLY A 97 -5.88 -5.61 8.22
CA GLY A 97 -6.43 -6.21 9.43
C GLY A 97 -5.64 -7.45 9.87
N ILE A 98 -4.35 -7.44 9.54
CA ILE A 98 -3.37 -8.54 9.72
C ILE A 98 -3.57 -9.45 10.95
N SER A 99 -3.17 -10.73 10.78
CA SER A 99 -3.27 -11.77 11.80
C SER A 99 -2.00 -11.83 12.64
N GLN A 100 -1.88 -12.90 13.43
CA GLN A 100 -0.65 -13.19 14.13
C GLN A 100 0.46 -13.47 13.13
N ASP A 101 0.16 -14.29 12.14
CA ASP A 101 1.10 -14.59 11.08
C ASP A 101 0.66 -13.99 9.76
N THR A 102 -0.15 -14.74 9.02
CA THR A 102 -0.42 -14.44 7.61
C THR A 102 0.87 -14.03 6.91
N TYR A 103 1.86 -14.90 7.02
CA TYR A 103 3.15 -14.70 6.38
C TYR A 103 3.45 -15.90 5.52
N ILE A 104 4.71 -16.11 5.20
CA ILE A 104 5.09 -17.23 4.37
C ILE A 104 4.71 -18.57 5.00
N GLN A 105 4.74 -19.62 4.18
CA GLN A 105 4.32 -20.97 4.56
C GLN A 105 2.80 -21.06 4.68
N ASN A 106 2.18 -20.10 5.37
CA ASN A 106 0.73 -20.09 5.46
C ASN A 106 0.18 -19.41 4.22
N ILE A 107 1.03 -18.60 3.61
CA ILE A 107 0.70 -17.87 2.40
C ILE A 107 1.60 -18.31 1.26
N LEU A 108 2.84 -18.67 1.60
CA LEU A 108 3.83 -19.02 0.58
C LEU A 108 3.48 -20.36 -0.06
N SER A 109 2.43 -20.99 0.43
CA SER A 109 1.90 -22.19 -0.18
C SER A 109 1.44 -21.89 -1.60
N HIS A 110 0.93 -20.66 -1.77
CA HIS A 110 0.51 -20.19 -3.07
C HIS A 110 1.71 -19.94 -3.99
N ALA A 111 2.81 -19.48 -3.41
CA ALA A 111 4.01 -19.24 -4.22
C ALA A 111 4.61 -20.56 -4.68
N PHE A 112 4.45 -21.60 -3.87
CA PHE A 112 4.90 -22.93 -4.25
C PHE A 112 4.01 -23.49 -5.35
N CYS A 113 2.72 -23.17 -5.29
CA CYS A 113 1.74 -23.64 -6.26
C CYS A 113 0.58 -22.65 -6.34
N ASP A 114 0.44 -22.01 -7.51
CA ASP A 114 -0.67 -21.09 -7.80
C ASP A 114 -0.57 -19.81 -6.98
N LEU A 115 0.33 -18.92 -7.39
CA LEU A 115 0.54 -17.67 -6.68
C LEU A 115 -0.57 -16.67 -7.05
N GLU A 116 -1.74 -16.89 -6.49
CA GLU A 116 -2.91 -16.07 -6.75
C GLU A 116 -2.76 -14.69 -6.15
N THR A 117 -1.99 -14.63 -5.06
CA THR A 117 -1.83 -13.41 -4.26
C THR A 117 -3.21 -12.86 -3.86
N GLN A 118 -4.19 -13.78 -3.80
CA GLN A 118 -5.59 -13.43 -3.58
C GLN A 118 -6.06 -12.37 -4.56
N LYS A 119 -5.45 -12.39 -5.76
CA LYS A 119 -5.61 -11.35 -6.78
C LYS A 119 -5.68 -9.98 -6.14
N ASP A 120 -4.78 -9.74 -5.20
CA ASP A 120 -4.81 -8.53 -4.39
C ASP A 120 -4.50 -7.29 -5.22
N LYS A 121 -5.48 -6.38 -5.25
CA LYS A 121 -5.33 -5.05 -5.84
C LYS A 121 -5.27 -5.09 -7.37
N PRO A 122 -6.22 -4.42 -8.02
CA PRO A 122 -6.22 -4.26 -9.48
C PRO A 122 -5.30 -3.13 -9.90
N TRP A 123 -4.00 -3.31 -9.69
CA TRP A 123 -3.04 -2.24 -9.89
C TRP A 123 -2.97 -1.77 -11.34
N PHE A 124 -3.35 -0.52 -11.55
CA PHE A 124 -3.35 0.08 -12.89
C PHE A 124 -1.97 0.63 -13.23
N HIS A 125 -1.61 0.52 -14.50
CA HIS A 125 -0.32 0.99 -14.97
C HIS A 125 -0.44 1.57 -16.38
N ILE A 126 -0.43 2.90 -16.50
CA ILE A 126 -0.53 3.52 -17.81
C ILE A 126 0.36 4.77 -17.99
N ASN A 127 1.68 4.68 -17.96
CA ASN A 127 2.46 5.70 -18.68
C ASN A 127 3.30 5.02 -19.74
N ALA A 128 3.37 5.59 -20.91
CA ALA A 128 4.42 5.28 -21.87
C ALA A 128 5.64 6.17 -21.67
N GLN A 129 6.65 5.93 -22.51
CA GLN A 129 7.74 6.90 -22.73
C GLN A 129 8.12 6.83 -24.20
N PRO A 130 8.53 7.95 -24.81
CA PRO A 130 9.07 7.93 -26.16
C PRO A 130 10.46 7.31 -26.18
N ASP A 131 10.49 5.99 -26.30
CA ASP A 131 11.74 5.25 -26.24
C ASP A 131 11.68 4.07 -27.18
N ALA A 132 10.75 3.14 -26.93
CA ALA A 132 10.63 1.95 -27.76
C ALA A 132 11.94 1.19 -27.75
N GLY A 133 12.44 0.94 -26.55
CA GLY A 133 13.71 0.30 -26.40
C GLY A 133 14.18 0.38 -24.97
N HIS A 134 13.81 1.47 -24.33
CA HIS A 134 14.09 1.66 -22.92
C HIS A 134 12.92 2.40 -22.27
N SER A 135 11.80 1.70 -22.11
CA SER A 135 10.59 2.33 -21.63
C SER A 135 10.02 1.64 -20.41
N VAL A 136 8.91 2.18 -19.92
CA VAL A 136 8.23 1.73 -18.71
C VAL A 136 6.75 2.13 -18.78
N THR A 137 5.83 1.19 -18.74
CA THR A 137 4.42 1.56 -18.63
C THR A 137 3.91 1.20 -17.24
N SER A 138 3.75 2.20 -16.38
CA SER A 138 3.40 1.94 -15.00
C SER A 138 2.53 3.03 -14.40
N TYR A 139 1.63 2.63 -13.55
CA TYR A 139 0.92 3.54 -12.68
C TYR A 139 0.95 2.98 -11.28
N SER A 140 0.77 3.81 -10.28
CA SER A 140 0.72 3.32 -8.91
C SER A 140 -0.71 3.27 -8.39
N TYR A 141 -1.15 2.08 -8.04
CA TYR A 141 -2.38 1.89 -7.31
C TYR A 141 -2.10 2.09 -5.82
N SER A 142 -3.11 1.87 -4.99
CA SER A 142 -2.93 1.83 -3.54
C SER A 142 -2.65 3.19 -2.91
N LEU A 143 -3.34 3.37 -1.80
CA LEU A 143 -3.48 4.62 -1.09
C LEU A 143 -3.58 4.25 0.38
N PHE A 144 -4.02 5.16 1.23
CA PHE A 144 -3.81 4.98 2.65
C PHE A 144 -5.14 4.65 3.29
N ILE A 145 -5.07 3.85 4.35
CA ILE A 145 -6.19 3.04 4.79
C ILE A 145 -6.14 2.75 6.29
N VAL A 146 -7.28 2.38 6.86
CA VAL A 146 -7.38 2.06 8.28
C VAL A 146 -8.23 0.80 8.46
N SER A 147 -8.06 0.14 9.60
CA SER A 147 -8.75 -1.11 9.88
C SER A 147 -9.37 -1.03 11.28
N GLN A 148 -10.11 -2.06 11.69
CA GLN A 148 -10.90 -1.98 12.90
C GLN A 148 -10.81 -3.25 13.73
N GLY A 149 -10.58 -3.07 15.01
CA GLY A 149 -10.64 -4.15 15.94
C GLY A 149 -11.81 -3.97 16.87
N GLU A 150 -12.69 -4.93 16.93
CA GLU A 150 -13.92 -4.76 17.69
C GLU A 150 -13.75 -5.30 19.10
N GLU A 151 -12.91 -6.33 19.20
CA GLU A 151 -12.66 -7.01 20.47
C GLU A 151 -12.38 -6.01 21.60
N THR A 152 -11.38 -5.16 21.40
CA THR A 152 -11.01 -4.17 22.42
C THR A 152 -11.18 -2.74 21.90
N GLY A 153 -11.58 -2.60 20.63
CA GLY A 153 -11.66 -1.28 20.01
C GLY A 153 -10.32 -0.84 19.47
N ALA A 154 -9.76 -1.65 18.59
CA ALA A 154 -8.48 -1.37 17.97
C ALA A 154 -8.65 -0.87 16.54
N MET A 155 -7.53 -0.63 15.87
CA MET A 155 -7.54 -0.16 14.49
C MET A 155 -6.13 -0.25 13.88
N MET A 156 -5.93 0.41 12.75
CA MET A 156 -4.61 0.47 12.12
C MET A 156 -4.48 1.63 11.16
N ALA A 157 -3.55 2.53 11.44
CA ALA A 157 -3.27 3.66 10.57
C ALA A 157 -2.28 3.27 9.48
N ALA A 158 -2.79 2.90 8.31
CA ALA A 158 -1.97 2.32 7.26
C ALA A 158 -1.83 3.28 6.08
N GLY A 159 -0.75 3.14 5.32
CA GLY A 159 -0.54 3.98 4.17
C GLY A 159 0.25 3.29 3.06
N PRO A 160 -0.30 2.25 2.43
CA PRO A 160 0.39 1.54 1.34
C PRO A 160 0.19 2.16 -0.04
N LEU A 161 1.18 1.99 -0.92
CA LEU A 161 0.96 2.29 -2.33
C LEU A 161 1.71 1.26 -3.18
N ILE A 162 1.13 0.89 -4.32
CA ILE A 162 1.64 -0.21 -5.13
C ILE A 162 1.92 0.25 -6.55
N ILE A 163 3.11 -0.07 -7.05
CA ILE A 163 3.51 0.39 -8.37
C ILE A 163 3.73 -0.80 -9.30
N THR A 164 3.07 -0.78 -10.44
CA THR A 164 3.19 -1.84 -11.40
C THR A 164 4.02 -1.41 -12.58
N VAL A 165 5.19 -2.03 -12.72
CA VAL A 165 6.14 -1.66 -13.75
C VAL A 165 6.12 -2.68 -14.89
N THR A 166 5.61 -2.26 -16.03
CA THR A 166 5.51 -3.10 -17.22
C THR A 166 5.88 -2.29 -18.45
N PRO A 167 7.11 -2.38 -18.93
CA PRO A 167 7.64 -1.47 -19.94
C PRO A 167 7.06 -1.55 -21.35
N ASN A 168 7.50 -0.58 -22.16
CA ASN A 168 7.04 -0.42 -23.54
C ASN A 168 8.21 -0.60 -24.52
N THR A 169 9.38 -0.97 -23.99
CA THR A 169 10.56 -1.21 -24.81
C THR A 169 10.28 -2.14 -26.01
N ALA A 170 10.97 -1.91 -27.11
CA ALA A 170 10.49 -2.27 -28.45
C ALA A 170 10.35 -3.78 -28.68
N ILE A 171 11.41 -4.53 -28.44
CA ILE A 171 11.45 -5.92 -28.86
C ILE A 171 11.75 -6.83 -27.69
N SER A 172 11.28 -8.05 -27.78
CA SER A 172 11.41 -8.96 -26.68
C SER A 172 11.91 -10.30 -27.20
N ASP A 173 12.99 -10.23 -27.97
CA ASP A 173 13.63 -11.43 -28.54
C ASP A 173 15.15 -11.28 -28.57
N ILE A 174 15.78 -11.78 -29.65
CA ILE A 174 17.24 -11.74 -29.83
C ILE A 174 17.67 -10.34 -30.32
N PHE A 175 16.80 -9.41 -30.05
CA PHE A 175 16.86 -8.05 -30.56
C PHE A 175 16.88 -7.12 -29.36
N ASN A 176 16.32 -5.94 -29.55
CA ASN A 176 16.15 -4.91 -28.51
C ASN A 176 15.93 -5.48 -27.09
N THR A 177 16.17 -4.57 -26.14
CA THR A 177 16.46 -4.79 -24.72
C THR A 177 15.64 -5.86 -23.97
N LYS A 178 14.59 -6.38 -24.60
CA LYS A 178 13.71 -7.39 -24.03
C LYS A 178 12.60 -6.77 -23.21
N ASP A 179 11.56 -6.35 -23.90
CA ASP A 179 10.35 -5.83 -23.27
C ASP A 179 9.64 -6.88 -22.39
N TRP A 180 10.06 -8.15 -22.50
CA TRP A 180 9.28 -9.24 -21.92
C TRP A 180 9.74 -9.63 -20.51
N ARG A 181 10.61 -8.83 -19.92
CA ARG A 181 10.89 -8.99 -18.50
C ARG A 181 10.20 -7.87 -17.74
N LEU A 182 9.63 -8.21 -16.60
CA LEU A 182 8.86 -7.23 -15.84
C LEU A 182 9.44 -7.06 -14.45
N THR A 183 8.94 -6.07 -13.72
CA THR A 183 9.43 -5.77 -12.39
C THR A 183 8.36 -4.97 -11.63
N LEU A 184 8.10 -5.31 -10.37
CA LEU A 184 7.07 -4.63 -9.60
C LEU A 184 7.57 -4.31 -8.19
N GLN A 185 7.57 -3.03 -7.83
CA GLN A 185 7.96 -2.63 -6.48
C GLN A 185 7.01 -1.58 -5.95
N LYS A 186 7.12 -1.30 -4.65
CA LYS A 186 6.25 -0.34 -4.00
C LYS A 186 6.63 -0.18 -2.54
N GLU A 187 6.01 0.80 -1.89
CA GLU A 187 6.31 1.09 -0.51
C GLU A 187 5.04 1.16 0.31
N GLU A 188 4.90 0.29 1.28
CA GLU A 188 3.77 0.37 2.19
C GLU A 188 4.24 0.60 3.62
N ILE A 189 3.95 1.80 4.09
CA ILE A 189 4.26 2.19 5.45
C ILE A 189 2.99 2.15 6.28
N THR A 190 3.03 1.46 7.39
CA THR A 190 1.82 1.15 8.12
C THR A 190 2.00 1.27 9.63
N ILE A 191 1.25 2.17 10.23
CA ILE A 191 1.26 2.34 11.68
C ILE A 191 0.26 1.39 12.31
N GLY A 192 0.76 0.42 13.02
CA GLY A 192 -0.09 -0.56 13.64
C GLY A 192 -0.53 -0.10 15.00
N VAL A 193 -1.82 -0.21 15.28
CA VAL A 193 -2.38 0.33 16.50
C VAL A 193 -3.51 -0.57 16.99
N LYS A 194 -3.14 -1.74 17.48
CA LYS A 194 -4.13 -2.79 17.70
C LYS A 194 -3.53 -4.03 18.35
N GLY A 195 -4.38 -5.02 18.54
CA GLY A 195 -3.94 -6.29 19.06
C GLY A 195 -4.26 -7.40 18.09
N PHE A 196 -3.68 -7.27 16.88
CA PHE A 196 -3.85 -8.22 15.79
C PHE A 196 -3.97 -9.68 16.25
N GLN A 197 -5.00 -10.34 15.74
CA GLN A 197 -5.25 -11.75 16.04
C GLN A 197 -5.32 -12.52 14.72
N VAL A 198 -6.34 -12.19 13.95
CA VAL A 198 -6.52 -12.70 12.60
C VAL A 198 -6.78 -11.49 11.70
N VAL A 199 -6.68 -11.65 10.37
CA VAL A 199 -7.03 -10.56 9.47
C VAL A 199 -8.54 -10.33 9.57
N THR A 200 -8.90 -9.52 10.56
CA THR A 200 -10.24 -9.48 11.10
C THR A 200 -10.29 -8.33 12.14
N PRO A 201 -11.41 -8.13 12.90
CA PRO A 201 -11.46 -7.15 14.01
C PRO A 201 -10.39 -7.36 15.09
N LEU A 202 -9.21 -6.90 14.75
CA LEU A 202 -7.99 -6.95 15.58
C LEU A 202 -8.06 -6.16 16.89
N GLY A 203 -9.11 -6.32 17.68
CA GLY A 203 -9.19 -5.61 18.93
C GLY A 203 -8.11 -6.03 19.90
N MET A 1 -12.09 14.28 11.14
CA MET A 1 -11.86 13.39 9.98
C MET A 1 -12.44 14.05 8.74
N SER A 2 -11.75 13.90 7.59
CA SER A 2 -12.19 14.56 6.39
C SER A 2 -12.16 16.07 6.60
N ILE A 3 -12.91 16.81 5.82
CA ILE A 3 -12.97 18.22 5.98
C ILE A 3 -13.99 18.56 7.07
N GLU A 4 -15.22 18.83 6.64
CA GLU A 4 -16.38 19.02 7.52
C GLU A 4 -16.06 19.88 8.73
N ILE A 5 -16.23 21.17 8.58
CA ILE A 5 -15.85 22.10 9.60
C ILE A 5 -17.07 22.90 10.05
N TYR A 6 -16.86 24.14 10.45
CA TYR A 6 -17.92 24.97 10.98
C TYR A 6 -17.71 26.46 10.66
N PRO A 7 -16.54 27.05 11.04
CA PRO A 7 -16.26 28.48 10.83
C PRO A 7 -16.77 29.03 9.50
N ASP A 8 -16.43 28.36 8.41
CA ASP A 8 -16.90 28.76 7.10
C ASP A 8 -18.38 28.47 6.97
N ASP A 9 -18.69 27.19 6.95
CA ASP A 9 -20.07 26.73 6.82
C ASP A 9 -20.16 25.28 7.25
N GLY A 10 -19.16 24.51 6.85
CA GLY A 10 -19.15 23.09 7.08
C GLY A 10 -18.09 22.41 6.22
N ASN A 11 -17.26 23.23 5.59
CA ASN A 11 -16.23 22.74 4.69
C ASN A 11 -15.27 23.87 4.36
N THR A 12 -13.97 23.63 4.50
CA THR A 12 -12.98 24.67 4.22
C THR A 12 -11.54 24.16 4.36
N LEU A 13 -11.39 22.90 4.77
CA LEU A 13 -10.06 22.30 4.98
C LEU A 13 -9.12 22.59 3.82
N PRO A 14 -7.92 23.11 4.12
CA PRO A 14 -6.85 23.23 3.12
C PRO A 14 -6.24 21.87 2.81
N TYR A 15 -6.68 20.86 3.55
CA TYR A 15 -6.22 19.50 3.34
C TYR A 15 -7.09 18.80 2.32
N GLN A 16 -8.36 19.21 2.23
CA GLN A 16 -9.26 18.69 1.22
C GLN A 16 -9.32 17.18 1.30
N VAL A 17 -9.68 16.67 2.48
CA VAL A 17 -9.70 15.25 2.70
C VAL A 17 -11.10 14.80 3.03
N PHE A 18 -11.41 13.58 2.64
CA PHE A 18 -12.73 13.02 2.73
C PHE A 18 -12.69 11.68 2.01
N LEU A 19 -12.06 11.71 0.84
CA LEU A 19 -11.83 10.51 0.07
C LEU A 19 -10.55 10.65 -0.75
N ASN A 20 -9.45 11.00 -0.09
CA ASN A 20 -8.21 11.20 -0.82
C ASN A 20 -7.45 9.89 -0.88
N LEU A 21 -7.86 8.97 -0.01
CA LEU A 21 -7.26 7.65 0.04
C LEU A 21 -8.33 6.61 0.35
N GLU A 22 -8.09 5.40 -0.13
CA GLU A 22 -9.03 4.29 0.08
C GLU A 22 -9.13 3.94 1.55
N ASN A 23 -10.31 3.82 2.09
CA ASN A 23 -10.42 3.27 3.42
C ASN A 23 -11.32 2.05 3.42
N GLU A 24 -11.00 1.07 4.26
CA GLU A 24 -11.78 -0.16 4.28
C GLU A 24 -12.56 -0.29 5.59
N HIS A 25 -12.25 0.59 6.53
CA HIS A 25 -12.87 0.53 7.85
C HIS A 25 -13.05 1.93 8.44
N TYR A 26 -13.16 2.94 7.57
CA TYR A 26 -13.29 4.35 7.99
C TYR A 26 -14.50 4.62 8.89
N TYR A 27 -15.33 3.59 9.12
CA TYR A 27 -16.52 3.69 9.98
C TYR A 27 -16.26 4.53 11.22
N ALA A 28 -15.26 4.16 11.99
CA ALA A 28 -14.86 4.93 13.15
C ALA A 28 -13.35 4.95 13.29
N GLN A 29 -12.70 4.12 12.49
CA GLN A 29 -11.26 3.91 12.56
C GLN A 29 -10.51 5.15 12.10
N ALA A 30 -11.05 5.83 11.11
CA ALA A 30 -10.44 7.02 10.59
C ALA A 30 -10.75 8.19 11.50
N ILE A 31 -11.57 7.92 12.50
CA ILE A 31 -12.00 8.93 13.45
C ILE A 31 -11.11 8.92 14.69
N GLN A 32 -10.71 7.73 15.13
CA GLN A 32 -9.88 7.57 16.33
C GLN A 32 -8.62 8.44 16.21
N LEU A 33 -7.97 8.29 15.08
CA LEU A 33 -6.75 9.02 14.79
C LEU A 33 -7.01 10.29 13.99
N ALA A 34 -8.27 10.54 13.64
CA ALA A 34 -8.64 11.66 12.75
C ALA A 34 -7.98 12.96 13.12
N GLN A 35 -8.18 13.41 14.35
CA GLN A 35 -7.65 14.70 14.79
C GLN A 35 -6.11 14.68 14.87
N LEU A 36 -5.55 13.48 14.79
CA LEU A 36 -4.11 13.32 14.73
C LEU A 36 -3.70 13.41 13.26
N PHE A 37 -4.46 12.70 12.45
CA PHE A 37 -4.22 12.59 11.03
C PHE A 37 -4.46 13.92 10.34
N ALA A 38 -5.31 14.74 10.94
CA ALA A 38 -5.63 16.04 10.36
C ALA A 38 -4.50 17.05 10.58
N HIS A 39 -3.43 16.63 11.25
CA HIS A 39 -2.34 17.55 11.57
C HIS A 39 -1.03 17.22 10.86
N GLU A 40 -0.53 15.99 11.04
CA GLU A 40 0.83 15.66 10.56
C GLU A 40 0.85 15.10 9.15
N VAL A 41 -0.20 15.24 8.39
CA VAL A 41 -0.22 14.69 7.05
C VAL A 41 0.28 15.71 6.05
N ASP A 42 0.32 15.32 4.77
CA ASP A 42 0.76 16.24 3.74
C ASP A 42 -0.44 16.97 3.19
N ASP A 43 -0.23 17.97 2.34
CA ASP A 43 -1.33 18.81 1.83
C ASP A 43 -2.52 17.95 1.36
N ASN A 44 -2.20 16.76 0.84
CA ASN A 44 -3.23 15.84 0.37
C ASN A 44 -4.05 15.28 1.53
N GLY A 45 -3.38 14.91 2.61
CA GLY A 45 -4.05 14.33 3.76
C GLY A 45 -3.66 12.88 4.03
N GLN A 46 -2.47 12.47 3.61
CA GLN A 46 -1.96 11.13 3.90
C GLN A 46 -0.82 11.18 4.92
N LEU A 47 -0.64 10.07 5.64
CA LEU A 47 0.41 9.90 6.66
C LEU A 47 1.77 10.41 6.16
N ASP A 48 2.33 11.41 6.83
CA ASP A 48 3.65 11.91 6.48
C ASP A 48 4.68 11.33 7.43
N LEU A 49 5.60 10.53 6.94
CA LEU A 49 6.52 9.83 7.85
C LEU A 49 7.47 10.79 8.54
N ALA A 50 7.49 12.04 8.08
CA ALA A 50 8.32 13.04 8.72
C ALA A 50 7.67 13.57 10.00
N LYS A 51 6.40 13.94 9.90
CA LYS A 51 5.68 14.50 11.03
C LYS A 51 4.71 13.50 11.61
N ALA A 52 4.02 12.79 10.74
CA ALA A 52 2.99 11.86 11.17
C ALA A 52 3.58 10.63 11.83
N LEU A 53 4.89 10.51 11.77
CA LEU A 53 5.59 9.49 12.53
C LEU A 53 5.55 9.86 14.01
N LYS A 54 5.34 11.16 14.24
CA LYS A 54 5.11 11.71 15.56
C LYS A 54 3.62 11.59 15.88
N LYS A 55 2.82 11.80 14.84
CA LYS A 55 1.37 11.65 14.95
C LYS A 55 1.02 10.22 15.33
N ALA A 56 1.81 9.29 14.81
CA ALA A 56 1.63 7.86 15.09
C ALA A 56 1.83 7.56 16.56
N GLN A 57 2.65 8.38 17.19
CA GLN A 57 2.99 8.21 18.59
C GLN A 57 1.80 8.59 19.48
N ALA A 58 0.78 9.19 18.87
CA ALA A 58 -0.41 9.61 19.60
C ALA A 58 -1.62 8.76 19.21
N GLN A 59 -1.39 7.63 18.54
CA GLN A 59 -2.48 6.79 18.05
C GLN A 59 -3.26 6.14 19.19
N PRO A 60 -4.55 5.85 18.95
CA PRO A 60 -5.44 5.18 19.91
C PRO A 60 -4.77 4.05 20.70
N ASP A 61 -4.21 3.04 20.01
CA ASP A 61 -3.66 1.88 20.70
C ASP A 61 -2.13 1.84 20.63
N LEU A 62 -1.56 1.50 19.48
CA LEU A 62 -0.09 1.45 19.35
C LEU A 62 0.46 2.59 18.51
N ALA A 63 1.55 2.34 17.79
CA ALA A 63 2.25 3.37 17.04
C ALA A 63 2.87 2.78 15.78
N ILE A 64 3.86 3.45 15.22
CA ILE A 64 4.58 2.96 14.05
C ILE A 64 5.07 1.53 14.26
N ILE A 65 4.56 0.60 13.45
CA ILE A 65 4.99 -0.78 13.55
C ILE A 65 5.61 -1.26 12.24
N ALA A 66 5.11 -0.75 11.14
CA ALA A 66 5.52 -1.23 9.84
C ALA A 66 5.99 -0.10 8.94
N THR A 67 7.23 -0.18 8.53
CA THR A 67 7.80 0.72 7.54
C THR A 67 8.64 -0.11 6.57
N ASN A 68 7.95 -0.87 5.73
CA ASN A 68 8.61 -1.91 4.93
C ASN A 68 8.18 -1.84 3.48
N ASN A 69 9.07 -2.23 2.59
CA ASN A 69 8.76 -2.19 1.17
C ASN A 69 8.99 -3.57 0.57
N MET A 70 8.76 -3.71 -0.72
CA MET A 70 8.96 -4.98 -1.40
C MET A 70 9.69 -4.76 -2.71
N THR A 71 10.56 -5.71 -3.07
CA THR A 71 11.23 -5.67 -4.36
C THR A 71 10.96 -6.95 -5.15
N LEU A 72 10.10 -6.83 -6.14
CA LEU A 72 9.69 -7.96 -6.96
C LEU A 72 10.04 -7.68 -8.39
N LYS A 73 10.64 -8.63 -9.05
CA LYS A 73 10.90 -8.45 -10.44
C LYS A 73 10.76 -9.77 -11.15
N LYS A 74 10.37 -9.68 -12.40
CA LYS A 74 10.16 -10.84 -13.20
C LYS A 74 10.88 -10.70 -14.51
N SER A 75 10.98 -11.79 -15.17
CA SER A 75 11.96 -12.01 -16.19
C SER A 75 11.81 -13.43 -16.66
N PHE A 76 12.20 -13.71 -17.90
CA PHE A 76 12.08 -15.07 -18.43
C PHE A 76 13.21 -15.95 -17.87
N SER A 77 13.62 -15.58 -16.66
CA SER A 77 14.51 -16.36 -15.84
C SER A 77 13.68 -17.40 -15.07
N THR A 78 14.19 -17.91 -13.96
CA THR A 78 13.46 -18.89 -13.19
C THR A 78 12.88 -18.29 -11.91
N LEU A 79 11.75 -18.84 -11.48
CA LEU A 79 11.10 -18.45 -10.23
C LEU A 79 12.00 -18.68 -9.04
N SER A 80 13.15 -19.30 -9.28
CA SER A 80 14.16 -19.53 -8.26
C SER A 80 14.64 -18.20 -7.66
N ALA A 81 14.39 -17.11 -8.37
CA ALA A 81 14.70 -15.79 -7.87
C ALA A 81 13.43 -14.96 -7.72
N LEU A 82 12.51 -15.13 -8.67
CA LEU A 82 11.27 -14.34 -8.70
C LEU A 82 10.43 -14.60 -7.45
N THR A 83 10.02 -15.85 -7.26
CA THR A 83 9.14 -16.19 -6.15
C THR A 83 9.91 -16.26 -4.83
N THR A 84 11.22 -16.35 -4.90
CA THR A 84 12.05 -16.32 -3.70
C THR A 84 11.93 -14.98 -3.00
N THR A 85 12.08 -13.90 -3.74
CA THR A 85 11.93 -12.58 -3.16
C THR A 85 10.45 -12.32 -2.93
N LEU A 86 9.63 -12.84 -3.87
CA LEU A 86 8.18 -12.66 -3.82
C LEU A 86 7.60 -13.24 -2.54
N SER A 87 8.22 -14.30 -2.02
CA SER A 87 7.73 -14.93 -0.80
C SER A 87 8.01 -14.07 0.43
N GLU A 88 9.26 -13.60 0.53
CA GLU A 88 9.63 -12.69 1.62
C GLU A 88 8.68 -11.50 1.64
N GLN A 89 8.28 -11.06 0.46
CA GLN A 89 7.36 -9.94 0.35
C GLN A 89 5.92 -10.41 0.15
N LEU A 90 5.69 -11.71 0.31
CA LEU A 90 4.34 -12.26 0.24
C LEU A 90 3.58 -11.87 1.48
N LYS A 91 4.30 -11.34 2.46
CA LYS A 91 3.68 -10.67 3.59
C LYS A 91 2.82 -9.51 3.07
N ILE A 92 3.32 -8.84 2.06
CA ILE A 92 2.60 -7.73 1.42
C ILE A 92 1.49 -8.27 0.50
N GLU A 93 0.99 -9.47 0.81
CA GLU A 93 -0.17 -10.04 0.12
C GLU A 93 -1.44 -9.25 0.47
N GLY A 94 -1.26 -8.08 1.09
CA GLY A 94 -2.39 -7.22 1.40
C GLY A 94 -2.90 -7.42 2.81
N VAL A 95 -1.97 -7.48 3.75
CA VAL A 95 -2.29 -7.63 5.15
C VAL A 95 -2.51 -6.29 5.85
N LEU A 96 -3.62 -5.67 5.53
CA LEU A 96 -3.96 -4.36 6.07
C LEU A 96 -4.68 -4.55 7.40
N GLY A 97 -5.76 -5.31 7.40
CA GLY A 97 -6.32 -5.82 8.65
C GLY A 97 -5.51 -7.01 9.18
N ILE A 98 -4.22 -6.98 8.87
CA ILE A 98 -3.21 -8.05 9.10
C ILE A 98 -3.42 -8.93 10.34
N SER A 99 -2.90 -10.17 10.24
CA SER A 99 -3.07 -11.20 11.27
C SER A 99 -1.95 -11.15 12.28
N GLN A 100 -1.88 -12.18 13.12
CA GLN A 100 -0.76 -12.34 14.02
C GLN A 100 0.46 -12.83 13.25
N ASP A 101 0.21 -13.61 12.20
CA ASP A 101 1.28 -14.11 11.36
C ASP A 101 1.22 -13.50 9.97
N THR A 102 0.51 -14.17 9.08
CA THR A 102 0.53 -13.83 7.67
C THR A 102 1.96 -13.61 7.18
N TYR A 103 2.76 -14.67 7.30
CA TYR A 103 4.08 -14.73 6.71
C TYR A 103 4.19 -15.96 5.81
N ILE A 104 5.40 -16.38 5.55
CA ILE A 104 5.67 -17.49 4.63
C ILE A 104 5.12 -18.81 5.19
N GLN A 105 4.85 -19.78 4.28
CA GLN A 105 4.30 -21.09 4.64
C GLN A 105 2.82 -20.99 4.97
N ASN A 106 2.45 -19.94 5.69
CA ASN A 106 1.07 -19.68 6.01
C ASN A 106 0.43 -18.95 4.84
N ILE A 107 1.30 -18.45 3.98
CA ILE A 107 0.92 -17.77 2.76
C ILE A 107 1.60 -18.39 1.56
N LEU A 108 2.82 -18.89 1.77
CA LEU A 108 3.63 -19.40 0.66
C LEU A 108 3.03 -20.69 0.11
N SER A 109 1.96 -21.15 0.75
CA SER A 109 1.18 -22.26 0.20
C SER A 109 0.60 -21.86 -1.16
N HIS A 110 0.29 -20.57 -1.31
CA HIS A 110 -0.19 -20.04 -2.57
C HIS A 110 0.85 -20.22 -3.66
N ALA A 111 2.10 -20.00 -3.31
CA ALA A 111 3.18 -20.04 -4.29
C ALA A 111 3.52 -21.46 -4.71
N PHE A 112 3.13 -22.43 -3.89
CA PHE A 112 3.35 -23.82 -4.21
C PHE A 112 2.13 -24.42 -4.90
N CYS A 113 0.97 -23.80 -4.68
CA CYS A 113 -0.28 -24.25 -5.28
C CYS A 113 -1.20 -23.06 -5.56
N ASP A 114 -1.29 -22.70 -6.84
CA ASP A 114 -2.10 -21.57 -7.30
C ASP A 114 -1.56 -20.25 -6.75
N LEU A 115 -0.53 -19.74 -7.41
CA LEU A 115 0.15 -18.54 -6.98
C LEU A 115 -0.66 -17.31 -7.34
N GLU A 116 -1.27 -16.69 -6.34
CA GLU A 116 -2.11 -15.51 -6.54
C GLU A 116 -1.26 -14.27 -6.80
N THR A 117 0.07 -14.43 -6.69
CA THR A 117 1.06 -13.42 -7.10
C THR A 117 0.71 -12.00 -6.63
N GLN A 118 0.45 -11.85 -5.34
CA GLN A 118 0.21 -10.52 -4.74
C GLN A 118 -1.00 -9.84 -5.37
N LYS A 119 -2.09 -10.60 -5.48
CA LYS A 119 -3.34 -10.10 -6.06
C LYS A 119 -3.17 -9.79 -7.55
N ASP A 120 -2.54 -10.73 -8.26
CA ASP A 120 -2.41 -10.71 -9.72
C ASP A 120 -3.73 -10.39 -10.39
N LYS A 121 -3.67 -9.57 -11.46
CA LYS A 121 -4.82 -9.03 -12.21
C LYS A 121 -5.05 -7.53 -11.91
N PRO A 122 -5.71 -6.83 -12.88
CA PRO A 122 -5.80 -5.38 -13.00
C PRO A 122 -5.05 -4.50 -11.99
N TRP A 123 -3.73 -4.58 -12.03
CA TRP A 123 -2.88 -3.57 -11.42
C TRP A 123 -2.78 -2.40 -12.39
N PHE A 124 -3.04 -1.18 -11.94
CA PHE A 124 -3.10 -0.06 -12.86
C PHE A 124 -1.71 0.53 -13.13
N HIS A 125 -1.42 0.76 -14.41
CA HIS A 125 -0.15 1.35 -14.80
C HIS A 125 -0.27 2.15 -16.10
N ILE A 126 -0.27 3.48 -16.00
CA ILE A 126 -0.37 4.29 -17.21
C ILE A 126 0.57 5.52 -17.20
N ASN A 127 1.88 5.36 -17.15
CA ASN A 127 2.73 6.41 -17.72
C ASN A 127 3.65 5.80 -18.78
N ALA A 128 3.83 6.44 -19.90
CA ALA A 128 4.98 6.19 -20.76
C ALA A 128 6.15 7.06 -20.35
N GLN A 129 7.25 6.92 -21.07
CA GLN A 129 8.29 7.94 -21.08
C GLN A 129 9.02 7.90 -22.42
N PRO A 130 9.40 9.07 -22.96
CA PRO A 130 10.05 9.16 -24.27
C PRO A 130 11.37 8.42 -24.31
N ASP A 131 11.28 7.14 -24.65
CA ASP A 131 12.43 6.27 -24.69
C ASP A 131 12.25 5.20 -25.75
N ALA A 132 11.25 4.34 -25.56
CA ALA A 132 11.02 3.23 -26.48
C ALA A 132 12.29 2.40 -26.60
N GLY A 133 12.82 2.03 -25.46
CA GLY A 133 14.02 1.22 -25.42
C GLY A 133 14.51 1.06 -24.01
N HIS A 134 14.33 2.11 -23.22
CA HIS A 134 14.58 2.05 -21.79
C HIS A 134 13.48 2.80 -21.07
N SER A 135 12.26 2.32 -21.22
CA SER A 135 11.12 2.99 -20.63
C SER A 135 10.32 2.06 -19.74
N VAL A 136 9.27 2.63 -19.15
CA VAL A 136 8.52 2.04 -18.05
C VAL A 136 7.10 2.63 -18.04
N THR A 137 6.08 1.79 -18.02
CA THR A 137 4.73 2.30 -17.84
C THR A 137 4.18 1.80 -16.52
N SER A 138 3.99 2.70 -15.58
CA SER A 138 3.55 2.30 -14.27
C SER A 138 2.60 3.31 -13.64
N TYR A 139 1.63 2.79 -12.94
CA TYR A 139 0.82 3.59 -12.07
C TYR A 139 0.80 2.91 -10.72
N SER A 140 0.32 3.59 -9.71
CA SER A 140 0.27 3.00 -8.40
C SER A 140 -1.13 2.51 -8.06
N TYR A 141 -1.22 1.22 -7.80
CA TYR A 141 -2.35 0.66 -7.10
C TYR A 141 -2.14 0.91 -5.61
N SER A 142 -3.11 0.61 -4.77
CA SER A 142 -2.91 0.72 -3.33
C SER A 142 -2.75 2.17 -2.86
N LEU A 143 -3.42 2.43 -1.77
CA LEU A 143 -3.64 3.75 -1.23
C LEU A 143 -3.68 3.57 0.27
N PHE A 144 -4.09 4.56 1.01
CA PHE A 144 -3.86 4.51 2.44
C PHE A 144 -5.20 4.37 3.13
N ILE A 145 -5.21 3.54 4.16
CA ILE A 145 -6.43 3.04 4.77
C ILE A 145 -6.32 3.00 6.29
N VAL A 146 -7.42 2.67 6.93
CA VAL A 146 -7.45 2.37 8.35
C VAL A 146 -8.28 1.10 8.53
N SER A 147 -8.03 0.38 9.60
CA SER A 147 -8.67 -0.89 9.82
C SER A 147 -9.34 -0.91 11.18
N GLN A 148 -10.21 -1.89 11.38
CA GLN A 148 -11.07 -1.94 12.56
C GLN A 148 -10.81 -3.21 13.35
N GLY A 149 -10.66 -3.07 14.65
CA GLY A 149 -10.56 -4.22 15.52
C GLY A 149 -11.74 -4.28 16.45
N GLU A 150 -12.45 -5.40 16.45
CA GLU A 150 -13.64 -5.50 17.27
C GLU A 150 -13.33 -6.17 18.59
N GLU A 151 -12.36 -7.09 18.55
CA GLU A 151 -11.94 -7.86 19.71
C GLU A 151 -11.76 -6.97 20.94
N THR A 152 -10.90 -5.96 20.84
CA THR A 152 -10.67 -5.04 21.94
C THR A 152 -11.09 -3.62 21.57
N GLY A 153 -11.47 -3.42 20.31
CA GLY A 153 -11.72 -2.08 19.81
C GLY A 153 -10.46 -1.42 19.29
N ALA A 154 -9.78 -2.11 18.38
CA ALA A 154 -8.51 -1.65 17.84
C ALA A 154 -8.69 -1.03 16.47
N MET A 155 -7.57 -0.68 15.85
CA MET A 155 -7.57 -0.15 14.49
C MET A 155 -6.17 -0.21 13.90
N MET A 156 -5.96 0.45 12.78
CA MET A 156 -4.64 0.52 12.17
C MET A 156 -4.53 1.69 11.20
N ALA A 157 -3.59 2.58 11.48
CA ALA A 157 -3.32 3.71 10.62
C ALA A 157 -2.35 3.31 9.51
N ALA A 158 -2.91 2.95 8.37
CA ALA A 158 -2.13 2.30 7.33
C ALA A 158 -1.95 3.19 6.10
N GLY A 159 -0.84 3.01 5.39
CA GLY A 159 -0.61 3.79 4.18
C GLY A 159 0.27 3.08 3.17
N PRO A 160 -0.19 1.96 2.59
CA PRO A 160 0.58 1.26 1.56
C PRO A 160 0.30 1.75 0.14
N LEU A 161 1.29 1.61 -0.74
CA LEU A 161 1.05 1.88 -2.15
C LEU A 161 1.78 0.85 -2.99
N ILE A 162 1.18 0.46 -4.09
CA ILE A 162 1.75 -0.56 -4.97
C ILE A 162 2.09 0.06 -6.31
N ILE A 163 3.28 -0.21 -6.83
CA ILE A 163 3.69 0.37 -8.09
C ILE A 163 3.86 -0.71 -9.13
N THR A 164 3.07 -0.61 -10.18
CA THR A 164 3.03 -1.64 -11.20
C THR A 164 3.90 -1.27 -12.38
N VAL A 165 5.07 -1.87 -12.44
CA VAL A 165 6.06 -1.52 -13.44
C VAL A 165 5.93 -2.42 -14.66
N THR A 166 5.35 -1.87 -15.70
CA THR A 166 5.13 -2.59 -16.96
C THR A 166 5.62 -1.72 -18.11
N PRO A 167 6.83 -1.95 -18.62
CA PRO A 167 7.50 -0.94 -19.44
C PRO A 167 7.02 -0.75 -20.88
N ASN A 168 7.55 0.33 -21.45
CA ASN A 168 7.20 0.82 -22.79
C ASN A 168 8.38 0.67 -23.73
N THR A 169 9.50 0.16 -23.20
CA THR A 169 10.68 -0.12 -24.00
C THR A 169 10.35 -0.95 -25.23
N ALA A 170 11.13 -0.73 -26.28
CA ALA A 170 10.74 -1.10 -27.65
C ALA A 170 10.73 -2.60 -27.93
N ILE A 171 11.77 -3.31 -27.50
CA ILE A 171 11.98 -4.68 -27.99
C ILE A 171 12.10 -5.64 -26.84
N SER A 172 11.65 -6.86 -27.06
CA SER A 172 11.79 -7.87 -26.06
C SER A 172 12.23 -9.19 -26.68
N ASP A 173 13.31 -9.13 -27.44
CA ASP A 173 13.85 -10.32 -28.09
C ASP A 173 15.35 -10.46 -27.80
N ILE A 174 16.12 -10.85 -28.80
CA ILE A 174 17.57 -11.02 -28.66
C ILE A 174 18.26 -9.65 -28.86
N PHE A 175 17.45 -8.64 -28.70
CA PHE A 175 17.76 -7.27 -29.03
C PHE A 175 17.58 -6.41 -27.79
N ASN A 176 17.23 -5.15 -28.02
CA ASN A 176 16.91 -4.16 -26.99
C ASN A 176 16.23 -4.76 -25.73
N THR A 177 16.26 -3.91 -24.72
CA THR A 177 16.33 -4.19 -23.27
C THR A 177 15.43 -5.30 -22.69
N LYS A 178 14.51 -5.86 -23.47
CA LYS A 178 13.55 -6.87 -22.99
C LYS A 178 12.33 -6.19 -22.37
N ASP A 179 11.53 -5.61 -23.25
CA ASP A 179 10.39 -4.79 -22.85
C ASP A 179 9.28 -5.60 -22.15
N TRP A 180 9.38 -6.92 -22.17
CA TRP A 180 8.24 -7.76 -21.77
C TRP A 180 8.44 -8.36 -20.38
N ARG A 181 9.66 -8.27 -19.87
CA ARG A 181 9.92 -8.72 -18.51
C ARG A 181 9.49 -7.61 -17.57
N LEU A 182 8.89 -7.99 -16.46
CA LEU A 182 8.22 -7.01 -15.61
C LEU A 182 8.94 -6.85 -14.29
N THR A 183 8.49 -5.86 -13.53
CA THR A 183 9.07 -5.56 -12.23
C THR A 183 8.01 -4.93 -11.34
N LEU A 184 7.93 -5.33 -10.08
CA LEU A 184 6.97 -4.72 -9.17
C LEU A 184 7.60 -4.40 -7.81
N GLN A 185 7.63 -3.14 -7.46
CA GLN A 185 8.07 -2.72 -6.13
C GLN A 185 7.14 -1.66 -5.60
N LYS A 186 7.18 -1.42 -4.30
CA LYS A 186 6.23 -0.51 -3.68
C LYS A 186 6.49 -0.34 -2.19
N GLU A 187 5.77 0.60 -1.56
CA GLU A 187 6.07 0.97 -0.20
C GLU A 187 4.87 0.83 0.73
N GLU A 188 4.92 -0.15 1.61
CA GLU A 188 3.95 -0.27 2.67
C GLU A 188 4.46 0.37 3.96
N ILE A 189 3.95 1.54 4.28
CA ILE A 189 4.21 2.15 5.56
C ILE A 189 2.92 2.17 6.36
N THR A 190 2.92 1.45 7.46
CA THR A 190 1.71 1.15 8.17
C THR A 190 1.90 1.25 9.68
N ILE A 191 1.18 2.18 10.30
CA ILE A 191 1.22 2.35 11.73
C ILE A 191 0.22 1.40 12.37
N GLY A 192 0.74 0.44 13.10
CA GLY A 192 -0.10 -0.54 13.70
C GLY A 192 -0.55 -0.11 15.08
N VAL A 193 -1.84 -0.24 15.35
CA VAL A 193 -2.40 0.26 16.59
C VAL A 193 -3.53 -0.67 17.04
N LYS A 194 -3.15 -1.86 17.52
CA LYS A 194 -4.10 -2.96 17.62
C LYS A 194 -3.46 -4.26 18.13
N GLY A 195 -4.23 -5.36 18.05
CA GLY A 195 -3.74 -6.65 18.41
C GLY A 195 -3.93 -7.63 17.27
N PHE A 196 -3.30 -7.33 16.11
CA PHE A 196 -3.54 -8.04 14.84
C PHE A 196 -3.92 -9.50 15.00
N GLN A 197 -5.07 -9.84 14.43
CA GLN A 197 -5.69 -11.11 14.69
C GLN A 197 -5.54 -12.06 13.50
N VAL A 198 -6.35 -11.86 12.46
CA VAL A 198 -6.39 -12.78 11.31
C VAL A 198 -6.87 -12.05 10.04
N VAL A 199 -6.09 -11.04 9.61
CA VAL A 199 -6.49 -10.11 8.54
C VAL A 199 -7.99 -9.85 8.61
N THR A 200 -8.38 -9.38 9.79
CA THR A 200 -9.75 -9.25 10.20
C THR A 200 -9.75 -8.34 11.42
N PRO A 201 -10.92 -7.80 11.88
CA PRO A 201 -11.02 -6.95 13.06
C PRO A 201 -9.97 -7.23 14.14
N LEU A 202 -8.88 -6.48 14.08
CA LEU A 202 -7.65 -6.77 14.81
C LEU A 202 -7.65 -6.20 16.22
N GLY A 203 -8.70 -6.48 16.97
CA GLY A 203 -8.74 -6.00 18.34
C GLY A 203 -7.75 -6.73 19.20
N MET A 1 -11.74 11.33 9.88
CA MET A 1 -10.62 12.03 9.19
C MET A 1 -11.16 12.74 7.97
N SER A 2 -10.85 14.03 7.87
CA SER A 2 -11.48 14.96 6.95
C SER A 2 -11.31 16.36 7.52
N ILE A 3 -12.11 17.28 7.01
CA ILE A 3 -12.05 18.65 7.42
C ILE A 3 -12.82 18.84 8.73
N GLU A 4 -14.13 19.14 8.60
CA GLU A 4 -15.06 19.23 9.73
C GLU A 4 -14.49 20.06 10.88
N ILE A 5 -14.80 21.34 10.88
CA ILE A 5 -14.27 22.24 11.89
C ILE A 5 -15.42 22.96 12.61
N TYR A 6 -15.20 24.20 13.00
CA TYR A 6 -16.22 24.96 13.71
C TYR A 6 -16.13 26.48 13.41
N PRO A 7 -14.97 27.13 13.67
CA PRO A 7 -14.79 28.60 13.49
C PRO A 7 -15.45 29.15 12.24
N ASP A 8 -15.13 28.58 11.08
CA ASP A 8 -15.75 29.00 9.82
C ASP A 8 -17.25 28.75 9.89
N ASP A 9 -17.57 27.47 10.00
CA ASP A 9 -18.94 27.00 10.18
C ASP A 9 -18.92 25.52 10.54
N GLY A 10 -17.99 24.79 9.93
CA GLY A 10 -17.90 23.38 10.16
C GLY A 10 -17.05 22.69 9.11
N ASN A 11 -16.33 23.47 8.31
CA ASN A 11 -15.51 22.92 7.23
C ASN A 11 -14.64 24.00 6.59
N THR A 12 -13.33 23.95 6.85
CA THR A 12 -12.43 24.99 6.37
C THR A 12 -10.94 24.55 6.41
N LEU A 13 -10.69 23.36 6.98
CA LEU A 13 -9.34 22.78 7.10
C LEU A 13 -8.49 23.08 5.88
N PRO A 14 -7.28 23.64 6.10
CA PRO A 14 -6.37 23.97 5.00
C PRO A 14 -5.79 22.71 4.33
N TYR A 15 -6.13 21.55 4.89
CA TYR A 15 -5.66 20.28 4.35
C TYR A 15 -6.61 19.77 3.28
N GLN A 16 -7.88 20.18 3.40
CA GLN A 16 -8.89 19.86 2.40
C GLN A 16 -9.08 18.36 2.31
N VAL A 17 -9.11 17.69 3.45
CA VAL A 17 -9.18 16.24 3.45
C VAL A 17 -10.58 15.80 3.79
N PHE A 18 -10.95 14.68 3.23
CA PHE A 18 -12.27 14.15 3.35
C PHE A 18 -12.30 12.91 2.49
N LEU A 19 -12.05 13.11 1.20
CA LEU A 19 -11.99 12.01 0.26
C LEU A 19 -10.71 12.07 -0.58
N ASN A 20 -9.55 12.21 0.07
CA ASN A 20 -8.32 12.31 -0.69
C ASN A 20 -7.71 10.93 -0.85
N LEU A 21 -8.12 10.01 -0.01
CA LEU A 21 -7.59 8.66 -0.05
C LEU A 21 -8.63 7.66 0.44
N GLU A 22 -8.44 6.40 0.05
CA GLU A 22 -9.33 5.31 0.43
C GLU A 22 -9.50 5.17 1.95
N ASN A 23 -10.59 4.58 2.35
CA ASN A 23 -10.64 3.90 3.65
C ASN A 23 -11.30 2.54 3.46
N GLU A 24 -10.88 1.52 4.18
CA GLU A 24 -11.54 0.22 4.08
C GLU A 24 -12.34 -0.08 5.35
N HIS A 25 -12.21 0.79 6.34
CA HIS A 25 -12.82 0.55 7.66
C HIS A 25 -13.09 1.87 8.38
N TYR A 26 -13.29 2.93 7.60
CA TYR A 26 -13.53 4.29 8.11
C TYR A 26 -14.69 4.41 9.11
N TYR A 27 -15.46 3.32 9.28
CA TYR A 27 -16.65 3.32 10.14
C TYR A 27 -16.41 4.07 11.45
N ALA A 28 -15.31 3.77 12.10
CA ALA A 28 -14.92 4.46 13.32
C ALA A 28 -13.41 4.59 13.40
N GLN A 29 -12.74 3.89 12.51
CA GLN A 29 -11.29 3.76 12.55
C GLN A 29 -10.61 5.04 12.11
N ALA A 30 -11.22 5.72 11.17
CA ALA A 30 -10.69 6.97 10.63
C ALA A 30 -10.96 8.10 11.60
N ILE A 31 -11.68 7.79 12.66
CA ILE A 31 -12.07 8.80 13.64
C ILE A 31 -11.09 8.84 14.80
N GLN A 32 -10.72 7.66 15.29
CA GLN A 32 -9.79 7.52 16.43
C GLN A 32 -8.54 8.35 16.19
N LEU A 33 -7.98 8.18 15.01
CA LEU A 33 -6.78 8.89 14.64
C LEU A 33 -7.08 10.17 13.84
N ALA A 34 -8.35 10.42 13.54
CA ALA A 34 -8.75 11.56 12.68
C ALA A 34 -8.05 12.86 13.03
N GLN A 35 -8.22 13.29 14.27
CA GLN A 35 -7.63 14.54 14.76
C GLN A 35 -6.12 14.50 14.72
N LEU A 36 -5.57 13.30 14.73
CA LEU A 36 -4.13 13.13 14.64
C LEU A 36 -3.74 13.21 13.19
N PHE A 37 -4.55 12.56 12.37
CA PHE A 37 -4.28 12.44 10.94
C PHE A 37 -4.53 13.77 10.25
N ALA A 38 -5.45 14.57 10.77
CA ALA A 38 -5.71 15.89 10.23
C ALA A 38 -4.63 16.89 10.66
N HIS A 39 -3.59 16.40 11.34
CA HIS A 39 -2.62 17.28 11.95
C HIS A 39 -1.24 17.17 11.29
N GLU A 40 -0.67 15.96 11.24
CA GLU A 40 0.72 15.79 10.77
C GLU A 40 0.83 15.33 9.33
N VAL A 41 -0.20 15.53 8.53
CA VAL A 41 -0.16 15.07 7.17
C VAL A 41 0.38 16.16 6.25
N ASP A 42 0.42 15.88 4.96
CA ASP A 42 0.91 16.87 4.01
C ASP A 42 -0.27 17.60 3.43
N ASP A 43 -0.04 18.53 2.50
CA ASP A 43 -1.11 19.38 1.96
C ASP A 43 -2.28 18.54 1.44
N ASN A 44 -1.97 17.34 1.00
CA ASN A 44 -2.99 16.42 0.50
C ASN A 44 -3.82 15.84 1.65
N GLY A 45 -3.15 15.48 2.73
CA GLY A 45 -3.83 14.85 3.84
C GLY A 45 -3.45 13.39 4.04
N GLN A 46 -2.23 13.02 3.64
CA GLN A 46 -1.74 11.66 3.84
C GLN A 46 -0.65 11.61 4.90
N LEU A 47 -0.55 10.47 5.58
CA LEU A 47 0.45 10.22 6.63
C LEU A 47 1.85 10.66 6.20
N ASP A 48 2.42 11.64 6.90
CA ASP A 48 3.76 12.11 6.58
C ASP A 48 4.75 11.49 7.55
N LEU A 49 5.64 10.64 7.07
CA LEU A 49 6.54 9.92 7.99
C LEU A 49 7.51 10.87 8.68
N ALA A 50 7.54 12.12 8.23
CA ALA A 50 8.37 13.12 8.88
C ALA A 50 7.70 13.62 10.16
N LYS A 51 6.44 14.03 10.05
CA LYS A 51 5.73 14.60 11.17
C LYS A 51 4.73 13.62 11.73
N ALA A 52 4.04 12.92 10.84
CA ALA A 52 3.01 11.99 11.24
C ALA A 52 3.58 10.75 11.89
N LEU A 53 4.90 10.64 11.86
CA LEU A 53 5.58 9.61 12.61
C LEU A 53 5.49 9.95 14.10
N LYS A 54 5.27 11.24 14.34
CA LYS A 54 5.01 11.77 15.67
C LYS A 54 3.53 11.62 15.96
N LYS A 55 2.74 11.82 14.92
CA LYS A 55 1.30 11.64 14.97
C LYS A 55 0.96 10.20 15.32
N ALA A 56 1.77 9.29 14.79
CA ALA A 56 1.62 7.85 15.02
C ALA A 56 1.81 7.52 16.49
N GLN A 57 2.62 8.33 17.14
CA GLN A 57 2.93 8.12 18.54
C GLN A 57 1.74 8.46 19.43
N ALA A 58 0.72 9.07 18.82
CA ALA A 58 -0.48 9.45 19.54
C ALA A 58 -1.68 8.60 19.12
N GLN A 59 -1.43 7.51 18.42
CA GLN A 59 -2.51 6.65 17.92
C GLN A 59 -3.26 5.97 19.05
N PRO A 60 -4.55 5.68 18.83
CA PRO A 60 -5.41 4.98 19.78
C PRO A 60 -4.70 3.87 20.56
N ASP A 61 -4.14 2.86 19.88
CA ASP A 61 -3.54 1.73 20.57
C ASP A 61 -2.00 1.72 20.46
N LEU A 62 -1.46 1.37 19.30
CA LEU A 62 0.00 1.33 19.15
C LEU A 62 0.51 2.51 18.33
N ALA A 63 1.61 2.30 17.61
CA ALA A 63 2.29 3.35 16.87
C ALA A 63 2.90 2.80 15.60
N ILE A 64 3.87 3.52 15.05
CA ILE A 64 4.62 3.04 13.88
C ILE A 64 5.11 1.61 14.08
N ILE A 65 4.65 0.70 13.22
CA ILE A 65 5.12 -0.68 13.29
C ILE A 65 5.73 -1.13 11.97
N ALA A 66 5.22 -0.60 10.87
CA ALA A 66 5.62 -1.06 9.56
C ALA A 66 6.04 0.09 8.65
N THR A 67 7.27 0.06 8.19
CA THR A 67 7.77 0.99 7.20
C THR A 67 8.61 0.23 6.19
N ASN A 68 7.93 -0.56 5.36
CA ASN A 68 8.61 -1.55 4.52
C ASN A 68 8.10 -1.52 3.08
N ASN A 69 8.98 -1.80 2.15
CA ASN A 69 8.58 -1.89 0.75
C ASN A 69 8.87 -3.28 0.23
N MET A 70 8.67 -3.50 -1.06
CA MET A 70 8.90 -4.81 -1.63
C MET A 70 9.56 -4.67 -3.00
N THR A 71 10.50 -5.57 -3.30
CA THR A 71 11.13 -5.62 -4.59
C THR A 71 10.89 -6.98 -5.25
N LEU A 72 9.96 -6.99 -6.20
CA LEU A 72 9.54 -8.21 -6.86
C LEU A 72 9.76 -8.04 -8.36
N LYS A 73 10.40 -8.99 -8.98
CA LYS A 73 10.62 -8.90 -10.40
C LYS A 73 10.55 -10.27 -11.02
N LYS A 74 10.14 -10.30 -12.26
CA LYS A 74 10.01 -11.54 -12.97
C LYS A 74 10.67 -11.43 -14.33
N SER A 75 11.01 -12.57 -14.83
CA SER A 75 11.95 -12.73 -15.90
C SER A 75 11.96 -14.21 -16.28
N PHE A 76 12.38 -14.52 -17.50
CA PHE A 76 12.42 -15.93 -17.93
C PHE A 76 13.63 -16.63 -17.30
N SER A 77 14.00 -16.14 -16.13
CA SER A 77 14.93 -16.80 -15.23
C SER A 77 14.17 -17.81 -14.39
N THR A 78 14.69 -18.16 -13.22
CA THR A 78 14.00 -19.14 -12.39
C THR A 78 13.27 -18.48 -11.22
N LEU A 79 12.16 -19.11 -10.83
CA LEU A 79 11.38 -18.64 -9.70
C LEU A 79 12.15 -18.81 -8.41
N SER A 80 13.30 -19.46 -8.53
CA SER A 80 14.27 -19.60 -7.46
C SER A 80 14.67 -18.25 -6.88
N ALA A 81 14.50 -17.20 -7.66
CA ALA A 81 14.76 -15.86 -7.18
C ALA A 81 13.46 -15.06 -7.08
N LEU A 82 12.59 -15.26 -8.06
CA LEU A 82 11.32 -14.53 -8.14
C LEU A 82 10.50 -14.72 -6.87
N THR A 83 10.25 -15.97 -6.50
CA THR A 83 9.41 -16.26 -5.34
C THR A 83 10.16 -16.05 -4.04
N THR A 84 11.48 -16.22 -4.09
CA THR A 84 12.32 -16.03 -2.92
C THR A 84 12.26 -14.60 -2.42
N THR A 85 12.46 -13.64 -3.31
CA THR A 85 12.43 -12.26 -2.91
C THR A 85 11.02 -11.88 -2.51
N LEU A 86 10.05 -12.48 -3.19
CA LEU A 86 8.65 -12.23 -2.95
C LEU A 86 8.20 -12.74 -1.58
N SER A 87 8.73 -13.88 -1.16
CA SER A 87 8.23 -14.52 0.06
C SER A 87 8.54 -13.70 1.31
N GLU A 88 9.80 -13.31 1.47
CA GLU A 88 10.20 -12.52 2.62
C GLU A 88 9.42 -11.20 2.65
N GLN A 89 9.11 -10.68 1.47
CA GLN A 89 8.36 -9.43 1.37
C GLN A 89 6.88 -9.72 1.15
N LEU A 90 6.50 -10.99 1.27
CA LEU A 90 5.13 -11.41 1.02
C LEU A 90 4.27 -11.07 2.22
N LYS A 91 4.92 -10.75 3.32
CA LYS A 91 4.20 -10.14 4.44
C LYS A 91 3.58 -8.81 4.01
N ILE A 92 4.25 -8.15 3.06
CA ILE A 92 3.78 -6.90 2.51
C ILE A 92 2.71 -7.17 1.43
N GLU A 93 2.01 -8.29 1.59
CA GLU A 93 0.85 -8.65 0.77
C GLU A 93 -0.30 -7.65 1.00
N GLY A 94 -0.09 -6.68 1.86
CA GLY A 94 -1.13 -5.72 2.15
C GLY A 94 -1.93 -6.13 3.36
N VAL A 95 -1.23 -6.59 4.37
CA VAL A 95 -1.83 -7.02 5.61
C VAL A 95 -2.22 -5.84 6.48
N LEU A 96 -3.28 -5.18 6.06
CA LEU A 96 -3.83 -4.02 6.73
C LEU A 96 -4.66 -4.49 7.93
N GLY A 97 -5.72 -5.24 7.66
CA GLY A 97 -6.37 -5.98 8.74
C GLY A 97 -5.56 -7.20 9.18
N ILE A 98 -4.23 -7.08 9.07
CA ILE A 98 -3.22 -8.13 9.35
C ILE A 98 -3.52 -9.13 10.48
N SER A 99 -2.99 -10.34 10.28
CA SER A 99 -3.12 -11.46 11.22
C SER A 99 -1.94 -11.51 12.18
N GLN A 100 -1.81 -12.62 12.88
CA GLN A 100 -0.66 -12.87 13.71
C GLN A 100 0.53 -13.27 12.84
N ASP A 101 0.28 -14.15 11.88
CA ASP A 101 1.32 -14.60 10.98
C ASP A 101 1.24 -13.86 9.65
N THR A 102 0.38 -14.34 8.74
CA THR A 102 0.36 -13.87 7.36
C THR A 102 1.75 -13.78 6.77
N TYR A 103 2.46 -14.90 6.79
CA TYR A 103 3.78 -14.99 6.19
C TYR A 103 3.79 -16.13 5.19
N ILE A 104 4.96 -16.61 4.85
CA ILE A 104 5.08 -17.67 3.86
C ILE A 104 4.36 -18.93 4.33
N GLN A 105 4.10 -19.83 3.39
CA GLN A 105 3.44 -21.10 3.65
C GLN A 105 1.93 -20.92 3.81
N ASN A 106 1.52 -19.90 4.57
CA ASN A 106 0.10 -19.65 4.78
C ASN A 106 -0.42 -18.91 3.56
N ILE A 107 0.50 -18.22 2.91
CA ILE A 107 0.20 -17.43 1.74
C ILE A 107 1.06 -17.90 0.56
N LEU A 108 2.26 -18.41 0.85
CA LEU A 108 3.20 -18.79 -0.19
C LEU A 108 2.76 -20.08 -0.88
N SER A 109 1.65 -20.64 -0.43
CA SER A 109 1.09 -21.85 -1.01
C SER A 109 0.78 -21.67 -2.50
N HIS A 110 0.23 -20.51 -2.85
CA HIS A 110 -0.08 -20.19 -4.24
C HIS A 110 1.19 -19.99 -5.04
N ALA A 111 2.21 -19.45 -4.39
CA ALA A 111 3.49 -19.20 -5.04
C ALA A 111 4.24 -20.49 -5.37
N PHE A 112 3.96 -21.55 -4.61
CA PHE A 112 4.59 -22.85 -4.87
C PHE A 112 4.06 -23.47 -6.16
N CYS A 113 2.85 -23.08 -6.54
CA CYS A 113 2.27 -23.55 -7.80
C CYS A 113 1.39 -22.46 -8.41
N ASP A 114 1.93 -21.76 -9.41
CA ASP A 114 1.22 -20.70 -10.13
C ASP A 114 0.60 -19.67 -9.19
N LEU A 115 1.36 -18.64 -8.84
CA LEU A 115 0.83 -17.57 -8.02
C LEU A 115 -0.10 -16.70 -8.86
N GLU A 116 -1.37 -16.65 -8.48
CA GLU A 116 -2.37 -15.96 -9.29
C GLU A 116 -2.62 -14.54 -8.80
N THR A 117 -2.16 -14.27 -7.57
CA THR A 117 -2.48 -13.03 -6.85
C THR A 117 -3.98 -12.76 -6.83
N GLN A 118 -4.77 -13.84 -7.02
CA GLN A 118 -6.22 -13.75 -7.14
C GLN A 118 -6.62 -12.76 -8.24
N LYS A 119 -5.83 -12.74 -9.32
CA LYS A 119 -6.08 -11.83 -10.44
C LYS A 119 -6.19 -10.40 -9.92
N ASP A 120 -5.14 -9.97 -9.23
CA ASP A 120 -5.17 -8.72 -8.48
C ASP A 120 -5.24 -7.50 -9.40
N LYS A 121 -6.41 -6.86 -9.40
CA LYS A 121 -6.59 -5.50 -9.94
C LYS A 121 -6.46 -5.40 -11.46
N PRO A 122 -7.31 -4.56 -12.05
CA PRO A 122 -7.13 -4.02 -13.40
C PRO A 122 -5.93 -3.08 -13.44
N TRP A 123 -4.76 -3.67 -13.28
CA TRP A 123 -3.51 -2.93 -13.11
C TRP A 123 -3.19 -2.06 -14.32
N PHE A 124 -3.45 -0.77 -14.20
CA PHE A 124 -3.14 0.19 -15.26
C PHE A 124 -1.69 0.65 -15.17
N HIS A 125 -1.04 0.77 -16.31
CA HIS A 125 0.33 1.24 -16.37
C HIS A 125 0.60 1.94 -17.70
N ILE A 126 0.71 3.28 -17.68
CA ILE A 126 0.94 3.98 -18.94
C ILE A 126 2.02 5.06 -18.85
N ASN A 127 3.27 4.74 -18.58
CA ASN A 127 4.34 5.58 -19.08
C ASN A 127 5.27 4.74 -19.96
N ALA A 128 5.69 5.25 -21.09
CA ALA A 128 6.78 4.68 -21.86
C ALA A 128 8.14 5.22 -21.47
N GLN A 129 9.16 4.71 -22.14
CA GLN A 129 10.49 5.35 -22.23
C GLN A 129 11.04 5.07 -23.62
N PRO A 130 11.70 6.06 -24.25
CA PRO A 130 12.31 5.89 -25.58
C PRO A 130 13.40 4.83 -25.56
N ASP A 131 13.01 3.59 -25.80
CA ASP A 131 13.91 2.45 -25.72
C ASP A 131 13.55 1.44 -26.78
N ALA A 132 12.35 0.87 -26.67
CA ALA A 132 11.91 -0.15 -27.61
C ALA A 132 12.85 -1.35 -27.54
N GLY A 133 13.09 -1.79 -26.30
CA GLY A 133 13.93 -2.95 -26.09
C GLY A 133 14.26 -3.11 -24.62
N HIS A 134 14.36 -2.00 -23.93
CA HIS A 134 14.54 -2.02 -22.49
C HIS A 134 13.82 -0.81 -21.86
N SER A 135 12.50 -0.91 -21.81
CA SER A 135 11.65 0.18 -21.35
C SER A 135 10.78 -0.32 -20.22
N VAL A 136 9.96 0.56 -19.68
CA VAL A 136 9.09 0.27 -18.53
C VAL A 136 7.80 1.10 -18.63
N THR A 137 6.64 0.46 -18.61
CA THR A 137 5.40 1.22 -18.53
C THR A 137 4.73 0.93 -17.19
N SER A 138 4.51 1.98 -16.41
CA SER A 138 3.90 1.80 -15.10
C SER A 138 3.02 2.97 -14.72
N TYR A 139 1.95 2.68 -14.06
CA TYR A 139 1.19 3.69 -13.39
C TYR A 139 0.94 3.26 -11.97
N SER A 140 1.01 4.16 -11.02
CA SER A 140 0.73 3.79 -9.65
C SER A 140 -0.65 4.26 -9.19
N TYR A 141 -1.49 3.32 -8.81
CA TYR A 141 -2.62 3.63 -7.96
C TYR A 141 -2.16 3.60 -6.50
N SER A 142 -3.04 3.14 -5.61
CA SER A 142 -2.77 3.07 -4.17
C SER A 142 -2.94 4.39 -3.45
N LEU A 143 -3.51 4.24 -2.27
CA LEU A 143 -4.01 5.31 -1.43
C LEU A 143 -3.75 4.88 -0.01
N PHE A 144 -4.33 5.56 0.95
CA PHE A 144 -4.11 5.21 2.34
C PHE A 144 -5.44 4.78 2.91
N ILE A 145 -5.42 4.06 4.03
CA ILE A 145 -6.65 3.51 4.63
C ILE A 145 -6.46 3.26 6.13
N VAL A 146 -7.54 2.86 6.77
CA VAL A 146 -7.51 2.44 8.16
C VAL A 146 -8.26 1.12 8.30
N SER A 147 -7.99 0.37 9.35
CA SER A 147 -8.60 -0.95 9.55
C SER A 147 -9.26 -1.03 10.91
N GLN A 148 -10.07 -2.06 11.12
CA GLN A 148 -10.91 -2.13 12.31
C GLN A 148 -10.76 -3.44 13.05
N GLY A 149 -10.57 -3.32 14.35
CA GLY A 149 -10.60 -4.46 15.23
C GLY A 149 -11.79 -4.40 16.15
N GLU A 150 -12.61 -5.42 16.14
CA GLU A 150 -13.87 -5.34 16.89
C GLU A 150 -13.70 -5.90 18.29
N GLU A 151 -12.82 -6.90 18.41
CA GLU A 151 -12.56 -7.56 19.69
C GLU A 151 -12.38 -6.56 20.83
N THR A 152 -11.44 -5.63 20.66
CA THR A 152 -11.16 -4.62 21.67
C THR A 152 -11.52 -3.22 21.19
N GLY A 153 -11.83 -3.10 19.90
CA GLY A 153 -11.98 -1.79 19.30
C GLY A 153 -10.65 -1.26 18.81
N ALA A 154 -9.92 -2.09 18.10
CA ALA A 154 -8.59 -1.75 17.61
C ALA A 154 -8.67 -1.23 16.18
N MET A 155 -7.53 -0.88 15.60
CA MET A 155 -7.49 -0.33 14.25
C MET A 155 -6.08 -0.36 13.67
N MET A 156 -5.90 0.35 12.56
CA MET A 156 -4.58 0.47 11.93
C MET A 156 -4.54 1.66 10.97
N ALA A 157 -3.58 2.54 11.17
CA ALA A 157 -3.37 3.68 10.28
C ALA A 157 -2.44 3.28 9.13
N ALA A 158 -3.02 3.06 7.96
CA ALA A 158 -2.28 2.48 6.84
C ALA A 158 -2.09 3.48 5.70
N GLY A 159 -0.99 3.32 4.96
CA GLY A 159 -0.71 4.19 3.83
C GLY A 159 0.13 3.50 2.76
N PRO A 160 -0.41 2.51 2.06
CA PRO A 160 0.35 1.74 1.06
C PRO A 160 0.39 2.36 -0.35
N LEU A 161 1.49 2.08 -1.06
CA LEU A 161 1.61 2.37 -2.49
C LEU A 161 1.63 1.11 -3.26
N ILE A 162 1.14 1.13 -4.49
CA ILE A 162 1.37 -0.01 -5.37
C ILE A 162 1.68 0.45 -6.77
N ILE A 163 2.81 -0.02 -7.28
CA ILE A 163 3.31 0.40 -8.57
C ILE A 163 3.35 -0.80 -9.51
N THR A 164 2.74 -0.64 -10.67
CA THR A 164 2.63 -1.73 -11.63
C THR A 164 3.64 -1.58 -12.74
N VAL A 165 4.65 -2.44 -12.78
CA VAL A 165 5.71 -2.30 -13.76
C VAL A 165 5.56 -3.30 -14.89
N THR A 166 5.12 -2.82 -16.03
CA THR A 166 4.90 -3.63 -17.22
C THR A 166 5.51 -2.96 -18.44
N PRO A 167 6.71 -3.36 -18.83
CA PRO A 167 7.54 -2.59 -19.78
C PRO A 167 7.03 -2.46 -21.20
N ASN A 168 7.73 -1.56 -21.91
CA ASN A 168 7.40 -1.19 -23.28
C ASN A 168 8.46 -1.74 -24.24
N THR A 169 9.35 -2.58 -23.71
CA THR A 169 10.39 -3.20 -24.52
C THR A 169 9.78 -3.87 -25.76
N ALA A 170 10.51 -3.82 -26.87
CA ALA A 170 9.92 -3.91 -28.20
C ALA A 170 9.31 -5.25 -28.62
N ILE A 171 10.09 -6.31 -28.69
CA ILE A 171 9.80 -7.37 -29.67
C ILE A 171 9.64 -8.70 -29.04
N SER A 172 8.48 -9.26 -29.23
CA SER A 172 8.11 -10.49 -28.62
C SER A 172 7.65 -11.39 -29.75
N ASP A 173 8.64 -11.64 -30.59
CA ASP A 173 8.48 -12.27 -31.88
C ASP A 173 9.38 -13.50 -31.91
N ILE A 174 10.15 -13.63 -32.96
CA ILE A 174 11.03 -14.79 -33.12
C ILE A 174 12.09 -14.81 -32.00
N PHE A 175 12.36 -13.66 -31.43
CA PHE A 175 13.10 -13.57 -30.17
C PHE A 175 12.62 -12.33 -29.42
N ASN A 176 12.56 -12.42 -28.09
CA ASN A 176 12.14 -11.29 -27.29
C ASN A 176 13.33 -10.45 -26.81
N THR A 177 13.20 -9.14 -26.97
CA THR A 177 14.09 -8.19 -26.28
C THR A 177 13.71 -8.14 -24.79
N LYS A 178 12.61 -8.87 -24.50
CA LYS A 178 11.97 -9.09 -23.18
C LYS A 178 10.91 -8.04 -22.84
N ASP A 179 9.91 -7.97 -23.73
CA ASP A 179 8.69 -7.21 -23.47
C ASP A 179 7.77 -7.98 -22.51
N TRP A 180 8.06 -9.25 -22.30
CA TRP A 180 7.16 -10.08 -21.51
C TRP A 180 7.69 -10.30 -20.09
N ARG A 181 8.91 -9.85 -19.82
CA ARG A 181 9.44 -9.97 -18.48
C ARG A 181 8.94 -8.79 -17.67
N LEU A 182 8.56 -9.03 -16.44
CA LEU A 182 7.83 -8.03 -15.68
C LEU A 182 8.53 -7.72 -14.37
N THR A 183 8.04 -6.70 -13.69
CA THR A 183 8.63 -6.23 -12.45
C THR A 183 7.52 -5.59 -11.60
N LEU A 184 7.50 -5.88 -10.30
CA LEU A 184 6.51 -5.25 -9.43
C LEU A 184 7.13 -4.83 -8.10
N GLN A 185 6.95 -3.57 -7.74
CA GLN A 185 7.41 -3.09 -6.45
C GLN A 185 6.56 -1.94 -5.98
N LYS A 186 6.72 -1.58 -4.72
CA LYS A 186 5.88 -0.56 -4.11
C LYS A 186 6.26 -0.30 -2.67
N GLU A 187 5.61 0.70 -2.07
CA GLU A 187 6.02 1.17 -0.76
C GLU A 187 4.85 1.12 0.20
N GLU A 188 4.91 0.28 1.21
CA GLU A 188 3.84 0.25 2.20
C GLU A 188 4.34 0.67 3.57
N ILE A 189 4.00 1.89 3.93
CA ILE A 189 4.25 2.40 5.26
C ILE A 189 2.94 2.34 6.04
N THR A 190 2.97 1.69 7.18
CA THR A 190 1.75 1.42 7.91
C THR A 190 1.97 1.49 9.41
N ILE A 191 1.21 2.35 10.07
CA ILE A 191 1.26 2.46 11.51
C ILE A 191 0.27 1.49 12.13
N GLY A 192 0.80 0.51 12.82
CA GLY A 192 -0.03 -0.50 13.42
C GLY A 192 -0.48 -0.13 14.80
N VAL A 193 -1.75 -0.34 15.10
CA VAL A 193 -2.32 0.18 16.34
C VAL A 193 -3.45 -0.75 16.81
N LYS A 194 -3.07 -1.92 17.30
CA LYS A 194 -4.06 -2.98 17.50
C LYS A 194 -3.50 -4.21 18.19
N GLY A 195 -4.33 -5.26 18.26
CA GLY A 195 -3.94 -6.50 18.90
C GLY A 195 -4.19 -7.67 17.97
N PHE A 196 -3.77 -7.47 16.72
CA PHE A 196 -3.94 -8.42 15.60
C PHE A 196 -4.01 -9.90 16.00
N GLN A 197 -5.01 -10.58 15.44
CA GLN A 197 -5.18 -12.02 15.63
C GLN A 197 -5.12 -12.72 14.27
N VAL A 198 -6.09 -12.39 13.42
CA VAL A 198 -6.16 -12.88 12.06
C VAL A 198 -6.35 -11.68 11.15
N VAL A 199 -6.15 -11.82 9.83
CA VAL A 199 -6.43 -10.72 8.92
C VAL A 199 -7.94 -10.54 8.89
N THR A 200 -8.40 -9.71 9.81
CA THR A 200 -9.79 -9.69 10.26
C THR A 200 -9.92 -8.55 11.29
N PRO A 201 -11.08 -8.34 11.96
CA PRO A 201 -11.19 -7.38 13.08
C PRO A 201 -10.16 -7.60 14.19
N LEU A 202 -9.00 -7.00 13.98
CA LEU A 202 -7.82 -7.08 14.85
C LEU A 202 -7.98 -6.42 16.22
N GLY A 203 -9.10 -6.62 16.88
CA GLY A 203 -9.26 -6.07 18.21
C GLY A 203 -8.33 -6.73 19.20
N MET A 1 -12.35 12.91 11.02
CA MET A 1 -11.42 12.99 9.87
C MET A 1 -12.01 13.87 8.79
N SER A 2 -11.36 13.93 7.63
CA SER A 2 -11.86 14.75 6.53
C SER A 2 -11.82 16.22 6.92
N ILE A 3 -12.56 17.03 6.20
CA ILE A 3 -12.55 18.45 6.39
C ILE A 3 -13.48 18.84 7.56
N GLU A 4 -14.73 19.15 7.24
CA GLU A 4 -15.78 19.40 8.23
C GLU A 4 -15.36 20.43 9.27
N ILE A 5 -15.72 21.68 9.05
CA ILE A 5 -15.32 22.75 9.94
C ILE A 5 -16.52 23.57 10.40
N TYR A 6 -16.31 24.85 10.66
CA TYR A 6 -17.37 25.71 11.16
C TYR A 6 -17.43 27.06 10.44
N PRO A 7 -16.36 27.91 10.52
CA PRO A 7 -16.39 29.30 10.02
C PRO A 7 -16.96 29.45 8.60
N ASP A 8 -16.29 28.82 7.64
CA ASP A 8 -16.67 28.93 6.23
C ASP A 8 -18.14 28.58 6.03
N ASP A 9 -18.44 27.32 6.22
CA ASP A 9 -19.77 26.78 5.95
C ASP A 9 -19.93 25.39 6.57
N GLY A 10 -18.82 24.87 7.09
CA GLY A 10 -18.81 23.51 7.58
C GLY A 10 -17.78 22.71 6.85
N ASN A 11 -16.97 23.41 6.06
CA ASN A 11 -15.98 22.77 5.21
C ASN A 11 -15.05 23.84 4.61
N THR A 12 -13.74 23.67 4.77
CA THR A 12 -12.78 24.65 4.24
C THR A 12 -11.31 24.21 4.40
N LEU A 13 -11.10 23.02 4.98
CA LEU A 13 -9.74 22.48 5.24
C LEU A 13 -8.79 22.72 4.07
N PRO A 14 -7.61 23.29 4.35
CA PRO A 14 -6.53 23.39 3.36
C PRO A 14 -5.92 22.02 3.08
N TYR A 15 -6.30 21.04 3.90
CA TYR A 15 -5.85 19.68 3.73
C TYR A 15 -6.75 18.96 2.74
N GLN A 16 -7.95 19.50 2.53
CA GLN A 16 -8.83 19.05 1.46
C GLN A 16 -8.98 17.54 1.49
N VAL A 17 -9.39 17.04 2.64
CA VAL A 17 -9.46 15.61 2.84
C VAL A 17 -10.89 15.21 3.13
N PHE A 18 -11.27 14.06 2.63
CA PHE A 18 -12.64 13.61 2.65
C PHE A 18 -12.71 12.36 1.79
N LEU A 19 -12.07 12.45 0.64
CA LEU A 19 -11.88 11.32 -0.24
C LEU A 19 -10.58 11.47 -1.01
N ASN A 20 -9.53 11.66 -0.24
CA ASN A 20 -8.20 11.87 -0.77
C ASN A 20 -7.50 10.53 -0.86
N LEU A 21 -8.07 9.57 -0.16
CA LEU A 21 -7.57 8.21 -0.14
C LEU A 21 -8.67 7.28 0.36
N GLU A 22 -8.54 6.00 0.05
CA GLU A 22 -9.50 4.98 0.47
C GLU A 22 -9.66 4.92 1.98
N ASN A 23 -10.76 4.38 2.43
CA ASN A 23 -10.79 3.78 3.75
C ASN A 23 -11.51 2.45 3.67
N GLU A 24 -11.11 1.46 4.47
CA GLU A 24 -11.81 0.18 4.43
C GLU A 24 -12.61 -0.07 5.71
N HIS A 25 -12.44 0.81 6.69
CA HIS A 25 -13.09 0.66 7.98
C HIS A 25 -13.35 2.02 8.65
N TYR A 26 -13.46 3.07 7.85
CA TYR A 26 -13.54 4.45 8.35
C TYR A 26 -14.79 4.75 9.19
N TYR A 27 -15.65 3.75 9.37
CA TYR A 27 -16.89 3.92 10.13
C TYR A 27 -16.61 4.56 11.48
N ALA A 28 -15.51 4.16 12.10
CA ALA A 28 -15.09 4.77 13.35
C ALA A 28 -13.57 4.82 13.45
N GLN A 29 -12.91 4.08 12.59
CA GLN A 29 -11.47 3.90 12.66
C GLN A 29 -10.73 5.17 12.23
N ALA A 30 -11.31 5.87 11.27
CA ALA A 30 -10.70 7.09 10.76
C ALA A 30 -10.93 8.23 11.73
N ILE A 31 -11.70 7.96 12.77
CA ILE A 31 -12.07 8.97 13.74
C ILE A 31 -11.10 8.96 14.93
N GLN A 32 -10.74 7.76 15.37
CA GLN A 32 -9.85 7.59 16.53
C GLN A 32 -8.57 8.39 16.33
N LEU A 33 -8.00 8.22 15.16
CA LEU A 33 -6.76 8.91 14.82
C LEU A 33 -7.02 10.18 14.01
N ALA A 34 -8.28 10.47 13.73
CA ALA A 34 -8.67 11.61 12.87
C ALA A 34 -7.90 12.87 13.17
N GLN A 35 -8.02 13.37 14.40
CA GLN A 35 -7.39 14.62 14.77
C GLN A 35 -5.86 14.51 14.79
N LEU A 36 -5.37 13.28 14.72
CA LEU A 36 -3.94 13.05 14.61
C LEU A 36 -3.57 13.11 13.14
N PHE A 37 -4.40 12.45 12.35
CA PHE A 37 -4.18 12.29 10.93
C PHE A 37 -4.46 13.57 10.19
N ALA A 38 -5.32 14.41 10.76
CA ALA A 38 -5.64 15.69 10.14
C ALA A 38 -4.53 16.72 10.36
N HIS A 39 -3.48 16.33 11.07
CA HIS A 39 -2.45 17.30 11.47
C HIS A 39 -1.09 17.03 10.80
N GLU A 40 -0.54 15.83 10.96
CA GLU A 40 0.84 15.57 10.51
C GLU A 40 0.93 15.06 9.09
N VAL A 41 -0.12 15.20 8.32
CA VAL A 41 -0.12 14.67 6.97
C VAL A 41 0.36 15.72 5.98
N ASP A 42 0.36 15.37 4.71
CA ASP A 42 0.76 16.29 3.67
C ASP A 42 -0.48 17.01 3.15
N ASP A 43 -0.34 17.97 2.25
CA ASP A 43 -1.48 18.75 1.75
C ASP A 43 -2.58 17.85 1.21
N ASN A 44 -2.21 16.65 0.77
CA ASN A 44 -3.18 15.67 0.32
C ASN A 44 -3.97 15.09 1.49
N GLY A 45 -3.26 14.81 2.58
CA GLY A 45 -3.89 14.24 3.75
C GLY A 45 -3.46 12.81 4.02
N GLN A 46 -2.26 12.43 3.58
CA GLN A 46 -1.75 11.08 3.84
C GLN A 46 -0.61 11.13 4.86
N LEU A 47 -0.43 10.01 5.58
CA LEU A 47 0.62 9.84 6.58
C LEU A 47 1.97 10.36 6.08
N ASP A 48 2.50 11.39 6.74
CA ASP A 48 3.81 11.92 6.37
C ASP A 48 4.86 11.37 7.31
N LEU A 49 5.76 10.56 6.83
CA LEU A 49 6.69 9.86 7.72
C LEU A 49 7.64 10.82 8.42
N ALA A 50 7.66 12.07 7.99
CA ALA A 50 8.46 13.08 8.66
C ALA A 50 7.79 13.55 9.94
N LYS A 51 6.52 13.91 9.83
CA LYS A 51 5.79 14.47 10.96
C LYS A 51 4.82 13.44 11.53
N ALA A 52 4.16 12.72 10.64
CA ALA A 52 3.14 11.78 11.03
C ALA A 52 3.73 10.53 11.65
N LEU A 53 5.04 10.41 11.60
CA LEU A 53 5.72 9.36 12.36
C LEU A 53 5.64 9.71 13.83
N LYS A 54 5.40 10.99 14.09
CA LYS A 54 5.18 11.50 15.43
C LYS A 54 3.69 11.42 15.73
N LYS A 55 2.90 11.58 14.67
CA LYS A 55 1.45 11.43 14.74
C LYS A 55 1.09 10.01 15.12
N ALA A 56 1.86 9.05 14.63
CA ALA A 56 1.66 7.65 14.94
C ALA A 56 1.88 7.37 16.41
N GLN A 57 2.69 8.22 17.03
CA GLN A 57 3.04 8.07 18.43
C GLN A 57 1.86 8.44 19.33
N ALA A 58 0.86 9.05 18.72
CA ALA A 58 -0.33 9.47 19.45
C ALA A 58 -1.55 8.64 19.06
N GLN A 59 -1.33 7.50 18.41
CA GLN A 59 -2.43 6.67 17.94
C GLN A 59 -3.19 6.04 19.11
N PRO A 60 -4.49 5.82 18.93
CA PRO A 60 -5.36 5.20 19.92
C PRO A 60 -4.72 4.03 20.68
N ASP A 61 -4.24 3.02 19.96
CA ASP A 61 -3.74 1.80 20.61
C ASP A 61 -2.21 1.72 20.61
N LEU A 62 -1.60 1.43 19.45
CA LEU A 62 -0.13 1.37 19.38
C LEU A 62 0.44 2.53 18.56
N ALA A 63 1.58 2.29 17.91
CA ALA A 63 2.30 3.34 17.20
C ALA A 63 2.99 2.78 15.96
N ILE A 64 4.02 3.48 15.49
CA ILE A 64 4.76 3.05 14.32
C ILE A 64 5.19 1.58 14.40
N ILE A 65 4.61 0.76 13.53
CA ILE A 65 4.97 -0.66 13.54
C ILE A 65 5.47 -1.13 12.18
N ALA A 66 4.97 -0.53 11.11
CA ALA A 66 5.27 -1.02 9.78
C ALA A 66 5.61 0.11 8.81
N THR A 67 6.86 0.16 8.42
CA THR A 67 7.34 1.07 7.41
C THR A 67 8.25 0.29 6.47
N ASN A 68 7.63 -0.56 5.65
CA ASN A 68 8.35 -1.55 4.87
C ASN A 68 7.86 -1.60 3.43
N ASN A 69 8.76 -1.75 2.50
CA ASN A 69 8.38 -1.81 1.10
C ASN A 69 8.81 -3.15 0.52
N MET A 70 8.64 -3.32 -0.78
CA MET A 70 8.97 -4.59 -1.42
C MET A 70 9.69 -4.35 -2.75
N THR A 71 10.72 -5.14 -2.99
CA THR A 71 11.44 -5.11 -4.25
C THR A 71 11.32 -6.46 -4.94
N LEU A 72 10.40 -6.53 -5.88
CA LEU A 72 10.04 -7.77 -6.56
C LEU A 72 10.25 -7.57 -8.04
N LYS A 73 10.94 -8.48 -8.69
CA LYS A 73 11.24 -8.28 -10.09
C LYS A 73 11.16 -9.60 -10.82
N LYS A 74 10.89 -9.52 -12.09
CA LYS A 74 10.65 -10.69 -12.89
C LYS A 74 11.48 -10.61 -14.15
N SER A 75 11.65 -11.75 -14.74
CA SER A 75 12.60 -11.96 -15.80
C SER A 75 12.36 -13.35 -16.35
N PHE A 76 12.75 -13.59 -17.59
CA PHE A 76 12.50 -14.89 -18.20
C PHE A 76 13.50 -15.91 -17.67
N SER A 77 14.17 -15.53 -16.59
CA SER A 77 14.90 -16.43 -15.72
C SER A 77 13.90 -17.31 -14.96
N THR A 78 14.28 -17.84 -13.81
CA THR A 78 13.41 -18.77 -13.12
C THR A 78 12.70 -18.13 -11.94
N LEU A 79 11.50 -18.65 -11.67
CA LEU A 79 10.71 -18.25 -10.52
C LEU A 79 11.42 -18.64 -9.24
N SER A 80 12.51 -19.40 -9.40
CA SER A 80 13.36 -19.80 -8.29
C SER A 80 13.85 -18.59 -7.52
N ALA A 81 13.97 -17.47 -8.20
CA ALA A 81 14.40 -16.25 -7.55
C ALA A 81 13.21 -15.33 -7.35
N LEU A 82 12.34 -15.29 -8.36
CA LEU A 82 11.17 -14.41 -8.34
C LEU A 82 10.28 -14.71 -7.14
N THR A 83 9.89 -15.98 -6.97
CA THR A 83 8.98 -16.34 -5.89
C THR A 83 9.69 -16.35 -4.54
N THR A 84 10.99 -16.64 -4.55
CA THR A 84 11.78 -16.66 -3.33
C THR A 84 11.82 -15.28 -2.69
N THR A 85 12.18 -14.28 -3.48
CA THR A 85 12.23 -12.92 -2.94
C THR A 85 10.81 -12.44 -2.68
N LEU A 86 9.90 -12.84 -3.57
CA LEU A 86 8.49 -12.50 -3.44
C LEU A 86 7.92 -12.96 -2.12
N SER A 87 8.24 -14.18 -1.72
CA SER A 87 7.64 -14.78 -0.54
C SER A 87 8.04 -14.01 0.73
N GLU A 88 9.34 -13.76 0.87
CA GLU A 88 9.86 -13.01 2.00
C GLU A 88 9.13 -11.67 2.13
N GLN A 89 8.89 -11.04 0.98
CA GLN A 89 8.27 -9.72 0.97
C GLN A 89 6.77 -9.82 0.74
N LEU A 90 6.25 -11.04 0.70
CA LEU A 90 4.84 -11.23 0.40
C LEU A 90 4.03 -11.18 1.68
N LYS A 91 4.70 -10.95 2.80
CA LYS A 91 4.00 -10.49 3.99
C LYS A 91 3.43 -9.09 3.69
N ILE A 92 4.13 -8.39 2.81
CA ILE A 92 3.68 -7.10 2.31
C ILE A 92 2.64 -7.31 1.21
N GLU A 93 1.93 -8.44 1.30
CA GLU A 93 0.78 -8.75 0.45
C GLU A 93 -0.37 -7.76 0.69
N GLY A 94 -0.15 -6.81 1.58
CA GLY A 94 -1.18 -5.82 1.89
C GLY A 94 -1.97 -6.23 3.11
N VAL A 95 -1.24 -6.64 4.13
CA VAL A 95 -1.81 -7.03 5.40
C VAL A 95 -2.21 -5.82 6.25
N LEU A 96 -3.30 -5.22 5.84
CA LEU A 96 -3.83 -4.02 6.47
C LEU A 96 -4.56 -4.40 7.76
N GLY A 97 -5.67 -5.14 7.63
CA GLY A 97 -6.22 -5.82 8.79
C GLY A 97 -5.39 -7.04 9.22
N ILE A 98 -4.07 -6.93 8.99
CA ILE A 98 -3.04 -7.98 9.21
C ILE A 98 -3.28 -8.99 10.36
N SER A 99 -2.74 -10.20 10.16
CA SER A 99 -2.97 -11.33 11.06
C SER A 99 -1.83 -11.50 12.04
N GLN A 100 -1.84 -12.63 12.73
CA GLN A 100 -0.76 -13.01 13.62
C GLN A 100 0.29 -13.78 12.82
N ASP A 101 -0.16 -14.43 11.77
CA ASP A 101 0.74 -15.18 10.90
C ASP A 101 1.05 -14.38 9.66
N THR A 102 0.16 -14.45 8.68
CA THR A 102 0.39 -13.90 7.36
C THR A 102 1.82 -14.16 6.89
N TYR A 103 2.12 -15.44 6.76
CA TYR A 103 3.36 -15.91 6.19
C TYR A 103 3.03 -16.86 5.04
N ILE A 104 4.03 -17.55 4.53
CA ILE A 104 3.85 -18.37 3.34
C ILE A 104 2.76 -19.43 3.52
N GLN A 105 2.24 -19.95 2.39
CA GLN A 105 1.07 -20.84 2.37
C GLN A 105 -0.21 -20.03 2.53
N ASN A 106 -0.27 -19.21 3.57
CA ASN A 106 -1.37 -18.27 3.72
C ASN A 106 -1.08 -17.03 2.90
N ILE A 107 0.19 -16.90 2.56
CA ILE A 107 0.69 -15.83 1.71
C ILE A 107 1.01 -16.34 0.33
N LEU A 108 1.49 -17.58 0.27
CA LEU A 108 1.86 -18.15 -0.99
C LEU A 108 0.61 -18.58 -1.75
N SER A 109 -0.54 -18.22 -1.19
CA SER A 109 -1.82 -18.54 -1.76
C SER A 109 -1.96 -18.07 -3.22
N HIS A 110 -1.47 -16.87 -3.55
CA HIS A 110 -1.53 -16.44 -4.95
C HIS A 110 -0.48 -17.19 -5.76
N ALA A 111 0.65 -17.46 -5.15
CA ALA A 111 1.75 -18.14 -5.83
C ALA A 111 1.35 -19.53 -6.32
N PHE A 112 0.49 -20.20 -5.55
CA PHE A 112 0.00 -21.52 -5.95
C PHE A 112 -1.35 -21.42 -6.65
N CYS A 113 -2.05 -20.31 -6.42
CA CYS A 113 -3.37 -20.12 -6.97
C CYS A 113 -3.54 -18.68 -7.44
N ASP A 114 -3.49 -18.50 -8.75
CA ASP A 114 -3.54 -17.18 -9.38
C ASP A 114 -2.34 -16.33 -8.97
N LEU A 115 -1.19 -16.71 -9.51
CA LEU A 115 0.07 -16.02 -9.26
C LEU A 115 0.22 -14.92 -10.31
N GLU A 116 0.57 -13.69 -9.88
CA GLU A 116 0.43 -12.47 -10.69
C GLU A 116 1.11 -12.56 -12.09
N THR A 117 1.96 -13.57 -12.27
CA THR A 117 2.43 -14.00 -13.60
C THR A 117 2.85 -12.87 -14.54
N GLN A 118 3.74 -12.00 -14.07
CA GLN A 118 4.31 -10.97 -14.93
C GLN A 118 3.22 -10.07 -15.52
N LYS A 119 2.33 -9.60 -14.66
CA LYS A 119 1.30 -8.64 -15.02
C LYS A 119 0.18 -9.26 -15.86
N ASP A 120 -0.33 -10.40 -15.41
CA ASP A 120 -1.54 -10.98 -15.99
C ASP A 120 -2.77 -10.31 -15.37
N LYS A 121 -3.71 -9.89 -16.23
CA LYS A 121 -4.90 -9.08 -15.86
C LYS A 121 -4.66 -7.61 -16.18
N PRO A 122 -5.70 -6.94 -16.70
CA PRO A 122 -5.61 -5.54 -17.13
C PRO A 122 -5.56 -4.55 -15.97
N TRP A 123 -4.61 -4.76 -15.06
CA TRP A 123 -4.37 -3.82 -14.00
C TRP A 123 -3.53 -2.66 -14.54
N PHE A 124 -4.22 -1.54 -14.77
CA PHE A 124 -3.74 -0.46 -15.63
C PHE A 124 -2.44 0.16 -15.14
N HIS A 125 -1.63 0.59 -16.12
CA HIS A 125 -0.36 1.25 -15.86
C HIS A 125 0.03 2.17 -17.00
N ILE A 126 -0.05 3.48 -16.79
CA ILE A 126 0.26 4.40 -17.88
C ILE A 126 1.17 5.56 -17.44
N ASN A 127 2.42 5.32 -17.07
CA ASN A 127 3.42 6.38 -17.16
C ASN A 127 4.48 5.99 -18.16
N ALA A 128 4.90 6.89 -19.00
CA ALA A 128 6.12 6.71 -19.79
C ALA A 128 7.36 7.23 -19.08
N GLN A 129 8.50 7.00 -19.71
CA GLN A 129 9.76 7.73 -19.42
C GLN A 129 10.54 7.86 -20.71
N PRO A 130 11.24 8.98 -20.91
CA PRO A 130 12.12 9.15 -22.06
C PRO A 130 13.36 8.26 -21.94
N ASP A 131 13.25 7.04 -22.45
CA ASP A 131 14.31 6.06 -22.34
C ASP A 131 14.36 5.18 -23.56
N ALA A 132 13.30 4.41 -23.78
CA ALA A 132 13.24 3.47 -24.89
C ALA A 132 14.31 2.42 -24.70
N GLY A 133 14.34 1.87 -23.50
CA GLY A 133 15.24 0.78 -23.19
C GLY A 133 15.33 0.54 -21.70
N HIS A 134 15.20 1.61 -20.94
CA HIS A 134 15.15 1.53 -19.50
C HIS A 134 13.97 2.34 -18.99
N SER A 135 12.76 1.90 -19.30
CA SER A 135 11.58 2.66 -18.96
C SER A 135 10.63 1.86 -18.09
N VAL A 136 9.53 2.48 -17.73
CA VAL A 136 8.51 1.91 -16.85
C VAL A 136 7.15 2.54 -17.19
N THR A 137 6.19 1.77 -17.63
CA THR A 137 4.82 2.27 -17.70
C THR A 137 4.02 1.67 -16.56
N SER A 138 3.92 2.41 -15.47
CA SER A 138 3.28 1.90 -14.29
C SER A 138 2.18 2.83 -13.85
N TYR A 139 1.13 2.28 -13.30
CA TYR A 139 0.16 3.06 -12.56
C TYR A 139 0.05 2.45 -11.19
N SER A 140 -0.07 3.24 -10.15
CA SER A 140 -0.20 2.66 -8.83
C SER A 140 -1.65 2.65 -8.38
N TYR A 141 -2.18 1.47 -8.16
CA TYR A 141 -3.38 1.30 -7.37
C TYR A 141 -3.00 1.26 -5.89
N SER A 142 -3.95 0.99 -5.02
CA SER A 142 -3.70 0.96 -3.58
C SER A 142 -3.44 2.36 -3.01
N LEU A 143 -4.07 2.60 -1.90
CA LEU A 143 -4.21 3.90 -1.30
C LEU A 143 -4.14 3.73 0.19
N PHE A 144 -4.51 4.73 0.95
CA PHE A 144 -4.25 4.71 2.37
C PHE A 144 -5.59 4.56 3.05
N ILE A 145 -5.61 3.87 4.19
CA ILE A 145 -6.87 3.45 4.82
C ILE A 145 -6.68 3.25 6.33
N VAL A 146 -7.77 2.98 7.01
CA VAL A 146 -7.74 2.56 8.41
C VAL A 146 -8.54 1.27 8.55
N SER A 147 -8.23 0.50 9.57
CA SER A 147 -8.85 -0.80 9.76
C SER A 147 -9.42 -0.90 11.17
N GLN A 148 -10.22 -1.95 11.40
CA GLN A 148 -11.00 -2.05 12.63
C GLN A 148 -10.75 -3.35 13.35
N GLY A 149 -10.52 -3.26 14.64
CA GLY A 149 -10.51 -4.43 15.48
C GLY A 149 -11.73 -4.44 16.37
N GLU A 150 -12.56 -5.45 16.23
CA GLU A 150 -13.83 -5.46 16.95
C GLU A 150 -13.66 -6.11 18.30
N GLU A 151 -12.73 -7.06 18.36
CA GLU A 151 -12.47 -7.83 19.57
C GLU A 151 -12.33 -6.92 20.78
N THR A 152 -11.39 -5.98 20.72
CA THR A 152 -11.15 -5.06 21.83
C THR A 152 -11.43 -3.62 21.44
N GLY A 153 -11.78 -3.39 20.18
CA GLY A 153 -11.91 -2.03 19.69
C GLY A 153 -10.58 -1.46 19.26
N ALA A 154 -9.89 -2.22 18.44
CA ALA A 154 -8.59 -1.81 17.92
C ALA A 154 -8.76 -1.19 16.53
N MET A 155 -7.66 -0.80 15.92
CA MET A 155 -7.72 -0.22 14.58
C MET A 155 -6.36 -0.30 13.90
N MET A 156 -6.22 0.38 12.78
CA MET A 156 -4.99 0.31 12.01
C MET A 156 -4.81 1.55 11.13
N ALA A 157 -3.79 2.34 11.44
CA ALA A 157 -3.50 3.53 10.66
C ALA A 157 -2.61 3.16 9.46
N ALA A 158 -3.24 2.94 8.32
CA ALA A 158 -2.56 2.36 7.17
C ALA A 158 -2.41 3.36 6.03
N GLY A 159 -1.31 3.22 5.28
CA GLY A 159 -1.14 4.03 4.09
C GLY A 159 -0.28 3.37 3.03
N PRO A 160 -0.73 2.24 2.47
CA PRO A 160 0.04 1.48 1.48
C PRO A 160 -0.28 1.82 0.02
N LEU A 161 0.68 1.62 -0.87
CA LEU A 161 0.40 1.78 -2.29
C LEU A 161 1.20 0.76 -3.08
N ILE A 162 0.56 0.16 -4.09
CA ILE A 162 1.20 -0.90 -4.87
C ILE A 162 1.36 -0.47 -6.32
N ILE A 163 2.55 -0.70 -6.87
CA ILE A 163 2.93 -0.16 -8.16
C ILE A 163 3.16 -1.29 -9.16
N THR A 164 2.48 -1.21 -10.30
CA THR A 164 2.54 -2.27 -11.29
C THR A 164 3.45 -1.84 -12.44
N VAL A 165 4.66 -2.37 -12.44
CA VAL A 165 5.70 -1.93 -13.34
C VAL A 165 5.70 -2.75 -14.62
N THR A 166 5.26 -2.09 -15.66
CA THR A 166 5.22 -2.67 -16.99
C THR A 166 5.85 -1.69 -17.98
N PRO A 167 7.11 -1.89 -18.33
CA PRO A 167 7.92 -0.83 -18.93
C PRO A 167 7.64 -0.45 -20.38
N ASN A 168 8.37 0.58 -20.79
CA ASN A 168 8.30 1.16 -22.13
C ASN A 168 9.63 0.94 -22.88
N THR A 169 10.51 0.13 -22.29
CA THR A 169 11.78 -0.20 -22.95
C THR A 169 11.54 -0.67 -24.39
N ALA A 170 12.49 -0.38 -25.26
CA ALA A 170 12.24 -0.16 -26.67
C ALA A 170 11.71 -1.34 -27.50
N ILE A 171 12.10 -2.56 -27.22
CA ILE A 171 11.83 -3.60 -28.20
C ILE A 171 11.03 -4.74 -27.60
N SER A 172 10.32 -5.43 -28.47
CA SER A 172 9.73 -6.71 -28.15
C SER A 172 9.63 -7.50 -29.44
N ASP A 173 10.78 -7.61 -30.10
CA ASP A 173 10.86 -8.13 -31.47
C ASP A 173 11.96 -9.19 -31.58
N ILE A 174 12.74 -9.13 -32.66
CA ILE A 174 13.71 -10.18 -32.98
C ILE A 174 14.82 -10.27 -31.93
N PHE A 175 15.08 -9.17 -31.25
CA PHE A 175 15.85 -9.22 -30.01
C PHE A 175 15.29 -8.18 -29.08
N ASN A 176 15.29 -8.47 -27.79
CA ASN A 176 14.73 -7.54 -26.84
C ASN A 176 15.78 -6.62 -26.23
N THR A 177 15.40 -5.36 -26.05
CA THR A 177 16.05 -4.48 -25.07
C THR A 177 15.76 -4.98 -23.65
N LYS A 178 14.78 -5.89 -23.61
CA LYS A 178 14.16 -6.52 -22.44
C LYS A 178 13.05 -5.64 -21.88
N ASP A 179 12.08 -5.38 -22.74
CA ASP A 179 10.84 -4.75 -22.35
C ASP A 179 9.86 -5.83 -21.89
N TRP A 180 10.26 -7.06 -22.15
CA TRP A 180 9.49 -8.24 -21.79
C TRP A 180 9.98 -8.79 -20.44
N ARG A 181 10.72 -7.99 -19.70
CA ARG A 181 11.00 -8.34 -18.31
C ARG A 181 10.12 -7.47 -17.43
N LEU A 182 9.57 -8.06 -16.38
CA LEU A 182 8.62 -7.35 -15.55
C LEU A 182 9.20 -7.11 -14.18
N THR A 183 8.56 -6.25 -13.40
CA THR A 183 9.06 -5.87 -12.08
C THR A 183 7.92 -5.24 -11.26
N LEU A 184 7.85 -5.55 -9.97
CA LEU A 184 6.82 -4.97 -9.11
C LEU A 184 7.42 -4.50 -7.77
N GLN A 185 7.22 -3.23 -7.46
CA GLN A 185 7.66 -2.68 -6.17
C GLN A 185 6.64 -1.70 -5.67
N LYS A 186 6.73 -1.34 -4.40
CA LYS A 186 5.75 -0.43 -3.80
C LYS A 186 5.99 -0.18 -2.32
N GLU A 187 5.21 0.72 -1.74
CA GLU A 187 5.45 1.20 -0.39
C GLU A 187 4.26 0.93 0.54
N GLU A 188 4.38 -0.11 1.35
CA GLU A 188 3.42 -0.36 2.41
C GLU A 188 3.90 0.28 3.72
N ILE A 189 3.32 1.41 4.04
CA ILE A 189 3.58 2.05 5.32
C ILE A 189 2.30 2.03 6.14
N THR A 190 2.35 1.34 7.26
CA THR A 190 1.17 1.13 8.07
C THR A 190 1.52 1.17 9.54
N ILE A 191 0.92 2.08 10.27
CA ILE A 191 1.17 2.16 11.67
C ILE A 191 0.21 1.28 12.43
N GLY A 192 0.79 0.26 13.03
CA GLY A 192 0.04 -0.73 13.72
C GLY A 192 -0.44 -0.23 15.05
N VAL A 193 -1.73 -0.37 15.29
CA VAL A 193 -2.34 0.18 16.49
C VAL A 193 -3.48 -0.74 16.93
N LYS A 194 -3.10 -1.91 17.43
CA LYS A 194 -4.08 -2.99 17.57
C LYS A 194 -3.51 -4.24 18.24
N GLY A 195 -4.31 -5.31 18.20
CA GLY A 195 -3.89 -6.58 18.74
C GLY A 195 -4.12 -7.69 17.75
N PHE A 196 -3.58 -7.49 16.53
CA PHE A 196 -3.68 -8.42 15.41
C PHE A 196 -3.78 -9.90 15.82
N GLN A 197 -4.80 -10.58 15.30
CA GLN A 197 -4.94 -12.02 15.48
C GLN A 197 -5.03 -12.72 14.12
N VAL A 198 -5.85 -12.14 13.25
CA VAL A 198 -6.10 -12.65 11.90
C VAL A 198 -6.27 -11.43 11.01
N VAL A 199 -6.10 -11.57 9.69
CA VAL A 199 -6.38 -10.45 8.80
C VAL A 199 -7.89 -10.23 8.79
N THR A 200 -8.33 -9.43 9.76
CA THR A 200 -9.71 -9.40 10.20
C THR A 200 -9.83 -8.26 11.23
N PRO A 201 -11.01 -8.03 11.87
CA PRO A 201 -11.12 -7.16 13.04
C PRO A 201 -10.10 -7.47 14.16
N LEU A 202 -8.94 -6.88 13.99
CA LEU A 202 -7.74 -7.03 14.82
C LEU A 202 -7.83 -6.45 16.24
N GLY A 203 -8.85 -6.79 17.01
CA GLY A 203 -8.89 -6.34 18.38
C GLY A 203 -8.11 -7.26 19.30
N MET A 1 -10.58 14.70 10.60
CA MET A 1 -11.42 13.69 9.90
C MET A 1 -12.12 14.34 8.71
N SER A 2 -11.54 14.20 7.52
CA SER A 2 -12.13 14.76 6.33
C SER A 2 -12.19 16.28 6.44
N ILE A 3 -13.02 16.90 5.63
CA ILE A 3 -13.15 18.33 5.63
C ILE A 3 -14.06 18.77 6.78
N GLU A 4 -15.34 18.97 6.46
CA GLU A 4 -16.39 19.24 7.44
C GLU A 4 -15.99 20.32 8.44
N ILE A 5 -16.27 21.55 8.10
CA ILE A 5 -15.79 22.68 8.89
C ILE A 5 -16.95 23.54 9.35
N TYR A 6 -16.67 24.82 9.51
CA TYR A 6 -17.66 25.77 9.97
C TYR A 6 -17.56 27.10 9.20
N PRO A 7 -16.37 27.77 9.17
CA PRO A 7 -16.19 29.08 8.48
C PRO A 7 -16.34 29.01 6.96
N ASP A 8 -17.53 28.63 6.52
CA ASP A 8 -17.88 28.61 5.10
C ASP A 8 -19.33 28.18 4.99
N ASP A 9 -19.54 26.93 5.34
CA ASP A 9 -20.87 26.33 5.38
C ASP A 9 -20.81 24.96 6.04
N GLY A 10 -19.61 24.42 6.10
CA GLY A 10 -19.40 23.09 6.64
C GLY A 10 -18.40 22.33 5.80
N ASN A 11 -17.72 23.07 4.93
CA ASN A 11 -16.77 22.49 3.98
C ASN A 11 -15.93 23.60 3.38
N THR A 12 -14.61 23.49 3.49
CA THR A 12 -13.71 24.53 2.98
C THR A 12 -12.23 24.12 3.10
N LEU A 13 -11.98 22.88 3.50
CA LEU A 13 -10.63 22.40 3.71
C LEU A 13 -9.77 22.53 2.45
N PRO A 14 -8.62 23.20 2.55
CA PRO A 14 -7.63 23.20 1.47
C PRO A 14 -6.99 21.82 1.34
N TYR A 15 -7.30 20.96 2.30
CA TYR A 15 -6.83 19.59 2.29
C TYR A 15 -7.66 18.78 1.33
N GLN A 16 -8.95 19.09 1.25
CA GLN A 16 -9.86 18.38 0.38
C GLN A 16 -9.81 16.91 0.70
N VAL A 17 -10.08 16.56 1.96
CA VAL A 17 -9.98 15.19 2.38
C VAL A 17 -11.33 14.70 2.86
N PHE A 18 -11.57 13.44 2.62
CA PHE A 18 -12.86 12.80 2.84
C PHE A 18 -12.77 11.45 2.16
N LEU A 19 -12.28 11.49 0.93
CA LEU A 19 -12.01 10.29 0.15
C LEU A 19 -10.74 10.44 -0.68
N ASN A 20 -9.64 10.84 -0.04
CA ASN A 20 -8.42 11.09 -0.80
C ASN A 20 -7.59 9.83 -0.87
N LEU A 21 -7.96 8.87 -0.02
CA LEU A 21 -7.27 7.59 0.03
C LEU A 21 -8.27 6.47 0.35
N GLU A 22 -7.96 5.27 -0.12
CA GLU A 22 -8.84 4.11 0.06
C GLU A 22 -9.07 3.77 1.52
N ASN A 23 -10.28 3.68 1.94
CA ASN A 23 -10.55 3.11 3.25
C ASN A 23 -11.51 1.95 3.19
N GLU A 24 -11.42 1.06 4.18
CA GLU A 24 -12.39 0.01 4.31
C GLU A 24 -13.04 0.02 5.69
N HIS A 25 -12.65 0.97 6.54
CA HIS A 25 -13.12 0.96 7.93
C HIS A 25 -13.26 2.37 8.55
N TYR A 26 -13.47 3.36 7.73
CA TYR A 26 -13.57 4.78 8.14
C TYR A 26 -14.68 5.03 9.15
N TYR A 27 -15.58 4.05 9.32
CA TYR A 27 -16.77 4.19 10.16
C TYR A 27 -16.45 4.87 11.48
N ALA A 28 -15.40 4.39 12.13
CA ALA A 28 -14.96 4.98 13.38
C ALA A 28 -13.45 4.98 13.48
N GLN A 29 -12.81 4.26 12.56
CA GLN A 29 -11.38 4.02 12.62
C GLN A 29 -10.59 5.25 12.22
N ALA A 30 -11.05 5.94 11.19
CA ALA A 30 -10.38 7.13 10.73
C ALA A 30 -10.68 8.29 11.66
N ILE A 31 -11.53 8.03 12.65
CA ILE A 31 -11.93 9.04 13.61
C ILE A 31 -11.00 9.04 14.83
N GLN A 32 -10.64 7.84 15.28
CA GLN A 32 -9.78 7.67 16.44
C GLN A 32 -8.48 8.45 16.27
N LEU A 33 -7.89 8.29 15.10
CA LEU A 33 -6.65 8.96 14.77
C LEU A 33 -6.88 10.25 14.00
N ALA A 34 -8.15 10.57 13.72
CA ALA A 34 -8.52 11.71 12.87
C ALA A 34 -7.81 12.99 13.25
N GLN A 35 -7.98 13.42 14.50
CA GLN A 35 -7.40 14.68 14.95
C GLN A 35 -5.88 14.60 15.00
N LEU A 36 -5.35 13.40 14.85
CA LEU A 36 -3.91 13.20 14.74
C LEU A 36 -3.55 13.31 13.26
N PHE A 37 -4.34 12.62 12.46
CA PHE A 37 -4.14 12.52 11.03
C PHE A 37 -4.42 13.86 10.37
N ALA A 38 -5.26 14.65 10.99
CA ALA A 38 -5.59 15.97 10.46
C ALA A 38 -4.48 16.98 10.73
N HIS A 39 -3.41 16.54 11.39
CA HIS A 39 -2.36 17.46 11.81
C HIS A 39 -1.03 17.20 11.10
N GLU A 40 -0.50 15.98 11.18
CA GLU A 40 0.85 15.71 10.69
C GLU A 40 0.88 15.21 9.25
N VAL A 41 -0.21 15.31 8.52
CA VAL A 41 -0.21 14.82 7.16
C VAL A 41 0.20 15.91 6.19
N ASP A 42 0.13 15.60 4.90
CA ASP A 42 0.46 16.58 3.88
C ASP A 42 -0.83 17.27 3.43
N ASP A 43 -0.72 18.31 2.61
CA ASP A 43 -1.88 19.05 2.12
C ASP A 43 -2.97 18.11 1.60
N ASN A 44 -2.55 16.97 1.05
CA ASN A 44 -3.49 15.98 0.54
C ASN A 44 -4.26 15.31 1.69
N GLY A 45 -3.53 14.97 2.75
CA GLY A 45 -4.16 14.32 3.89
C GLY A 45 -3.67 12.90 4.13
N GLN A 46 -2.46 12.56 3.66
CA GLN A 46 -1.87 11.25 3.92
C GLN A 46 -0.73 11.32 4.93
N LEU A 47 -0.48 10.20 5.60
CA LEU A 47 0.60 10.06 6.60
C LEU A 47 1.93 10.64 6.09
N ASP A 48 2.49 11.61 6.81
CA ASP A 48 3.79 12.16 6.47
C ASP A 48 4.83 11.61 7.42
N LEU A 49 5.73 10.78 6.95
CA LEU A 49 6.65 10.09 7.86
C LEU A 49 7.54 11.06 8.62
N ALA A 50 7.64 12.29 8.14
CA ALA A 50 8.44 13.29 8.82
C ALA A 50 7.77 13.74 10.10
N LYS A 51 6.49 14.08 10.00
CA LYS A 51 5.75 14.60 11.13
C LYS A 51 4.80 13.55 11.68
N ALA A 52 4.13 12.85 10.78
CA ALA A 52 3.12 11.89 11.17
C ALA A 52 3.71 10.64 11.80
N LEU A 53 5.02 10.51 11.77
CA LEU A 53 5.69 9.46 12.52
C LEU A 53 5.62 9.83 14.00
N LYS A 54 5.44 11.12 14.23
CA LYS A 54 5.19 11.67 15.56
C LYS A 54 3.71 11.53 15.86
N LYS A 55 2.92 11.76 14.83
CA LYS A 55 1.47 11.60 14.91
C LYS A 55 1.12 10.16 15.28
N ALA A 56 1.91 9.24 14.76
CA ALA A 56 1.72 7.82 15.01
C ALA A 56 1.92 7.50 16.49
N GLN A 57 2.74 8.31 17.13
CA GLN A 57 3.08 8.13 18.52
C GLN A 57 1.89 8.52 19.41
N ALA A 58 0.87 9.11 18.80
CA ALA A 58 -0.32 9.54 19.53
C ALA A 58 -1.54 8.68 19.15
N GLN A 59 -1.31 7.58 18.43
CA GLN A 59 -2.41 6.74 17.94
C GLN A 59 -3.18 6.12 19.10
N PRO A 60 -4.47 5.84 18.86
CA PRO A 60 -5.36 5.18 19.82
C PRO A 60 -4.69 4.07 20.63
N ASP A 61 -4.15 3.05 19.96
CA ASP A 61 -3.58 1.91 20.68
C ASP A 61 -2.05 1.87 20.61
N LEU A 62 -1.49 1.50 19.46
CA LEU A 62 -0.03 1.45 19.31
C LEU A 62 0.51 2.60 18.46
N ALA A 63 1.59 2.34 17.73
CA ALA A 63 2.28 3.37 16.96
C ALA A 63 2.85 2.77 15.68
N ILE A 64 3.82 3.44 15.09
CA ILE A 64 4.51 2.91 13.92
C ILE A 64 4.98 1.48 14.14
N ILE A 65 4.49 0.56 13.32
CA ILE A 65 4.94 -0.82 13.42
C ILE A 65 5.51 -1.28 12.08
N ALA A 66 4.94 -0.78 11.00
CA ALA A 66 5.32 -1.22 9.68
C ALA A 66 5.66 -0.04 8.78
N THR A 67 6.88 -0.03 8.27
CA THR A 67 7.32 0.92 7.27
C THR A 67 8.15 0.15 6.26
N ASN A 68 7.48 -0.65 5.46
CA ASN A 68 8.17 -1.61 4.60
C ASN A 68 7.79 -1.44 3.13
N ASN A 69 8.77 -1.64 2.28
CA ASN A 69 8.53 -1.60 0.85
C ASN A 69 8.87 -2.97 0.29
N MET A 70 8.69 -3.15 -1.01
CA MET A 70 8.97 -4.44 -1.61
C MET A 70 9.70 -4.27 -2.92
N THR A 71 10.67 -5.13 -3.16
CA THR A 71 11.41 -5.14 -4.40
C THR A 71 11.21 -6.48 -5.09
N LEU A 72 10.27 -6.50 -6.01
CA LEU A 72 9.86 -7.73 -6.66
C LEU A 72 10.10 -7.57 -8.12
N LYS A 73 10.76 -8.53 -8.72
CA LYS A 73 11.02 -8.44 -10.12
C LYS A 73 10.92 -9.82 -10.72
N LYS A 74 10.63 -9.83 -11.98
CA LYS A 74 10.42 -11.06 -12.70
C LYS A 74 11.27 -11.01 -13.95
N SER A 75 11.46 -12.16 -14.51
CA SER A 75 12.54 -12.37 -15.44
C SER A 75 12.45 -13.78 -15.99
N PHE A 76 13.03 -13.97 -17.17
CA PHE A 76 13.09 -15.29 -17.78
C PHE A 76 14.17 -16.11 -17.07
N SER A 77 14.64 -15.55 -15.96
CA SER A 77 15.42 -16.27 -14.97
C SER A 77 14.52 -17.27 -14.26
N THR A 78 14.88 -17.69 -13.06
CA THR A 78 14.12 -18.70 -12.37
C THR A 78 13.27 -18.11 -11.26
N LEU A 79 12.11 -18.73 -11.04
CA LEU A 79 11.21 -18.35 -9.96
C LEU A 79 11.87 -18.62 -8.62
N SER A 80 12.97 -19.36 -8.68
CA SER A 80 13.82 -19.62 -7.53
C SER A 80 14.15 -18.31 -6.81
N ALA A 81 14.31 -17.24 -7.58
CA ALA A 81 14.65 -15.96 -7.01
C ALA A 81 13.42 -15.07 -6.89
N LEU A 82 12.56 -15.16 -7.90
CA LEU A 82 11.36 -14.33 -7.96
C LEU A 82 10.46 -14.60 -6.75
N THR A 83 10.28 -15.88 -6.41
CA THR A 83 9.46 -16.24 -5.25
C THR A 83 10.18 -15.94 -3.95
N THR A 84 11.51 -16.13 -3.95
CA THR A 84 12.31 -15.86 -2.76
C THR A 84 12.17 -14.42 -2.31
N THR A 85 12.30 -13.49 -3.24
CA THR A 85 12.17 -12.09 -2.90
C THR A 85 10.70 -11.81 -2.54
N LEU A 86 9.79 -12.40 -3.32
CA LEU A 86 8.36 -12.22 -3.12
C LEU A 86 7.91 -12.69 -1.74
N SER A 87 8.59 -13.70 -1.20
CA SER A 87 8.21 -14.25 0.10
C SER A 87 8.52 -13.26 1.22
N GLU A 88 9.74 -12.73 1.22
CA GLU A 88 10.15 -11.74 2.21
C GLU A 88 9.17 -10.57 2.21
N GLN A 89 8.76 -10.18 1.03
CA GLN A 89 7.82 -9.07 0.87
C GLN A 89 6.40 -9.58 0.72
N LEU A 90 6.19 -10.86 1.04
CA LEU A 90 4.89 -11.49 0.93
C LEU A 90 4.00 -10.97 2.03
N LYS A 91 4.59 -10.48 3.11
CA LYS A 91 3.78 -9.81 4.14
C LYS A 91 3.02 -8.64 3.50
N ILE A 92 3.57 -8.11 2.40
CA ILE A 92 2.96 -7.03 1.65
C ILE A 92 1.87 -7.58 0.70
N GLU A 93 1.33 -8.73 1.08
CA GLU A 93 0.17 -9.31 0.40
C GLU A 93 -1.06 -8.38 0.52
N GLY A 94 -0.90 -7.28 1.25
CA GLY A 94 -1.98 -6.34 1.43
C GLY A 94 -2.75 -6.62 2.70
N VAL A 95 -2.01 -6.92 3.75
CA VAL A 95 -2.59 -7.29 5.01
C VAL A 95 -2.82 -6.07 5.91
N LEU A 96 -3.81 -5.29 5.52
CA LEU A 96 -4.23 -4.13 6.26
C LEU A 96 -4.99 -4.52 7.52
N GLY A 97 -6.16 -5.16 7.37
CA GLY A 97 -6.80 -5.81 8.51
C GLY A 97 -6.09 -7.11 8.89
N ILE A 98 -4.79 -7.15 8.64
CA ILE A 98 -3.86 -8.29 8.83
C ILE A 98 -4.15 -9.25 10.02
N SER A 99 -3.70 -10.51 9.87
CA SER A 99 -3.82 -11.54 10.89
C SER A 99 -2.60 -11.54 11.79
N GLN A 100 -2.45 -12.58 12.61
CA GLN A 100 -1.24 -12.74 13.39
C GLN A 100 -0.17 -13.45 12.56
N ASP A 101 -0.58 -14.34 11.67
CA ASP A 101 0.37 -15.06 10.84
C ASP A 101 0.47 -14.43 9.46
N THR A 102 -0.37 -14.87 8.52
CA THR A 102 -0.39 -14.36 7.15
C THR A 102 1.03 -14.16 6.60
N TYR A 103 1.88 -15.18 6.75
CA TYR A 103 3.22 -15.13 6.22
C TYR A 103 3.52 -16.30 5.33
N ILE A 104 4.79 -16.47 5.03
CA ILE A 104 5.26 -17.55 4.21
C ILE A 104 4.83 -18.90 4.78
N GLN A 105 4.82 -19.93 3.93
CA GLN A 105 4.43 -21.29 4.33
C GLN A 105 2.91 -21.40 4.45
N ASN A 106 2.28 -20.39 5.05
CA ASN A 106 0.81 -20.39 5.11
C ASN A 106 0.32 -19.98 3.76
N ILE A 107 1.10 -19.10 3.16
CA ILE A 107 0.81 -18.56 1.84
C ILE A 107 1.69 -19.21 0.78
N LEU A 108 2.94 -19.53 1.16
CA LEU A 108 3.88 -20.10 0.18
C LEU A 108 3.51 -21.52 -0.21
N SER A 109 2.43 -22.03 0.37
CA SER A 109 1.92 -23.34 0.00
C SER A 109 1.57 -23.35 -1.49
N HIS A 110 1.03 -22.23 -1.97
CA HIS A 110 0.71 -22.07 -3.39
C HIS A 110 1.96 -21.74 -4.19
N ALA A 111 2.91 -21.07 -3.56
CA ALA A 111 4.14 -20.68 -4.25
C ALA A 111 4.92 -21.90 -4.73
N PHE A 112 4.81 -23.00 -3.99
CA PHE A 112 5.50 -24.23 -4.34
C PHE A 112 4.60 -25.15 -5.18
N CYS A 113 3.31 -24.88 -5.18
CA CYS A 113 2.37 -25.67 -5.96
C CYS A 113 1.35 -24.74 -6.64
N ASP A 114 1.58 -24.49 -7.93
CA ASP A 114 0.73 -23.59 -8.73
C ASP A 114 0.54 -22.24 -8.03
N LEU A 115 1.52 -21.35 -8.19
CA LEU A 115 1.51 -20.07 -7.49
C LEU A 115 0.57 -19.08 -8.19
N GLU A 116 -0.68 -19.08 -7.76
CA GLU A 116 -1.68 -18.18 -8.32
C GLU A 116 -1.58 -16.81 -7.67
N THR A 117 -0.72 -16.71 -6.65
CA THR A 117 -0.61 -15.53 -5.80
C THR A 117 -1.99 -15.11 -5.28
N GLN A 118 -2.82 -16.13 -5.01
CA GLN A 118 -4.21 -15.96 -4.59
C GLN A 118 -5.02 -15.20 -5.64
N LYS A 119 -4.44 -15.09 -6.85
CA LYS A 119 -5.04 -14.35 -7.95
C LYS A 119 -5.44 -12.96 -7.48
N ASP A 120 -4.57 -12.38 -6.65
CA ASP A 120 -4.91 -11.16 -5.94
C ASP A 120 -4.77 -9.94 -6.84
N LYS A 121 -5.90 -9.50 -7.39
CA LYS A 121 -6.02 -8.24 -8.13
C LYS A 121 -5.11 -8.16 -9.35
N PRO A 122 -5.68 -8.14 -10.55
CA PRO A 122 -4.92 -7.93 -11.77
C PRO A 122 -4.71 -6.44 -12.05
N TRP A 123 -3.98 -5.78 -11.16
CA TRP A 123 -3.77 -4.33 -11.26
C TRP A 123 -2.79 -3.97 -12.38
N PHE A 124 -3.32 -3.61 -13.53
CA PHE A 124 -2.49 -3.11 -14.62
C PHE A 124 -2.30 -1.60 -14.50
N HIS A 125 -1.06 -1.17 -14.70
CA HIS A 125 -0.67 0.24 -14.60
C HIS A 125 0.44 0.52 -15.62
N ILE A 126 0.13 1.30 -16.65
CA ILE A 126 0.97 1.36 -17.86
C ILE A 126 1.22 2.79 -18.38
N ASN A 127 2.36 3.41 -18.09
CA ASN A 127 2.79 4.52 -18.92
C ASN A 127 4.07 4.15 -19.67
N ALA A 128 4.13 4.46 -20.95
CA ALA A 128 5.30 4.19 -21.78
C ALA A 128 6.38 5.27 -21.71
N GLN A 129 7.42 5.02 -22.49
CA GLN A 129 8.44 6.01 -22.84
C GLN A 129 8.80 5.77 -24.30
N PRO A 130 9.06 6.83 -25.07
CA PRO A 130 9.54 6.69 -26.46
C PRO A 130 10.91 6.03 -26.49
N ASP A 131 10.93 4.71 -26.54
CA ASP A 131 12.16 3.96 -26.37
C ASP A 131 12.23 2.74 -27.26
N ALA A 132 11.31 1.79 -27.05
CA ALA A 132 11.35 0.52 -27.76
C ALA A 132 12.62 -0.22 -27.42
N GLY A 133 12.91 -0.36 -26.13
CA GLY A 133 14.06 -1.11 -25.74
C GLY A 133 14.51 -0.82 -24.33
N HIS A 134 14.32 0.41 -23.92
CA HIS A 134 14.61 0.80 -22.56
C HIS A 134 13.39 1.48 -22.01
N SER A 135 12.26 0.81 -22.11
CA SER A 135 10.99 1.41 -21.81
C SER A 135 10.25 0.57 -20.79
N VAL A 136 9.63 1.28 -19.88
CA VAL A 136 8.98 0.75 -18.71
C VAL A 136 7.58 1.36 -18.62
N THR A 137 6.57 0.58 -18.26
CA THR A 137 5.24 1.16 -18.15
C THR A 137 4.68 0.91 -16.77
N SER A 138 4.31 1.98 -16.08
CA SER A 138 3.72 1.81 -14.78
C SER A 138 2.87 2.99 -14.38
N TYR A 139 1.83 2.68 -13.67
CA TYR A 139 1.06 3.66 -12.90
C TYR A 139 1.00 3.14 -11.47
N SER A 140 0.58 3.93 -10.51
CA SER A 140 0.50 3.40 -9.17
C SER A 140 -0.94 3.09 -8.73
N TYR A 141 -1.14 1.85 -8.32
CA TYR A 141 -2.33 1.43 -7.61
C TYR A 141 -2.18 1.76 -6.12
N SER A 142 -3.23 1.55 -5.33
CA SER A 142 -3.11 1.53 -3.88
C SER A 142 -2.87 2.91 -3.25
N LEU A 143 -3.59 3.11 -2.17
CA LEU A 143 -3.73 4.38 -1.48
C LEU A 143 -3.77 4.03 0.00
N PHE A 144 -4.16 4.94 0.87
CA PHE A 144 -3.91 4.75 2.28
C PHE A 144 -5.25 4.55 3.00
N ILE A 145 -5.21 3.76 4.07
CA ILE A 145 -6.39 3.07 4.57
C ILE A 145 -6.35 2.89 6.09
N VAL A 146 -7.49 2.54 6.68
CA VAL A 146 -7.57 2.27 8.11
C VAL A 146 -8.41 1.00 8.33
N SER A 147 -8.24 0.37 9.48
CA SER A 147 -8.92 -0.88 9.76
C SER A 147 -9.55 -0.85 11.14
N GLN A 148 -10.47 -1.79 11.40
CA GLN A 148 -11.29 -1.77 12.59
C GLN A 148 -11.16 -3.08 13.35
N GLY A 149 -10.95 -2.98 14.64
CA GLY A 149 -10.86 -4.15 15.47
C GLY A 149 -12.02 -4.27 16.39
N GLU A 150 -12.70 -5.40 16.37
CA GLU A 150 -13.84 -5.58 17.25
C GLU A 150 -13.43 -6.35 18.49
N GLU A 151 -12.44 -7.23 18.31
CA GLU A 151 -12.00 -8.11 19.37
C GLU A 151 -11.71 -7.32 20.65
N THR A 152 -10.75 -6.41 20.57
CA THR A 152 -10.41 -5.56 21.71
C THR A 152 -10.83 -4.10 21.46
N GLY A 153 -11.38 -3.85 20.28
CA GLY A 153 -11.71 -2.48 19.90
C GLY A 153 -10.50 -1.72 19.40
N ALA A 154 -9.78 -2.35 18.47
CA ALA A 154 -8.55 -1.78 17.94
C ALA A 154 -8.77 -1.16 16.56
N MET A 155 -7.68 -0.80 15.90
CA MET A 155 -7.72 -0.25 14.55
C MET A 155 -6.33 -0.30 13.94
N MET A 156 -6.14 0.35 12.82
CA MET A 156 -4.83 0.43 12.19
C MET A 156 -4.76 1.55 11.16
N ALA A 157 -3.78 2.42 11.33
CA ALA A 157 -3.55 3.51 10.40
C ALA A 157 -2.58 3.06 9.31
N ALA A 158 -3.11 2.70 8.16
CA ALA A 158 -2.32 2.07 7.11
C ALA A 158 -2.16 3.00 5.91
N GLY A 159 -1.07 2.83 5.18
CA GLY A 159 -0.83 3.68 4.03
C GLY A 159 0.03 3.03 2.96
N PRO A 160 -0.49 2.02 2.24
CA PRO A 160 0.24 1.39 1.15
C PRO A 160 0.01 2.02 -0.22
N LEU A 161 1.02 1.92 -1.09
CA LEU A 161 0.81 2.20 -2.50
C LEU A 161 1.50 1.13 -3.31
N ILE A 162 0.90 0.72 -4.42
CA ILE A 162 1.38 -0.42 -5.19
C ILE A 162 1.72 0.01 -6.60
N ILE A 163 2.91 -0.32 -7.06
CA ILE A 163 3.34 0.13 -8.37
C ILE A 163 3.55 -1.06 -9.30
N THR A 164 2.77 -1.10 -10.36
CA THR A 164 2.84 -2.15 -11.34
C THR A 164 3.71 -1.71 -12.50
N VAL A 165 4.79 -2.44 -12.72
CA VAL A 165 5.75 -2.09 -13.76
C VAL A 165 5.82 -3.17 -14.83
N THR A 166 5.24 -2.89 -15.98
CA THR A 166 5.23 -3.81 -17.10
C THR A 166 5.79 -3.11 -18.34
N PRO A 167 7.10 -3.23 -18.58
CA PRO A 167 7.80 -2.41 -19.56
C PRO A 167 7.32 -2.52 -21.01
N ASN A 168 7.75 -1.52 -21.79
CA ASN A 168 7.32 -1.33 -23.17
C ASN A 168 8.49 -1.54 -24.15
N THR A 169 9.64 -1.92 -23.59
CA THR A 169 10.81 -2.29 -24.39
C THR A 169 10.47 -3.25 -25.55
N ALA A 170 11.23 -3.14 -26.63
CA ALA A 170 10.79 -3.63 -27.94
C ALA A 170 10.76 -5.15 -28.11
N ILE A 171 11.85 -5.84 -27.74
CA ILE A 171 12.06 -7.22 -28.17
C ILE A 171 12.24 -8.14 -26.99
N SER A 172 11.88 -9.39 -27.14
CA SER A 172 12.04 -10.34 -26.08
C SER A 172 12.62 -11.64 -26.58
N ASP A 173 13.74 -11.52 -27.29
CA ASP A 173 14.49 -12.69 -27.77
C ASP A 173 15.99 -12.55 -27.47
N ILE A 174 16.83 -12.95 -28.42
CA ILE A 174 18.30 -12.89 -28.27
C ILE A 174 18.77 -11.47 -28.63
N PHE A 175 17.83 -10.58 -28.52
CA PHE A 175 17.93 -9.21 -29.00
C PHE A 175 17.71 -8.27 -27.84
N ASN A 176 17.17 -7.10 -28.17
CA ASN A 176 16.80 -6.05 -27.20
C ASN A 176 16.29 -6.60 -25.86
N THR A 177 16.33 -5.67 -24.88
CA THR A 177 16.36 -5.89 -23.42
C THR A 177 15.44 -6.98 -22.83
N LYS A 178 14.54 -7.51 -23.63
CA LYS A 178 13.58 -8.51 -23.21
C LYS A 178 12.35 -7.87 -22.61
N ASP A 179 11.47 -7.49 -23.52
CA ASP A 179 10.20 -6.89 -23.20
C ASP A 179 9.30 -7.79 -22.35
N TRP A 180 9.68 -9.06 -22.20
CA TRP A 180 8.80 -10.03 -21.55
C TRP A 180 9.11 -10.22 -20.07
N ARG A 181 10.13 -9.55 -19.57
CA ARG A 181 10.42 -9.59 -18.15
C ARG A 181 9.83 -8.36 -17.48
N LEU A 182 9.29 -8.55 -16.29
CA LEU A 182 8.57 -7.47 -15.62
C LEU A 182 9.11 -7.27 -14.22
N THR A 183 8.61 -6.27 -13.52
CA THR A 183 9.14 -5.89 -12.22
C THR A 183 8.08 -5.12 -11.42
N LEU A 184 7.93 -5.41 -10.13
CA LEU A 184 6.93 -4.72 -9.32
C LEU A 184 7.51 -4.29 -7.97
N GLN A 185 7.49 -2.99 -7.69
CA GLN A 185 7.89 -2.49 -6.38
C GLN A 185 6.85 -1.52 -5.87
N LYS A 186 6.94 -1.16 -4.58
CA LYS A 186 5.95 -0.28 -3.97
C LYS A 186 6.28 0.05 -2.53
N GLU A 187 5.52 0.96 -1.93
CA GLU A 187 5.79 1.42 -0.58
C GLU A 187 4.55 1.23 0.31
N GLU A 188 4.69 0.42 1.34
CA GLU A 188 3.63 0.28 2.33
C GLU A 188 4.09 0.73 3.70
N ILE A 189 3.59 1.88 4.09
CA ILE A 189 3.84 2.44 5.40
C ILE A 189 2.57 2.30 6.23
N THR A 190 2.64 1.52 7.29
CA THR A 190 1.46 1.17 8.04
C THR A 190 1.71 1.25 9.55
N ILE A 191 1.01 2.17 10.19
CA ILE A 191 1.10 2.33 11.62
C ILE A 191 0.12 1.39 12.30
N GLY A 192 0.64 0.42 13.01
CA GLY A 192 -0.18 -0.57 13.64
C GLY A 192 -0.59 -0.15 15.02
N VAL A 193 -1.86 -0.30 15.34
CA VAL A 193 -2.40 0.21 16.59
C VAL A 193 -3.49 -0.75 17.10
N LYS A 194 -3.05 -1.90 17.61
CA LYS A 194 -3.96 -3.04 17.77
C LYS A 194 -3.25 -4.30 18.28
N GLY A 195 -3.97 -5.42 18.21
CA GLY A 195 -3.41 -6.72 18.48
C GLY A 195 -3.90 -7.74 17.46
N PHE A 196 -3.58 -7.49 16.18
CA PHE A 196 -4.13 -8.27 15.05
C PHE A 196 -4.11 -9.79 15.28
N GLN A 197 -5.20 -10.43 14.89
CA GLN A 197 -5.33 -11.87 15.05
C GLN A 197 -5.67 -12.54 13.72
N VAL A 198 -6.66 -12.00 13.02
CA VAL A 198 -7.05 -12.48 11.70
C VAL A 198 -7.26 -11.29 10.77
N VAL A 199 -7.05 -11.47 9.46
CA VAL A 199 -7.30 -10.42 8.47
C VAL A 199 -8.80 -10.14 8.45
N THR A 200 -9.18 -9.26 9.36
CA THR A 200 -10.55 -9.05 9.76
C THR A 200 -10.50 -8.03 10.91
N PRO A 201 -11.61 -7.66 11.57
CA PRO A 201 -11.56 -6.89 12.82
C PRO A 201 -10.53 -7.41 13.81
N LEU A 202 -9.34 -6.83 13.71
CA LEU A 202 -8.15 -7.28 14.44
C LEU A 202 -8.40 -7.32 15.94
N GLY A 203 -8.82 -6.19 16.45
CA GLY A 203 -8.88 -5.98 17.88
C GLY A 203 -7.59 -6.36 18.56
N MET A 1 -8.06 12.62 9.31
CA MET A 1 -8.79 11.75 8.38
C MET A 1 -9.99 12.48 7.84
N SER A 2 -9.91 12.85 6.58
CA SER A 2 -10.87 13.74 5.95
C SER A 2 -10.84 15.09 6.65
N ILE A 3 -11.78 15.94 6.30
CA ILE A 3 -11.81 17.29 6.80
C ILE A 3 -12.44 17.32 8.20
N GLU A 4 -13.75 17.51 8.26
CA GLU A 4 -14.53 17.44 9.50
C GLU A 4 -13.85 18.19 10.64
N ILE A 5 -14.17 19.46 10.75
CA ILE A 5 -13.47 20.33 11.69
C ILE A 5 -14.44 20.99 12.66
N TYR A 6 -14.07 22.15 13.14
CA TYR A 6 -14.91 22.90 14.05
C TYR A 6 -14.94 24.40 13.71
N PRO A 7 -13.77 25.08 13.59
CA PRO A 7 -13.72 26.54 13.29
C PRO A 7 -14.27 26.91 11.90
N ASP A 8 -15.54 26.59 11.67
CA ASP A 8 -16.25 26.97 10.45
C ASP A 8 -17.68 26.53 10.59
N ASP A 9 -17.84 25.22 10.63
CA ASP A 9 -19.14 24.59 10.79
C ASP A 9 -18.96 23.09 11.03
N GLY A 10 -17.83 22.59 10.57
CA GLY A 10 -17.54 21.17 10.67
C GLY A 10 -16.79 20.70 9.45
N ASN A 11 -16.32 21.64 8.64
CA ASN A 11 -15.62 21.33 7.41
C ASN A 11 -14.94 22.58 6.87
N THR A 12 -13.62 22.57 6.78
CA THR A 12 -12.86 23.73 6.32
C THR A 12 -11.37 23.41 6.14
N LEU A 13 -10.98 22.20 6.56
CA LEU A 13 -9.59 21.73 6.54
C LEU A 13 -8.85 22.17 5.28
N PRO A 14 -7.72 22.87 5.44
CA PRO A 14 -6.91 23.34 4.31
C PRO A 14 -6.25 22.19 3.55
N TYR A 15 -6.42 20.98 4.06
CA TYR A 15 -5.89 19.80 3.41
C TYR A 15 -6.87 19.31 2.37
N GLN A 16 -8.16 19.51 2.63
CA GLN A 16 -9.20 19.18 1.69
C GLN A 16 -9.16 17.69 1.39
N VAL A 17 -9.26 16.91 2.45
CA VAL A 17 -9.25 15.47 2.36
C VAL A 17 -10.60 14.93 2.76
N PHE A 18 -11.02 13.85 2.14
CA PHE A 18 -12.34 13.31 2.38
C PHE A 18 -12.53 12.05 1.55
N LEU A 19 -12.01 12.08 0.33
CA LEU A 19 -12.03 10.90 -0.52
C LEU A 19 -10.71 10.74 -1.29
N ASN A 20 -9.58 11.03 -0.63
CA ASN A 20 -8.31 10.94 -1.32
C ASN A 20 -7.69 9.57 -1.10
N LEU A 21 -8.18 8.86 -0.09
CA LEU A 21 -7.66 7.54 0.19
C LEU A 21 -8.75 6.57 0.67
N GLU A 22 -8.54 5.29 0.36
CA GLU A 22 -9.45 4.20 0.69
C GLU A 22 -9.58 3.95 2.18
N ASN A 23 -10.77 3.89 2.70
CA ASN A 23 -10.95 3.34 4.03
C ASN A 23 -11.86 2.14 3.97
N GLU A 24 -11.59 1.14 4.81
CA GLU A 24 -12.43 -0.06 4.85
C GLU A 24 -13.05 -0.24 6.21
N HIS A 25 -12.70 0.63 7.15
CA HIS A 25 -13.19 0.55 8.52
C HIS A 25 -13.36 1.94 9.15
N TYR A 26 -13.51 2.94 8.31
CA TYR A 26 -13.64 4.36 8.71
C TYR A 26 -14.67 4.59 9.83
N TYR A 27 -15.60 3.64 9.99
CA TYR A 27 -16.75 3.77 10.90
C TYR A 27 -16.44 4.60 12.15
N ALA A 28 -15.46 4.17 12.90
CA ALA A 28 -15.01 4.92 14.06
C ALA A 28 -13.49 4.93 14.14
N GLN A 29 -12.90 4.09 13.31
CA GLN A 29 -11.45 3.92 13.29
C GLN A 29 -10.79 5.20 12.86
N ALA A 30 -11.11 5.68 11.68
CA ALA A 30 -10.49 6.86 11.11
C ALA A 30 -10.77 8.12 11.94
N ILE A 31 -11.60 7.98 12.95
CA ILE A 31 -12.00 9.11 13.76
C ILE A 31 -11.06 9.27 14.96
N GLN A 32 -10.72 8.14 15.57
CA GLN A 32 -9.82 8.08 16.74
C GLN A 32 -8.54 8.87 16.46
N LEU A 33 -8.07 8.68 15.26
CA LEU A 33 -6.81 9.22 14.81
C LEU A 33 -7.01 10.36 13.82
N ALA A 34 -8.26 10.65 13.46
CA ALA A 34 -8.57 11.68 12.46
C ALA A 34 -7.79 12.97 12.73
N GLN A 35 -7.95 13.50 13.92
CA GLN A 35 -7.27 14.73 14.33
C GLN A 35 -5.76 14.54 14.38
N LEU A 36 -5.34 13.31 14.57
CA LEU A 36 -3.92 12.99 14.60
C LEU A 36 -3.43 12.98 13.17
N PHE A 37 -4.21 12.32 12.35
CA PHE A 37 -3.87 12.12 10.96
C PHE A 37 -3.89 13.45 10.23
N ALA A 38 -4.95 14.22 10.45
CA ALA A 38 -5.13 15.49 9.74
C ALA A 38 -4.14 16.56 10.20
N HIS A 39 -3.21 16.17 11.06
CA HIS A 39 -2.26 17.11 11.63
C HIS A 39 -0.88 16.98 10.97
N GLU A 40 -0.38 15.75 10.84
CA GLU A 40 0.97 15.53 10.33
C GLU A 40 1.01 14.97 8.91
N VAL A 41 -0.05 15.11 8.16
CA VAL A 41 -0.06 14.55 6.83
C VAL A 41 0.46 15.55 5.82
N ASP A 42 0.47 15.17 4.57
CA ASP A 42 0.95 16.04 3.51
C ASP A 42 -0.25 16.81 2.97
N ASP A 43 -0.03 17.80 2.10
CA ASP A 43 -1.12 18.66 1.64
C ASP A 43 -2.28 17.84 1.08
N ASN A 44 -1.97 16.64 0.60
CA ASN A 44 -2.98 15.72 0.09
C ASN A 44 -3.83 15.15 1.23
N GLY A 45 -3.19 14.78 2.32
CA GLY A 45 -3.91 14.22 3.45
C GLY A 45 -3.51 12.79 3.80
N GLN A 46 -2.32 12.36 3.36
CA GLN A 46 -1.84 11.01 3.68
C GLN A 46 -0.68 11.07 4.68
N LEU A 47 -0.56 9.99 5.47
CA LEU A 47 0.48 9.84 6.50
C LEU A 47 1.87 10.26 5.99
N ASP A 48 2.45 11.29 6.61
CA ASP A 48 3.76 11.77 6.19
C ASP A 48 4.81 11.30 7.18
N LEU A 49 5.56 10.27 6.85
CA LEU A 49 6.47 9.61 7.81
C LEU A 49 7.47 10.60 8.42
N ALA A 50 7.66 11.73 7.78
CA ALA A 50 8.55 12.75 8.32
C ALA A 50 7.96 13.36 9.59
N LYS A 51 6.70 13.74 9.53
CA LYS A 51 6.03 14.37 10.66
C LYS A 51 5.06 13.40 11.31
N ALA A 52 4.35 12.66 10.47
CA ALA A 52 3.30 11.78 10.93
C ALA A 52 3.85 10.58 11.67
N LEU A 53 5.15 10.39 11.64
CA LEU A 53 5.78 9.37 12.45
C LEU A 53 5.70 9.79 13.90
N LYS A 54 5.54 11.09 14.10
CA LYS A 54 5.34 11.68 15.42
C LYS A 54 3.84 11.60 15.74
N LYS A 55 3.03 11.78 14.72
CA LYS A 55 1.58 11.66 14.82
C LYS A 55 1.17 10.26 15.20
N ALA A 56 1.94 9.29 14.72
CA ALA A 56 1.74 7.88 15.02
C ALA A 56 1.95 7.62 16.50
N GLN A 57 2.80 8.44 17.10
CA GLN A 57 3.14 8.30 18.50
C GLN A 57 1.97 8.72 19.39
N ALA A 58 0.96 9.32 18.76
CA ALA A 58 -0.21 9.80 19.48
C ALA A 58 -1.44 8.97 19.13
N GLN A 59 -1.24 7.82 18.49
CA GLN A 59 -2.37 7.01 18.03
C GLN A 59 -3.14 6.41 19.19
N PRO A 60 -4.44 6.19 18.97
CA PRO A 60 -5.34 5.52 19.91
C PRO A 60 -4.68 4.43 20.77
N ASP A 61 -4.06 3.42 20.15
CA ASP A 61 -3.52 2.30 20.92
C ASP A 61 -1.99 2.22 20.85
N LEU A 62 -1.43 1.77 19.73
CA LEU A 62 0.03 1.69 19.59
C LEU A 62 0.57 2.81 18.68
N ALA A 63 1.64 2.50 17.96
CA ALA A 63 2.33 3.48 17.14
C ALA A 63 2.89 2.81 15.89
N ILE A 64 3.86 3.46 15.26
CA ILE A 64 4.52 2.91 14.08
C ILE A 64 4.97 1.47 14.30
N ILE A 65 4.43 0.55 13.50
CA ILE A 65 4.86 -0.84 13.59
C ILE A 65 5.38 -1.33 12.24
N ALA A 66 4.80 -0.81 11.17
CA ALA A 66 5.12 -1.28 9.84
C ALA A 66 5.56 -0.14 8.92
N THR A 67 6.76 -0.27 8.40
CA THR A 67 7.31 0.65 7.43
C THR A 67 8.13 -0.15 6.43
N ASN A 68 7.42 -0.90 5.59
CA ASN A 68 8.05 -1.91 4.75
C ASN A 68 7.55 -1.85 3.32
N ASN A 69 8.45 -2.12 2.39
CA ASN A 69 8.13 -2.05 0.97
C ASN A 69 8.30 -3.42 0.35
N MET A 70 8.21 -3.52 -0.97
CA MET A 70 8.43 -4.78 -1.64
C MET A 70 9.35 -4.55 -2.82
N THR A 71 10.37 -5.38 -2.94
CA THR A 71 11.30 -5.29 -4.05
C THR A 71 11.28 -6.57 -4.86
N LEU A 72 10.50 -6.52 -5.92
CA LEU A 72 10.26 -7.68 -6.76
C LEU A 72 10.75 -7.34 -8.14
N LYS A 73 11.54 -8.18 -8.73
CA LYS A 73 12.06 -7.86 -10.04
C LYS A 73 12.15 -9.11 -10.87
N LYS A 74 11.99 -8.91 -12.14
CA LYS A 74 11.99 -9.99 -13.07
C LYS A 74 12.90 -9.68 -14.23
N SER A 75 13.05 -10.67 -15.04
CA SER A 75 14.13 -10.76 -15.98
C SER A 75 13.92 -12.02 -16.78
N PHE A 76 14.53 -12.09 -17.95
CA PHE A 76 14.29 -13.17 -18.87
C PHE A 76 14.98 -14.45 -18.37
N SER A 77 15.40 -14.36 -17.12
CA SER A 77 15.85 -15.49 -16.32
C SER A 77 14.62 -16.26 -15.78
N THR A 78 14.82 -17.00 -14.69
CA THR A 78 13.79 -17.90 -14.19
C THR A 78 13.10 -17.37 -12.92
N LEU A 79 11.85 -17.79 -12.74
CA LEU A 79 11.08 -17.50 -11.53
C LEU A 79 11.76 -18.06 -10.29
N SER A 80 12.78 -18.89 -10.48
CA SER A 80 13.57 -19.44 -9.38
C SER A 80 13.98 -18.33 -8.41
N ALA A 81 14.28 -17.16 -8.95
CA ALA A 81 14.64 -16.03 -8.11
C ALA A 81 13.48 -15.07 -7.99
N LEU A 82 12.68 -14.98 -9.05
CA LEU A 82 11.59 -14.01 -9.10
C LEU A 82 10.48 -14.34 -8.10
N THR A 83 9.93 -15.56 -8.17
CA THR A 83 8.83 -15.92 -7.28
C THR A 83 9.32 -16.16 -5.86
N THR A 84 10.61 -16.44 -5.71
CA THR A 84 11.20 -16.58 -4.40
C THR A 84 11.08 -15.28 -3.60
N THR A 85 11.48 -14.17 -4.21
CA THR A 85 11.37 -12.89 -3.55
C THR A 85 9.92 -12.42 -3.56
N LEU A 86 9.21 -12.75 -4.65
CA LEU A 86 7.80 -12.41 -4.79
C LEU A 86 7.01 -12.95 -3.61
N SER A 87 7.31 -14.18 -3.22
CA SER A 87 6.57 -14.83 -2.15
C SER A 87 6.95 -14.23 -0.79
N GLU A 88 8.24 -14.00 -0.60
CA GLU A 88 8.71 -13.34 0.62
C GLU A 88 7.97 -12.02 0.80
N GLN A 89 7.86 -11.26 -0.27
CA GLN A 89 7.19 -9.97 -0.22
C GLN A 89 5.71 -10.11 -0.55
N LEU A 90 5.25 -11.35 -0.69
CA LEU A 90 3.84 -11.58 -0.93
C LEU A 90 3.11 -11.56 0.40
N LYS A 91 3.84 -11.21 1.46
CA LYS A 91 3.21 -10.73 2.68
C LYS A 91 2.51 -9.40 2.36
N ILE A 92 3.04 -8.74 1.33
CA ILE A 92 2.40 -7.57 0.74
C ILE A 92 1.18 -8.02 -0.11
N GLU A 93 0.65 -9.18 0.25
CA GLU A 93 -0.60 -9.70 -0.31
C GLU A 93 -1.79 -8.79 0.04
N GLY A 94 -1.52 -7.65 0.67
CA GLY A 94 -2.57 -6.71 1.03
C GLY A 94 -3.06 -6.90 2.44
N VAL A 95 -2.12 -7.08 3.34
CA VAL A 95 -2.38 -7.25 4.75
C VAL A 95 -2.66 -5.93 5.46
N LEU A 96 -3.84 -5.41 5.21
CA LEU A 96 -4.27 -4.14 5.78
C LEU A 96 -4.75 -4.37 7.21
N GLY A 97 -5.83 -5.12 7.37
CA GLY A 97 -6.17 -5.67 8.68
C GLY A 97 -5.26 -6.84 9.07
N ILE A 98 -4.00 -6.75 8.63
CA ILE A 98 -2.93 -7.76 8.75
C ILE A 98 -2.96 -8.66 10.02
N SER A 99 -2.42 -9.89 9.85
CA SER A 99 -2.42 -10.91 10.90
C SER A 99 -1.14 -10.83 11.73
N GLN A 100 -0.92 -11.87 12.52
CA GLN A 100 0.34 -12.03 13.22
C GLN A 100 1.35 -12.70 12.31
N ASP A 101 0.86 -13.61 11.48
CA ASP A 101 1.71 -14.30 10.53
C ASP A 101 1.59 -13.69 9.15
N THR A 102 0.61 -14.16 8.37
CA THR A 102 0.55 -13.86 6.96
C THR A 102 1.95 -13.99 6.39
N TYR A 103 2.44 -15.22 6.51
CA TYR A 103 3.79 -15.59 6.14
C TYR A 103 3.70 -16.73 5.13
N ILE A 104 4.77 -17.45 4.88
CA ILE A 104 4.75 -18.54 3.93
C ILE A 104 3.65 -19.55 4.24
N GLN A 105 3.24 -20.33 3.22
CA GLN A 105 2.15 -21.31 3.34
C GLN A 105 0.80 -20.62 3.31
N ASN A 106 0.65 -19.52 4.04
CA ASN A 106 -0.57 -18.71 3.94
C ASN A 106 -0.39 -17.78 2.75
N ILE A 107 0.86 -17.52 2.45
CA ILE A 107 1.24 -16.65 1.34
C ILE A 107 1.77 -17.46 0.16
N LEU A 108 2.47 -18.55 0.48
CA LEU A 108 3.10 -19.37 -0.56
C LEU A 108 2.03 -20.11 -1.35
N SER A 109 0.77 -19.92 -0.94
CA SER A 109 -0.37 -20.48 -1.66
C SER A 109 -0.40 -20.00 -3.12
N HIS A 110 -0.18 -18.70 -3.33
CA HIS A 110 -0.19 -18.11 -4.69
C HIS A 110 0.85 -18.76 -5.57
N ALA A 111 2.00 -19.05 -4.99
CA ALA A 111 3.11 -19.62 -5.71
C ALA A 111 2.85 -21.09 -6.07
N PHE A 112 1.96 -21.73 -5.33
CA PHE A 112 1.53 -23.08 -5.66
C PHE A 112 0.33 -23.05 -6.59
N CYS A 113 -0.51 -22.03 -6.42
CA CYS A 113 -1.78 -21.94 -7.10
C CYS A 113 -2.24 -20.49 -7.13
N ASP A 114 -2.46 -19.99 -8.35
CA ASP A 114 -2.92 -18.61 -8.59
C ASP A 114 -1.77 -17.63 -8.36
N LEU A 115 -0.90 -17.56 -9.34
CA LEU A 115 0.24 -16.66 -9.36
C LEU A 115 -0.16 -15.38 -10.10
N GLU A 116 0.07 -14.20 -9.49
CA GLU A 116 -0.43 -12.90 -10.03
C GLU A 116 -0.02 -12.63 -11.50
N THR A 117 0.93 -13.43 -12.01
CA THR A 117 1.26 -13.51 -13.45
C THR A 117 1.36 -12.17 -14.18
N GLN A 118 2.02 -11.19 -13.57
CA GLN A 118 2.32 -9.93 -14.25
C GLN A 118 1.05 -9.30 -14.86
N LYS A 119 0.09 -8.98 -14.00
CA LYS A 119 -1.20 -8.38 -14.40
C LYS A 119 -2.19 -9.40 -14.94
N ASP A 120 -2.37 -10.50 -14.23
CA ASP A 120 -3.58 -11.30 -14.37
C ASP A 120 -4.67 -10.66 -13.51
N LYS A 121 -5.84 -10.42 -14.11
CA LYS A 121 -6.90 -9.55 -13.53
C LYS A 121 -6.64 -8.10 -13.91
N PRO A 122 -7.67 -7.42 -14.42
CA PRO A 122 -7.56 -6.02 -14.84
C PRO A 122 -7.60 -5.05 -13.66
N TRP A 123 -6.64 -5.20 -12.76
CA TRP A 123 -6.53 -4.33 -11.60
C TRP A 123 -6.19 -2.90 -12.03
N PHE A 124 -6.86 -1.92 -11.38
CA PHE A 124 -6.86 -0.53 -11.84
C PHE A 124 -5.45 -0.01 -12.10
N HIS A 125 -5.27 0.67 -13.21
CA HIS A 125 -3.96 0.78 -13.81
C HIS A 125 -3.74 2.08 -14.55
N ILE A 126 -2.56 2.64 -14.39
CA ILE A 126 -2.12 3.78 -15.16
C ILE A 126 -0.80 3.42 -15.81
N ASN A 127 -0.95 2.81 -16.95
CA ASN A 127 0.09 2.07 -17.61
C ASN A 127 0.88 2.94 -18.58
N ALA A 128 1.40 2.28 -19.60
CA ALA A 128 2.34 2.85 -20.58
C ALA A 128 2.20 4.34 -20.92
N GLN A 129 3.28 4.84 -21.52
CA GLN A 129 3.45 6.25 -21.86
C GLN A 129 4.02 6.32 -23.27
N PRO A 130 3.92 7.47 -23.94
CA PRO A 130 4.61 7.69 -25.21
C PRO A 130 6.12 7.85 -25.00
N ASP A 131 6.84 6.72 -25.00
CA ASP A 131 8.28 6.71 -24.74
C ASP A 131 8.96 5.74 -25.68
N ALA A 132 8.59 4.46 -25.60
CA ALA A 132 9.17 3.45 -26.47
C ALA A 132 10.67 3.37 -26.26
N GLY A 133 11.08 3.21 -25.02
CA GLY A 133 12.48 3.09 -24.71
C GLY A 133 12.73 3.32 -23.24
N HIS A 134 11.94 4.20 -22.67
CA HIS A 134 11.98 4.41 -21.23
C HIS A 134 10.56 4.67 -20.74
N SER A 135 9.75 3.64 -20.84
CA SER A 135 8.33 3.75 -20.55
C SER A 135 7.97 2.69 -19.53
N VAL A 136 6.99 3.00 -18.71
CA VAL A 136 6.57 2.20 -17.58
C VAL A 136 5.06 2.03 -17.61
N THR A 137 4.59 0.80 -17.55
CA THR A 137 3.17 0.53 -17.50
C THR A 137 2.86 -0.14 -16.19
N SER A 138 2.08 0.50 -15.35
CA SER A 138 1.85 -0.02 -14.04
C SER A 138 0.45 0.29 -13.55
N TYR A 139 0.06 -0.39 -12.50
CA TYR A 139 -1.19 -0.14 -11.84
C TYR A 139 -0.91 0.24 -10.40
N SER A 140 -1.62 1.20 -9.86
CA SER A 140 -1.54 1.38 -8.44
C SER A 140 -2.79 0.85 -7.75
N TYR A 141 -2.62 -0.22 -6.98
CA TYR A 141 -3.59 -0.60 -5.98
C TYR A 141 -3.24 0.14 -4.71
N SER A 142 -4.05 0.00 -3.68
CA SER A 142 -3.67 0.42 -2.36
C SER A 142 -3.59 1.95 -2.21
N LEU A 143 -4.18 2.37 -1.14
CA LEU A 143 -4.44 3.76 -0.81
C LEU A 143 -4.29 3.82 0.68
N PHE A 144 -4.72 4.86 1.34
CA PHE A 144 -4.42 4.97 2.76
C PHE A 144 -5.72 4.78 3.52
N ILE A 145 -5.61 4.05 4.62
CA ILE A 145 -6.73 3.31 5.19
C ILE A 145 -6.64 3.26 6.72
N VAL A 146 -7.73 2.85 7.35
CA VAL A 146 -7.74 2.52 8.77
C VAL A 146 -8.52 1.24 8.97
N SER A 147 -8.25 0.52 10.04
CA SER A 147 -8.85 -0.77 10.25
C SER A 147 -9.52 -0.83 11.63
N GLN A 148 -10.39 -1.81 11.79
CA GLN A 148 -11.23 -1.92 12.98
C GLN A 148 -10.98 -3.24 13.68
N GLY A 149 -10.79 -3.19 14.98
CA GLY A 149 -10.71 -4.40 15.76
C GLY A 149 -11.93 -4.55 16.62
N GLU A 150 -12.71 -5.58 16.39
CA GLU A 150 -13.97 -5.72 17.10
C GLU A 150 -13.76 -6.48 18.39
N GLU A 151 -12.77 -7.37 18.36
CA GLU A 151 -12.44 -8.20 19.50
C GLU A 151 -12.32 -7.37 20.77
N THR A 152 -11.41 -6.40 20.75
CA THR A 152 -11.14 -5.60 21.94
C THR A 152 -11.43 -4.11 21.69
N GLY A 153 -11.83 -3.77 20.46
CA GLY A 153 -12.04 -2.39 20.10
C GLY A 153 -10.76 -1.74 19.60
N ALA A 154 -9.97 -2.51 18.87
CA ALA A 154 -8.70 -2.05 18.34
C ALA A 154 -8.88 -1.38 16.98
N MET A 155 -7.76 -1.02 16.37
CA MET A 155 -7.77 -0.39 15.05
C MET A 155 -6.37 -0.38 14.45
N MET A 156 -6.20 0.32 13.33
CA MET A 156 -4.89 0.43 12.69
C MET A 156 -4.87 1.55 11.65
N ALA A 157 -3.86 2.41 11.72
CA ALA A 157 -3.73 3.52 10.79
C ALA A 157 -2.79 3.14 9.65
N ALA A 158 -3.34 2.91 8.47
CA ALA A 158 -2.59 2.33 7.37
C ALA A 158 -2.39 3.31 6.21
N GLY A 159 -1.30 3.13 5.48
CA GLY A 159 -1.09 3.89 4.26
C GLY A 159 -0.31 3.12 3.21
N PRO A 160 -0.86 2.02 2.69
CA PRO A 160 -0.22 1.20 1.64
C PRO A 160 -0.41 1.71 0.22
N LEU A 161 0.54 1.39 -0.68
CA LEU A 161 0.30 1.59 -2.12
C LEU A 161 1.03 0.52 -2.91
N ILE A 162 0.34 -0.12 -3.85
CA ILE A 162 0.90 -1.24 -4.64
C ILE A 162 1.03 -0.88 -6.12
N ILE A 163 2.14 -1.28 -6.75
CA ILE A 163 2.39 -0.92 -8.15
C ILE A 163 2.79 -2.13 -9.00
N THR A 164 2.10 -2.36 -10.13
CA THR A 164 2.46 -3.47 -11.03
C THR A 164 3.31 -2.93 -12.19
N VAL A 165 4.62 -2.88 -11.97
CA VAL A 165 5.51 -2.22 -12.91
C VAL A 165 5.88 -3.15 -14.04
N THR A 166 5.31 -2.87 -15.18
CA THR A 166 5.56 -3.65 -16.38
C THR A 166 5.77 -2.74 -17.57
N PRO A 167 6.95 -2.12 -17.64
CA PRO A 167 7.27 -1.08 -18.63
C PRO A 167 6.99 -1.40 -20.09
N ASN A 168 6.83 -0.32 -20.87
CA ASN A 168 6.42 -0.43 -22.29
C ASN A 168 7.57 -0.06 -23.24
N THR A 169 8.73 0.17 -22.66
CA THR A 169 9.96 0.43 -23.42
C THR A 169 10.09 -0.48 -24.66
N ALA A 170 10.71 0.05 -25.70
CA ALA A 170 10.34 -0.26 -27.09
C ALA A 170 10.48 -1.69 -27.61
N ILE A 171 11.54 -2.41 -27.30
CA ILE A 171 11.91 -3.51 -28.20
C ILE A 171 11.88 -4.84 -27.51
N SER A 172 11.73 -5.87 -28.31
CA SER A 172 11.93 -7.24 -27.87
C SER A 172 12.49 -8.03 -29.06
N ASP A 173 13.58 -7.49 -29.62
CA ASP A 173 14.13 -8.00 -30.88
C ASP A 173 15.65 -8.15 -30.81
N ILE A 174 16.34 -7.73 -31.87
CA ILE A 174 17.77 -8.00 -32.04
C ILE A 174 18.62 -7.32 -30.98
N PHE A 175 18.14 -6.22 -30.42
CA PHE A 175 18.69 -5.69 -29.19
C PHE A 175 17.58 -5.10 -28.38
N ASN A 176 17.63 -5.25 -27.08
CA ASN A 176 16.54 -4.81 -26.24
C ASN A 176 16.74 -3.41 -25.64
N THR A 177 15.60 -2.74 -25.45
CA THR A 177 15.50 -1.56 -24.60
C THR A 177 15.37 -1.98 -23.14
N LYS A 178 15.08 -3.27 -23.03
CA LYS A 178 14.69 -4.04 -21.84
C LYS A 178 13.18 -3.94 -21.58
N ASP A 179 12.42 -4.25 -22.64
CA ASP A 179 10.97 -4.33 -22.52
C ASP A 179 10.52 -5.70 -22.04
N TRP A 180 11.42 -6.67 -22.04
CA TRP A 180 11.04 -8.01 -21.65
C TRP A 180 11.40 -8.31 -20.21
N ARG A 181 12.14 -7.41 -19.57
CA ARG A 181 12.40 -7.59 -18.15
C ARG A 181 11.61 -6.57 -17.36
N LEU A 182 11.03 -7.00 -16.25
CA LEU A 182 10.09 -6.18 -15.51
C LEU A 182 10.53 -6.09 -14.05
N THR A 183 9.80 -5.31 -13.27
CA THR A 183 10.08 -5.13 -11.85
C THR A 183 8.78 -4.71 -11.13
N LEU A 184 8.49 -5.29 -9.98
CA LEU A 184 7.28 -4.95 -9.26
C LEU A 184 7.62 -4.48 -7.86
N GLN A 185 7.05 -3.37 -7.44
CA GLN A 185 7.49 -2.71 -6.23
C GLN A 185 6.36 -1.90 -5.64
N LYS A 186 6.50 -1.50 -4.39
CA LYS A 186 5.49 -0.67 -3.74
C LYS A 186 5.80 -0.39 -2.28
N GLU A 187 5.02 0.47 -1.63
CA GLU A 187 5.32 0.87 -0.27
C GLU A 187 4.13 0.66 0.69
N GLU A 188 4.31 -0.22 1.67
CA GLU A 188 3.37 -0.33 2.79
C GLU A 188 3.92 0.37 4.01
N ILE A 189 3.38 1.52 4.30
CA ILE A 189 3.66 2.20 5.55
C ILE A 189 2.40 2.15 6.40
N THR A 190 2.47 1.46 7.52
CA THR A 190 1.28 1.17 8.30
C THR A 190 1.57 1.27 9.79
N ILE A 191 0.87 2.16 10.45
CA ILE A 191 1.02 2.35 11.88
C ILE A 191 0.04 1.45 12.61
N GLY A 192 0.58 0.47 13.29
CA GLY A 192 -0.25 -0.50 13.97
C GLY A 192 -0.62 -0.05 15.36
N VAL A 193 -1.88 -0.17 15.70
CA VAL A 193 -2.38 0.38 16.95
C VAL A 193 -3.48 -0.55 17.49
N LYS A 194 -3.04 -1.70 18.00
CA LYS A 194 -3.95 -2.82 18.26
C LYS A 194 -3.20 -4.03 18.78
N GLY A 195 -3.93 -5.14 18.93
CA GLY A 195 -3.32 -6.41 19.27
C GLY A 195 -3.70 -7.50 18.26
N PHE A 196 -3.32 -7.28 16.99
CA PHE A 196 -3.84 -8.08 15.87
C PHE A 196 -3.73 -9.59 16.05
N GLN A 197 -4.72 -10.30 15.51
CA GLN A 197 -4.72 -11.75 15.48
C GLN A 197 -4.54 -12.23 14.03
N VAL A 198 -5.53 -11.90 13.21
CA VAL A 198 -5.56 -12.33 11.82
C VAL A 198 -5.95 -11.13 10.96
N VAL A 199 -5.90 -11.25 9.62
CA VAL A 199 -6.34 -10.19 8.74
C VAL A 199 -7.86 -10.06 8.85
N THR A 200 -8.27 -9.40 9.92
CA THR A 200 -9.65 -9.33 10.36
C THR A 200 -9.70 -8.35 11.53
N PRO A 201 -10.89 -7.85 11.93
CA PRO A 201 -11.06 -7.00 13.12
C PRO A 201 -10.10 -7.35 14.27
N LEU A 202 -9.01 -6.60 14.33
CA LEU A 202 -7.84 -6.96 15.11
C LEU A 202 -7.84 -6.46 16.56
N GLY A 203 -8.78 -6.95 17.37
CA GLY A 203 -8.78 -6.60 18.79
C GLY A 203 -7.49 -7.00 19.50
N MET A 1 -12.46 13.16 10.67
CA MET A 1 -11.52 13.07 9.53
C MET A 1 -12.16 13.75 8.33
N SER A 2 -11.47 13.74 7.18
CA SER A 2 -11.99 14.35 5.98
C SER A 2 -12.04 15.86 6.14
N ILE A 3 -12.82 16.52 5.31
CA ILE A 3 -12.90 17.95 5.30
C ILE A 3 -13.83 18.44 6.41
N GLU A 4 -15.12 18.56 6.09
CA GLU A 4 -16.17 18.88 7.06
C GLU A 4 -15.82 20.08 7.93
N ILE A 5 -16.26 21.26 7.50
CA ILE A 5 -15.90 22.49 8.19
C ILE A 5 -17.15 23.28 8.54
N TYR A 6 -17.03 24.59 8.56
CA TYR A 6 -18.15 25.46 8.92
C TYR A 6 -18.16 26.77 8.11
N PRO A 7 -17.08 27.59 8.16
CA PRO A 7 -17.02 28.90 7.50
C PRO A 7 -17.66 28.92 6.10
N ASP A 8 -17.16 28.07 5.20
CA ASP A 8 -17.75 27.93 3.87
C ASP A 8 -19.21 27.55 4.00
N ASP A 9 -19.42 26.33 4.48
CA ASP A 9 -20.75 25.82 4.77
C ASP A 9 -20.66 24.50 5.53
N GLY A 10 -19.59 23.75 5.24
CA GLY A 10 -19.42 22.45 5.86
C GLY A 10 -18.37 21.61 5.14
N ASN A 11 -17.63 22.23 4.22
CA ASN A 11 -16.62 21.53 3.44
C ASN A 11 -15.79 22.53 2.61
N THR A 12 -14.51 22.67 2.95
CA THR A 12 -13.64 23.62 2.24
C THR A 12 -12.14 23.39 2.59
N LEU A 13 -11.89 22.47 3.52
CA LEU A 13 -10.53 22.12 3.99
C LEU A 13 -9.50 22.15 2.87
N PRO A 14 -8.39 22.88 3.07
CA PRO A 14 -7.31 22.99 2.07
C PRO A 14 -6.59 21.67 1.84
N TYR A 15 -6.89 20.68 2.67
CA TYR A 15 -6.32 19.35 2.51
C TYR A 15 -7.11 18.59 1.46
N GLN A 16 -8.42 18.87 1.40
CA GLN A 16 -9.30 18.23 0.45
C GLN A 16 -9.29 16.72 0.68
N VAL A 17 -9.50 16.33 1.93
CA VAL A 17 -9.47 14.94 2.26
C VAL A 17 -10.88 14.49 2.61
N PHE A 18 -11.15 13.24 2.32
CA PHE A 18 -12.45 12.70 2.41
C PHE A 18 -12.31 11.32 1.85
N LEU A 19 -11.98 11.27 0.57
CA LEU A 19 -11.69 10.03 -0.14
C LEU A 19 -10.41 10.20 -0.95
N ASN A 20 -9.31 10.57 -0.30
CA ASN A 20 -8.09 10.81 -1.05
C ASN A 20 -7.28 9.53 -1.12
N LEU A 21 -7.67 8.56 -0.30
CA LEU A 21 -6.97 7.30 -0.21
C LEU A 21 -7.90 6.22 0.30
N GLU A 22 -7.54 4.96 0.05
CA GLU A 22 -8.35 3.82 0.44
C GLU A 22 -8.61 3.76 1.94
N ASN A 23 -9.77 3.30 2.30
CA ASN A 23 -10.00 2.74 3.62
C ASN A 23 -10.68 1.40 3.49
N GLU A 24 -10.71 0.61 4.56
CA GLU A 24 -11.55 -0.56 4.57
C GLU A 24 -12.31 -0.67 5.87
N HIS A 25 -12.18 0.34 6.72
CA HIS A 25 -12.79 0.30 8.06
C HIS A 25 -13.08 1.69 8.67
N TYR A 26 -13.35 2.64 7.82
CA TYR A 26 -13.57 4.06 8.19
C TYR A 26 -14.69 4.27 9.21
N TYR A 27 -15.52 3.24 9.42
CA TYR A 27 -16.71 3.35 10.29
C TYR A 27 -16.44 4.15 11.55
N ALA A 28 -15.42 3.74 12.29
CA ALA A 28 -15.01 4.47 13.47
C ALA A 28 -13.49 4.51 13.57
N GLN A 29 -12.85 3.72 12.73
CA GLN A 29 -11.40 3.55 12.78
C GLN A 29 -10.69 4.82 12.35
N ALA A 30 -11.13 5.39 11.24
CA ALA A 30 -10.52 6.58 10.69
C ALA A 30 -10.85 7.80 11.55
N ILE A 31 -11.68 7.61 12.55
CA ILE A 31 -12.11 8.70 13.40
C ILE A 31 -11.22 8.81 14.65
N GLN A 32 -10.81 7.66 15.16
CA GLN A 32 -9.98 7.60 16.37
C GLN A 32 -8.70 8.40 16.17
N LEU A 33 -8.09 8.20 15.02
CA LEU A 33 -6.84 8.86 14.67
C LEU A 33 -7.06 10.09 13.80
N ALA A 34 -8.33 10.38 13.50
CA ALA A 34 -8.70 11.43 12.55
C ALA A 34 -8.06 12.77 12.88
N GLN A 35 -8.25 13.22 14.11
CA GLN A 35 -7.73 14.49 14.55
C GLN A 35 -6.21 14.49 14.55
N LEU A 36 -5.65 13.30 14.44
CA LEU A 36 -4.21 13.13 14.40
C LEU A 36 -3.76 13.16 12.96
N PHE A 37 -4.54 12.48 12.12
CA PHE A 37 -4.23 12.34 10.71
C PHE A 37 -4.49 13.66 9.99
N ALA A 38 -5.42 14.46 10.51
CA ALA A 38 -5.71 15.75 9.92
C ALA A 38 -4.65 16.78 10.28
N HIS A 39 -3.60 16.33 10.97
CA HIS A 39 -2.59 17.24 11.49
C HIS A 39 -1.22 17.04 10.82
N GLU A 40 -0.67 15.84 10.88
CA GLU A 40 0.71 15.60 10.43
C GLU A 40 0.81 15.08 9.01
N VAL A 41 -0.23 15.21 8.23
CA VAL A 41 -0.19 14.70 6.88
C VAL A 41 0.28 15.78 5.91
N ASP A 42 0.30 15.44 4.63
CA ASP A 42 0.71 16.38 3.61
C ASP A 42 -0.52 17.09 3.06
N ASP A 43 -0.34 18.10 2.20
CA ASP A 43 -1.45 18.84 1.60
C ASP A 43 -2.55 17.90 1.10
N ASN A 44 -2.16 16.71 0.63
CA ASN A 44 -3.12 15.72 0.15
C ASN A 44 -3.93 15.11 1.30
N GLY A 45 -3.24 14.78 2.39
CA GLY A 45 -3.91 14.17 3.52
C GLY A 45 -3.48 12.73 3.80
N GLN A 46 -2.26 12.37 3.42
CA GLN A 46 -1.71 11.05 3.71
C GLN A 46 -0.61 11.11 4.76
N LEU A 47 -0.40 10.00 5.48
CA LEU A 47 0.61 9.87 6.54
C LEU A 47 1.97 10.39 6.08
N ASP A 48 2.50 11.39 6.78
CA ASP A 48 3.83 11.91 6.47
C ASP A 48 4.83 11.37 7.47
N LEU A 49 5.71 10.50 7.05
CA LEU A 49 6.62 9.82 7.99
C LEU A 49 7.55 10.79 8.70
N ALA A 50 7.60 12.03 8.22
CA ALA A 50 8.42 13.05 8.87
C ALA A 50 7.72 13.57 10.12
N LYS A 51 6.45 13.93 9.98
CA LYS A 51 5.70 14.53 11.07
C LYS A 51 4.71 13.52 11.64
N ALA A 52 4.06 12.77 10.76
CA ALA A 52 3.04 11.83 11.17
C ALA A 52 3.64 10.63 11.87
N LEU A 53 4.96 10.54 11.87
CA LEU A 53 5.64 9.54 12.67
C LEU A 53 5.56 9.96 14.14
N LYS A 54 5.25 11.23 14.32
CA LYS A 54 4.96 11.80 15.64
C LYS A 54 3.46 11.68 15.88
N LYS A 55 2.70 11.83 14.80
CA LYS A 55 1.25 11.65 14.84
C LYS A 55 0.90 10.24 15.26
N ALA A 56 1.73 9.30 14.81
CA ALA A 56 1.56 7.88 15.14
C ALA A 56 1.68 7.66 16.64
N GLN A 57 2.49 8.50 17.26
CA GLN A 57 2.77 8.41 18.68
C GLN A 57 1.55 8.77 19.52
N ALA A 58 0.55 9.35 18.86
CA ALA A 58 -0.66 9.76 19.55
C ALA A 58 -1.84 8.85 19.21
N GLN A 59 -1.56 7.74 18.54
CA GLN A 59 -2.61 6.85 18.07
C GLN A 59 -3.38 6.21 19.22
N PRO A 60 -4.67 5.92 18.99
CA PRO A 60 -5.56 5.27 19.95
C PRO A 60 -4.87 4.15 20.76
N ASP A 61 -4.31 3.15 20.08
CA ASP A 61 -3.76 1.99 20.79
C ASP A 61 -2.23 1.96 20.77
N LEU A 62 -1.63 1.60 19.64
CA LEU A 62 -0.16 1.56 19.56
C LEU A 62 0.40 2.72 18.71
N ALA A 63 1.51 2.46 18.03
CA ALA A 63 2.21 3.48 17.25
C ALA A 63 2.84 2.86 16.02
N ILE A 64 3.83 3.55 15.45
CA ILE A 64 4.57 3.04 14.30
C ILE A 64 5.07 1.61 14.53
N ILE A 65 4.57 0.67 13.75
CA ILE A 65 5.04 -0.71 13.89
C ILE A 65 5.72 -1.20 12.62
N ALA A 66 5.20 -0.78 11.48
CA ALA A 66 5.62 -1.32 10.21
C ALA A 66 6.13 -0.24 9.26
N THR A 67 7.35 -0.43 8.79
CA THR A 67 7.95 0.44 7.79
C THR A 67 8.77 -0.41 6.82
N ASN A 68 8.06 -1.15 5.97
CA ASN A 68 8.68 -2.17 5.12
C ASN A 68 8.16 -2.09 3.68
N ASN A 69 8.92 -2.63 2.74
CA ASN A 69 8.60 -2.50 1.32
C ASN A 69 8.69 -3.85 0.63
N MET A 70 8.52 -3.89 -0.68
CA MET A 70 8.54 -5.14 -1.42
C MET A 70 9.38 -4.99 -2.69
N THR A 71 10.22 -5.98 -2.98
CA THR A 71 11.02 -5.97 -4.20
C THR A 71 10.70 -7.19 -5.06
N LEU A 72 9.83 -7.00 -6.03
CA LEU A 72 9.31 -8.09 -6.86
C LEU A 72 9.66 -7.80 -8.29
N LYS A 73 10.23 -8.74 -8.99
CA LYS A 73 10.56 -8.51 -10.36
C LYS A 73 10.36 -9.76 -11.17
N LYS A 74 10.11 -9.56 -12.44
CA LYS A 74 9.90 -10.65 -13.34
C LYS A 74 10.73 -10.46 -14.58
N SER A 75 10.79 -11.50 -15.33
CA SER A 75 11.81 -11.68 -16.35
C SER A 75 11.54 -13.00 -17.03
N PHE A 76 12.04 -13.16 -18.26
CA PHE A 76 11.85 -14.40 -19.00
C PHE A 76 12.79 -15.48 -18.46
N SER A 77 13.09 -15.34 -17.17
CA SER A 77 13.71 -16.38 -16.38
C SER A 77 12.59 -17.27 -15.83
N THR A 78 12.83 -17.97 -14.74
CA THR A 78 11.81 -18.83 -14.16
C THR A 78 11.19 -18.20 -12.93
N LEU A 79 9.93 -18.56 -12.68
CA LEU A 79 9.22 -18.14 -11.48
C LEU A 79 9.92 -18.68 -10.23
N SER A 80 10.89 -19.55 -10.43
CA SER A 80 11.71 -20.07 -9.35
C SER A 80 12.35 -18.94 -8.56
N ALA A 81 12.69 -17.86 -9.25
CA ALA A 81 13.30 -16.72 -8.59
C ALA A 81 12.26 -15.67 -8.31
N LEU A 82 11.32 -15.52 -9.23
CA LEU A 82 10.25 -14.54 -9.09
C LEU A 82 9.44 -14.81 -7.83
N THR A 83 9.00 -16.05 -7.65
CA THR A 83 8.19 -16.42 -6.49
C THR A 83 9.02 -16.44 -5.20
N THR A 84 10.32 -16.60 -5.34
CA THR A 84 11.20 -16.64 -4.18
C THR A 84 11.22 -15.31 -3.45
N THR A 85 11.44 -14.23 -4.18
CA THR A 85 11.42 -12.92 -3.57
C THR A 85 9.98 -12.53 -3.28
N LEU A 86 9.08 -12.95 -4.18
CA LEU A 86 7.66 -12.67 -4.06
C LEU A 86 7.10 -13.23 -2.77
N SER A 87 7.58 -14.41 -2.35
CA SER A 87 7.09 -15.04 -1.13
C SER A 87 7.54 -14.26 0.10
N GLU A 88 8.82 -13.90 0.15
CA GLU A 88 9.34 -13.06 1.23
C GLU A 88 8.53 -11.78 1.35
N GLN A 89 8.10 -11.26 0.21
CA GLN A 89 7.33 -10.04 0.19
C GLN A 89 5.83 -10.33 0.03
N LEU A 90 5.47 -11.60 0.16
CA LEU A 90 4.07 -11.99 0.04
C LEU A 90 3.42 -11.89 1.40
N LYS A 91 4.20 -11.46 2.37
CA LYS A 91 3.64 -10.94 3.61
C LYS A 91 2.88 -9.67 3.26
N ILE A 92 3.42 -8.98 2.26
CA ILE A 92 2.82 -7.78 1.70
C ILE A 92 1.63 -8.14 0.80
N GLU A 93 1.03 -9.30 1.08
CA GLU A 93 -0.18 -9.77 0.41
C GLU A 93 -1.38 -8.87 0.77
N GLY A 94 -1.13 -7.82 1.51
CA GLY A 94 -2.18 -6.90 1.87
C GLY A 94 -2.79 -7.24 3.22
N VAL A 95 -1.94 -7.66 4.13
CA VAL A 95 -2.33 -7.91 5.49
C VAL A 95 -2.49 -6.60 6.26
N LEU A 96 -3.55 -5.91 5.94
CA LEU A 96 -3.86 -4.61 6.50
C LEU A 96 -4.60 -4.79 7.82
N GLY A 97 -5.65 -5.61 7.81
CA GLY A 97 -6.19 -6.10 9.06
C GLY A 97 -5.42 -7.32 9.56
N ILE A 98 -4.13 -7.34 9.22
CA ILE A 98 -3.17 -8.44 9.40
C ILE A 98 -3.39 -9.38 10.62
N SER A 99 -3.01 -10.67 10.42
CA SER A 99 -3.16 -11.70 11.45
C SER A 99 -1.93 -11.81 12.31
N GLN A 100 -1.86 -12.88 13.09
CA GLN A 100 -0.68 -13.20 13.87
C GLN A 100 0.32 -13.99 13.02
N ASP A 101 -0.18 -14.66 11.98
CA ASP A 101 0.69 -15.37 11.05
C ASP A 101 0.63 -14.74 9.66
N THR A 102 -0.33 -15.21 8.84
CA THR A 102 -0.42 -14.79 7.45
C THR A 102 0.94 -14.77 6.76
N TYR A 103 1.49 -15.97 6.58
CA TYR A 103 2.75 -16.14 5.89
C TYR A 103 2.56 -17.12 4.75
N ILE A 104 3.64 -17.68 4.25
CA ILE A 104 3.55 -18.58 3.11
C ILE A 104 2.71 -19.81 3.46
N GLN A 105 2.28 -20.52 2.41
CA GLN A 105 1.34 -21.65 2.53
C GLN A 105 -0.07 -21.12 2.76
N ASN A 106 -0.23 -20.28 3.77
CA ASN A 106 -1.54 -19.69 4.07
C ASN A 106 -1.79 -18.60 3.04
N ILE A 107 -0.69 -18.08 2.53
CA ILE A 107 -0.69 -16.97 1.59
C ILE A 107 -0.06 -17.40 0.26
N LEU A 108 0.93 -18.29 0.34
CA LEU A 108 1.73 -18.63 -0.82
C LEU A 108 0.94 -19.50 -1.81
N SER A 109 -0.29 -19.82 -1.46
CA SER A 109 -1.16 -20.56 -2.37
C SER A 109 -1.46 -19.71 -3.60
N HIS A 110 -1.45 -18.38 -3.43
CA HIS A 110 -1.64 -17.46 -4.54
C HIS A 110 -0.46 -17.52 -5.50
N ALA A 111 0.73 -17.60 -4.94
CA ALA A 111 1.95 -17.64 -5.74
C ALA A 111 2.04 -18.92 -6.56
N PHE A 112 1.49 -20.00 -6.03
CA PHE A 112 1.49 -21.27 -6.73
C PHE A 112 0.35 -21.32 -7.75
N CYS A 113 -0.71 -20.58 -7.48
CA CYS A 113 -1.87 -20.55 -8.37
C CYS A 113 -2.57 -19.20 -8.31
N ASP A 114 -2.38 -18.41 -9.37
CA ASP A 114 -3.02 -17.10 -9.52
C ASP A 114 -2.52 -16.10 -8.48
N LEU A 115 -1.31 -15.60 -8.68
CA LEU A 115 -0.78 -14.55 -7.83
C LEU A 115 -1.41 -13.22 -8.25
N GLU A 116 -2.15 -12.58 -7.34
CA GLU A 116 -2.95 -11.40 -7.67
C GLU A 116 -2.11 -10.14 -7.87
N THR A 117 -0.81 -10.26 -7.62
CA THR A 117 0.18 -9.23 -7.98
C THR A 117 -0.23 -7.82 -7.56
N GLN A 118 -0.62 -7.67 -6.30
CA GLN A 118 -0.85 -6.34 -5.71
C GLN A 118 -1.89 -5.54 -6.50
N LYS A 119 -3.06 -6.14 -6.70
CA LYS A 119 -4.17 -5.48 -7.39
C LYS A 119 -3.84 -5.25 -8.86
N ASP A 120 -3.50 -6.34 -9.53
CA ASP A 120 -3.27 -6.38 -10.98
C ASP A 120 -4.30 -5.54 -11.76
N LYS A 121 -3.79 -4.82 -12.79
CA LYS A 121 -4.60 -4.04 -13.75
C LYS A 121 -4.52 -2.53 -13.49
N PRO A 122 -4.74 -1.73 -14.58
CA PRO A 122 -4.48 -0.30 -14.72
C PRO A 122 -3.84 0.44 -13.56
N TRP A 123 -2.59 0.09 -13.27
CA TRP A 123 -1.72 0.93 -12.47
C TRP A 123 -1.15 2.03 -13.38
N PHE A 124 -1.12 3.27 -12.91
CA PHE A 124 -0.57 4.35 -13.71
C PHE A 124 0.94 4.44 -13.54
N HIS A 125 1.66 4.63 -14.64
CA HIS A 125 3.13 4.68 -14.60
C HIS A 125 3.69 5.56 -15.70
N ILE A 126 4.21 6.74 -15.37
CA ILE A 126 4.73 7.61 -16.41
C ILE A 126 6.06 8.28 -16.03
N ASN A 127 7.14 7.53 -15.80
CA ASN A 127 8.45 8.13 -15.99
C ASN A 127 9.23 7.32 -17.03
N ALA A 128 9.84 7.97 -17.98
CA ALA A 128 10.82 7.34 -18.84
C ALA A 128 12.22 7.40 -18.27
N GLN A 129 13.16 6.86 -19.02
CA GLN A 129 14.56 7.21 -18.89
C GLN A 129 15.25 6.99 -20.22
N PRO A 130 16.18 7.87 -20.60
CA PRO A 130 16.90 7.76 -21.87
C PRO A 130 17.71 6.47 -21.97
N ASP A 131 17.06 5.44 -22.48
CA ASP A 131 17.67 4.14 -22.67
C ASP A 131 17.13 3.50 -23.92
N ALA A 132 15.81 3.24 -23.91
CA ALA A 132 15.16 2.64 -25.06
C ALA A 132 15.80 1.30 -25.35
N GLY A 133 15.92 0.50 -24.31
CA GLY A 133 16.50 -0.80 -24.40
C GLY A 133 16.68 -1.40 -23.04
N HIS A 134 16.94 -0.52 -22.10
CA HIS A 134 17.10 -0.91 -20.71
C HIS A 134 16.51 0.17 -19.83
N SER A 135 15.23 0.44 -20.04
CA SER A 135 14.56 1.52 -19.35
C SER A 135 13.34 1.01 -18.59
N VAL A 136 12.67 1.94 -17.91
CA VAL A 136 11.66 1.66 -16.91
C VAL A 136 10.67 2.85 -16.86
N THR A 137 9.38 2.60 -16.94
CA THR A 137 8.40 3.66 -16.73
C THR A 137 7.51 3.27 -15.57
N SER A 138 7.55 4.02 -14.49
CA SER A 138 6.76 3.66 -13.35
C SER A 138 6.26 4.90 -12.68
N TYR A 139 5.07 4.85 -12.14
CA TYR A 139 4.64 5.86 -11.23
C TYR A 139 4.25 5.18 -9.94
N SER A 140 4.55 5.77 -8.80
CA SER A 140 4.07 5.17 -7.58
C SER A 140 2.84 5.93 -7.12
N TYR A 141 1.71 5.27 -7.18
CA TYR A 141 0.49 5.78 -6.61
C TYR A 141 0.25 5.30 -5.19
N SER A 142 -0.73 5.91 -4.56
CA SER A 142 -1.72 5.27 -3.70
C SER A 142 -1.37 3.96 -2.98
N LEU A 143 -1.49 3.99 -1.66
CA LEU A 143 -2.17 2.91 -0.95
C LEU A 143 -2.27 3.33 0.50
N PHE A 144 -3.42 3.17 1.11
CA PHE A 144 -3.63 3.65 2.49
C PHE A 144 -4.89 3.00 2.99
N ILE A 145 -4.93 2.67 4.28
CA ILE A 145 -6.15 2.15 4.90
C ILE A 145 -6.15 2.37 6.40
N VAL A 146 -7.28 2.02 7.01
CA VAL A 146 -7.40 1.87 8.45
C VAL A 146 -8.17 0.59 8.72
N SER A 147 -7.94 -0.01 9.86
CA SER A 147 -8.49 -1.31 10.16
C SER A 147 -9.24 -1.30 11.47
N GLN A 148 -10.06 -2.31 11.70
CA GLN A 148 -10.95 -2.34 12.85
C GLN A 148 -10.72 -3.57 13.70
N GLY A 149 -10.58 -3.36 14.99
CA GLY A 149 -10.56 -4.46 15.92
C GLY A 149 -11.74 -4.39 16.84
N GLU A 150 -12.56 -5.42 16.85
CA GLU A 150 -13.79 -5.37 17.62
C GLU A 150 -13.59 -6.01 18.98
N GLU A 151 -12.70 -6.99 19.00
CA GLU A 151 -12.39 -7.75 20.20
C GLU A 151 -12.15 -6.83 21.40
N THR A 152 -11.20 -5.92 21.28
CA THR A 152 -10.89 -4.97 22.34
C THR A 152 -11.14 -3.52 21.90
N GLY A 153 -11.52 -3.34 20.63
CA GLY A 153 -11.71 -2.00 20.10
C GLY A 153 -10.41 -1.41 19.56
N ALA A 154 -9.76 -2.16 18.70
CA ALA A 154 -8.48 -1.77 18.14
C ALA A 154 -8.63 -1.22 16.72
N MET A 155 -7.52 -0.88 16.09
CA MET A 155 -7.53 -0.36 14.73
C MET A 155 -6.12 -0.36 14.12
N MET A 156 -5.95 0.33 13.00
CA MET A 156 -4.63 0.44 12.37
C MET A 156 -4.56 1.59 11.38
N ALA A 157 -3.55 2.43 11.53
CA ALA A 157 -3.33 3.56 10.64
C ALA A 157 -2.30 3.21 9.56
N ALA A 158 -2.76 2.93 8.36
CA ALA A 158 -1.88 2.45 7.30
C ALA A 158 -1.72 3.47 6.19
N GLY A 159 -0.50 3.62 5.69
CA GLY A 159 -0.27 4.47 4.53
C GLY A 159 0.83 3.97 3.62
N PRO A 160 0.65 2.80 2.99
CA PRO A 160 1.52 2.33 1.91
C PRO A 160 1.48 3.19 0.65
N LEU A 161 2.04 2.64 -0.41
CA LEU A 161 1.75 3.11 -1.75
C LEU A 161 2.04 1.98 -2.72
N ILE A 162 1.50 2.03 -3.93
CA ILE A 162 1.75 0.99 -4.93
C ILE A 162 2.60 1.53 -6.09
N ILE A 163 3.59 0.75 -6.51
CA ILE A 163 4.44 1.17 -7.62
C ILE A 163 4.35 0.15 -8.75
N THR A 164 4.06 0.65 -9.94
CA THR A 164 3.94 -0.21 -11.10
C THR A 164 5.12 0.03 -12.04
N VAL A 165 5.98 -0.98 -12.16
CA VAL A 165 7.16 -0.88 -12.97
C VAL A 165 6.90 -1.46 -14.34
N THR A 166 6.64 -0.58 -15.29
CA THR A 166 6.32 -0.97 -16.65
C THR A 166 7.24 -0.25 -17.63
N PRO A 167 8.30 -0.92 -18.07
CA PRO A 167 9.43 -0.25 -18.71
C PRO A 167 9.22 0.31 -20.11
N ASN A 168 10.22 1.12 -20.50
CA ASN A 168 10.25 1.84 -21.77
C ASN A 168 11.29 1.21 -22.70
N THR A 169 11.85 0.09 -22.28
CA THR A 169 12.83 -0.62 -23.10
C THR A 169 12.25 -0.90 -24.49
N ALA A 170 13.08 -0.80 -25.50
CA ALA A 170 12.65 -0.52 -26.87
C ALA A 170 11.82 -1.59 -27.58
N ILE A 171 12.30 -2.82 -27.72
CA ILE A 171 11.90 -3.59 -28.90
C ILE A 171 11.24 -4.88 -28.62
N SER A 172 10.02 -4.99 -29.10
CA SER A 172 9.21 -6.15 -28.89
C SER A 172 8.77 -6.64 -30.26
N ASP A 173 9.81 -7.05 -30.97
CA ASP A 173 9.73 -7.51 -32.34
C ASP A 173 10.33 -8.90 -32.42
N ILE A 174 11.20 -9.14 -33.40
CA ILE A 174 11.76 -10.46 -33.62
C ILE A 174 12.61 -10.89 -32.43
N PHE A 175 13.14 -9.92 -31.69
CA PHE A 175 13.70 -10.21 -30.37
C PHE A 175 13.49 -9.00 -29.47
N ASN A 176 13.24 -9.26 -28.19
CA ASN A 176 13.03 -8.20 -27.21
C ASN A 176 14.32 -7.83 -26.48
N THR A 177 14.56 -6.53 -26.35
CA THR A 177 15.58 -6.02 -25.43
C THR A 177 15.07 -6.12 -23.98
N LYS A 178 13.79 -6.55 -23.91
CA LYS A 178 12.98 -6.84 -22.71
C LYS A 178 12.17 -5.63 -22.22
N ASP A 179 11.30 -5.15 -23.12
CA ASP A 179 10.21 -4.25 -22.76
C ASP A 179 9.08 -5.07 -22.12
N TRP A 180 9.21 -6.37 -22.25
CA TRP A 180 8.16 -7.30 -21.84
C TRP A 180 8.48 -7.94 -20.48
N ARG A 181 9.67 -7.67 -19.95
CA ARG A 181 9.98 -8.15 -18.61
C ARG A 181 9.63 -7.06 -17.62
N LEU A 182 9.09 -7.45 -16.49
CA LEU A 182 8.43 -6.49 -15.62
C LEU A 182 9.02 -6.51 -14.22
N THR A 183 8.53 -5.60 -13.39
CA THR A 183 8.98 -5.44 -12.02
C THR A 183 7.86 -4.80 -11.19
N LEU A 184 7.65 -5.26 -9.97
CA LEU A 184 6.64 -4.69 -9.12
C LEU A 184 7.20 -4.44 -7.73
N GLN A 185 6.85 -3.32 -7.16
CA GLN A 185 7.52 -2.85 -5.97
C GLN A 185 6.64 -1.83 -5.31
N LYS A 186 6.89 -1.54 -4.04
CA LYS A 186 6.14 -0.50 -3.34
C LYS A 186 6.50 -0.47 -1.87
N GLU A 187 5.97 0.54 -1.18
CA GLU A 187 6.36 0.78 0.20
C GLU A 187 5.13 0.84 1.09
N GLU A 188 4.95 -0.15 1.97
CA GLU A 188 3.90 -0.03 2.97
C GLU A 188 4.47 0.42 4.31
N ILE A 189 4.17 1.64 4.67
CA ILE A 189 4.48 2.16 5.98
C ILE A 189 3.19 2.20 6.77
N THR A 190 3.12 1.41 7.80
CA THR A 190 1.87 1.17 8.49
C THR A 190 2.03 1.30 9.99
N ILE A 191 1.24 2.17 10.57
CA ILE A 191 1.24 2.37 12.00
C ILE A 191 0.24 1.43 12.63
N GLY A 192 0.74 0.44 13.32
CA GLY A 192 -0.09 -0.54 13.93
C GLY A 192 -0.55 -0.10 15.30
N VAL A 193 -1.84 -0.19 15.55
CA VAL A 193 -2.41 0.30 16.78
C VAL A 193 -3.52 -0.65 17.24
N LYS A 194 -3.12 -1.82 17.71
CA LYS A 194 -4.06 -2.94 17.84
C LYS A 194 -3.46 -4.18 18.47
N GLY A 195 -4.27 -5.23 18.51
CA GLY A 195 -3.83 -6.52 18.98
C GLY A 195 -4.09 -7.57 17.93
N PHE A 196 -3.47 -7.37 16.76
CA PHE A 196 -3.56 -8.27 15.61
C PHE A 196 -3.73 -9.74 16.01
N GLN A 197 -4.78 -10.35 15.50
CA GLN A 197 -5.06 -11.75 15.74
C GLN A 197 -5.19 -12.49 14.40
N VAL A 198 -6.18 -12.06 13.62
CA VAL A 198 -6.38 -12.55 12.27
C VAL A 198 -6.64 -11.34 11.38
N VAL A 199 -6.48 -11.48 10.05
CA VAL A 199 -6.85 -10.40 9.13
C VAL A 199 -8.35 -10.20 9.22
N THR A 200 -8.74 -9.44 10.22
CA THR A 200 -10.09 -9.41 10.72
C THR A 200 -10.15 -8.33 11.82
N PRO A 201 -11.27 -8.17 12.57
CA PRO A 201 -11.30 -7.29 13.76
C PRO A 201 -10.21 -7.60 14.81
N LEU A 202 -9.04 -7.05 14.53
CA LEU A 202 -7.82 -7.13 15.35
C LEU A 202 -7.91 -6.45 16.71
N GLY A 203 -8.96 -6.70 17.47
CA GLY A 203 -9.08 -6.08 18.76
C GLY A 203 -8.04 -6.55 19.75
N MET A 1 -12.19 14.27 11.15
CA MET A 1 -11.56 13.79 9.89
C MET A 1 -12.19 14.55 8.74
N SER A 2 -11.61 14.43 7.55
CA SER A 2 -12.10 15.14 6.38
C SER A 2 -11.95 16.64 6.59
N ILE A 3 -12.65 17.41 5.76
CA ILE A 3 -12.57 18.83 5.81
C ILE A 3 -13.49 19.36 6.91
N GLU A 4 -14.74 19.66 6.54
CA GLU A 4 -15.80 20.08 7.46
C GLU A 4 -15.32 21.14 8.46
N ILE A 5 -15.62 22.39 8.17
CA ILE A 5 -15.09 23.49 8.96
C ILE A 5 -16.19 24.49 9.31
N TYR A 6 -15.77 25.71 9.56
CA TYR A 6 -16.68 26.78 9.93
C TYR A 6 -16.40 28.07 9.16
N PRO A 7 -15.14 28.60 9.18
CA PRO A 7 -14.79 29.86 8.47
C PRO A 7 -14.87 29.76 6.94
N ASP A 8 -16.07 29.52 6.43
CA ASP A 8 -16.34 29.53 4.99
C ASP A 8 -17.81 29.26 4.77
N ASP A 9 -18.18 28.02 5.06
CA ASP A 9 -19.54 27.54 4.90
C ASP A 9 -19.73 26.26 5.70
N GLY A 10 -18.63 25.57 5.93
CA GLY A 10 -18.66 24.31 6.62
C GLY A 10 -17.69 23.33 6.00
N ASN A 11 -16.81 23.84 5.14
CA ASN A 11 -15.88 23.02 4.40
C ASN A 11 -14.93 23.91 3.57
N THR A 12 -13.63 23.79 3.83
CA THR A 12 -12.64 24.66 3.17
C THR A 12 -11.19 24.20 3.42
N LEU A 13 -11.02 23.25 4.35
CA LEU A 13 -9.70 22.70 4.75
C LEU A 13 -8.70 22.67 3.61
N PRO A 14 -7.48 23.23 3.83
CA PRO A 14 -6.43 23.27 2.82
C PRO A 14 -5.88 21.87 2.50
N TYR A 15 -6.31 20.89 3.26
CA TYR A 15 -5.91 19.52 3.05
C TYR A 15 -6.83 18.86 2.04
N GLN A 16 -8.07 19.34 1.98
CA GLN A 16 -9.02 18.83 1.00
C GLN A 16 -9.21 17.33 1.14
N VAL A 17 -9.48 16.90 2.36
CA VAL A 17 -9.63 15.50 2.62
C VAL A 17 -11.06 15.20 3.01
N PHE A 18 -11.52 14.02 2.66
CA PHE A 18 -12.91 13.66 2.80
C PHE A 18 -13.07 12.27 2.21
N LEU A 19 -12.49 12.11 1.04
CA LEU A 19 -12.43 10.84 0.35
C LEU A 19 -11.20 10.78 -0.55
N ASN A 20 -10.04 11.22 -0.04
CA ASN A 20 -8.89 11.35 -0.91
C ASN A 20 -8.10 10.06 -0.93
N LEU A 21 -8.42 9.17 -0.01
CA LEU A 21 -7.84 7.83 -0.02
C LEU A 21 -8.82 6.82 0.59
N GLU A 22 -8.73 5.57 0.14
CA GLU A 22 -9.63 4.49 0.53
C GLU A 22 -9.52 4.07 2.00
N ASN A 23 -10.65 4.01 2.67
CA ASN A 23 -10.73 3.33 3.97
C ASN A 23 -11.54 2.06 3.81
N GLU A 24 -11.18 1.01 4.56
CA GLU A 24 -11.98 -0.21 4.55
C GLU A 24 -12.68 -0.41 5.89
N HIS A 25 -12.42 0.49 6.83
CA HIS A 25 -12.90 0.33 8.21
C HIS A 25 -13.16 1.68 8.88
N TYR A 26 -13.31 2.72 8.05
CA TYR A 26 -13.62 4.09 8.50
C TYR A 26 -14.76 4.21 9.52
N TYR A 27 -15.48 3.10 9.78
CA TYR A 27 -16.58 3.05 10.74
C TYR A 27 -16.34 3.95 11.93
N ALA A 28 -15.24 3.72 12.62
CA ALA A 28 -14.81 4.58 13.71
C ALA A 28 -13.31 4.75 13.67
N GLN A 29 -12.67 3.93 12.86
CA GLN A 29 -11.22 3.84 12.82
C GLN A 29 -10.58 5.10 12.28
N ALA A 30 -11.22 5.70 11.28
CA ALA A 30 -10.71 6.91 10.67
C ALA A 30 -10.93 8.08 11.60
N ILE A 31 -11.68 7.83 12.66
CA ILE A 31 -12.03 8.86 13.61
C ILE A 31 -11.04 8.87 14.78
N GLN A 32 -10.65 7.67 15.22
CA GLN A 32 -9.72 7.53 16.35
C GLN A 32 -8.47 8.37 16.13
N LEU A 33 -7.93 8.25 14.94
CA LEU A 33 -6.72 8.96 14.58
C LEU A 33 -7.00 10.23 13.80
N ALA A 34 -8.27 10.49 13.48
CA ALA A 34 -8.66 11.62 12.63
C ALA A 34 -7.97 12.92 13.00
N GLN A 35 -8.14 13.34 14.25
CA GLN A 35 -7.55 14.58 14.76
C GLN A 35 -6.03 14.54 14.72
N LEU A 36 -5.49 13.33 14.65
CA LEU A 36 -4.06 13.16 14.55
C LEU A 36 -3.67 13.21 13.08
N PHE A 37 -4.48 12.52 12.29
CA PHE A 37 -4.24 12.34 10.87
C PHE A 37 -4.48 13.64 10.11
N ALA A 38 -5.34 14.48 10.63
CA ALA A 38 -5.62 15.75 9.99
C ALA A 38 -4.48 16.76 10.22
N HIS A 39 -3.44 16.34 10.95
CA HIS A 39 -2.41 17.28 11.38
C HIS A 39 -1.04 17.01 10.73
N GLU A 40 -0.50 15.81 10.88
CA GLU A 40 0.88 15.52 10.43
C GLU A 40 0.94 15.00 9.01
N VAL A 41 -0.11 15.15 8.24
CA VAL A 41 -0.11 14.62 6.89
C VAL A 41 0.39 15.66 5.90
N ASP A 42 0.37 15.32 4.63
CA ASP A 42 0.81 16.23 3.60
C ASP A 42 -0.41 16.99 3.07
N ASP A 43 -0.24 17.98 2.19
CA ASP A 43 -1.36 18.80 1.72
C ASP A 43 -2.49 17.92 1.16
N ASN A 44 -2.13 16.72 0.71
CA ASN A 44 -3.11 15.77 0.22
C ASN A 44 -3.94 15.19 1.37
N GLY A 45 -3.26 14.84 2.46
CA GLY A 45 -3.93 14.22 3.58
C GLY A 45 -3.53 12.78 3.83
N GLN A 46 -2.33 12.39 3.43
CA GLN A 46 -1.80 11.04 3.69
C GLN A 46 -0.69 11.08 4.74
N LEU A 47 -0.52 9.96 5.46
CA LEU A 47 0.51 9.80 6.50
C LEU A 47 1.88 10.28 6.01
N ASP A 48 2.45 11.27 6.69
CA ASP A 48 3.77 11.76 6.34
C ASP A 48 4.79 11.20 7.31
N LEU A 49 5.67 10.34 6.85
CA LEU A 49 6.57 9.63 7.75
C LEU A 49 7.56 10.59 8.42
N ALA A 50 7.59 11.83 7.95
CA ALA A 50 8.42 12.84 8.57
C ALA A 50 7.78 13.35 9.85
N LYS A 51 6.51 13.75 9.76
CA LYS A 51 5.81 14.35 10.89
C LYS A 51 4.83 13.36 11.49
N ALA A 52 4.13 12.64 10.62
CA ALA A 52 3.10 11.73 11.05
C ALA A 52 3.68 10.49 11.72
N LEU A 53 4.99 10.36 11.65
CA LEU A 53 5.67 9.32 12.40
C LEU A 53 5.66 9.70 13.88
N LYS A 54 5.40 10.98 14.11
CA LYS A 54 5.20 11.51 15.44
C LYS A 54 3.70 11.48 15.74
N LYS A 55 2.90 11.68 14.70
CA LYS A 55 1.44 11.56 14.79
C LYS A 55 1.07 10.15 15.20
N ALA A 56 1.84 9.20 14.70
CA ALA A 56 1.65 7.78 15.00
C ALA A 56 1.83 7.50 16.47
N GLN A 57 2.66 8.31 17.10
CA GLN A 57 2.98 8.16 18.50
C GLN A 57 1.80 8.55 19.38
N ALA A 58 0.78 9.16 18.77
CA ALA A 58 -0.41 9.58 19.48
C ALA A 58 -1.61 8.72 19.08
N GLN A 59 -1.34 7.60 18.42
CA GLN A 59 -2.40 6.73 17.92
C GLN A 59 -3.18 6.08 19.05
N PRO A 60 -4.47 5.82 18.81
CA PRO A 60 -5.39 5.17 19.75
C PRO A 60 -4.73 4.11 20.64
N ASP A 61 -4.21 3.02 20.05
CA ASP A 61 -3.62 1.96 20.86
C ASP A 61 -2.08 1.95 20.82
N LEU A 62 -1.50 1.46 19.73
CA LEU A 62 -0.03 1.46 19.58
C LEU A 62 0.45 2.60 18.68
N ALA A 63 1.54 2.36 17.96
CA ALA A 63 2.19 3.39 17.13
C ALA A 63 2.78 2.75 15.87
N ILE A 64 3.73 3.43 15.25
CA ILE A 64 4.43 2.90 14.09
C ILE A 64 4.92 1.47 14.31
N ILE A 65 4.40 0.53 13.54
CA ILE A 65 4.85 -0.85 13.65
C ILE A 65 5.37 -1.38 12.32
N ALA A 66 4.85 -0.83 11.23
CA ALA A 66 5.19 -1.35 9.92
C ALA A 66 5.57 -0.25 8.94
N THR A 67 6.83 -0.19 8.60
CA THR A 67 7.32 0.66 7.53
C THR A 67 8.11 -0.22 6.57
N ASN A 68 7.40 -1.06 5.83
CA ASN A 68 8.03 -2.10 5.03
C ASN A 68 7.72 -1.95 3.55
N ASN A 69 8.67 -2.26 2.70
CA ASN A 69 8.45 -2.16 1.28
C ASN A 69 8.71 -3.53 0.65
N MET A 70 8.58 -3.63 -0.68
CA MET A 70 8.76 -4.90 -1.36
C MET A 70 9.57 -4.70 -2.64
N THR A 71 10.43 -5.67 -2.95
CA THR A 71 11.20 -5.67 -4.17
C THR A 71 10.93 -6.93 -4.98
N LEU A 72 10.15 -6.78 -6.03
CA LEU A 72 9.74 -7.89 -6.88
C LEU A 72 10.17 -7.60 -8.31
N LYS A 73 10.82 -8.53 -8.93
CA LYS A 73 11.24 -8.32 -10.30
C LYS A 73 11.14 -9.62 -11.06
N LYS A 74 10.88 -9.51 -12.33
CA LYS A 74 10.70 -10.66 -13.18
C LYS A 74 11.53 -10.55 -14.43
N SER A 75 11.51 -11.65 -15.12
CA SER A 75 12.43 -11.93 -16.19
C SER A 75 12.20 -13.39 -16.57
N PHE A 76 12.54 -13.76 -17.79
CA PHE A 76 12.34 -15.12 -18.26
C PHE A 76 13.42 -16.02 -17.69
N SER A 77 13.95 -15.56 -16.58
CA SER A 77 14.80 -16.34 -15.68
C SER A 77 13.91 -17.30 -14.89
N THR A 78 14.37 -17.75 -13.73
CA THR A 78 13.63 -18.72 -12.95
C THR A 78 12.93 -18.08 -11.75
N LEU A 79 11.81 -18.69 -11.38
CA LEU A 79 11.04 -18.29 -10.21
C LEU A 79 11.86 -18.50 -8.94
N SER A 80 13.03 -19.11 -9.09
CA SER A 80 13.97 -19.33 -8.01
C SER A 80 14.29 -18.02 -7.31
N ALA A 81 14.18 -16.92 -8.02
CA ALA A 81 14.43 -15.62 -7.44
C ALA A 81 13.14 -14.79 -7.44
N LEU A 82 12.36 -14.95 -8.49
CA LEU A 82 11.14 -14.16 -8.67
C LEU A 82 10.14 -14.40 -7.55
N THR A 83 9.70 -15.64 -7.39
CA THR A 83 8.67 -15.97 -6.41
C THR A 83 9.25 -16.03 -5.01
N THR A 84 10.56 -16.23 -4.91
CA THR A 84 11.23 -16.28 -3.62
C THR A 84 11.12 -14.93 -2.91
N THR A 85 11.51 -13.87 -3.58
CA THR A 85 11.45 -12.55 -2.98
C THR A 85 10.00 -12.11 -2.86
N LEU A 86 9.19 -12.48 -3.85
CA LEU A 86 7.77 -12.16 -3.87
C LEU A 86 7.07 -12.72 -2.66
N SER A 87 7.40 -13.94 -2.26
CA SER A 87 6.70 -14.59 -1.16
C SER A 87 7.08 -13.95 0.17
N GLU A 88 8.36 -13.71 0.38
CA GLU A 88 8.83 -13.05 1.60
C GLU A 88 8.09 -11.72 1.78
N GLN A 89 7.84 -11.03 0.68
CA GLN A 89 7.16 -9.76 0.70
C GLN A 89 5.68 -9.91 0.34
N LEU A 90 5.22 -11.14 0.23
CA LEU A 90 3.82 -11.40 -0.07
C LEU A 90 3.03 -11.32 1.21
N LYS A 91 3.73 -11.02 2.30
CA LYS A 91 3.08 -10.51 3.50
C LYS A 91 2.45 -9.17 3.16
N ILE A 92 3.06 -8.48 2.20
CA ILE A 92 2.54 -7.23 1.66
C ILE A 92 1.37 -7.53 0.70
N GLU A 93 0.72 -8.66 0.95
CA GLU A 93 -0.53 -9.03 0.27
C GLU A 93 -1.64 -7.99 0.56
N GLY A 94 -1.31 -6.97 1.34
CA GLY A 94 -2.28 -5.97 1.71
C GLY A 94 -2.89 -6.28 3.06
N VAL A 95 -2.03 -6.66 3.98
CA VAL A 95 -2.43 -7.01 5.32
C VAL A 95 -2.67 -5.77 6.18
N LEU A 96 -3.77 -5.12 5.88
CA LEU A 96 -4.17 -3.91 6.56
C LEU A 96 -4.81 -4.26 7.89
N GLY A 97 -5.80 -5.16 7.84
CA GLY A 97 -6.29 -5.78 9.06
C GLY A 97 -5.47 -7.01 9.43
N ILE A 98 -4.19 -6.92 9.10
CA ILE A 98 -3.15 -7.97 9.22
C ILE A 98 -3.29 -8.95 10.41
N SER A 99 -2.77 -10.18 10.20
CA SER A 99 -2.83 -11.24 11.20
C SER A 99 -1.60 -11.19 12.10
N GLN A 100 -1.43 -12.24 12.89
CA GLN A 100 -0.22 -12.38 13.67
C GLN A 100 0.88 -12.93 12.79
N ASP A 101 0.52 -13.85 11.90
CA ASP A 101 1.49 -14.44 11.01
C ASP A 101 1.44 -13.80 9.61
N THR A 102 0.60 -14.35 8.74
CA THR A 102 0.56 -13.95 7.33
C THR A 102 1.98 -13.80 6.78
N TYR A 103 2.77 -14.87 6.95
CA TYR A 103 4.14 -14.93 6.47
C TYR A 103 4.31 -16.18 5.62
N ILE A 104 5.56 -16.53 5.28
CA ILE A 104 5.83 -17.67 4.43
C ILE A 104 5.22 -18.97 4.97
N GLN A 105 5.12 -19.98 4.09
CA GLN A 105 4.39 -21.23 4.35
C GLN A 105 2.88 -21.00 4.33
N ASN A 106 2.42 -19.97 5.02
CA ASN A 106 1.02 -19.55 4.92
C ASN A 106 0.88 -18.71 3.67
N ILE A 107 1.99 -18.08 3.31
CA ILE A 107 2.08 -17.22 2.14
C ILE A 107 2.83 -17.91 1.02
N LEU A 108 3.91 -18.62 1.38
CA LEU A 108 4.77 -19.26 0.39
C LEU A 108 4.04 -20.40 -0.31
N SER A 109 2.84 -20.66 0.16
CA SER A 109 2.01 -21.68 -0.42
C SER A 109 1.44 -21.22 -1.74
N HIS A 110 1.22 -19.92 -1.88
CA HIS A 110 0.78 -19.36 -3.16
C HIS A 110 1.82 -19.67 -4.22
N ALA A 111 3.07 -19.59 -3.83
CA ALA A 111 4.17 -19.83 -4.74
C ALA A 111 4.29 -21.31 -5.11
N PHE A 112 3.89 -22.20 -4.22
CA PHE A 112 3.98 -23.63 -4.51
C PHE A 112 2.66 -24.21 -4.98
N CYS A 113 1.59 -23.48 -4.75
CA CYS A 113 0.24 -23.89 -5.13
C CYS A 113 -0.65 -22.66 -5.22
N ASP A 114 -1.19 -22.41 -6.41
CA ASP A 114 -2.01 -21.21 -6.65
C ASP A 114 -1.16 -19.95 -6.60
N LEU A 115 -0.43 -19.74 -7.68
CA LEU A 115 0.58 -18.71 -7.77
C LEU A 115 -0.09 -17.34 -7.97
N GLU A 116 0.21 -16.38 -7.07
CA GLU A 116 -0.29 -15.00 -7.20
C GLU A 116 0.16 -14.36 -8.52
N THR A 117 1.00 -15.08 -9.23
CA THR A 117 1.29 -14.83 -10.64
C THR A 117 2.06 -13.54 -10.87
N GLN A 118 2.80 -13.10 -9.85
CA GLN A 118 3.59 -11.88 -9.93
C GLN A 118 2.75 -10.76 -10.54
N LYS A 119 1.61 -10.51 -9.88
CA LYS A 119 0.54 -9.59 -10.32
C LYS A 119 -0.26 -10.12 -11.51
N ASP A 120 -1.01 -11.20 -11.25
CA ASP A 120 -2.11 -11.59 -12.12
C ASP A 120 -3.13 -10.45 -12.19
N LYS A 121 -3.53 -10.08 -13.41
CA LYS A 121 -4.47 -8.97 -13.69
C LYS A 121 -3.73 -7.70 -14.07
N PRO A 122 -4.02 -7.17 -15.26
CA PRO A 122 -3.37 -5.97 -15.78
C PRO A 122 -3.93 -4.69 -15.16
N TRP A 123 -3.77 -4.57 -13.85
CA TRP A 123 -4.18 -3.36 -13.16
C TRP A 123 -3.34 -2.18 -13.64
N PHE A 124 -4.03 -1.05 -13.85
CA PHE A 124 -3.56 0.04 -14.71
C PHE A 124 -2.16 0.53 -14.42
N HIS A 125 -1.42 0.76 -15.50
CA HIS A 125 -0.11 1.40 -15.42
C HIS A 125 0.14 2.20 -16.68
N ILE A 126 0.02 3.53 -16.61
CA ILE A 126 0.17 4.35 -17.81
C ILE A 126 0.98 5.64 -17.59
N ASN A 127 2.27 5.57 -17.29
CA ASN A 127 3.11 6.72 -17.63
C ASN A 127 4.19 6.28 -18.60
N ALA A 128 4.47 7.08 -19.58
CA ALA A 128 5.64 6.91 -20.42
C ALA A 128 6.88 7.62 -19.88
N GLN A 129 7.99 7.39 -20.58
CA GLN A 129 9.18 8.24 -20.51
C GLN A 129 9.81 8.28 -21.88
N PRO A 130 10.35 9.43 -22.31
CA PRO A 130 11.08 9.52 -23.57
C PRO A 130 12.42 8.79 -23.47
N ASP A 131 12.39 7.49 -23.75
CA ASP A 131 13.57 6.64 -23.65
C ASP A 131 13.58 5.62 -24.75
N ALA A 132 12.57 4.73 -24.76
CA ALA A 132 12.52 3.66 -25.75
C ALA A 132 13.77 2.82 -25.66
N GLY A 133 14.05 2.40 -24.44
CA GLY A 133 15.24 1.62 -24.19
C GLY A 133 15.43 1.42 -22.71
N HIS A 134 15.05 2.42 -21.95
CA HIS A 134 15.03 2.31 -20.51
C HIS A 134 13.90 3.16 -19.95
N SER A 135 12.69 2.64 -20.08
CA SER A 135 11.49 3.37 -19.73
C SER A 135 10.69 2.60 -18.69
N VAL A 136 9.54 3.16 -18.32
CA VAL A 136 8.64 2.59 -17.31
C VAL A 136 7.22 3.11 -17.56
N THR A 137 6.28 2.22 -17.82
CA THR A 137 4.89 2.63 -17.83
C THR A 137 4.20 2.08 -16.58
N SER A 138 4.03 2.93 -15.58
CA SER A 138 3.49 2.49 -14.31
C SER A 138 2.39 3.41 -13.81
N TYR A 139 1.41 2.82 -13.19
CA TYR A 139 0.46 3.57 -12.43
C TYR A 139 0.34 2.92 -11.07
N SER A 140 0.20 3.70 -10.03
CA SER A 140 0.05 3.13 -8.72
C SER A 140 -1.41 3.18 -8.27
N TYR A 141 -1.98 2.00 -8.01
CA TYR A 141 -3.15 1.90 -7.19
C TYR A 141 -2.70 1.96 -5.73
N SER A 142 -3.42 1.30 -4.82
CA SER A 142 -3.08 1.32 -3.39
C SER A 142 -3.44 2.64 -2.74
N LEU A 143 -3.91 2.51 -1.52
CA LEU A 143 -4.68 3.54 -0.86
C LEU A 143 -4.08 3.84 0.49
N PHE A 144 -4.65 4.79 1.19
CA PHE A 144 -4.37 4.94 2.61
C PHE A 144 -5.72 5.04 3.30
N ILE A 145 -5.86 4.35 4.45
CA ILE A 145 -6.76 4.69 5.60
C ILE A 145 -6.70 3.50 6.59
N VAL A 146 -7.65 3.36 7.51
CA VAL A 146 -7.44 2.67 8.79
C VAL A 146 -8.25 1.35 8.88
N SER A 147 -7.92 0.54 9.90
CA SER A 147 -8.52 -0.77 10.13
C SER A 147 -9.09 -0.86 11.54
N GLN A 148 -9.78 -1.97 11.84
CA GLN A 148 -10.64 -2.08 13.01
C GLN A 148 -10.42 -3.38 13.77
N GLY A 149 -10.32 -3.28 15.07
CA GLY A 149 -10.34 -4.47 15.89
C GLY A 149 -11.57 -4.47 16.76
N GLU A 150 -12.40 -5.48 16.62
CA GLU A 150 -13.68 -5.46 17.29
C GLU A 150 -13.61 -6.24 18.59
N GLU A 151 -12.73 -7.24 18.59
CA GLU A 151 -12.56 -8.11 19.73
C GLU A 151 -12.38 -7.30 21.00
N THR A 152 -11.34 -6.47 21.02
CA THR A 152 -11.05 -5.68 22.19
C THR A 152 -11.30 -4.19 21.94
N GLY A 153 -11.61 -3.86 20.69
CA GLY A 153 -11.75 -2.47 20.29
C GLY A 153 -10.43 -1.86 19.90
N ALA A 154 -9.78 -2.48 18.93
CA ALA A 154 -8.50 -2.03 18.43
C ALA A 154 -8.68 -1.27 17.12
N MET A 155 -7.56 -0.98 16.48
CA MET A 155 -7.54 -0.08 15.34
C MET A 155 -6.17 -0.20 14.66
N MET A 156 -5.99 0.41 13.51
CA MET A 156 -4.65 0.59 12.97
C MET A 156 -4.64 1.41 11.71
N ALA A 157 -3.75 2.39 11.67
CA ALA A 157 -3.67 3.33 10.58
C ALA A 157 -2.84 2.78 9.43
N ALA A 158 -3.45 2.69 8.27
CA ALA A 158 -2.79 2.09 7.12
C ALA A 158 -2.59 3.12 6.01
N GLY A 159 -1.47 2.98 5.31
CA GLY A 159 -1.18 3.84 4.17
C GLY A 159 -0.24 3.17 3.17
N PRO A 160 -0.67 2.06 2.54
CA PRO A 160 0.16 1.34 1.56
C PRO A 160 0.24 1.97 0.17
N LEU A 161 1.39 1.75 -0.50
CA LEU A 161 1.53 2.01 -1.93
C LEU A 161 1.71 0.72 -2.63
N ILE A 162 1.15 0.57 -3.81
CA ILE A 162 1.48 -0.57 -4.64
C ILE A 162 1.66 -0.11 -6.08
N ILE A 163 2.85 -0.34 -6.62
CA ILE A 163 3.22 0.23 -7.90
C ILE A 163 3.49 -0.87 -8.92
N THR A 164 2.92 -0.73 -10.10
CA THR A 164 3.09 -1.70 -11.16
C THR A 164 4.01 -1.15 -12.23
N VAL A 165 5.17 -1.76 -12.40
CA VAL A 165 6.17 -1.27 -13.33
C VAL A 165 6.23 -2.15 -14.57
N THR A 166 5.68 -1.62 -15.65
CA THR A 166 5.70 -2.29 -16.95
C THR A 166 6.22 -1.31 -18.00
N PRO A 167 7.50 -1.40 -18.35
CA PRO A 167 8.18 -0.35 -19.11
C PRO A 167 7.87 -0.27 -20.60
N ASN A 168 8.34 0.84 -21.17
CA ASN A 168 8.13 1.16 -22.59
C ASN A 168 9.43 0.98 -23.39
N THR A 169 10.47 0.50 -22.70
CA THR A 169 11.77 0.22 -23.34
C THR A 169 11.63 -0.57 -24.65
N ALA A 170 12.56 -0.33 -25.56
CA ALA A 170 12.37 -0.64 -26.98
C ALA A 170 12.52 -2.12 -27.36
N ILE A 171 13.60 -2.77 -26.94
CA ILE A 171 13.97 -4.06 -27.55
C ILE A 171 14.14 -5.11 -26.50
N SER A 172 13.87 -6.34 -26.87
CA SER A 172 14.13 -7.43 -25.97
C SER A 172 14.74 -8.62 -26.68
N ASP A 173 15.83 -8.36 -27.39
CA ASP A 173 16.55 -9.42 -28.10
C ASP A 173 18.03 -9.42 -27.71
N ILE A 174 18.90 -9.62 -28.69
CA ILE A 174 20.36 -9.59 -28.48
C ILE A 174 20.83 -8.13 -28.43
N PHE A 175 19.85 -7.30 -28.17
CA PHE A 175 19.95 -5.86 -28.26
C PHE A 175 19.56 -5.24 -26.93
N ASN A 176 19.06 -4.02 -27.02
CA ASN A 176 18.54 -3.24 -25.89
C ASN A 176 17.84 -4.07 -24.79
N THR A 177 17.72 -3.39 -23.65
CA THR A 177 17.62 -3.88 -22.27
C THR A 177 16.71 -5.09 -21.96
N LYS A 178 15.90 -5.56 -22.91
CA LYS A 178 14.88 -6.61 -22.66
C LYS A 178 13.59 -5.98 -22.16
N ASP A 179 12.86 -5.43 -23.12
CA ASP A 179 11.66 -4.64 -22.90
C ASP A 179 10.48 -5.41 -22.29
N TRP A 180 10.53 -6.75 -22.23
CA TRP A 180 9.37 -7.48 -21.74
C TRP A 180 9.63 -8.14 -20.40
N ARG A 181 10.84 -8.02 -19.88
CA ARG A 181 11.12 -8.46 -18.53
C ARG A 181 10.59 -7.37 -17.62
N LEU A 182 9.93 -7.73 -16.54
CA LEU A 182 9.20 -6.72 -15.77
C LEU A 182 9.70 -6.64 -14.35
N THR A 183 9.20 -5.66 -13.60
CA THR A 183 9.63 -5.42 -12.23
C THR A 183 8.50 -4.72 -11.45
N LEU A 184 8.25 -5.13 -10.22
CA LEU A 184 7.18 -4.54 -9.41
C LEU A 184 7.65 -4.27 -7.98
N GLN A 185 7.44 -3.05 -7.49
CA GLN A 185 7.77 -2.73 -6.10
C GLN A 185 6.83 -1.68 -5.56
N LYS A 186 6.96 -1.40 -4.27
CA LYS A 186 6.05 -0.48 -3.59
C LYS A 186 6.46 -0.21 -2.16
N GLU A 187 5.74 0.71 -1.52
CA GLU A 187 6.07 1.12 -0.16
C GLU A 187 4.84 0.99 0.73
N GLU A 188 4.88 0.14 1.72
CA GLU A 188 3.76 0.02 2.63
C GLU A 188 4.12 0.48 4.04
N ILE A 189 3.63 1.64 4.40
CA ILE A 189 3.79 2.17 5.73
C ILE A 189 2.45 2.08 6.46
N THR A 190 2.43 1.28 7.51
CA THR A 190 1.21 1.01 8.24
C THR A 190 1.45 1.06 9.75
N ILE A 191 0.83 2.02 10.41
CA ILE A 191 0.97 2.21 11.83
C ILE A 191 0.02 1.29 12.56
N GLY A 192 0.58 0.37 13.33
CA GLY A 192 -0.23 -0.60 14.00
C GLY A 192 -0.61 -0.17 15.39
N VAL A 193 -1.85 -0.40 15.76
CA VAL A 193 -2.36 0.11 17.04
C VAL A 193 -3.44 -0.87 17.54
N LYS A 194 -3.00 -2.05 17.96
CA LYS A 194 -3.94 -3.15 18.08
C LYS A 194 -3.33 -4.42 18.65
N GLY A 195 -4.13 -5.48 18.64
CA GLY A 195 -3.71 -6.78 19.14
C GLY A 195 -3.99 -7.83 18.10
N PHE A 196 -3.57 -7.50 16.88
CA PHE A 196 -3.76 -8.32 15.68
C PHE A 196 -3.79 -9.82 15.92
N GLN A 197 -4.81 -10.47 15.36
CA GLN A 197 -4.99 -11.90 15.46
C GLN A 197 -4.90 -12.51 14.06
N VAL A 198 -5.92 -12.24 13.27
CA VAL A 198 -5.97 -12.64 11.87
C VAL A 198 -6.27 -11.38 11.05
N VAL A 199 -6.16 -11.44 9.73
CA VAL A 199 -6.57 -10.32 8.90
C VAL A 199 -8.08 -10.15 9.04
N THR A 200 -8.44 -9.41 10.07
CA THR A 200 -9.77 -9.41 10.63
C THR A 200 -9.85 -8.27 11.65
N PRO A 201 -11.00 -8.08 12.34
CA PRO A 201 -11.07 -7.23 13.55
C PRO A 201 -9.95 -7.51 14.55
N LEU A 202 -8.82 -6.88 14.32
CA LEU A 202 -7.59 -7.00 15.13
C LEU A 202 -7.71 -6.48 16.56
N GLY A 203 -8.78 -6.82 17.26
CA GLY A 203 -8.94 -6.38 18.63
C GLY A 203 -7.87 -6.95 19.54
N MET A 1 -13.18 16.02 10.85
CA MET A 1 -12.37 15.23 11.79
C MET A 1 -10.97 14.98 11.25
N SER A 2 -10.76 15.08 9.94
CA SER A 2 -9.43 14.93 9.41
C SER A 2 -8.90 16.25 8.97
N ILE A 3 -9.81 17.16 8.91
CA ILE A 3 -9.50 18.54 8.82
C ILE A 3 -9.44 19.11 10.22
N GLU A 4 -10.60 19.09 10.86
CA GLU A 4 -10.76 19.26 12.30
C GLU A 4 -9.78 20.25 12.90
N ILE A 5 -10.21 21.49 12.96
CA ILE A 5 -9.36 22.56 13.44
C ILE A 5 -10.07 23.31 14.57
N TYR A 6 -9.84 24.60 14.63
CA TYR A 6 -10.42 25.43 15.68
C TYR A 6 -10.86 26.79 15.12
N PRO A 7 -9.96 27.57 14.45
CA PRO A 7 -10.30 28.90 13.90
C PRO A 7 -11.30 28.87 12.73
N ASP A 8 -12.49 28.33 12.97
CA ASP A 8 -13.58 28.37 11.99
C ASP A 8 -14.84 27.77 12.61
N ASP A 9 -14.92 26.47 12.57
CA ASP A 9 -16.03 25.73 13.18
C ASP A 9 -15.52 24.36 13.62
N GLY A 10 -14.24 24.14 13.39
CA GLY A 10 -13.65 22.85 13.64
C GLY A 10 -13.29 22.21 12.32
N ASN A 11 -13.19 23.05 11.29
CA ASN A 11 -12.97 22.59 9.94
C ASN A 11 -12.59 23.75 9.03
N THR A 12 -11.49 23.61 8.30
CA THR A 12 -11.01 24.66 7.42
C THR A 12 -9.69 24.25 6.73
N LEU A 13 -9.08 23.15 7.22
CA LEU A 13 -7.82 22.61 6.69
C LEU A 13 -7.74 22.72 5.18
N PRO A 14 -6.68 23.37 4.66
CA PRO A 14 -6.48 23.53 3.22
C PRO A 14 -6.22 22.20 2.53
N TYR A 15 -6.05 21.15 3.34
CA TYR A 15 -5.79 19.83 2.82
C TYR A 15 -7.10 19.17 2.42
N GLN A 16 -8.16 19.49 3.16
CA GLN A 16 -9.47 18.93 2.88
C GLN A 16 -9.41 17.42 2.93
N VAL A 17 -9.08 16.91 4.11
CA VAL A 17 -8.92 15.50 4.31
C VAL A 17 -9.83 15.00 5.41
N PHE A 18 -10.24 13.75 5.27
CA PHE A 18 -11.14 13.05 6.17
C PHE A 18 -11.64 11.83 5.44
N LEU A 19 -11.77 11.99 4.15
CA LEU A 19 -12.12 10.89 3.27
C LEU A 19 -11.57 11.18 1.87
N ASN A 20 -10.26 11.47 1.80
CA ASN A 20 -9.67 11.95 0.56
C ASN A 20 -9.14 10.79 -0.28
N LEU A 21 -9.14 9.60 0.32
CA LEU A 21 -8.58 8.42 -0.34
C LEU A 21 -9.09 7.13 0.30
N GLU A 22 -8.94 6.04 -0.44
CA GLU A 22 -9.61 4.77 -0.15
C GLU A 22 -9.22 4.17 1.19
N ASN A 23 -10.20 3.84 2.02
CA ASN A 23 -9.98 2.93 3.14
C ASN A 23 -10.96 1.79 3.06
N GLU A 24 -10.85 0.85 4.00
CA GLU A 24 -11.75 -0.27 4.03
C GLU A 24 -12.53 -0.30 5.33
N HIS A 25 -12.25 0.64 6.22
CA HIS A 25 -12.90 0.61 7.55
C HIS A 25 -13.13 2.01 8.17
N TYR A 26 -13.30 3.02 7.32
CA TYR A 26 -13.59 4.42 7.77
C TYR A 26 -14.68 4.51 8.84
N TYR A 27 -15.51 3.47 8.96
CA TYR A 27 -16.67 3.42 9.87
C TYR A 27 -16.49 4.27 11.12
N ALA A 28 -15.46 3.97 11.89
CA ALA A 28 -15.14 4.76 13.08
C ALA A 28 -13.63 4.86 13.22
N GLN A 29 -12.95 4.10 12.39
CA GLN A 29 -11.52 3.91 12.49
C GLN A 29 -10.76 5.17 12.13
N ALA A 30 -11.28 5.93 11.17
CA ALA A 30 -10.64 7.16 10.76
C ALA A 30 -10.91 8.26 11.77
N ILE A 31 -11.73 7.96 12.76
CA ILE A 31 -12.14 8.96 13.74
C ILE A 31 -11.23 8.93 14.96
N GLN A 32 -10.82 7.73 15.34
CA GLN A 32 -9.93 7.53 16.49
C GLN A 32 -8.67 8.35 16.33
N LEU A 33 -8.09 8.23 15.16
CA LEU A 33 -6.84 8.89 14.81
C LEU A 33 -7.08 10.17 14.01
N ALA A 34 -8.35 10.45 13.71
CA ALA A 34 -8.75 11.62 12.90
C ALA A 34 -7.96 12.87 13.24
N GLN A 35 -8.12 13.34 14.47
CA GLN A 35 -7.48 14.57 14.93
C GLN A 35 -5.95 14.46 14.94
N LEU A 36 -5.45 13.25 14.74
CA LEU A 36 -4.02 13.03 14.62
C LEU A 36 -3.63 13.21 13.16
N PHE A 37 -4.41 12.55 12.29
CA PHE A 37 -4.20 12.65 10.86
C PHE A 37 -4.48 14.05 10.37
N ALA A 38 -5.34 14.75 11.10
CA ALA A 38 -5.72 16.12 10.75
C ALA A 38 -4.53 17.07 10.83
N HIS A 39 -3.39 16.60 11.36
CA HIS A 39 -2.28 17.49 11.64
C HIS A 39 -1.03 17.19 10.80
N GLU A 40 -0.52 15.96 10.88
CA GLU A 40 0.82 15.65 10.33
C GLU A 40 0.78 15.07 8.92
N VAL A 41 -0.20 15.42 8.12
CA VAL A 41 -0.27 14.88 6.79
C VAL A 41 0.20 15.89 5.75
N ASP A 42 0.14 15.49 4.49
CA ASP A 42 0.57 16.36 3.40
C ASP A 42 -0.62 17.10 2.82
N ASP A 43 -0.40 18.01 1.87
CA ASP A 43 -1.48 18.78 1.25
C ASP A 43 -2.66 17.90 0.83
N ASN A 44 -2.36 16.66 0.48
CA ASN A 44 -3.40 15.71 0.10
C ASN A 44 -4.18 15.23 1.32
N GLY A 45 -3.47 14.92 2.39
CA GLY A 45 -4.12 14.39 3.57
C GLY A 45 -3.65 13.01 3.98
N GLN A 46 -2.49 12.57 3.48
CA GLN A 46 -1.97 11.24 3.79
C GLN A 46 -0.80 11.31 4.76
N LEU A 47 -0.59 10.20 5.48
CA LEU A 47 0.49 10.03 6.44
C LEU A 47 1.82 10.55 5.90
N ASP A 48 2.41 11.52 6.59
CA ASP A 48 3.76 11.97 6.23
C ASP A 48 4.76 11.35 7.18
N LEU A 49 5.67 10.54 6.68
CA LEU A 49 6.57 9.82 7.57
C LEU A 49 7.55 10.75 8.27
N ALA A 50 7.59 12.00 7.85
CA ALA A 50 8.43 12.99 8.50
C ALA A 50 7.77 13.50 9.77
N LYS A 51 6.50 13.87 9.67
CA LYS A 51 5.78 14.45 10.80
C LYS A 51 4.81 13.44 11.38
N ALA A 52 4.10 12.74 10.50
CA ALA A 52 3.07 11.81 10.92
C ALA A 52 3.66 10.56 11.57
N LEU A 53 4.96 10.43 11.52
CA LEU A 53 5.64 9.38 12.24
C LEU A 53 5.62 9.74 13.72
N LYS A 54 5.38 11.02 13.97
CA LYS A 54 5.16 11.53 15.31
C LYS A 54 3.66 11.46 15.62
N LYS A 55 2.86 11.69 14.59
CA LYS A 55 1.40 11.57 14.67
C LYS A 55 1.02 10.15 15.05
N ALA A 56 1.80 9.20 14.54
CA ALA A 56 1.60 7.79 14.82
C ALA A 56 1.81 7.49 16.29
N GLN A 57 2.66 8.29 16.91
CA GLN A 57 3.00 8.11 18.31
C GLN A 57 1.83 8.49 19.21
N ALA A 58 0.82 9.13 18.61
CA ALA A 58 -0.36 9.56 19.35
C ALA A 58 -1.58 8.72 18.99
N GLN A 59 -1.37 7.62 18.27
CA GLN A 59 -2.48 6.78 17.82
C GLN A 59 -3.23 6.17 18.99
N PRO A 60 -4.53 5.89 18.80
CA PRO A 60 -5.40 5.27 19.80
C PRO A 60 -4.72 4.16 20.60
N ASP A 61 -4.19 3.13 19.92
CA ASP A 61 -3.65 1.97 20.63
C ASP A 61 -2.11 1.91 20.56
N LEU A 62 -1.55 1.55 19.40
CA LEU A 62 -0.09 1.49 19.26
C LEU A 62 0.44 2.63 18.40
N ALA A 63 1.53 2.36 17.67
CA ALA A 63 2.21 3.36 16.87
C ALA A 63 2.81 2.74 15.61
N ILE A 64 3.77 3.41 15.03
CA ILE A 64 4.49 2.89 13.86
C ILE A 64 4.98 1.46 14.10
N ILE A 65 4.48 0.51 13.32
CA ILE A 65 4.95 -0.87 13.43
C ILE A 65 5.53 -1.34 12.11
N ALA A 66 5.04 -0.78 11.01
CA ALA A 66 5.45 -1.22 9.70
C ALA A 66 5.76 -0.03 8.79
N THR A 67 7.01 0.06 8.39
CA THR A 67 7.43 0.99 7.35
C THR A 67 8.28 0.23 6.36
N ASN A 68 7.62 -0.60 5.56
CA ASN A 68 8.33 -1.56 4.72
C ASN A 68 7.85 -1.49 3.28
N ASN A 69 8.71 -1.87 2.36
CA ASN A 69 8.35 -1.87 0.96
C ASN A 69 8.61 -3.26 0.39
N MET A 70 8.45 -3.42 -0.90
CA MET A 70 8.68 -4.72 -1.53
C MET A 70 9.43 -4.54 -2.83
N THR A 71 10.39 -5.41 -3.05
CA THR A 71 11.16 -5.42 -4.28
C THR A 71 10.97 -6.73 -5.03
N LEU A 72 10.14 -6.67 -6.04
CA LEU A 72 9.78 -7.84 -6.83
C LEU A 72 10.17 -7.60 -8.25
N LYS A 73 10.82 -8.55 -8.87
CA LYS A 73 11.17 -8.38 -10.25
C LYS A 73 11.06 -9.69 -10.97
N LYS A 74 10.73 -9.60 -12.24
CA LYS A 74 10.53 -10.77 -13.05
C LYS A 74 11.30 -10.66 -14.34
N SER A 75 11.41 -11.78 -14.96
CA SER A 75 12.33 -12.05 -16.01
C SER A 75 12.07 -13.45 -16.51
N PHE A 76 12.43 -13.75 -17.75
CA PHE A 76 12.23 -15.09 -18.29
C PHE A 76 13.31 -16.03 -17.73
N SER A 77 13.76 -15.67 -16.54
CA SER A 77 14.65 -16.48 -15.72
C SER A 77 13.79 -17.43 -14.86
N THR A 78 14.33 -17.89 -13.74
CA THR A 78 13.59 -18.84 -12.94
C THR A 78 12.97 -18.19 -11.69
N LEU A 79 11.84 -18.75 -11.29
CA LEU A 79 11.12 -18.29 -10.10
C LEU A 79 11.94 -18.59 -8.86
N SER A 80 13.07 -19.27 -9.06
CA SER A 80 14.03 -19.55 -8.01
C SER A 80 14.43 -18.26 -7.29
N ALA A 81 14.34 -17.15 -8.01
CA ALA A 81 14.63 -15.86 -7.43
C ALA A 81 13.38 -15.00 -7.35
N LEU A 82 12.52 -15.12 -8.35
CA LEU A 82 11.31 -14.29 -8.44
C LEU A 82 10.39 -14.53 -7.23
N THR A 83 9.96 -15.78 -7.04
CA THR A 83 9.01 -16.08 -5.96
C THR A 83 9.69 -16.08 -4.60
N THR A 84 11.03 -16.16 -4.59
CA THR A 84 11.78 -16.11 -3.35
C THR A 84 11.66 -14.75 -2.69
N THR A 85 11.94 -13.69 -3.43
CA THR A 85 11.82 -12.36 -2.87
C THR A 85 10.35 -12.03 -2.69
N LEU A 86 9.54 -12.53 -3.62
CA LEU A 86 8.10 -12.32 -3.58
C LEU A 86 7.51 -12.85 -2.29
N SER A 87 8.01 -13.98 -1.81
CA SER A 87 7.44 -14.61 -0.62
C SER A 87 7.68 -13.74 0.62
N GLU A 88 8.92 -13.30 0.79
CA GLU A 88 9.29 -12.41 1.89
C GLU A 88 8.38 -11.18 1.92
N GLN A 89 8.01 -10.72 0.73
CA GLN A 89 7.16 -9.54 0.60
C GLN A 89 5.71 -9.92 0.32
N LEU A 90 5.41 -11.22 0.39
CA LEU A 90 4.03 -11.68 0.21
C LEU A 90 3.21 -11.32 1.43
N LYS A 91 3.89 -10.96 2.51
CA LYS A 91 3.21 -10.37 3.65
C LYS A 91 2.54 -9.06 3.23
N ILE A 92 3.12 -8.40 2.24
CA ILE A 92 2.58 -7.15 1.71
C ILE A 92 1.41 -7.44 0.73
N GLU A 93 0.77 -8.59 0.93
CA GLU A 93 -0.43 -8.94 0.17
C GLU A 93 -1.60 -8.02 0.56
N GLY A 94 -1.32 -7.03 1.42
CA GLY A 94 -2.35 -6.10 1.84
C GLY A 94 -3.02 -6.52 3.13
N VAL A 95 -2.20 -7.01 4.04
CA VAL A 95 -2.65 -7.42 5.36
C VAL A 95 -2.92 -6.22 6.26
N LEU A 96 -4.00 -5.56 5.94
CA LEU A 96 -4.42 -4.35 6.65
C LEU A 96 -5.11 -4.73 7.95
N GLY A 97 -6.14 -5.57 7.85
CA GLY A 97 -6.68 -6.19 9.04
C GLY A 97 -5.89 -7.44 9.42
N ILE A 98 -4.59 -7.40 9.10
CA ILE A 98 -3.61 -8.50 9.17
C ILE A 98 -3.80 -9.59 10.27
N SER A 99 -3.41 -10.83 9.92
CA SER A 99 -3.50 -11.99 10.82
C SER A 99 -2.20 -12.18 11.61
N GLN A 100 -2.12 -13.32 12.28
CA GLN A 100 -0.91 -13.68 13.01
C GLN A 100 0.13 -14.24 12.05
N ASP A 101 -0.33 -14.98 11.04
CA ASP A 101 0.59 -15.51 10.04
C ASP A 101 0.58 -14.65 8.80
N THR A 102 -0.31 -14.95 7.87
CA THR A 102 -0.34 -14.29 6.57
C THR A 102 1.09 -14.11 6.04
N TYR A 103 1.70 -15.24 5.73
CA TYR A 103 3.09 -15.31 5.34
C TYR A 103 3.28 -16.50 4.42
N ILE A 104 4.49 -17.01 4.31
CA ILE A 104 4.73 -18.15 3.44
C ILE A 104 4.03 -19.40 3.97
N GLN A 105 3.88 -20.39 3.08
CA GLN A 105 3.19 -21.65 3.38
C GLN A 105 1.68 -21.46 3.48
N ASN A 106 1.25 -20.45 4.24
CA ASN A 106 -0.18 -20.16 4.36
C ASN A 106 -0.62 -19.38 3.13
N ILE A 107 0.38 -18.86 2.45
CA ILE A 107 0.18 -18.07 1.25
C ILE A 107 1.02 -18.63 0.09
N LEU A 108 2.21 -19.15 0.43
CA LEU A 108 3.18 -19.57 -0.57
C LEU A 108 2.76 -20.86 -1.26
N SER A 109 1.61 -21.40 -0.85
CA SER A 109 1.08 -22.62 -1.44
C SER A 109 0.86 -22.45 -2.95
N HIS A 110 0.39 -21.27 -3.34
CA HIS A 110 0.15 -20.98 -4.76
C HIS A 110 1.45 -20.79 -5.51
N ALA A 111 2.49 -20.32 -4.82
CA ALA A 111 3.75 -20.01 -5.46
C ALA A 111 4.49 -21.28 -5.87
N PHE A 112 4.22 -22.37 -5.17
CA PHE A 112 4.85 -23.65 -5.49
C PHE A 112 4.34 -24.18 -6.83
N CYS A 113 3.09 -23.86 -7.14
CA CYS A 113 2.48 -24.30 -8.39
C CYS A 113 1.49 -23.26 -8.90
N ASP A 114 1.91 -22.49 -9.91
CA ASP A 114 1.07 -21.46 -10.52
C ASP A 114 0.64 -20.41 -9.50
N LEU A 115 1.42 -19.34 -9.40
CA LEU A 115 1.13 -18.29 -8.41
C LEU A 115 -0.05 -17.42 -8.88
N GLU A 116 -1.24 -17.97 -8.74
CA GLU A 116 -2.47 -17.27 -9.11
C GLU A 116 -2.78 -16.14 -8.14
N THR A 117 -2.22 -16.27 -6.93
CA THR A 117 -2.40 -15.31 -5.83
C THR A 117 -3.88 -15.01 -5.57
N GLN A 118 -4.76 -15.92 -5.98
CA GLN A 118 -6.22 -15.74 -5.84
C GLN A 118 -6.68 -14.49 -6.59
N LYS A 119 -5.97 -14.17 -7.68
CA LYS A 119 -6.25 -12.97 -8.48
C LYS A 119 -6.10 -11.72 -7.63
N ASP A 120 -5.21 -11.78 -6.66
CA ASP A 120 -4.98 -10.67 -5.74
C ASP A 120 -4.33 -9.49 -6.45
N LYS A 121 -4.93 -8.32 -6.28
CA LYS A 121 -4.40 -7.05 -6.80
C LYS A 121 -4.69 -6.88 -8.29
N PRO A 122 -5.52 -5.88 -8.61
CA PRO A 122 -5.82 -5.50 -9.98
C PRO A 122 -4.73 -4.57 -10.52
N TRP A 123 -3.55 -5.11 -10.69
CA TRP A 123 -2.38 -4.34 -11.08
C TRP A 123 -2.56 -3.74 -12.48
N PHE A 124 -3.04 -2.50 -12.55
CA PHE A 124 -3.12 -1.76 -13.81
C PHE A 124 -1.82 -1.00 -14.07
N HIS A 125 -1.37 -0.99 -15.32
CA HIS A 125 -0.18 -0.23 -15.69
C HIS A 125 -0.29 0.31 -17.11
N ILE A 126 -0.49 1.61 -17.28
CA ILE A 126 -0.52 2.15 -18.64
C ILE A 126 0.17 3.51 -18.75
N ASN A 127 1.46 3.64 -18.46
CA ASN A 127 2.20 4.76 -19.03
C ASN A 127 3.38 4.25 -19.84
N ALA A 128 3.59 4.73 -21.04
CA ALA A 128 4.86 4.51 -21.74
C ALA A 128 5.87 5.59 -21.43
N GLN A 129 7.05 5.43 -22.04
CA GLN A 129 7.94 6.54 -22.30
C GLN A 129 8.81 6.19 -23.49
N PRO A 130 8.97 7.11 -24.45
CA PRO A 130 9.74 6.87 -25.67
C PRO A 130 11.19 6.55 -25.35
N ASP A 131 11.48 5.27 -25.15
CA ASP A 131 12.81 4.83 -24.79
C ASP A 131 13.14 3.51 -25.43
N ALA A 132 12.44 2.42 -25.03
CA ALA A 132 12.73 1.10 -25.59
C ALA A 132 14.16 0.78 -25.26
N GLY A 133 14.47 0.93 -23.99
CA GLY A 133 15.81 0.67 -23.50
C GLY A 133 16.00 1.22 -22.11
N HIS A 134 15.20 2.22 -21.80
CA HIS A 134 15.14 2.76 -20.45
C HIS A 134 13.71 3.23 -20.17
N SER A 135 12.75 2.35 -20.42
CA SER A 135 11.36 2.68 -20.24
C SER A 135 10.63 1.73 -19.31
N VAL A 136 9.38 2.10 -19.03
CA VAL A 136 8.56 1.52 -17.99
C VAL A 136 7.09 1.85 -18.29
N THR A 137 6.18 0.90 -18.16
CA THR A 137 4.76 1.19 -18.25
C THR A 137 4.09 0.75 -16.96
N SER A 138 3.70 1.69 -16.13
CA SER A 138 3.19 1.34 -14.82
C SER A 138 2.09 2.28 -14.42
N TYR A 139 1.14 1.77 -13.69
CA TYR A 139 0.18 2.62 -13.03
C TYR A 139 0.20 2.29 -11.54
N SER A 140 0.23 3.28 -10.69
CA SER A 140 0.09 3.02 -9.28
C SER A 140 -1.31 3.36 -8.81
N TYR A 141 -2.03 2.36 -8.35
CA TYR A 141 -3.22 2.57 -7.55
C TYR A 141 -2.82 2.70 -6.08
N SER A 142 -3.72 2.30 -5.19
CA SER A 142 -3.40 2.17 -3.76
C SER A 142 -3.27 3.54 -3.06
N LEU A 143 -3.88 3.56 -1.89
CA LEU A 143 -4.25 4.77 -1.16
C LEU A 143 -4.03 4.45 0.31
N PHE A 144 -4.50 5.26 1.22
CA PHE A 144 -4.23 4.96 2.62
C PHE A 144 -5.53 4.69 3.34
N ILE A 145 -5.44 3.74 4.25
CA ILE A 145 -6.61 3.09 4.79
C ILE A 145 -6.52 3.01 6.30
N VAL A 146 -7.59 2.53 6.90
CA VAL A 146 -7.64 2.24 8.32
C VAL A 146 -8.44 0.97 8.50
N SER A 147 -8.24 0.28 9.60
CA SER A 147 -8.89 -0.99 9.83
C SER A 147 -9.65 -0.97 11.14
N GLN A 148 -10.61 -1.88 11.28
CA GLN A 148 -11.50 -1.89 12.43
C GLN A 148 -11.33 -3.15 13.24
N GLY A 149 -11.22 -3.00 14.53
CA GLY A 149 -11.15 -4.12 15.41
C GLY A 149 -12.36 -4.19 16.30
N GLU A 150 -13.10 -5.27 16.23
CA GLU A 150 -14.26 -5.42 17.09
C GLU A 150 -13.88 -6.23 18.31
N GLU A 151 -12.92 -7.13 18.11
CA GLU A 151 -12.43 -8.01 19.16
C GLU A 151 -12.17 -7.24 20.46
N THR A 152 -11.31 -6.24 20.39
CA THR A 152 -11.00 -5.41 21.53
C THR A 152 -11.41 -3.95 21.30
N GLY A 153 -11.84 -3.66 20.08
CA GLY A 153 -12.14 -2.29 19.71
C GLY A 153 -10.91 -1.56 19.19
N ALA A 154 -10.08 -2.29 18.45
CA ALA A 154 -8.85 -1.73 17.93
C ALA A 154 -9.00 -1.20 16.50
N MET A 155 -7.87 -0.93 15.84
CA MET A 155 -7.86 -0.36 14.50
C MET A 155 -6.44 -0.38 13.93
N MET A 156 -6.22 0.30 12.81
CA MET A 156 -4.89 0.38 12.21
C MET A 156 -4.77 1.54 11.22
N ALA A 157 -3.76 2.37 11.42
CA ALA A 157 -3.47 3.50 10.53
C ALA A 157 -2.53 3.07 9.40
N ALA A 158 -3.08 2.74 8.25
CA ALA A 158 -2.29 2.15 7.18
C ALA A 158 -2.19 3.12 5.99
N GLY A 159 -1.08 3.07 5.27
CA GLY A 159 -0.92 3.93 4.10
C GLY A 159 -0.05 3.32 3.02
N PRO A 160 -0.54 2.30 2.33
CA PRO A 160 0.21 1.67 1.23
C PRO A 160 0.03 2.33 -0.14
N LEU A 161 1.04 2.21 -0.99
CA LEU A 161 0.86 2.54 -2.39
C LEU A 161 1.51 1.45 -3.23
N ILE A 162 0.81 1.01 -4.27
CA ILE A 162 1.21 -0.20 -4.99
C ILE A 162 1.48 0.09 -6.46
N ILE A 163 2.67 -0.26 -6.92
CA ILE A 163 3.08 0.05 -8.27
C ILE A 163 3.35 -1.24 -9.05
N THR A 164 2.74 -1.37 -10.21
CA THR A 164 3.04 -2.50 -11.08
C THR A 164 3.85 -2.01 -12.27
N VAL A 165 5.12 -2.39 -12.28
CA VAL A 165 6.08 -1.90 -13.24
C VAL A 165 6.24 -2.87 -14.39
N THR A 166 5.50 -2.63 -15.43
CA THR A 166 5.51 -3.47 -16.60
C THR A 166 6.08 -2.69 -17.78
N PRO A 167 7.40 -2.75 -17.98
CA PRO A 167 8.09 -1.77 -18.81
C PRO A 167 7.99 -1.98 -20.30
N ASN A 168 8.60 -1.02 -20.99
CA ASN A 168 8.63 -0.96 -22.44
C ASN A 168 10.09 -0.94 -22.93
N THR A 169 11.01 -0.98 -21.97
CA THR A 169 12.44 -0.94 -22.27
C THR A 169 12.96 -2.21 -22.92
N ALA A 170 12.95 -2.33 -24.20
CA ALA A 170 13.98 -3.10 -24.81
C ALA A 170 14.47 -2.55 -26.11
N ILE A 171 13.65 -2.96 -27.05
CA ILE A 171 13.64 -2.64 -28.44
C ILE A 171 12.36 -3.27 -28.85
N SER A 172 11.68 -2.79 -29.82
CA SER A 172 10.54 -3.54 -30.26
C SER A 172 10.51 -3.51 -31.77
N ASP A 173 11.66 -3.93 -32.30
CA ASP A 173 11.95 -3.93 -33.71
C ASP A 173 12.41 -5.33 -34.13
N ILE A 174 13.45 -5.40 -34.95
CA ILE A 174 13.89 -6.66 -35.54
C ILE A 174 14.41 -7.66 -34.50
N PHE A 175 14.89 -7.18 -33.36
CA PHE A 175 15.26 -8.06 -32.26
C PHE A 175 15.03 -7.36 -30.93
N ASN A 176 14.66 -8.11 -29.91
CA ASN A 176 14.37 -7.53 -28.60
C ASN A 176 15.55 -7.50 -27.64
N THR A 177 15.51 -6.49 -26.79
CA THR A 177 16.34 -6.43 -25.57
C THR A 177 15.60 -7.14 -24.42
N LYS A 178 14.34 -7.54 -24.70
CA LYS A 178 13.37 -8.08 -23.73
C LYS A 178 12.55 -6.97 -23.08
N ASP A 179 11.66 -6.38 -23.87
CA ASP A 179 10.78 -5.30 -23.41
C ASP A 179 9.61 -5.88 -22.61
N TRP A 180 9.69 -7.19 -22.41
CA TRP A 180 8.59 -7.96 -21.84
C TRP A 180 8.95 -8.60 -20.49
N ARG A 181 10.06 -8.18 -19.89
CA ARG A 181 10.36 -8.59 -18.52
C ARG A 181 9.81 -7.54 -17.57
N LEU A 182 9.30 -7.98 -16.44
CA LEU A 182 8.55 -7.10 -15.57
C LEU A 182 9.27 -6.91 -14.24
N THR A 183 8.76 -5.97 -13.46
CA THR A 183 9.30 -5.68 -12.14
C THR A 183 8.20 -5.02 -11.28
N LEU A 184 8.06 -5.41 -10.04
CA LEU A 184 6.99 -4.85 -9.22
C LEU A 184 7.51 -4.42 -7.85
N GLN A 185 7.35 -3.14 -7.56
CA GLN A 185 7.72 -2.62 -6.25
C GLN A 185 6.68 -1.62 -5.77
N LYS A 186 6.76 -1.30 -4.50
CA LYS A 186 5.82 -0.35 -3.92
C LYS A 186 6.21 0.01 -2.51
N GLU A 187 5.51 0.99 -1.95
CA GLU A 187 5.81 1.43 -0.60
C GLU A 187 4.57 1.30 0.26
N GLU A 188 4.63 0.49 1.28
CA GLU A 188 3.52 0.41 2.21
C GLU A 188 3.97 0.67 3.64
N ILE A 189 3.61 1.84 4.10
CA ILE A 189 3.89 2.27 5.45
C ILE A 189 2.60 2.13 6.26
N THR A 190 2.66 1.28 7.27
CA THR A 190 1.47 0.92 8.01
C THR A 190 1.70 1.05 9.51
N ILE A 191 1.01 2.00 10.13
CA ILE A 191 1.08 2.19 11.56
C ILE A 191 0.09 1.27 12.25
N GLY A 192 0.63 0.30 12.96
CA GLY A 192 -0.21 -0.67 13.63
C GLY A 192 -0.64 -0.19 14.99
N VAL A 193 -1.91 -0.37 15.32
CA VAL A 193 -2.46 0.20 16.55
C VAL A 193 -3.57 -0.72 17.07
N LYS A 194 -3.16 -1.86 17.62
CA LYS A 194 -4.12 -2.94 17.87
C LYS A 194 -3.45 -4.18 18.45
N GLY A 195 -4.21 -5.28 18.52
CA GLY A 195 -3.68 -6.57 18.92
C GLY A 195 -4.21 -7.64 17.99
N PHE A 196 -3.95 -7.44 16.71
CA PHE A 196 -4.43 -8.31 15.60
C PHE A 196 -4.34 -9.81 15.88
N GLN A 197 -5.33 -10.54 15.34
CA GLN A 197 -5.36 -12.00 15.40
C GLN A 197 -5.43 -12.59 13.99
N VAL A 198 -6.47 -12.19 13.25
CA VAL A 198 -6.71 -12.67 11.89
C VAL A 198 -7.09 -11.48 11.02
N VAL A 199 -6.86 -11.58 9.69
CA VAL A 199 -7.22 -10.51 8.76
C VAL A 199 -8.73 -10.32 8.76
N THR A 200 -9.16 -9.48 9.68
CA THR A 200 -10.55 -9.31 10.04
C THR A 200 -10.58 -8.22 11.14
N PRO A 201 -11.74 -7.83 11.70
CA PRO A 201 -11.77 -6.97 12.89
C PRO A 201 -10.83 -7.44 14.01
N LEU A 202 -9.63 -6.87 13.96
CA LEU A 202 -8.48 -7.30 14.74
C LEU A 202 -8.74 -7.40 16.24
N GLY A 203 -9.12 -6.29 16.85
CA GLY A 203 -8.99 -6.16 18.29
C GLY A 203 -7.54 -6.10 18.70
#